data_2CJK
#
_entry.id   2CJK
#
_cell.length_a   1.000
_cell.length_b   1.000
_cell.length_c   1.000
_cell.angle_alpha   90.00
_cell.angle_beta   90.00
_cell.angle_gamma   90.00
#
_symmetry.space_group_name_H-M   'P 1'
#
loop_
_entity.id
_entity.type
_entity.pdbx_description
1 polymer 'NUCLEAR POLYADENYLATED RNA-BINDING PROTEIN 4'
2 polymer "5'-R(*UP*AP*UP*AP*UP*AP*UP*AP)-3'"
#
loop_
_entity_poly.entity_id
_entity_poly.type
_entity_poly.pdbx_seq_one_letter_code
_entity_poly.pdbx_strand_id
1 'polypeptide(L)'
;KESCKMFIGGLNWDTTEDNLREYFGKYGTVTDLKIMKDPATGRSRGFGFLSFEKPSSVDEVVKTQHILDGKVIDPKRAIP
RDEQDKTGKIFVGGIGPDVRPKEFEEFFSQWGTIIDAQLMLDKDTGQSRGFGFVTYDSADAVDRVCQNKFIDFKDRKIEI
KRAEPRH
;
A
2 'polyribonucleotide' UAUAUAUA B
#
loop_
_chem_comp.id
_chem_comp.type
_chem_comp.name
_chem_comp.formula
A RNA linking ADENOSINE-5'-MONOPHOSPHATE 'C10 H14 N5 O7 P'
U RNA linking URIDINE-5'-MONOPHOSPHATE 'C9 H13 N2 O9 P'
#
# COMPACT_ATOMS: atom_id res chain seq x y z
N LYS A 1 17.99 -10.75 5.76
CA LYS A 1 17.59 -10.02 6.99
C LYS A 1 16.50 -8.98 6.68
N GLU A 2 16.50 -7.87 7.40
CA GLU A 2 15.49 -6.82 7.20
C GLU A 2 15.56 -6.26 5.78
N SER A 3 16.75 -6.19 5.21
CA SER A 3 16.94 -5.67 3.86
C SER A 3 16.11 -6.47 2.85
N CYS A 4 16.01 -7.78 3.09
CA CYS A 4 15.25 -8.65 2.22
C CYS A 4 13.78 -8.74 2.64
N LYS A 5 13.41 -7.95 3.65
CA LYS A 5 12.05 -7.96 4.16
C LYS A 5 11.06 -7.30 3.20
N MET A 6 9.90 -7.94 3.06
CA MET A 6 8.83 -7.48 2.19
C MET A 6 7.59 -7.10 3.00
N PHE A 7 6.81 -6.16 2.50
CA PHE A 7 5.58 -5.76 3.18
C PHE A 7 4.39 -6.38 2.46
N ILE A 8 3.53 -7.04 3.20
CA ILE A 8 2.37 -7.69 2.61
C ILE A 8 1.09 -7.03 3.13
N GLY A 9 0.21 -6.61 2.23
CA GLY A 9 -1.03 -6.00 2.64
C GLY A 9 -2.23 -6.56 1.93
N GLY A 10 -3.41 -6.31 2.47
CA GLY A 10 -4.61 -6.81 1.85
C GLY A 10 -4.81 -8.29 2.09
N LEU A 11 -4.31 -8.78 3.22
CA LEU A 11 -4.42 -10.20 3.56
C LEU A 11 -5.74 -10.48 4.28
N ASN A 12 -6.36 -11.61 3.95
CA ASN A 12 -7.60 -12.00 4.59
C ASN A 12 -7.33 -12.29 6.06
N TRP A 13 -8.17 -11.78 6.95
CA TRP A 13 -7.95 -11.99 8.39
C TRP A 13 -7.76 -13.47 8.71
N ASP A 14 -8.53 -14.31 8.03
CA ASP A 14 -8.43 -15.76 8.22
C ASP A 14 -7.05 -16.26 7.81
N THR A 15 -6.41 -15.53 6.89
CA THR A 15 -5.09 -15.90 6.39
C THR A 15 -4.10 -16.09 7.52
N THR A 16 -3.27 -17.13 7.37
CA THR A 16 -2.28 -17.48 8.36
C THR A 16 -0.87 -17.41 7.77
N GLU A 17 0.12 -17.13 8.62
CA GLU A 17 1.50 -17.02 8.16
C GLU A 17 1.93 -18.29 7.42
N ASP A 18 1.45 -19.45 7.89
CA ASP A 18 1.81 -20.71 7.25
C ASP A 18 1.39 -20.68 5.79
N ASN A 19 0.19 -20.19 5.54
CA ASN A 19 -0.31 -20.06 4.17
C ASN A 19 0.55 -19.04 3.43
N LEU A 20 0.95 -18.00 4.16
CA LEU A 20 1.79 -16.94 3.63
C LEU A 20 3.06 -17.51 3.05
N ARG A 21 3.85 -18.14 3.92
CA ARG A 21 5.09 -18.75 3.50
C ARG A 21 4.86 -19.78 2.42
N GLU A 22 3.79 -20.55 2.55
CA GLU A 22 3.49 -21.55 1.54
C GLU A 22 3.14 -20.86 0.22
N TYR A 23 2.39 -19.75 0.32
CA TYR A 23 2.01 -18.98 -0.84
C TYR A 23 3.23 -18.43 -1.55
N PHE A 24 4.12 -17.84 -0.76
CA PHE A 24 5.35 -17.28 -1.30
C PHE A 24 6.47 -18.32 -1.35
N GLY A 25 6.16 -19.54 -0.92
CA GLY A 25 7.13 -20.61 -0.95
C GLY A 25 7.62 -20.94 -2.35
N LYS A 26 6.75 -20.69 -3.34
CA LYS A 26 7.08 -20.97 -4.74
C LYS A 26 8.32 -20.18 -5.15
N TYR A 27 8.38 -18.97 -4.66
CA TYR A 27 9.46 -18.04 -4.94
C TYR A 27 10.78 -18.50 -4.34
N GLY A 28 10.69 -19.22 -3.22
CA GLY A 28 11.89 -19.73 -2.56
C GLY A 28 11.63 -20.06 -1.11
N THR A 29 12.52 -19.61 -0.24
CA THR A 29 12.39 -19.86 1.19
C THR A 29 12.29 -18.53 1.92
N VAL A 30 11.42 -18.46 2.92
CA VAL A 30 11.25 -17.23 3.68
C VAL A 30 12.01 -17.31 5.00
N THR A 31 12.92 -16.37 5.21
CA THR A 31 13.71 -16.34 6.44
C THR A 31 12.87 -15.89 7.64
N ASP A 32 12.12 -14.81 7.45
CA ASP A 32 11.27 -14.28 8.51
C ASP A 32 9.99 -13.70 7.96
N LEU A 33 8.86 -14.23 8.41
CA LEU A 33 7.55 -13.75 7.98
C LEU A 33 6.76 -13.21 9.17
N LYS A 34 6.05 -12.11 8.95
CA LYS A 34 5.26 -11.47 10.00
C LYS A 34 3.86 -11.11 9.52
N ILE A 35 2.93 -12.06 9.55
CA ILE A 35 1.56 -11.77 9.12
C ILE A 35 0.97 -10.68 10.01
N MET A 36 1.54 -10.54 11.20
CA MET A 36 1.09 -9.56 12.18
C MET A 36 -0.25 -9.95 12.81
N LYS A 37 -0.29 -11.15 13.38
CA LYS A 37 -1.50 -11.65 14.03
C LYS A 37 -1.81 -10.83 15.28
N ASP A 38 -3.09 -10.76 15.64
CA ASP A 38 -3.51 -9.99 16.82
C ASP A 38 -4.29 -10.84 17.81
N PRO A 39 -3.60 -11.70 18.58
CA PRO A 39 -4.24 -12.55 19.58
C PRO A 39 -4.97 -11.75 20.65
N ALA A 40 -4.53 -10.52 20.86
CA ALA A 40 -5.13 -9.64 21.87
C ALA A 40 -6.53 -9.17 21.45
N THR A 41 -6.58 -8.37 20.40
CA THR A 41 -7.86 -7.86 19.90
C THR A 41 -8.67 -8.99 19.29
N GLY A 42 -7.98 -10.03 18.85
CA GLY A 42 -8.64 -11.17 18.25
C GLY A 42 -8.69 -11.07 16.74
N ARG A 43 -8.21 -9.96 16.20
CA ARG A 43 -8.23 -9.77 14.75
C ARG A 43 -6.85 -9.33 14.25
N SER A 44 -6.31 -10.09 13.30
CA SER A 44 -5.01 -9.79 12.73
C SER A 44 -5.01 -8.47 11.98
N ARG A 45 -3.82 -7.88 11.85
CA ARG A 45 -3.65 -6.62 11.14
C ARG A 45 -4.15 -6.73 9.71
N GLY A 46 -3.99 -7.90 9.11
CA GLY A 46 -4.42 -8.11 7.74
C GLY A 46 -3.29 -7.86 6.75
N PHE A 47 -2.12 -7.57 7.31
CA PHE A 47 -0.92 -7.33 6.52
C PHE A 47 0.26 -7.89 7.29
N GLY A 48 1.33 -8.23 6.59
CA GLY A 48 2.47 -8.78 7.27
C GLY A 48 3.78 -8.50 6.56
N PHE A 49 4.87 -8.77 7.25
CA PHE A 49 6.19 -8.56 6.65
C PHE A 49 6.81 -9.90 6.29
N LEU A 50 7.10 -10.07 5.01
CA LEU A 50 7.66 -11.32 4.51
C LEU A 50 9.14 -11.15 4.12
N SER A 51 10.00 -11.99 4.68
CA SER A 51 11.43 -11.93 4.38
C SER A 51 11.92 -13.21 3.74
N PHE A 52 12.85 -13.08 2.80
CA PHE A 52 13.41 -14.24 2.12
C PHE A 52 14.92 -14.33 2.31
N GLU A 53 15.42 -15.56 2.43
CA GLU A 53 16.85 -15.77 2.59
C GLU A 53 17.60 -15.26 1.36
N LYS A 54 16.96 -15.39 0.20
CA LYS A 54 17.55 -14.94 -1.06
C LYS A 54 16.78 -13.74 -1.61
N PRO A 55 17.46 -12.59 -1.77
CA PRO A 55 16.82 -11.36 -2.29
C PRO A 55 16.16 -11.55 -3.66
N SER A 56 16.60 -12.57 -4.39
CA SER A 56 16.04 -12.84 -5.72
C SER A 56 14.53 -13.04 -5.67
N SER A 57 14.05 -13.69 -4.62
CA SER A 57 12.62 -13.93 -4.46
C SER A 57 11.85 -12.62 -4.44
N VAL A 58 12.45 -11.60 -3.84
CA VAL A 58 11.82 -10.30 -3.73
C VAL A 58 11.55 -9.70 -5.11
N ASP A 59 12.51 -9.84 -6.01
CA ASP A 59 12.36 -9.31 -7.37
C ASP A 59 11.16 -9.92 -8.07
N GLU A 60 10.98 -11.23 -7.90
CA GLU A 60 9.85 -11.93 -8.51
C GLU A 60 8.55 -11.67 -7.76
N VAL A 61 8.65 -11.41 -6.46
CA VAL A 61 7.46 -11.16 -5.65
C VAL A 61 6.69 -9.93 -6.15
N VAL A 62 7.40 -8.88 -6.53
CA VAL A 62 6.74 -7.67 -7.01
C VAL A 62 6.11 -7.85 -8.39
N LYS A 63 6.71 -8.70 -9.21
CA LYS A 63 6.22 -8.93 -10.57
C LYS A 63 4.77 -9.44 -10.59
N THR A 64 4.43 -10.29 -9.62
CA THR A 64 3.07 -10.86 -9.55
C THR A 64 2.15 -10.01 -8.68
N GLN A 65 0.89 -9.91 -9.09
CA GLN A 65 -0.11 -9.15 -8.34
C GLN A 65 -0.39 -9.81 -7.00
N HIS A 66 -0.49 -11.15 -7.01
CA HIS A 66 -0.71 -11.95 -5.81
C HIS A 66 -2.17 -12.03 -5.36
N ILE A 67 -2.74 -13.22 -5.48
CA ILE A 67 -4.10 -13.47 -5.00
C ILE A 67 -4.03 -14.56 -3.94
N LEU A 68 -4.33 -14.22 -2.69
CA LEU A 68 -4.26 -15.21 -1.61
C LEU A 68 -5.61 -15.39 -0.91
N ASP A 69 -6.08 -16.64 -0.87
CA ASP A 69 -7.34 -16.99 -0.22
C ASP A 69 -8.52 -16.13 -0.71
N GLY A 70 -8.59 -15.91 -2.02
CA GLY A 70 -9.69 -15.13 -2.57
C GLY A 70 -9.52 -13.64 -2.39
N LYS A 71 -8.34 -13.23 -1.94
CA LYS A 71 -8.06 -11.82 -1.73
C LYS A 71 -6.87 -11.38 -2.58
N VAL A 72 -6.71 -10.08 -2.73
CA VAL A 72 -5.60 -9.55 -3.52
C VAL A 72 -4.68 -8.71 -2.63
N ILE A 73 -3.39 -8.92 -2.80
CA ILE A 73 -2.39 -8.21 -2.02
C ILE A 73 -1.35 -7.53 -2.90
N ASP A 74 -0.66 -6.55 -2.35
CA ASP A 74 0.37 -5.83 -3.09
C ASP A 74 1.69 -5.82 -2.32
N PRO A 75 2.42 -6.93 -2.38
CA PRO A 75 3.72 -7.06 -1.70
C PRO A 75 4.71 -6.00 -2.16
N LYS A 76 5.24 -5.23 -1.22
CA LYS A 76 6.21 -4.18 -1.55
C LYS A 76 7.41 -4.22 -0.61
N ARG A 77 8.52 -3.66 -1.07
CA ARG A 77 9.75 -3.63 -0.29
C ARG A 77 9.53 -2.93 1.04
N ALA A 78 10.08 -3.51 2.11
CA ALA A 78 9.96 -2.96 3.45
C ALA A 78 10.65 -1.60 3.54
N ILE A 79 10.07 -0.69 4.32
CA ILE A 79 10.63 0.65 4.50
C ILE A 79 11.17 0.83 5.91
N PRO A 80 12.46 1.22 6.05
CA PRO A 80 13.05 1.45 7.37
C PRO A 80 12.19 2.39 8.20
N ARG A 81 12.11 2.16 9.50
CA ARG A 81 11.29 2.99 10.37
C ARG A 81 11.69 4.46 10.32
N ASP A 82 13.00 4.74 10.26
CA ASP A 82 13.45 6.12 10.20
C ASP A 82 12.94 6.80 8.92
N GLU A 83 13.09 6.09 7.80
CA GLU A 83 12.60 6.60 6.53
C GLU A 83 11.09 6.60 6.51
N GLN A 84 10.52 5.56 7.12
CA GLN A 84 9.08 5.38 7.20
C GLN A 84 8.43 6.57 7.92
N ASP A 85 9.08 7.02 8.99
CA ASP A 85 8.56 8.15 9.76
C ASP A 85 8.48 9.41 8.89
N LYS A 86 9.50 9.61 8.06
CA LYS A 86 9.56 10.76 7.18
C LYS A 86 8.39 10.77 6.20
N THR A 87 7.97 9.59 5.77
CA THR A 87 6.87 9.46 4.82
C THR A 87 5.51 9.59 5.52
N GLY A 88 4.48 9.87 4.71
CA GLY A 88 3.15 10.01 5.24
C GLY A 88 2.08 9.54 4.26
N LYS A 89 0.83 9.55 4.70
CA LYS A 89 -0.27 9.12 3.85
C LYS A 89 -1.39 10.16 3.88
N ILE A 90 -1.87 10.57 2.70
CA ILE A 90 -2.94 11.56 2.63
C ILE A 90 -4.16 10.99 1.92
N PHE A 91 -5.29 11.64 2.13
CA PHE A 91 -6.54 11.22 1.51
C PHE A 91 -6.92 12.14 0.35
N VAL A 92 -7.36 11.53 -0.74
CA VAL A 92 -7.76 12.27 -1.92
C VAL A 92 -9.13 11.83 -2.42
N GLY A 93 -9.88 12.79 -2.92
CA GLY A 93 -11.19 12.51 -3.45
C GLY A 93 -11.35 13.11 -4.83
N GLY A 94 -12.49 12.87 -5.45
CA GLY A 94 -12.69 13.41 -6.79
C GLY A 94 -12.08 12.54 -7.86
N ILE A 95 -12.06 11.25 -7.62
CA ILE A 95 -11.51 10.30 -8.57
C ILE A 95 -12.63 9.51 -9.24
N GLY A 96 -12.59 9.43 -10.57
CA GLY A 96 -13.63 8.73 -11.29
C GLY A 96 -13.11 7.96 -12.49
N PRO A 97 -14.01 7.57 -13.41
CA PRO A 97 -13.65 6.83 -14.62
C PRO A 97 -12.54 7.51 -15.41
N ASP A 98 -11.71 6.70 -16.07
CA ASP A 98 -10.58 7.19 -16.86
C ASP A 98 -9.44 7.68 -15.98
N VAL A 99 -9.64 7.68 -14.66
CA VAL A 99 -8.60 8.12 -13.75
C VAL A 99 -7.35 7.28 -13.86
N ARG A 100 -7.52 5.98 -14.06
CA ARG A 100 -6.38 5.07 -14.17
C ARG A 100 -5.47 5.21 -12.95
N PRO A 101 -5.33 4.15 -12.13
CA PRO A 101 -4.48 4.20 -10.94
C PRO A 101 -3.06 4.67 -11.27
N LYS A 102 -2.57 4.28 -12.44
CA LYS A 102 -1.24 4.67 -12.87
C LYS A 102 -1.13 6.20 -12.98
N GLU A 103 -2.16 6.81 -13.56
CA GLU A 103 -2.19 8.26 -13.71
C GLU A 103 -2.28 8.95 -12.36
N PHE A 104 -3.00 8.31 -11.44
CA PHE A 104 -3.17 8.83 -10.09
C PHE A 104 -1.81 9.00 -9.41
N GLU A 105 -0.96 7.98 -9.54
CA GLU A 105 0.37 8.01 -8.95
C GLU A 105 1.23 9.10 -9.57
N GLU A 106 1.15 9.23 -10.90
CA GLU A 106 1.93 10.25 -11.61
C GLU A 106 1.33 11.63 -11.37
N PHE A 107 0.02 11.67 -11.18
CA PHE A 107 -0.67 12.93 -10.94
C PHE A 107 -0.16 13.60 -9.66
N PHE A 108 -0.19 12.85 -8.57
CA PHE A 108 0.26 13.33 -7.28
C PHE A 108 1.78 13.52 -7.24
N SER A 109 2.49 12.82 -8.10
CA SER A 109 3.95 12.89 -8.13
C SER A 109 4.43 14.31 -8.37
N GLN A 110 3.60 15.12 -9.02
CA GLN A 110 3.95 16.51 -9.30
C GLN A 110 4.34 17.26 -8.03
N TRP A 111 3.68 16.93 -6.91
CA TRP A 111 4.01 17.58 -5.64
C TRP A 111 4.54 16.59 -4.61
N GLY A 112 5.46 15.73 -5.06
CA GLY A 112 6.05 14.76 -4.18
C GLY A 112 6.52 13.51 -4.90
N THR A 113 7.59 12.90 -4.41
CA THR A 113 8.13 11.68 -5.02
C THR A 113 7.10 10.55 -5.03
N ILE A 114 6.32 10.47 -3.95
CA ILE A 114 5.29 9.44 -3.81
C ILE A 114 5.90 8.05 -3.67
N ILE A 115 6.23 7.66 -2.45
CA ILE A 115 6.78 6.33 -2.23
C ILE A 115 5.80 5.27 -2.74
N ASP A 116 4.51 5.52 -2.50
CA ASP A 116 3.46 4.61 -2.94
C ASP A 116 2.12 5.34 -3.10
N ALA A 117 1.29 4.87 -4.02
CA ALA A 117 -0.02 5.46 -4.25
C ALA A 117 -0.98 4.41 -4.81
N GLN A 118 -2.18 4.33 -4.24
CA GLN A 118 -3.14 3.35 -4.70
C GLN A 118 -4.59 3.81 -4.53
N LEU A 119 -5.48 3.13 -5.24
CA LEU A 119 -6.92 3.41 -5.19
C LEU A 119 -7.61 2.47 -4.19
N MET A 120 -6.81 1.70 -3.44
CA MET A 120 -7.33 0.74 -2.48
C MET A 120 -7.98 -0.44 -3.21
N LEU A 121 -9.21 -0.25 -3.66
CA LEU A 121 -9.94 -1.29 -4.40
C LEU A 121 -9.67 -2.69 -3.85
N ASP A 122 -9.80 -2.86 -2.54
CA ASP A 122 -9.56 -4.18 -1.94
C ASP A 122 -10.47 -5.22 -2.56
N LYS A 123 -11.75 -4.88 -2.72
CA LYS A 123 -12.72 -5.79 -3.32
C LYS A 123 -13.13 -5.34 -4.72
N ASP A 124 -12.51 -4.26 -5.21
CA ASP A 124 -12.85 -3.74 -6.52
C ASP A 124 -14.36 -3.55 -6.64
N THR A 125 -14.98 -3.11 -5.55
CA THR A 125 -16.42 -2.91 -5.53
C THR A 125 -16.78 -1.44 -5.43
N GLY A 126 -15.79 -0.57 -5.39
CA GLY A 126 -16.07 0.87 -5.31
C GLY A 126 -14.90 1.71 -4.88
N GLN A 127 -14.01 1.17 -4.06
CA GLN A 127 -12.85 1.91 -3.59
C GLN A 127 -12.02 2.42 -4.77
N SER A 128 -12.03 1.65 -5.86
CA SER A 128 -11.28 2.02 -7.06
C SER A 128 -11.73 3.36 -7.61
N ARG A 129 -12.97 3.73 -7.32
CA ARG A 129 -13.52 4.99 -7.81
C ARG A 129 -14.09 5.83 -6.67
N GLY A 130 -14.13 7.13 -6.89
CA GLY A 130 -14.66 8.04 -5.88
C GLY A 130 -13.57 8.74 -5.10
N PHE A 131 -12.62 7.98 -4.57
CA PHE A 131 -11.53 8.57 -3.80
C PHE A 131 -10.24 7.79 -4.02
N GLY A 132 -9.12 8.39 -3.63
CA GLY A 132 -7.83 7.72 -3.78
C GLY A 132 -6.92 7.87 -2.57
N PHE A 133 -5.90 7.02 -2.51
CA PHE A 133 -4.93 7.05 -1.42
C PHE A 133 -3.51 7.25 -1.94
N VAL A 134 -2.81 8.27 -1.45
CA VAL A 134 -1.44 8.53 -1.89
C VAL A 134 -0.48 8.63 -0.72
N THR A 135 0.72 8.07 -0.88
CA THR A 135 1.74 8.10 0.15
C THR A 135 2.94 8.92 -0.35
N TYR A 136 3.49 9.75 0.53
CA TYR A 136 4.63 10.59 0.17
C TYR A 136 5.88 10.28 0.98
N ASP A 137 7.02 10.29 0.30
CA ASP A 137 8.29 10.04 0.93
C ASP A 137 8.57 11.09 2.00
N SER A 138 8.11 12.31 1.75
CA SER A 138 8.32 13.41 2.68
C SER A 138 6.99 14.05 3.09
N ALA A 139 6.88 14.37 4.37
CA ALA A 139 5.69 15.00 4.90
C ALA A 139 5.49 16.38 4.28
N ASP A 140 6.60 17.04 3.95
CA ASP A 140 6.56 18.36 3.35
C ASP A 140 5.72 18.36 2.07
N ALA A 141 5.82 17.28 1.32
CA ALA A 141 5.06 17.16 0.07
C ALA A 141 3.56 17.23 0.36
N VAL A 142 3.16 16.64 1.48
CA VAL A 142 1.76 16.65 1.89
C VAL A 142 1.27 18.07 2.08
N ASP A 143 2.12 18.89 2.69
CA ASP A 143 1.81 20.29 2.95
C ASP A 143 1.52 21.03 1.65
N ARG A 144 2.25 20.70 0.58
CA ARG A 144 2.07 21.37 -0.70
C ARG A 144 0.64 21.26 -1.18
N VAL A 145 0.06 20.08 -1.03
CA VAL A 145 -1.30 19.83 -1.42
C VAL A 145 -2.28 20.44 -0.43
N CYS A 146 -1.87 20.52 0.84
CA CYS A 146 -2.73 21.12 1.86
C CYS A 146 -3.06 22.54 1.41
N GLN A 147 -2.04 23.27 0.96
CA GLN A 147 -2.23 24.60 0.44
C GLN A 147 -3.10 24.54 -0.81
N ASN A 148 -2.91 23.45 -1.55
CA ASN A 148 -3.66 23.20 -2.79
C ASN A 148 -4.80 22.23 -2.54
N LYS A 149 -5.80 22.68 -1.81
CA LYS A 149 -6.95 21.86 -1.47
C LYS A 149 -7.58 21.25 -2.71
N PHE A 150 -7.72 22.06 -3.75
CA PHE A 150 -8.30 21.57 -4.99
C PHE A 150 -7.26 21.58 -6.10
N ILE A 151 -7.09 20.42 -6.74
CA ILE A 151 -6.14 20.28 -7.81
C ILE A 151 -6.85 19.91 -9.10
N ASP A 152 -6.40 20.50 -10.20
CA ASP A 152 -7.01 20.19 -11.48
C ASP A 152 -6.44 18.88 -11.98
N PHE A 153 -7.22 17.83 -11.84
CA PHE A 153 -6.79 16.50 -12.26
C PHE A 153 -7.51 16.05 -13.53
N LYS A 154 -8.79 15.73 -13.36
CA LYS A 154 -9.61 15.28 -14.47
C LYS A 154 -10.49 16.42 -14.98
N ASP A 155 -10.01 17.65 -14.78
CA ASP A 155 -10.74 18.85 -15.18
C ASP A 155 -12.06 18.95 -14.43
N ARG A 156 -12.01 18.64 -13.14
CA ARG A 156 -13.18 18.71 -12.27
C ARG A 156 -12.78 19.01 -10.82
N LYS A 157 -11.50 19.32 -10.61
CA LYS A 157 -10.97 19.60 -9.28
C LYS A 157 -11.21 18.47 -8.31
N ILE A 158 -10.19 18.18 -7.51
CA ILE A 158 -10.29 17.15 -6.50
C ILE A 158 -10.05 17.76 -5.14
N GLU A 159 -10.67 17.23 -4.11
CA GLU A 159 -10.46 17.74 -2.77
C GLU A 159 -9.57 16.77 -2.00
N ILE A 160 -8.50 17.30 -1.43
CA ILE A 160 -7.55 16.48 -0.70
C ILE A 160 -7.45 16.87 0.76
N LYS A 161 -7.54 15.87 1.63
CA LYS A 161 -7.48 16.08 3.07
C LYS A 161 -6.51 15.07 3.70
N ARG A 162 -5.78 15.52 4.71
CA ARG A 162 -4.83 14.66 5.41
C ARG A 162 -5.51 13.37 5.86
N ALA A 163 -4.76 12.28 5.92
CA ALA A 163 -5.32 11.00 6.32
C ALA A 163 -5.99 11.10 7.69
N GLU A 164 -7.11 10.40 7.84
CA GLU A 164 -7.86 10.42 9.08
C GLU A 164 -8.33 9.02 9.48
N PRO A 165 -8.68 8.82 10.76
CA PRO A 165 -9.15 7.53 11.26
C PRO A 165 -10.42 7.07 10.54
N ARG A 166 -10.56 5.76 10.37
CA ARG A 166 -11.74 5.20 9.72
C ARG A 166 -13.02 5.61 10.45
N HIS A 167 -12.93 5.70 11.76
CA HIS A 167 -14.07 6.09 12.60
C HIS A 167 -15.34 5.37 12.16
N LYS A 1 14.88 -6.82 10.16
CA LYS A 1 16.35 -6.96 10.28
C LYS A 1 17.06 -6.54 8.99
N GLU A 2 16.71 -7.20 7.89
CA GLU A 2 17.30 -6.89 6.60
C GLU A 2 16.29 -6.26 5.65
N SER A 3 16.78 -5.47 4.70
CA SER A 3 15.93 -4.81 3.72
C SER A 3 15.18 -5.82 2.87
N CYS A 4 15.72 -7.03 2.77
CA CYS A 4 15.11 -8.10 1.99
C CYS A 4 13.63 -8.28 2.34
N LYS A 5 13.25 -7.87 3.55
CA LYS A 5 11.86 -8.00 4.00
C LYS A 5 10.89 -7.31 3.04
N MET A 6 9.75 -7.96 2.83
CA MET A 6 8.71 -7.47 1.93
C MET A 6 7.43 -7.12 2.69
N PHE A 7 6.64 -6.24 2.11
CA PHE A 7 5.37 -5.83 2.71
C PHE A 7 4.21 -6.49 1.96
N ILE A 8 3.32 -7.13 2.69
CA ILE A 8 2.17 -7.78 2.07
C ILE A 8 0.87 -7.13 2.53
N GLY A 9 0.00 -6.81 1.60
CA GLY A 9 -1.27 -6.20 1.95
C GLY A 9 -2.43 -6.82 1.22
N GLY A 10 -3.63 -6.56 1.72
CA GLY A 10 -4.81 -7.11 1.10
C GLY A 10 -5.01 -8.58 1.41
N LEU A 11 -4.46 -9.01 2.54
CA LEU A 11 -4.58 -10.41 2.96
C LEU A 11 -5.86 -10.64 3.74
N ASN A 12 -6.47 -11.80 3.53
CA ASN A 12 -7.69 -12.15 4.24
C ASN A 12 -7.41 -12.19 5.75
N TRP A 13 -8.27 -11.56 6.53
CA TRP A 13 -8.07 -11.52 7.98
C TRP A 13 -7.86 -12.91 8.55
N ASP A 14 -8.42 -13.92 7.87
CA ASP A 14 -8.27 -15.30 8.31
C ASP A 14 -6.96 -15.90 7.80
N THR A 15 -6.11 -15.07 7.21
CA THR A 15 -4.82 -15.53 6.71
C THR A 15 -3.90 -15.88 7.86
N THR A 16 -3.16 -16.95 7.68
CA THR A 16 -2.24 -17.43 8.69
C THR A 16 -0.83 -17.33 8.17
N GLU A 17 0.12 -17.01 9.04
CA GLU A 17 1.52 -16.88 8.62
C GLU A 17 1.97 -18.17 7.95
N ASP A 18 1.48 -19.31 8.44
CA ASP A 18 1.81 -20.59 7.86
C ASP A 18 1.45 -20.60 6.39
N ASN A 19 0.29 -20.01 6.09
CA ASN A 19 -0.18 -19.91 4.72
C ASN A 19 0.73 -19.02 3.88
N LEU A 20 1.23 -17.94 4.49
CA LEU A 20 2.11 -17.01 3.78
C LEU A 20 3.42 -17.67 3.36
N ARG A 21 4.07 -18.39 4.28
CA ARG A 21 5.30 -19.08 3.92
C ARG A 21 4.95 -20.27 3.05
N GLU A 22 3.80 -20.87 3.31
CA GLU A 22 3.35 -21.99 2.52
C GLU A 22 3.16 -21.55 1.07
N TYR A 23 2.63 -20.32 0.93
CA TYR A 23 2.40 -19.72 -0.38
C TYR A 23 3.69 -19.14 -0.95
N PHE A 24 4.23 -18.17 -0.22
CA PHE A 24 5.45 -17.49 -0.61
C PHE A 24 6.67 -18.42 -0.56
N GLY A 25 6.57 -19.50 0.20
CA GLY A 25 7.67 -20.45 0.29
C GLY A 25 8.13 -20.86 -1.10
N LYS A 26 7.20 -20.79 -2.04
CA LYS A 26 7.45 -21.11 -3.43
C LYS A 26 8.61 -20.26 -3.95
N TYR A 27 8.57 -18.98 -3.60
CA TYR A 27 9.58 -18.02 -3.99
C TYR A 27 10.90 -18.27 -3.29
N GLY A 28 10.82 -18.73 -2.05
CA GLY A 28 12.02 -19.01 -1.29
C GLY A 28 11.75 -19.59 0.08
N THR A 29 12.82 -19.87 0.81
CA THR A 29 12.73 -20.42 2.16
C THR A 29 12.02 -19.47 3.12
N VAL A 30 12.20 -18.17 2.91
CA VAL A 30 11.61 -17.16 3.77
C VAL A 30 12.21 -17.28 5.18
N THR A 31 13.13 -16.36 5.50
CA THR A 31 13.80 -16.38 6.80
C THR A 31 12.85 -16.06 7.94
N ASP A 32 11.93 -15.14 7.70
CA ASP A 32 10.95 -14.74 8.72
C ASP A 32 9.75 -14.06 8.07
N LEU A 33 8.64 -14.00 8.81
CA LEU A 33 7.43 -13.36 8.30
C LEU A 33 6.51 -12.95 9.45
N LYS A 34 5.83 -11.81 9.28
CA LYS A 34 4.92 -11.32 10.31
C LYS A 34 3.56 -10.92 9.76
N ILE A 35 2.53 -11.67 10.14
CA ILE A 35 1.16 -11.37 9.73
C ILE A 35 0.48 -10.49 10.78
N MET A 36 1.31 -9.99 11.71
CA MET A 36 0.85 -9.14 12.81
C MET A 36 -0.02 -9.92 13.79
N LYS A 37 -1.23 -10.26 13.37
CA LYS A 37 -2.14 -11.00 14.23
C LYS A 37 -2.45 -10.23 15.52
N ASP A 38 -3.74 -10.16 15.87
CA ASP A 38 -4.16 -9.46 17.07
C ASP A 38 -4.89 -10.40 18.03
N PRO A 39 -4.14 -11.07 18.92
CA PRO A 39 -4.73 -12.01 19.88
C PRO A 39 -5.83 -11.37 20.72
N ALA A 40 -5.77 -10.04 20.86
CA ALA A 40 -6.76 -9.31 21.63
C ALA A 40 -8.08 -9.19 20.86
N THR A 41 -8.11 -8.30 19.88
CA THR A 41 -9.30 -8.08 19.07
C THR A 41 -9.57 -9.28 18.16
N GLY A 42 -8.52 -10.03 17.85
CA GLY A 42 -8.66 -11.20 17.00
C GLY A 42 -8.44 -10.88 15.53
N ARG A 43 -7.97 -9.67 15.24
CA ARG A 43 -7.74 -9.26 13.85
C ARG A 43 -6.28 -9.48 13.43
N SER A 44 -6.10 -10.07 12.27
CA SER A 44 -4.76 -10.34 11.74
C SER A 44 -4.19 -9.15 10.98
N ARG A 45 -4.86 -8.01 11.06
CA ARG A 45 -4.43 -6.80 10.35
C ARG A 45 -4.76 -6.91 8.86
N GLY A 46 -4.52 -8.10 8.29
CA GLY A 46 -4.80 -8.31 6.88
C GLY A 46 -3.59 -8.05 6.01
N PHE A 47 -2.45 -7.80 6.65
CA PHE A 47 -1.21 -7.55 5.95
C PHE A 47 -0.05 -8.08 6.78
N GLY A 48 1.05 -8.40 6.13
CA GLY A 48 2.19 -8.92 6.85
C GLY A 48 3.49 -8.67 6.12
N PHE A 49 4.60 -8.86 6.81
CA PHE A 49 5.90 -8.64 6.21
C PHE A 49 6.62 -9.97 6.02
N LEU A 50 7.10 -10.22 4.80
CA LEU A 50 7.80 -11.46 4.50
C LEU A 50 9.29 -11.22 4.38
N SER A 51 10.08 -12.15 4.89
CA SER A 51 11.53 -12.03 4.82
C SER A 51 12.13 -13.25 4.13
N PHE A 52 13.00 -13.01 3.16
CA PHE A 52 13.64 -14.09 2.42
C PHE A 52 15.15 -14.08 2.62
N GLU A 53 15.71 -15.27 2.80
CA GLU A 53 17.15 -15.40 2.97
C GLU A 53 17.88 -14.90 1.73
N LYS A 54 17.26 -15.11 0.57
CA LYS A 54 17.84 -14.67 -0.69
C LYS A 54 16.98 -13.57 -1.33
N PRO A 55 17.57 -12.38 -1.56
CA PRO A 55 16.85 -11.25 -2.15
C PRO A 55 16.22 -11.58 -3.51
N SER A 56 16.75 -12.61 -4.17
CA SER A 56 16.22 -13.01 -5.48
C SER A 56 14.73 -13.31 -5.42
N SER A 57 14.30 -13.93 -4.32
CA SER A 57 12.89 -14.26 -4.13
C SER A 57 12.05 -13.00 -4.15
N VAL A 58 12.61 -11.92 -3.61
CA VAL A 58 11.90 -10.65 -3.56
C VAL A 58 11.55 -10.17 -4.97
N ASP A 59 12.48 -10.36 -5.90
CA ASP A 59 12.27 -9.95 -7.28
C ASP A 59 11.12 -10.72 -7.92
N GLU A 60 11.04 -12.02 -7.64
CA GLU A 60 9.97 -12.86 -8.18
C GLU A 60 8.66 -12.67 -7.43
N VAL A 61 8.75 -12.42 -6.13
CA VAL A 61 7.55 -12.22 -5.31
C VAL A 61 6.78 -10.99 -5.79
N VAL A 62 7.50 -9.90 -5.99
CA VAL A 62 6.88 -8.66 -6.43
C VAL A 62 6.31 -8.77 -7.85
N LYS A 63 6.97 -9.54 -8.70
CA LYS A 63 6.55 -9.71 -10.09
C LYS A 63 5.12 -10.24 -10.21
N THR A 64 4.74 -11.15 -9.32
CA THR A 64 3.40 -11.74 -9.35
C THR A 64 2.45 -11.01 -8.40
N GLN A 65 1.20 -10.86 -8.83
CA GLN A 65 0.18 -10.20 -8.01
C GLN A 65 -0.15 -11.03 -6.78
N HIS A 66 -0.25 -12.34 -6.98
CA HIS A 66 -0.54 -13.29 -5.89
C HIS A 66 -2.00 -13.31 -5.48
N ILE A 67 -2.61 -14.49 -5.56
CA ILE A 67 -3.98 -14.66 -5.11
C ILE A 67 -3.97 -15.64 -3.94
N LEU A 68 -4.26 -15.15 -2.73
CA LEU A 68 -4.25 -16.00 -1.55
C LEU A 68 -5.61 -16.00 -0.85
N ASP A 69 -6.16 -17.19 -0.65
CA ASP A 69 -7.45 -17.34 0.02
C ASP A 69 -8.56 -16.51 -0.63
N GLY A 70 -8.58 -16.49 -1.96
CA GLY A 70 -9.62 -15.75 -2.66
C GLY A 70 -9.42 -14.24 -2.67
N LYS A 71 -8.24 -13.78 -2.29
CA LYS A 71 -7.97 -12.35 -2.27
C LYS A 71 -6.72 -12.00 -3.07
N VAL A 72 -6.65 -10.76 -3.52
CA VAL A 72 -5.50 -10.29 -4.30
C VAL A 72 -4.64 -9.35 -3.47
N ILE A 73 -3.33 -9.53 -3.54
CA ILE A 73 -2.40 -8.72 -2.78
C ILE A 73 -1.34 -8.09 -3.67
N ASP A 74 -0.67 -7.06 -3.14
CA ASP A 74 0.38 -6.36 -3.88
C ASP A 74 1.66 -6.26 -3.05
N PRO A 75 2.45 -7.34 -2.98
CA PRO A 75 3.70 -7.35 -2.22
C PRO A 75 4.63 -6.20 -2.64
N LYS A 76 5.19 -5.49 -1.67
CA LYS A 76 6.10 -4.38 -1.96
C LYS A 76 7.29 -4.40 -1.02
N ARG A 77 8.45 -3.96 -1.50
CA ARG A 77 9.66 -3.95 -0.71
C ARG A 77 9.47 -3.16 0.59
N ALA A 78 9.99 -3.70 1.68
CA ALA A 78 9.89 -3.07 3.01
C ALA A 78 10.67 -1.76 3.09
N ILE A 79 10.18 -0.83 3.90
CA ILE A 79 10.84 0.46 4.09
C ILE A 79 11.35 0.60 5.52
N PRO A 80 12.54 1.23 5.72
CA PRO A 80 13.08 1.43 7.07
C PRO A 80 12.10 2.18 7.94
N ARG A 81 11.97 1.77 9.20
CA ARG A 81 11.05 2.41 10.12
C ARG A 81 11.35 3.89 10.31
N ASP A 82 12.63 4.24 10.41
CA ASP A 82 13.00 5.64 10.58
C ASP A 82 12.60 6.45 9.35
N GLU A 83 12.82 5.89 8.18
CA GLU A 83 12.44 6.54 6.94
C GLU A 83 10.93 6.53 6.81
N GLN A 84 10.33 5.43 7.28
CA GLN A 84 8.90 5.24 7.24
C GLN A 84 8.18 6.35 7.98
N ASP A 85 8.73 6.72 9.14
CA ASP A 85 8.14 7.79 9.95
C ASP A 85 8.19 9.12 9.21
N LYS A 86 9.30 9.36 8.51
CA LYS A 86 9.50 10.59 7.76
C LYS A 86 8.43 10.76 6.68
N THR A 87 8.01 9.66 6.07
CA THR A 87 7.02 9.69 5.01
C THR A 87 5.61 9.83 5.57
N GLY A 88 4.68 10.27 4.72
CA GLY A 88 3.31 10.44 5.14
C GLY A 88 2.32 10.04 4.05
N LYS A 89 1.04 9.95 4.42
CA LYS A 89 -0.01 9.58 3.47
C LYS A 89 -1.22 10.50 3.62
N ILE A 90 -1.77 10.94 2.49
CA ILE A 90 -2.92 11.83 2.53
C ILE A 90 -4.12 11.23 1.81
N PHE A 91 -5.31 11.69 2.18
CA PHE A 91 -6.55 11.23 1.59
C PHE A 91 -6.99 12.11 0.43
N VAL A 92 -7.32 11.48 -0.69
CA VAL A 92 -7.76 12.21 -1.86
C VAL A 92 -9.13 11.73 -2.34
N GLY A 93 -9.99 12.68 -2.67
CA GLY A 93 -11.32 12.36 -3.14
C GLY A 93 -11.67 13.14 -4.39
N GLY A 94 -12.85 12.90 -4.94
CA GLY A 94 -13.25 13.60 -6.14
C GLY A 94 -12.70 12.95 -7.39
N ILE A 95 -12.43 11.66 -7.32
CA ILE A 95 -11.89 10.94 -8.46
C ILE A 95 -12.83 9.83 -8.92
N GLY A 96 -12.73 9.47 -10.20
CA GLY A 96 -13.57 8.44 -10.76
C GLY A 96 -12.77 7.36 -11.46
N PRO A 97 -13.41 6.30 -11.97
CA PRO A 97 -12.70 5.22 -12.66
C PRO A 97 -11.79 5.76 -13.75
N ASP A 98 -12.18 6.90 -14.31
CA ASP A 98 -11.40 7.57 -15.34
C ASP A 98 -10.03 7.96 -14.80
N VAL A 99 -9.99 8.23 -13.50
CA VAL A 99 -8.76 8.65 -12.82
C VAL A 99 -7.57 7.76 -13.16
N ARG A 100 -7.79 6.46 -13.29
CA ARG A 100 -6.71 5.53 -13.60
C ARG A 100 -5.59 5.66 -12.57
N PRO A 101 -5.18 4.56 -11.93
CA PRO A 101 -4.14 4.61 -10.91
C PRO A 101 -2.85 5.26 -11.41
N LYS A 102 -2.52 5.05 -12.67
CA LYS A 102 -1.30 5.63 -13.24
C LYS A 102 -1.36 7.15 -13.26
N GLU A 103 -2.48 7.71 -13.74
CA GLU A 103 -2.64 9.15 -13.81
C GLU A 103 -2.74 9.76 -12.40
N PHE A 104 -3.39 9.05 -11.51
CA PHE A 104 -3.54 9.50 -10.13
C PHE A 104 -2.17 9.69 -9.49
N GLU A 105 -1.29 8.72 -9.70
CA GLU A 105 0.07 8.76 -9.16
C GLU A 105 0.90 9.87 -9.80
N GLU A 106 0.77 10.05 -11.12
CA GLU A 106 1.52 11.09 -11.82
C GLU A 106 1.01 12.47 -11.43
N PHE A 107 -0.29 12.56 -11.20
CA PHE A 107 -0.91 13.82 -10.80
C PHE A 107 -0.32 14.34 -9.49
N PHE A 108 -0.36 13.50 -8.47
CA PHE A 108 0.18 13.84 -7.16
C PHE A 108 1.70 13.95 -7.18
N SER A 109 2.32 13.20 -8.08
CA SER A 109 3.77 13.19 -8.21
C SER A 109 4.32 14.59 -8.48
N GLN A 110 3.52 15.42 -9.13
CA GLN A 110 3.93 16.77 -9.46
C GLN A 110 4.42 17.55 -8.23
N TRP A 111 3.79 17.31 -7.07
CA TRP A 111 4.21 18.00 -5.85
C TRP A 111 4.78 17.04 -4.81
N GLY A 112 5.57 16.07 -5.29
CA GLY A 112 6.18 15.11 -4.39
C GLY A 112 6.85 13.97 -5.14
N THR A 113 7.41 13.03 -4.39
CA THR A 113 8.07 11.88 -4.99
C THR A 113 7.19 10.64 -4.84
N ILE A 114 6.02 10.82 -4.22
CA ILE A 114 5.06 9.75 -3.98
C ILE A 114 5.71 8.37 -3.84
N ILE A 115 5.93 7.91 -2.62
CA ILE A 115 6.52 6.58 -2.44
C ILE A 115 5.63 5.52 -3.07
N ASP A 116 4.32 5.61 -2.80
CA ASP A 116 3.38 4.63 -3.35
C ASP A 116 1.93 5.12 -3.24
N ALA A 117 1.42 5.75 -4.30
CA ALA A 117 0.05 6.23 -4.32
C ALA A 117 -0.84 5.25 -5.06
N GLN A 118 -2.01 4.95 -4.52
CA GLN A 118 -2.92 4.02 -5.16
C GLN A 118 -4.37 4.42 -5.06
N LEU A 119 -5.15 3.94 -6.01
CA LEU A 119 -6.59 4.21 -6.08
C LEU A 119 -7.32 3.59 -4.89
N MET A 120 -6.87 2.39 -4.49
CA MET A 120 -7.48 1.63 -3.39
C MET A 120 -8.50 0.66 -3.94
N LEU A 121 -8.23 -0.64 -3.80
CA LEU A 121 -9.10 -1.67 -4.32
C LEU A 121 -9.78 -2.44 -3.18
N ASP A 122 -11.05 -2.79 -3.39
CA ASP A 122 -11.79 -3.55 -2.39
C ASP A 122 -12.74 -4.53 -3.08
N LYS A 123 -12.24 -5.72 -3.37
CA LYS A 123 -13.02 -6.76 -4.03
C LYS A 123 -13.43 -6.35 -5.45
N ASP A 124 -12.53 -5.65 -6.13
CA ASP A 124 -12.78 -5.21 -7.51
C ASP A 124 -14.12 -4.47 -7.64
N THR A 125 -14.41 -3.58 -6.70
CA THR A 125 -15.65 -2.80 -6.72
C THR A 125 -15.84 -2.05 -5.42
N GLY A 126 -14.78 -1.39 -4.96
CA GLY A 126 -14.86 -0.64 -3.72
C GLY A 126 -14.21 0.71 -3.79
N GLN A 127 -13.11 0.85 -3.07
CA GLN A 127 -12.34 2.09 -3.00
C GLN A 127 -11.90 2.53 -4.40
N SER A 128 -11.80 1.57 -5.31
CA SER A 128 -11.37 1.84 -6.68
C SER A 128 -12.15 3.00 -7.27
N ARG A 129 -13.40 3.14 -6.86
CA ARG A 129 -14.24 4.22 -7.37
C ARG A 129 -14.64 5.17 -6.25
N GLY A 130 -14.59 6.47 -6.54
CA GLY A 130 -14.96 7.47 -5.55
C GLY A 130 -13.79 8.29 -5.02
N PHE A 131 -12.79 7.63 -4.46
CA PHE A 131 -11.64 8.34 -3.89
C PHE A 131 -10.32 7.62 -4.16
N GLY A 132 -9.21 8.30 -3.92
CA GLY A 132 -7.90 7.72 -4.10
C GLY A 132 -6.96 7.99 -2.94
N PHE A 133 -5.96 7.13 -2.77
CA PHE A 133 -4.99 7.27 -1.67
C PHE A 133 -3.60 7.62 -2.20
N VAL A 134 -3.00 8.66 -1.61
CA VAL A 134 -1.66 9.08 -2.02
C VAL A 134 -0.69 9.06 -0.85
N THR A 135 0.50 8.52 -1.07
CA THR A 135 1.52 8.47 -0.05
C THR A 135 2.74 9.25 -0.51
N TYR A 136 3.30 10.07 0.38
CA TYR A 136 4.48 10.88 0.03
C TYR A 136 5.70 10.51 0.84
N ASP A 137 6.82 10.40 0.14
CA ASP A 137 8.09 10.08 0.77
C ASP A 137 8.45 11.13 1.81
N SER A 138 8.10 12.38 1.51
CA SER A 138 8.41 13.47 2.43
C SER A 138 7.14 14.20 2.86
N ALA A 139 7.14 14.62 4.12
CA ALA A 139 6.01 15.34 4.69
C ALA A 139 5.82 16.70 4.01
N ASP A 140 6.92 17.28 3.56
CA ASP A 140 6.89 18.58 2.90
C ASP A 140 5.95 18.57 1.70
N ALA A 141 5.94 17.47 0.95
CA ALA A 141 5.08 17.35 -0.21
C ALA A 141 3.62 17.41 0.22
N VAL A 142 3.32 16.80 1.35
CA VAL A 142 1.96 16.80 1.88
C VAL A 142 1.49 18.22 2.18
N ASP A 143 2.38 19.00 2.78
CA ASP A 143 2.07 20.38 3.14
C ASP A 143 1.72 21.23 1.91
N ARG A 144 2.41 20.99 0.80
CA ARG A 144 2.16 21.77 -0.41
C ARG A 144 0.73 21.68 -0.88
N VAL A 145 0.18 20.47 -0.86
CA VAL A 145 -1.18 20.26 -1.30
C VAL A 145 -2.18 20.77 -0.26
N CYS A 146 -1.80 20.64 1.02
CA CYS A 146 -2.65 21.08 2.11
C CYS A 146 -2.98 22.57 1.98
N GLN A 147 -1.96 23.39 1.68
CA GLN A 147 -2.19 24.82 1.54
C GLN A 147 -3.15 25.07 0.38
N ASN A 148 -2.96 24.31 -0.69
CA ASN A 148 -3.80 24.40 -1.87
C ASN A 148 -5.25 24.01 -1.56
N LYS A 149 -5.42 23.09 -0.63
CA LYS A 149 -6.74 22.59 -0.25
C LYS A 149 -7.35 21.82 -1.41
N PHE A 150 -7.82 22.55 -2.43
CA PHE A 150 -8.41 21.92 -3.60
C PHE A 150 -7.50 22.04 -4.81
N ILE A 151 -7.30 20.92 -5.50
CA ILE A 151 -6.47 20.90 -6.69
C ILE A 151 -7.27 20.41 -7.89
N ASP A 152 -7.08 21.07 -9.02
CA ASP A 152 -7.79 20.70 -10.25
C ASP A 152 -7.30 19.34 -10.71
N PHE A 153 -8.22 18.48 -11.16
CA PHE A 153 -7.82 17.17 -11.63
C PHE A 153 -8.62 16.72 -12.87
N LYS A 154 -9.53 15.76 -12.72
CA LYS A 154 -10.33 15.27 -13.84
C LYS A 154 -11.13 16.38 -14.51
N ASP A 155 -11.66 17.28 -13.70
CA ASP A 155 -12.46 18.40 -14.19
C ASP A 155 -13.00 19.22 -13.02
N ARG A 156 -13.21 18.54 -11.90
CA ARG A 156 -13.71 19.19 -10.69
C ARG A 156 -12.63 19.15 -9.61
N LYS A 157 -12.76 20.01 -8.63
CA LYS A 157 -11.77 20.08 -7.56
C LYS A 157 -11.77 18.81 -6.71
N ILE A 158 -10.58 18.38 -6.32
CA ILE A 158 -10.44 17.21 -5.47
C ILE A 158 -9.96 17.67 -4.12
N GLU A 159 -10.57 17.18 -3.05
CA GLU A 159 -10.17 17.61 -1.72
C GLU A 159 -9.20 16.61 -1.13
N ILE A 160 -8.10 17.12 -0.60
CA ILE A 160 -7.09 16.29 -0.02
C ILE A 160 -6.87 16.60 1.45
N LYS A 161 -7.01 15.58 2.29
CA LYS A 161 -6.85 15.75 3.74
C LYS A 161 -5.90 14.69 4.30
N ARG A 162 -5.28 14.99 5.42
CA ARG A 162 -4.36 14.06 6.06
C ARG A 162 -5.08 12.74 6.34
N ALA A 163 -4.34 11.64 6.35
CA ALA A 163 -4.95 10.33 6.59
C ALA A 163 -5.88 10.36 7.81
N GLU A 164 -6.98 9.63 7.72
CA GLU A 164 -7.97 9.61 8.80
C GLU A 164 -8.25 8.18 9.27
N PRO A 165 -8.94 8.05 10.41
CA PRO A 165 -9.28 6.74 10.98
C PRO A 165 -10.02 5.86 9.98
N ARG A 166 -9.88 4.55 10.13
CA ARG A 166 -10.53 3.60 9.23
C ARG A 166 -12.03 3.84 9.18
N HIS A 167 -12.60 4.23 10.31
CA HIS A 167 -14.04 4.49 10.39
C HIS A 167 -14.32 5.99 10.43
N LYS A 1 19.71 -9.20 4.33
CA LYS A 1 18.37 -8.74 4.79
C LYS A 1 18.33 -7.22 4.96
N GLU A 2 19.24 -6.52 4.29
CA GLU A 2 19.30 -5.07 4.37
C GLU A 2 17.98 -4.44 3.95
N SER A 3 17.35 -5.02 2.93
CA SER A 3 16.07 -4.52 2.43
C SER A 3 15.20 -5.63 1.85
N CYS A 4 15.62 -6.88 2.02
CA CYS A 4 14.87 -8.03 1.51
C CYS A 4 13.46 -8.08 2.12
N LYS A 5 13.33 -7.52 3.32
CA LYS A 5 12.05 -7.50 4.03
C LYS A 5 10.98 -6.84 3.17
N MET A 6 9.79 -7.45 3.14
CA MET A 6 8.68 -6.93 2.34
C MET A 6 7.43 -6.73 3.18
N PHE A 7 6.56 -5.84 2.71
CA PHE A 7 5.30 -5.54 3.38
C PHE A 7 4.13 -6.16 2.62
N ILE A 8 3.26 -6.86 3.34
CA ILE A 8 2.11 -7.51 2.73
C ILE A 8 0.81 -6.92 3.29
N GLY A 9 -0.09 -6.52 2.42
CA GLY A 9 -1.36 -5.97 2.87
C GLY A 9 -2.55 -6.74 2.31
N GLY A 10 -3.68 -6.65 2.99
CA GLY A 10 -4.85 -7.36 2.53
C GLY A 10 -4.77 -8.85 2.80
N LEU A 11 -4.53 -9.21 4.05
CA LEU A 11 -4.39 -10.62 4.46
C LEU A 11 -5.73 -11.32 4.71
N ASN A 12 -6.84 -10.64 4.48
CA ASN A 12 -8.15 -11.26 4.72
C ASN A 12 -8.26 -11.70 6.17
N TRP A 13 -7.75 -10.87 7.07
CA TRP A 13 -7.76 -11.13 8.51
C TRP A 13 -7.63 -12.63 8.83
N ASP A 14 -6.86 -13.35 8.01
CA ASP A 14 -6.69 -14.79 8.23
C ASP A 14 -5.69 -15.43 7.26
N THR A 15 -4.78 -14.63 6.68
CA THR A 15 -3.79 -15.16 5.76
C THR A 15 -2.91 -16.21 6.42
N THR A 16 -2.61 -16.04 7.70
CA THR A 16 -1.75 -16.97 8.41
C THR A 16 -0.36 -16.95 7.76
N GLU A 17 0.67 -16.82 8.60
CA GLU A 17 2.04 -16.77 8.10
C GLU A 17 2.40 -18.01 7.30
N ASP A 18 1.87 -19.16 7.71
CA ASP A 18 2.18 -20.41 7.03
C ASP A 18 1.82 -20.33 5.55
N ASN A 19 0.68 -19.73 5.25
CA ASN A 19 0.22 -19.60 3.88
C ASN A 19 1.18 -18.75 3.03
N LEU A 20 1.77 -17.73 3.63
CA LEU A 20 2.68 -16.84 2.91
C LEU A 20 3.89 -17.58 2.34
N ARG A 21 4.48 -18.49 3.11
CA ARG A 21 5.62 -19.24 2.61
C ARG A 21 5.20 -20.12 1.44
N GLU A 22 4.01 -20.71 1.54
CA GLU A 22 3.50 -21.56 0.47
C GLU A 22 3.11 -20.73 -0.75
N TYR A 23 2.43 -19.61 -0.52
CA TYR A 23 2.02 -18.73 -1.60
C TYR A 23 3.22 -18.12 -2.31
N PHE A 24 4.17 -17.65 -1.51
CA PHE A 24 5.37 -17.00 -2.02
C PHE A 24 6.53 -17.97 -2.17
N GLY A 25 6.33 -19.23 -1.80
CA GLY A 25 7.38 -20.23 -1.92
C GLY A 25 7.80 -20.45 -3.38
N LYS A 26 6.87 -20.18 -4.28
CA LYS A 26 7.09 -20.35 -5.73
C LYS A 26 8.30 -19.54 -6.19
N TYR A 27 8.38 -18.36 -5.63
CA TYR A 27 9.42 -17.39 -5.94
C TYR A 27 10.79 -17.86 -5.50
N GLY A 28 10.81 -18.68 -4.46
CA GLY A 28 12.07 -19.20 -3.95
C GLY A 28 11.93 -19.68 -2.52
N THR A 29 12.74 -19.13 -1.65
CA THR A 29 12.70 -19.48 -0.25
C THR A 29 12.38 -18.23 0.56
N VAL A 30 11.91 -18.41 1.77
CA VAL A 30 11.58 -17.28 2.62
C VAL A 30 12.36 -17.34 3.92
N THR A 31 13.00 -16.24 4.28
CA THR A 31 13.81 -16.19 5.51
C THR A 31 12.94 -16.05 6.75
N ASP A 32 11.88 -15.27 6.67
CA ASP A 32 11.01 -15.06 7.82
C ASP A 32 9.60 -14.65 7.42
N LEU A 33 8.65 -15.03 8.27
CA LEU A 33 7.26 -14.71 8.06
C LEU A 33 6.69 -13.92 9.23
N LYS A 34 6.02 -12.80 8.95
CA LYS A 34 5.47 -11.99 10.04
C LYS A 34 4.04 -11.51 9.76
N ILE A 35 3.13 -11.91 10.65
CA ILE A 35 1.74 -11.49 10.59
C ILE A 35 1.30 -10.97 11.95
N MET A 36 0.68 -9.80 11.97
CA MET A 36 0.21 -9.22 13.22
C MET A 36 -1.22 -9.67 13.48
N LYS A 37 -1.44 -10.31 14.61
CA LYS A 37 -2.77 -10.81 14.96
C LYS A 37 -3.21 -10.31 16.33
N ASP A 38 -4.53 -10.27 16.54
CA ASP A 38 -5.09 -9.84 17.84
C ASP A 38 -5.96 -10.94 18.42
N PRO A 39 -5.35 -11.95 19.06
CA PRO A 39 -6.08 -13.06 19.66
C PRO A 39 -7.15 -12.60 20.66
N ALA A 40 -6.93 -11.42 21.25
CA ALA A 40 -7.88 -10.87 22.21
C ALA A 40 -9.15 -10.40 21.53
N THR A 41 -9.03 -9.35 20.73
CA THR A 41 -10.17 -8.79 20.02
C THR A 41 -10.59 -9.72 18.88
N GLY A 42 -9.66 -10.57 18.45
CA GLY A 42 -9.96 -11.50 17.38
C GLY A 42 -9.78 -10.88 16.01
N ARG A 43 -9.05 -9.77 15.95
CA ARG A 43 -8.83 -9.06 14.69
C ARG A 43 -7.34 -8.92 14.40
N SER A 44 -6.96 -9.01 13.14
CA SER A 44 -5.56 -8.89 12.76
C SER A 44 -5.30 -7.59 12.01
N ARG A 45 -4.05 -7.15 12.03
CA ARG A 45 -3.66 -5.92 11.35
C ARG A 45 -4.09 -5.95 9.89
N GLY A 46 -4.09 -7.15 9.31
CA GLY A 46 -4.49 -7.30 7.92
C GLY A 46 -3.30 -7.27 6.98
N PHE A 47 -2.12 -7.12 7.55
CA PHE A 47 -0.87 -7.08 6.78
C PHE A 47 0.22 -7.86 7.48
N GLY A 48 1.18 -8.33 6.69
CA GLY A 48 2.28 -9.09 7.24
C GLY A 48 3.57 -8.72 6.55
N PHE A 49 4.69 -9.05 7.17
CA PHE A 49 5.98 -8.74 6.58
C PHE A 49 6.63 -10.02 6.04
N LEU A 50 7.02 -9.98 4.78
CA LEU A 50 7.62 -11.13 4.12
C LEU A 50 9.12 -10.93 3.92
N SER A 51 9.92 -11.90 4.36
CA SER A 51 11.37 -11.80 4.21
C SER A 51 11.89 -12.93 3.31
N PHE A 52 12.72 -12.58 2.33
CA PHE A 52 13.28 -13.58 1.41
C PHE A 52 14.80 -13.69 1.50
N GLU A 53 15.29 -14.92 1.41
CA GLU A 53 16.72 -15.17 1.43
C GLU A 53 17.38 -14.51 0.22
N LYS A 54 16.66 -14.50 -0.90
CA LYS A 54 17.16 -13.89 -2.13
C LYS A 54 16.34 -12.64 -2.46
N PRO A 55 16.98 -11.46 -2.47
CA PRO A 55 16.29 -10.19 -2.77
C PRO A 55 15.62 -10.21 -4.14
N SER A 56 16.13 -11.04 -5.05
CA SER A 56 15.58 -11.13 -6.40
C SER A 56 14.11 -11.53 -6.37
N SER A 57 13.75 -12.41 -5.43
CA SER A 57 12.37 -12.85 -5.30
C SER A 57 11.45 -11.67 -5.03
N VAL A 58 11.96 -10.70 -4.28
CA VAL A 58 11.20 -9.51 -3.94
C VAL A 58 10.82 -8.73 -5.21
N ASP A 59 11.77 -8.60 -6.13
CA ASP A 59 11.53 -7.88 -7.36
C ASP A 59 10.38 -8.50 -8.16
N GLU A 60 10.35 -9.83 -8.21
CA GLU A 60 9.30 -10.54 -8.92
C GLU A 60 7.98 -10.53 -8.15
N VAL A 61 8.07 -10.50 -6.83
CA VAL A 61 6.87 -10.50 -6.00
C VAL A 61 6.01 -9.27 -6.27
N VAL A 62 6.64 -8.10 -6.36
CA VAL A 62 5.88 -6.88 -6.61
C VAL A 62 5.45 -6.76 -8.07
N LYS A 63 6.25 -7.35 -8.97
CA LYS A 63 5.96 -7.30 -10.40
C LYS A 63 4.59 -7.91 -10.72
N THR A 64 4.20 -8.91 -9.94
CA THR A 64 2.93 -9.60 -10.16
C THR A 64 1.92 -9.33 -9.05
N GLN A 65 0.65 -9.28 -9.45
CA GLN A 65 -0.45 -9.07 -8.50
C GLN A 65 -0.71 -10.38 -7.78
N HIS A 66 -1.09 -10.30 -6.51
CA HIS A 66 -1.27 -11.51 -5.73
C HIS A 66 -2.67 -11.67 -5.16
N ILE A 67 -3.21 -12.88 -5.31
CA ILE A 67 -4.51 -13.22 -4.77
C ILE A 67 -4.32 -14.38 -3.79
N LEU A 68 -4.57 -14.13 -2.51
CA LEU A 68 -4.39 -15.17 -1.50
C LEU A 68 -5.70 -15.42 -0.75
N ASP A 69 -6.12 -16.67 -0.72
CA ASP A 69 -7.35 -17.06 -0.02
C ASP A 69 -8.56 -16.23 -0.45
N GLY A 70 -8.64 -15.90 -1.75
CA GLY A 70 -9.76 -15.14 -2.25
C GLY A 70 -9.53 -13.64 -2.29
N LYS A 71 -8.64 -13.16 -1.43
CA LYS A 71 -8.33 -11.74 -1.36
C LYS A 71 -7.08 -11.40 -2.15
N VAL A 72 -6.82 -10.10 -2.30
CA VAL A 72 -5.66 -9.64 -3.05
C VAL A 72 -4.75 -8.80 -2.18
N ILE A 73 -3.44 -8.99 -2.33
CA ILE A 73 -2.45 -8.26 -1.56
C ILE A 73 -1.48 -7.51 -2.47
N ASP A 74 -0.82 -6.50 -1.93
CA ASP A 74 0.15 -5.72 -2.69
C ASP A 74 1.50 -5.71 -2.00
N PRO A 75 2.29 -6.77 -2.19
CA PRO A 75 3.62 -6.89 -1.59
C PRO A 75 4.53 -5.74 -2.00
N LYS A 76 5.16 -5.10 -1.03
CA LYS A 76 6.05 -3.98 -1.31
C LYS A 76 7.27 -4.03 -0.39
N ARG A 77 8.38 -3.42 -0.82
CA ARG A 77 9.59 -3.42 -0.01
C ARG A 77 9.32 -2.85 1.38
N ALA A 78 9.91 -3.47 2.40
CA ALA A 78 9.75 -3.02 3.78
C ALA A 78 10.32 -1.62 4.00
N ILE A 79 9.70 -0.85 4.89
CA ILE A 79 10.13 0.51 5.21
C ILE A 79 10.54 0.63 6.67
N PRO A 80 11.76 1.11 6.96
CA PRO A 80 12.20 1.30 8.35
C PRO A 80 11.19 2.16 9.10
N ARG A 81 11.01 1.89 10.39
CA ARG A 81 10.04 2.64 11.19
C ARG A 81 10.28 4.15 11.14
N ASP A 82 11.54 4.55 11.19
CA ASP A 82 11.87 5.98 11.14
C ASP A 82 11.44 6.59 9.81
N GLU A 83 11.73 5.89 8.72
CA GLU A 83 11.35 6.36 7.40
C GLU A 83 9.84 6.36 7.23
N GLN A 84 9.20 5.34 7.79
CA GLN A 84 7.75 5.20 7.70
C GLN A 84 7.06 6.41 8.31
N ASP A 85 7.58 6.89 9.43
CA ASP A 85 7.02 8.05 10.10
C ASP A 85 7.04 9.27 9.19
N LYS A 86 8.15 9.42 8.47
CA LYS A 86 8.33 10.53 7.54
C LYS A 86 7.29 10.54 6.42
N THR A 87 6.90 9.34 5.96
CA THR A 87 5.93 9.20 4.86
C THR A 87 4.90 10.32 4.83
N GLY A 88 3.93 10.28 5.73
CA GLY A 88 2.90 11.30 5.75
C GLY A 88 1.83 11.03 4.71
N LYS A 89 1.34 9.80 4.68
CA LYS A 89 0.31 9.39 3.74
C LYS A 89 -0.95 10.23 3.91
N ILE A 90 -1.55 10.61 2.79
CA ILE A 90 -2.74 11.46 2.81
C ILE A 90 -3.94 10.81 2.14
N PHE A 91 -5.12 11.33 2.45
CA PHE A 91 -6.37 10.85 1.86
C PHE A 91 -6.74 11.72 0.68
N VAL A 92 -7.06 11.09 -0.44
CA VAL A 92 -7.42 11.82 -1.64
C VAL A 92 -8.77 11.43 -2.19
N GLY A 93 -9.50 12.44 -2.65
CA GLY A 93 -10.80 12.25 -3.24
C GLY A 93 -10.86 12.89 -4.60
N GLY A 94 -12.03 12.90 -5.23
CA GLY A 94 -12.14 13.50 -6.54
C GLY A 94 -11.64 12.60 -7.65
N ILE A 95 -12.22 11.41 -7.74
CA ILE A 95 -11.83 10.47 -8.78
C ILE A 95 -12.89 10.45 -9.88
N GLY A 96 -12.44 10.59 -11.12
CA GLY A 96 -13.37 10.60 -12.25
C GLY A 96 -13.30 9.35 -13.09
N PRO A 97 -14.25 9.16 -14.01
CA PRO A 97 -14.28 7.97 -14.88
C PRO A 97 -12.99 7.79 -15.67
N ASP A 98 -12.57 6.54 -15.81
CA ASP A 98 -11.36 6.20 -16.56
C ASP A 98 -10.13 6.93 -16.03
N VAL A 99 -10.00 7.01 -14.70
CA VAL A 99 -8.83 7.67 -14.10
C VAL A 99 -7.59 6.81 -14.24
N ARG A 100 -7.78 5.49 -14.15
CA ARG A 100 -6.66 4.56 -14.26
C ARG A 100 -5.67 4.81 -13.12
N PRO A 101 -5.36 3.78 -12.31
CA PRO A 101 -4.44 3.94 -11.18
C PRO A 101 -3.11 4.54 -11.62
N LYS A 102 -2.73 4.29 -12.87
CA LYS A 102 -1.48 4.82 -13.39
C LYS A 102 -1.48 6.34 -13.36
N GLU A 103 -2.60 6.95 -13.75
CA GLU A 103 -2.71 8.41 -13.75
C GLU A 103 -2.64 8.97 -12.34
N PHE A 104 -3.29 8.28 -11.41
CA PHE A 104 -3.30 8.71 -10.02
C PHE A 104 -1.91 8.67 -9.41
N GLU A 105 -1.19 7.56 -9.63
CA GLU A 105 0.15 7.42 -9.08
C GLU A 105 1.09 8.44 -9.70
N GLU A 106 0.94 8.67 -10.99
CA GLU A 106 1.76 9.65 -11.69
C GLU A 106 1.30 11.07 -11.38
N PHE A 107 0.00 11.20 -11.12
CA PHE A 107 -0.60 12.49 -10.80
C PHE A 107 -0.01 13.10 -9.54
N PHE A 108 -0.10 12.36 -8.43
CA PHE A 108 0.42 12.82 -7.16
C PHE A 108 1.94 12.93 -7.16
N SER A 109 2.59 12.12 -7.98
CA SER A 109 4.05 12.17 -8.08
C SER A 109 4.48 13.59 -8.40
N GLN A 110 3.57 14.31 -9.05
CA GLN A 110 3.77 15.70 -9.42
C GLN A 110 4.32 16.54 -8.28
N TRP A 111 3.87 16.28 -7.05
CA TRP A 111 4.36 17.03 -5.90
C TRP A 111 4.86 16.10 -4.81
N GLY A 112 5.59 15.07 -5.21
CA GLY A 112 6.15 14.12 -4.26
C GLY A 112 6.58 12.82 -4.91
N THR A 113 7.53 12.15 -4.29
CA THR A 113 8.03 10.87 -4.81
C THR A 113 6.94 9.81 -4.87
N ILE A 114 6.03 9.86 -3.89
CA ILE A 114 4.95 8.89 -3.80
C ILE A 114 5.48 7.50 -3.44
N ILE A 115 5.74 7.29 -2.16
CA ILE A 115 6.25 6.00 -1.70
C ILE A 115 5.27 4.87 -2.04
N ASP A 116 3.98 5.11 -1.84
CA ASP A 116 2.97 4.10 -2.13
C ASP A 116 1.59 4.70 -2.36
N ALA A 117 1.31 5.11 -3.60
CA ALA A 117 0.01 5.67 -3.93
C ALA A 117 -0.81 4.65 -4.72
N GLN A 118 -2.05 4.42 -4.31
CA GLN A 118 -2.90 3.47 -5.01
C GLN A 118 -4.37 3.86 -4.98
N LEU A 119 -5.11 3.36 -5.97
CA LEU A 119 -6.54 3.63 -6.10
C LEU A 119 -7.34 3.03 -4.94
N MET A 120 -6.92 1.85 -4.48
CA MET A 120 -7.58 1.14 -3.38
C MET A 120 -8.80 0.38 -3.88
N LEU A 121 -8.79 -0.95 -3.70
CA LEU A 121 -9.90 -1.79 -4.12
C LEU A 121 -10.38 -2.66 -2.96
N ASP A 122 -11.69 -2.64 -2.70
CA ASP A 122 -12.25 -3.46 -1.63
C ASP A 122 -12.02 -4.93 -1.94
N LYS A 123 -12.17 -5.26 -3.21
CA LYS A 123 -11.99 -6.60 -3.73
C LYS A 123 -11.80 -6.54 -5.23
N ASP A 124 -12.67 -5.78 -5.89
CA ASP A 124 -12.61 -5.60 -7.33
C ASP A 124 -12.70 -4.11 -7.69
N THR A 125 -13.91 -3.57 -7.68
CA THR A 125 -14.14 -2.16 -8.01
C THR A 125 -14.70 -1.38 -6.82
N GLY A 126 -14.65 -1.97 -5.63
CA GLY A 126 -15.18 -1.32 -4.44
C GLY A 126 -14.67 0.10 -4.26
N GLN A 127 -13.47 0.22 -3.72
CA GLN A 127 -12.84 1.52 -3.48
C GLN A 127 -12.13 2.02 -4.74
N SER A 128 -12.31 1.30 -5.84
CA SER A 128 -11.69 1.64 -7.12
C SER A 128 -12.04 3.06 -7.57
N ARG A 129 -13.24 3.51 -7.23
CA ARG A 129 -13.67 4.84 -7.65
C ARG A 129 -14.21 5.66 -6.48
N GLY A 130 -14.19 6.97 -6.65
CA GLY A 130 -14.68 7.88 -5.64
C GLY A 130 -13.57 8.52 -4.83
N PHE A 131 -12.48 7.80 -4.60
CA PHE A 131 -11.37 8.35 -3.84
C PHE A 131 -10.05 7.65 -4.17
N GLY A 132 -8.94 8.29 -3.78
CA GLY A 132 -7.63 7.71 -4.03
C GLY A 132 -6.73 7.81 -2.81
N PHE A 133 -5.80 6.87 -2.67
CA PHE A 133 -4.88 6.84 -1.54
C PHE A 133 -3.45 7.13 -1.98
N VAL A 134 -2.80 8.12 -1.37
CA VAL A 134 -1.43 8.47 -1.72
C VAL A 134 -0.51 8.58 -0.49
N THR A 135 0.68 8.03 -0.62
CA THR A 135 1.68 8.12 0.44
C THR A 135 2.91 8.85 -0.10
N TYR A 136 3.48 9.75 0.69
CA TYR A 136 4.64 10.52 0.24
C TYR A 136 5.89 10.21 1.01
N ASP A 137 7.01 10.20 0.30
CA ASP A 137 8.29 9.94 0.90
C ASP A 137 8.63 11.03 1.91
N SER A 138 8.19 12.25 1.62
CA SER A 138 8.45 13.38 2.51
C SER A 138 7.17 14.07 2.95
N ALA A 139 7.17 14.54 4.19
CA ALA A 139 6.03 15.23 4.75
C ALA A 139 5.79 16.56 4.06
N ASP A 140 6.86 17.15 3.54
CA ASP A 140 6.76 18.44 2.85
C ASP A 140 5.85 18.36 1.64
N ALA A 141 5.82 17.21 0.97
CA ALA A 141 4.97 17.03 -0.20
C ALA A 141 3.50 17.21 0.18
N VAL A 142 3.14 16.74 1.37
CA VAL A 142 1.77 16.86 1.85
C VAL A 142 1.39 18.34 1.98
N ASP A 143 2.31 19.13 2.51
CA ASP A 143 2.07 20.56 2.69
C ASP A 143 1.81 21.26 1.36
N ARG A 144 2.54 20.84 0.33
CA ARG A 144 2.40 21.46 -0.99
C ARG A 144 0.99 21.34 -1.53
N VAL A 145 0.41 20.16 -1.37
CA VAL A 145 -0.93 19.90 -1.84
C VAL A 145 -1.97 20.61 -0.99
N CYS A 146 -1.68 20.70 0.32
CA CYS A 146 -2.60 21.34 1.25
C CYS A 146 -2.86 22.79 0.86
N GLN A 147 -1.80 23.52 0.53
CA GLN A 147 -1.95 24.91 0.13
C GLN A 147 -2.77 25.01 -1.14
N ASN A 148 -2.53 24.07 -2.05
CA ASN A 148 -3.25 24.00 -3.32
C ASN A 148 -4.74 23.77 -3.11
N LYS A 149 -5.09 23.03 -2.06
CA LYS A 149 -6.47 22.69 -1.77
C LYS A 149 -6.98 21.72 -2.82
N PHE A 150 -7.20 22.24 -4.03
CA PHE A 150 -7.66 21.41 -5.14
C PHE A 150 -6.61 21.35 -6.22
N ILE A 151 -6.47 20.20 -6.84
CA ILE A 151 -5.55 20.02 -7.93
C ILE A 151 -6.31 19.60 -9.17
N ASP A 152 -6.01 20.23 -10.28
CA ASP A 152 -6.69 19.92 -11.53
C ASP A 152 -6.17 18.61 -12.10
N PHE A 153 -6.68 17.50 -11.56
CA PHE A 153 -6.28 16.20 -12.04
C PHE A 153 -6.95 15.89 -13.35
N LYS A 154 -8.28 15.93 -13.31
CA LYS A 154 -9.10 15.69 -14.47
C LYS A 154 -9.75 17.01 -14.87
N ASP A 155 -10.77 16.94 -15.70
CA ASP A 155 -11.49 18.13 -16.13
C ASP A 155 -11.99 18.91 -14.92
N ARG A 156 -12.16 18.22 -13.79
CA ARG A 156 -12.65 18.84 -12.56
C ARG A 156 -11.63 18.75 -11.44
N LYS A 157 -11.79 19.63 -10.44
CA LYS A 157 -10.89 19.67 -9.30
C LYS A 157 -11.15 18.54 -8.32
N ILE A 158 -10.08 18.09 -7.67
CA ILE A 158 -10.19 17.04 -6.66
C ILE A 158 -9.73 17.61 -5.32
N GLU A 159 -10.25 17.09 -4.23
CA GLU A 159 -9.87 17.58 -2.92
C GLU A 159 -8.96 16.58 -2.22
N ILE A 160 -7.90 17.07 -1.61
CA ILE A 160 -6.96 16.20 -0.92
C ILE A 160 -6.85 16.59 0.56
N LYS A 161 -7.04 15.60 1.43
CA LYS A 161 -6.99 15.83 2.87
C LYS A 161 -6.05 14.84 3.54
N ARG A 162 -5.50 15.22 4.70
CA ARG A 162 -4.59 14.35 5.43
C ARG A 162 -5.26 13.01 5.72
N ALA A 163 -4.46 11.95 5.77
CA ALA A 163 -4.98 10.62 6.02
C ALA A 163 -5.66 10.53 7.38
N GLU A 164 -6.79 9.83 7.41
CA GLU A 164 -7.55 9.65 8.63
C GLU A 164 -7.87 8.17 8.84
N PRO A 165 -6.89 7.39 9.32
CA PRO A 165 -7.09 5.95 9.54
C PRO A 165 -8.29 5.68 10.44
N ARG A 166 -9.12 4.74 10.00
CA ARG A 166 -10.32 4.38 10.76
C ARG A 166 -9.94 3.85 12.14
N HIS A 167 -8.82 3.15 12.22
CA HIS A 167 -8.35 2.59 13.48
C HIS A 167 -9.44 1.75 14.14
N LYS A 1 16.63 -3.74 4.47
CA LYS A 1 18.09 -3.95 4.66
C LYS A 1 18.58 -5.14 3.83
N GLU A 2 19.69 -5.75 4.24
CA GLU A 2 20.26 -6.88 3.53
C GLU A 2 19.28 -8.06 3.46
N SER A 3 18.50 -8.22 4.52
CA SER A 3 17.52 -9.30 4.59
C SER A 3 16.47 -9.18 3.49
N CYS A 4 16.27 -7.97 2.99
CA CYS A 4 15.28 -7.73 1.95
C CYS A 4 13.88 -8.05 2.46
N LYS A 5 13.48 -7.36 3.52
CA LYS A 5 12.17 -7.58 4.13
C LYS A 5 11.05 -7.08 3.23
N MET A 6 9.96 -7.86 3.20
CA MET A 6 8.80 -7.55 2.38
C MET A 6 7.57 -7.25 3.23
N PHE A 7 6.71 -6.37 2.73
CA PHE A 7 5.47 -6.02 3.40
C PHE A 7 4.31 -6.62 2.63
N ILE A 8 3.41 -7.28 3.32
CA ILE A 8 2.27 -7.91 2.68
C ILE A 8 0.98 -7.21 3.07
N GLY A 9 0.18 -6.81 2.09
CA GLY A 9 -1.07 -6.12 2.38
C GLY A 9 -2.22 -6.67 1.59
N GLY A 10 -3.43 -6.32 2.01
CA GLY A 10 -4.61 -6.77 1.31
C GLY A 10 -4.92 -8.21 1.60
N LEU A 11 -4.53 -8.68 2.79
CA LEU A 11 -4.78 -10.06 3.18
C LEU A 11 -6.15 -10.21 3.82
N ASN A 12 -6.84 -11.30 3.48
CA ASN A 12 -8.16 -11.57 4.03
C ASN A 12 -8.04 -11.82 5.53
N TRP A 13 -8.95 -11.24 6.31
CA TRP A 13 -8.91 -11.41 7.76
C TRP A 13 -9.05 -12.89 8.11
N ASP A 14 -7.96 -13.63 7.91
CA ASP A 14 -7.95 -15.07 8.18
C ASP A 14 -6.60 -15.70 7.84
N THR A 15 -5.83 -15.04 6.96
CA THR A 15 -4.52 -15.55 6.56
C THR A 15 -3.56 -15.58 7.74
N THR A 16 -2.80 -16.65 7.84
CA THR A 16 -1.82 -16.81 8.89
C THR A 16 -0.44 -16.85 8.28
N GLU A 17 0.58 -16.71 9.11
CA GLU A 17 1.94 -16.76 8.62
C GLU A 17 2.16 -18.10 7.93
N ASP A 18 1.43 -19.13 8.38
CA ASP A 18 1.57 -20.45 7.80
C ASP A 18 1.28 -20.42 6.30
N ASN A 19 0.22 -19.71 5.92
CA ASN A 19 -0.17 -19.57 4.52
C ASN A 19 0.88 -18.81 3.72
N LEU A 20 1.45 -17.78 4.34
CA LEU A 20 2.46 -16.95 3.69
C LEU A 20 3.70 -17.71 3.28
N ARG A 21 4.20 -18.59 4.14
CA ARG A 21 5.40 -19.35 3.80
C ARG A 21 5.13 -20.29 2.64
N GLU A 22 3.94 -20.89 2.63
CA GLU A 22 3.58 -21.82 1.55
C GLU A 22 3.38 -21.07 0.23
N TYR A 23 2.70 -19.92 0.29
CA TYR A 23 2.45 -19.12 -0.90
C TYR A 23 3.74 -18.53 -1.45
N PHE A 24 4.50 -17.92 -0.54
CA PHE A 24 5.75 -17.28 -0.91
C PHE A 24 6.94 -18.22 -0.79
N GLY A 25 6.69 -19.46 -0.36
CA GLY A 25 7.75 -20.44 -0.25
C GLY A 25 8.43 -20.66 -1.58
N LYS A 26 7.66 -20.46 -2.65
CA LYS A 26 8.15 -20.64 -4.01
C LYS A 26 9.36 -19.73 -4.27
N TYR A 27 9.29 -18.52 -3.75
CA TYR A 27 10.35 -17.53 -3.91
C TYR A 27 11.59 -17.89 -3.11
N GLY A 28 11.38 -18.49 -1.95
CA GLY A 28 12.51 -18.86 -1.12
C GLY A 28 12.11 -19.51 0.20
N THR A 29 13.11 -19.75 1.04
CA THR A 29 12.90 -20.35 2.34
C THR A 29 12.03 -19.47 3.23
N VAL A 30 12.13 -18.16 3.02
CA VAL A 30 11.39 -17.20 3.82
C VAL A 30 11.97 -17.23 5.23
N THR A 31 12.98 -16.39 5.46
CA THR A 31 13.68 -16.34 6.73
C THR A 31 12.74 -16.08 7.90
N ASP A 32 11.89 -15.07 7.77
CA ASP A 32 10.95 -14.73 8.84
C ASP A 32 9.60 -14.29 8.31
N LEU A 33 8.55 -14.77 8.96
CA LEU A 33 7.19 -14.44 8.59
C LEU A 33 6.51 -13.65 9.70
N LYS A 34 5.85 -12.55 9.34
CA LYS A 34 5.18 -11.73 10.34
C LYS A 34 3.76 -11.34 9.93
N ILE A 35 2.80 -11.70 10.78
CA ILE A 35 1.41 -11.34 10.57
C ILE A 35 0.86 -10.69 11.84
N MET A 36 0.22 -9.55 11.68
CA MET A 36 -0.36 -8.84 12.81
C MET A 36 -1.81 -9.27 12.98
N LYS A 37 -2.18 -9.72 14.17
CA LYS A 37 -3.54 -10.16 14.43
C LYS A 37 -4.16 -9.45 15.62
N ASP A 38 -5.48 -9.34 15.63
CA ASP A 38 -6.21 -8.71 16.72
C ASP A 38 -7.23 -9.68 17.29
N PRO A 39 -6.76 -10.74 17.97
CA PRO A 39 -7.62 -11.76 18.57
C PRO A 39 -8.56 -11.20 19.63
N ALA A 40 -8.17 -10.09 20.24
CA ALA A 40 -8.98 -9.47 21.28
C ALA A 40 -10.35 -9.06 20.75
N THR A 41 -10.35 -8.40 19.60
CA THR A 41 -11.59 -7.97 18.96
C THR A 41 -12.01 -8.97 17.90
N GLY A 42 -11.18 -9.98 17.69
CA GLY A 42 -11.48 -11.00 16.69
C GLY A 42 -11.22 -10.49 15.28
N ARG A 43 -10.34 -9.50 15.17
CA ARG A 43 -9.99 -8.90 13.89
C ARG A 43 -8.49 -9.04 13.63
N SER A 44 -8.09 -8.93 12.39
CA SER A 44 -6.67 -9.03 12.06
C SER A 44 -6.23 -7.83 11.22
N ARG A 45 -4.94 -7.50 11.29
CA ARG A 45 -4.42 -6.36 10.54
C ARG A 45 -4.70 -6.50 9.05
N GLY A 46 -4.67 -7.73 8.55
CA GLY A 46 -4.92 -7.96 7.15
C GLY A 46 -3.65 -7.83 6.32
N PHE A 47 -2.54 -7.64 7.02
CA PHE A 47 -1.24 -7.49 6.38
C PHE A 47 -0.14 -8.11 7.23
N GLY A 48 0.96 -8.47 6.60
CA GLY A 48 2.07 -9.06 7.31
C GLY A 48 3.39 -8.74 6.67
N PHE A 49 4.49 -9.00 7.38
CA PHE A 49 5.80 -8.74 6.84
C PHE A 49 6.47 -10.06 6.47
N LEU A 50 6.94 -10.13 5.23
CA LEU A 50 7.57 -11.33 4.72
C LEU A 50 9.08 -11.13 4.55
N SER A 51 9.88 -12.06 5.07
CA SER A 51 11.34 -11.93 4.94
C SER A 51 11.95 -13.13 4.20
N PHE A 52 12.93 -12.86 3.34
CA PHE A 52 13.62 -13.92 2.59
C PHE A 52 15.11 -13.93 2.89
N GLU A 53 15.70 -15.12 2.96
CA GLU A 53 17.12 -15.25 3.19
C GLU A 53 17.92 -14.64 2.04
N LYS A 54 17.37 -14.77 0.83
CA LYS A 54 18.01 -14.23 -0.37
C LYS A 54 17.21 -13.05 -0.92
N PRO A 55 17.83 -11.85 -1.00
CA PRO A 55 17.16 -10.64 -1.51
C PRO A 55 16.61 -10.82 -2.93
N SER A 56 17.25 -11.68 -3.71
CA SER A 56 16.82 -11.93 -5.09
C SER A 56 15.38 -12.41 -5.14
N SER A 57 14.98 -13.20 -4.14
CA SER A 57 13.62 -13.72 -4.10
C SER A 57 12.61 -12.59 -4.02
N VAL A 58 13.02 -11.48 -3.40
CA VAL A 58 12.15 -10.32 -3.25
C VAL A 58 11.78 -9.74 -4.62
N ASP A 59 12.74 -9.72 -5.54
CA ASP A 59 12.50 -9.18 -6.88
C ASP A 59 11.32 -9.89 -7.56
N GLU A 60 11.26 -11.20 -7.41
CA GLU A 60 10.19 -12.00 -7.99
C GLU A 60 8.83 -11.72 -7.35
N VAL A 61 8.83 -11.43 -6.05
CA VAL A 61 7.60 -11.18 -5.34
C VAL A 61 6.90 -9.93 -5.88
N VAL A 62 7.66 -8.87 -6.08
CA VAL A 62 7.10 -7.63 -6.57
C VAL A 62 6.65 -7.70 -8.02
N LYS A 63 7.46 -8.32 -8.86
CA LYS A 63 7.17 -8.44 -10.29
C LYS A 63 5.86 -9.17 -10.57
N THR A 64 5.56 -10.18 -9.76
CA THR A 64 4.36 -10.98 -9.96
C THR A 64 3.19 -10.55 -9.08
N GLN A 65 1.99 -10.64 -9.63
CA GLN A 65 0.76 -10.31 -8.90
C GLN A 65 0.45 -11.46 -7.96
N HIS A 66 -0.14 -11.17 -6.80
CA HIS A 66 -0.40 -12.25 -5.84
C HIS A 66 -1.84 -12.33 -5.38
N ILE A 67 -2.37 -13.55 -5.40
CA ILE A 67 -3.70 -13.83 -4.92
C ILE A 67 -3.61 -14.88 -3.81
N LEU A 68 -3.97 -14.51 -2.59
CA LEU A 68 -3.89 -15.46 -1.48
C LEU A 68 -5.25 -15.66 -0.81
N ASP A 69 -5.65 -16.93 -0.69
CA ASP A 69 -6.93 -17.28 -0.06
C ASP A 69 -8.10 -16.55 -0.70
N GLY A 70 -8.11 -16.47 -2.03
CA GLY A 70 -9.20 -15.81 -2.72
C GLY A 70 -9.16 -14.30 -2.60
N LYS A 71 -8.01 -13.77 -2.23
CA LYS A 71 -7.87 -12.32 -2.07
C LYS A 71 -6.66 -11.80 -2.86
N VAL A 72 -6.72 -10.54 -3.26
CA VAL A 72 -5.63 -9.94 -4.01
C VAL A 72 -4.76 -9.09 -3.10
N ILE A 73 -3.46 -9.30 -3.17
CA ILE A 73 -2.51 -8.57 -2.34
C ILE A 73 -1.41 -7.91 -3.18
N ASP A 74 -0.77 -6.90 -2.61
CA ASP A 74 0.32 -6.21 -3.29
C ASP A 74 1.57 -6.14 -2.42
N PRO A 75 2.33 -7.24 -2.37
CA PRO A 75 3.56 -7.32 -1.58
C PRO A 75 4.59 -6.30 -2.03
N LYS A 76 5.11 -5.50 -1.09
CA LYS A 76 6.10 -4.48 -1.40
C LYS A 76 7.26 -4.54 -0.41
N ARG A 77 8.42 -4.04 -0.81
CA ARG A 77 9.59 -4.06 0.05
C ARG A 77 9.34 -3.30 1.35
N ALA A 78 9.79 -3.90 2.46
CA ALA A 78 9.64 -3.29 3.78
C ALA A 78 10.48 -2.02 3.91
N ILE A 79 9.95 -1.03 4.63
CA ILE A 79 10.65 0.22 4.84
C ILE A 79 11.01 0.41 6.31
N PRO A 80 12.29 0.62 6.64
CA PRO A 80 12.71 0.84 8.02
C PRO A 80 11.92 1.97 8.66
N ARG A 81 11.73 1.91 9.97
CA ARG A 81 10.96 2.93 10.67
C ARG A 81 11.49 4.33 10.39
N ASP A 82 12.80 4.48 10.28
CA ASP A 82 13.36 5.79 10.00
C ASP A 82 12.85 6.30 8.66
N GLU A 83 12.81 5.42 7.67
CA GLU A 83 12.30 5.78 6.34
C GLU A 83 10.79 5.94 6.35
N GLN A 84 10.10 5.07 7.10
CA GLN A 84 8.65 5.14 7.18
C GLN A 84 8.20 6.46 7.76
N ASP A 85 8.93 6.95 8.76
CA ASP A 85 8.62 8.22 9.39
C ASP A 85 8.73 9.38 8.40
N LYS A 86 9.75 9.31 7.54
CA LYS A 86 9.99 10.35 6.54
C LYS A 86 8.82 10.49 5.58
N THR A 87 8.22 9.36 5.22
CA THR A 87 7.10 9.37 4.28
C THR A 87 5.78 9.68 4.99
N GLY A 88 4.79 10.08 4.20
CA GLY A 88 3.49 10.40 4.75
C GLY A 88 2.39 10.22 3.73
N LYS A 89 1.50 9.26 3.99
CA LYS A 89 0.39 8.97 3.09
C LYS A 89 -0.81 9.88 3.37
N ILE A 90 -1.39 10.44 2.32
CA ILE A 90 -2.53 11.33 2.48
C ILE A 90 -3.78 10.78 1.79
N PHE A 91 -4.92 11.32 2.16
CA PHE A 91 -6.20 10.92 1.61
C PHE A 91 -6.72 11.94 0.59
N VAL A 92 -7.25 11.43 -0.52
CA VAL A 92 -7.79 12.28 -1.57
C VAL A 92 -9.18 11.82 -2.01
N GLY A 93 -10.00 12.79 -2.39
CA GLY A 93 -11.32 12.51 -2.86
C GLY A 93 -11.59 13.20 -4.17
N GLY A 94 -12.71 12.91 -4.81
CA GLY A 94 -13.02 13.54 -6.07
C GLY A 94 -12.38 12.84 -7.25
N ILE A 95 -12.17 11.53 -7.11
CA ILE A 95 -11.57 10.74 -8.18
C ILE A 95 -12.59 9.80 -8.78
N GLY A 96 -12.64 9.77 -10.11
CA GLY A 96 -13.58 8.90 -10.81
C GLY A 96 -12.89 7.94 -11.76
N PRO A 97 -13.63 6.99 -12.35
CA PRO A 97 -13.05 6.02 -13.28
C PRO A 97 -12.30 6.72 -14.42
N ASP A 98 -12.77 7.89 -14.79
CA ASP A 98 -12.14 8.69 -15.84
C ASP A 98 -10.69 9.00 -15.46
N VAL A 99 -10.48 9.24 -14.17
CA VAL A 99 -9.15 9.57 -13.66
C VAL A 99 -8.13 8.47 -13.95
N ARG A 100 -8.51 7.22 -13.74
CA ARG A 100 -7.57 6.12 -13.95
C ARG A 100 -6.37 6.29 -13.04
N PRO A 101 -5.83 5.19 -12.48
CA PRO A 101 -4.68 5.26 -11.58
C PRO A 101 -3.49 6.01 -12.17
N LYS A 102 -3.37 5.98 -13.49
CA LYS A 102 -2.25 6.65 -14.16
C LYS A 102 -2.25 8.16 -13.92
N GLU A 103 -3.42 8.80 -14.06
CA GLU A 103 -3.52 10.25 -13.86
C GLU A 103 -3.32 10.63 -12.40
N PHE A 104 -3.86 9.80 -11.52
CA PHE A 104 -3.77 10.04 -10.09
C PHE A 104 -2.32 10.06 -9.61
N GLU A 105 -1.55 9.08 -10.03
CA GLU A 105 -0.14 9.00 -9.62
C GLU A 105 0.67 10.17 -10.17
N GLU A 106 0.41 10.53 -11.44
CA GLU A 106 1.13 11.64 -12.07
C GLU A 106 0.62 12.98 -11.57
N PHE A 107 -0.67 13.04 -11.27
CA PHE A 107 -1.29 14.27 -10.79
C PHE A 107 -0.70 14.71 -9.46
N PHE A 108 -0.73 13.82 -8.47
CA PHE A 108 -0.20 14.12 -7.15
C PHE A 108 1.33 14.27 -7.21
N SER A 109 1.94 13.66 -8.22
CA SER A 109 3.39 13.71 -8.38
C SER A 109 3.92 15.14 -8.44
N GLN A 110 3.10 16.05 -8.96
CA GLN A 110 3.50 17.45 -9.08
C GLN A 110 3.97 18.02 -7.74
N TRP A 111 3.34 17.60 -6.64
CA TRP A 111 3.75 18.08 -5.31
C TRP A 111 4.29 16.94 -4.45
N GLY A 112 5.20 16.16 -5.03
CA GLY A 112 5.80 15.05 -4.31
C GLY A 112 6.16 13.89 -5.22
N THR A 113 7.25 13.20 -4.89
CA THR A 113 7.71 12.06 -5.67
C THR A 113 6.66 10.95 -5.75
N ILE A 114 5.94 10.75 -4.64
CA ILE A 114 4.92 9.71 -4.58
C ILE A 114 5.53 8.32 -4.58
N ILE A 115 5.95 7.84 -3.42
CA ILE A 115 6.53 6.52 -3.32
C ILE A 115 5.59 5.44 -3.85
N ASP A 116 4.32 5.52 -3.48
CA ASP A 116 3.34 4.54 -3.95
C ASP A 116 1.89 5.04 -3.80
N ALA A 117 1.36 5.64 -4.87
CA ALA A 117 -0.01 6.13 -4.87
C ALA A 117 -0.91 5.18 -5.65
N GLN A 118 -2.08 4.85 -5.10
CA GLN A 118 -2.99 3.95 -5.78
C GLN A 118 -4.45 4.35 -5.57
N LEU A 119 -5.29 3.93 -6.52
CA LEU A 119 -6.72 4.22 -6.50
C LEU A 119 -7.42 3.54 -5.30
N MET A 120 -7.01 2.32 -4.98
CA MET A 120 -7.57 1.52 -3.87
C MET A 120 -8.66 0.58 -4.39
N LEU A 121 -8.42 -0.72 -4.27
CA LEU A 121 -9.39 -1.70 -4.72
C LEU A 121 -9.83 -2.60 -3.56
N ASP A 122 -11.11 -2.55 -3.20
CA ASP A 122 -11.63 -3.39 -2.14
C ASP A 122 -11.52 -4.86 -2.56
N LYS A 123 -11.80 -5.07 -3.84
CA LYS A 123 -11.73 -6.38 -4.46
C LYS A 123 -11.36 -6.22 -5.93
N ASP A 124 -12.09 -5.33 -6.59
CA ASP A 124 -11.84 -5.03 -8.00
C ASP A 124 -12.22 -3.58 -8.32
N THR A 125 -13.46 -3.20 -8.00
CA THR A 125 -13.93 -1.84 -8.26
C THR A 125 -14.51 -1.18 -7.00
N GLY A 126 -14.24 -1.78 -5.83
CA GLY A 126 -14.77 -1.23 -4.59
C GLY A 126 -14.37 0.21 -4.34
N GLN A 127 -13.16 0.40 -3.85
CA GLN A 127 -12.62 1.72 -3.55
C GLN A 127 -12.05 2.38 -4.80
N SER A 128 -12.17 1.68 -5.94
CA SER A 128 -11.66 2.17 -7.21
C SER A 128 -12.32 3.48 -7.61
N ARG A 129 -13.54 3.71 -7.14
CA ARG A 129 -14.26 4.92 -7.49
C ARG A 129 -14.60 5.75 -6.25
N GLY A 130 -14.59 7.07 -6.44
CA GLY A 130 -14.92 7.98 -5.35
C GLY A 130 -13.71 8.60 -4.67
N PHE A 131 -12.67 7.81 -4.39
CA PHE A 131 -11.50 8.36 -3.73
C PHE A 131 -10.21 7.65 -4.12
N GLY A 132 -9.08 8.28 -3.80
CA GLY A 132 -7.78 7.70 -4.11
C GLY A 132 -6.81 7.79 -2.94
N PHE A 133 -5.76 6.97 -2.99
CA PHE A 133 -4.75 6.94 -1.93
C PHE A 133 -3.36 7.32 -2.48
N VAL A 134 -2.71 8.30 -1.86
CA VAL A 134 -1.37 8.71 -2.29
C VAL A 134 -0.37 8.65 -1.14
N THR A 135 0.81 8.11 -1.43
CA THR A 135 1.87 8.02 -0.46
C THR A 135 3.02 8.90 -0.92
N TYR A 136 3.59 9.68 -0.01
CA TYR A 136 4.68 10.58 -0.36
C TYR A 136 5.99 10.21 0.32
N ASP A 137 7.06 10.26 -0.46
CA ASP A 137 8.39 9.96 0.06
C ASP A 137 8.72 10.87 1.22
N SER A 138 8.25 12.11 1.13
CA SER A 138 8.49 13.09 2.18
C SER A 138 7.20 13.65 2.74
N ALA A 139 7.16 13.82 4.06
CA ALA A 139 6.00 14.35 4.74
C ALA A 139 5.73 15.80 4.31
N ASP A 140 6.79 16.51 3.97
CA ASP A 140 6.68 17.90 3.54
C ASP A 140 5.70 18.06 2.38
N ALA A 141 5.66 17.06 1.50
CA ALA A 141 4.77 17.12 0.34
C ALA A 141 3.31 17.24 0.76
N VAL A 142 2.92 16.56 1.83
CA VAL A 142 1.54 16.62 2.30
C VAL A 142 1.15 18.06 2.64
N ASP A 143 2.10 18.79 3.21
CA ASP A 143 1.87 20.19 3.58
C ASP A 143 1.56 21.04 2.34
N ARG A 144 2.25 20.74 1.25
CA ARG A 144 2.07 21.50 0.01
C ARG A 144 0.63 21.47 -0.47
N VAL A 145 0.04 20.28 -0.40
CA VAL A 145 -1.33 20.10 -0.85
C VAL A 145 -2.32 20.77 0.09
N CYS A 146 -2.02 20.75 1.39
CA CYS A 146 -2.90 21.36 2.38
C CYS A 146 -3.07 22.85 2.12
N GLN A 147 -1.96 23.52 1.81
CA GLN A 147 -1.99 24.94 1.51
C GLN A 147 -2.85 25.20 0.27
N ASN A 148 -2.82 24.24 -0.65
CA ASN A 148 -3.58 24.34 -1.90
C ASN A 148 -5.02 23.84 -1.72
N LYS A 149 -5.40 23.49 -0.49
CA LYS A 149 -6.74 22.97 -0.18
C LYS A 149 -7.24 22.06 -1.30
N PHE A 150 -7.77 22.65 -2.37
CA PHE A 150 -8.27 21.88 -3.50
C PHE A 150 -7.34 22.05 -4.69
N ILE A 151 -7.17 20.98 -5.45
CA ILE A 151 -6.33 21.01 -6.64
C ILE A 151 -7.16 20.73 -7.87
N ASP A 152 -6.90 21.48 -8.94
CA ASP A 152 -7.62 21.28 -10.18
C ASP A 152 -7.11 20.03 -10.89
N PHE A 153 -7.97 19.02 -11.01
CA PHE A 153 -7.56 17.78 -11.63
C PHE A 153 -8.16 17.61 -13.04
N LYS A 154 -9.11 16.68 -13.19
CA LYS A 154 -9.73 16.42 -14.49
C LYS A 154 -10.41 17.67 -15.05
N ASP A 155 -11.02 18.44 -14.18
CA ASP A 155 -11.72 19.66 -14.56
C ASP A 155 -12.33 20.36 -13.35
N ARG A 156 -12.64 19.59 -12.32
CA ARG A 156 -13.21 20.13 -11.10
C ARG A 156 -12.21 19.98 -9.95
N LYS A 157 -12.34 20.86 -8.97
CA LYS A 157 -11.44 20.85 -7.83
C LYS A 157 -11.71 19.66 -6.92
N ILE A 158 -10.65 19.05 -6.41
CA ILE A 158 -10.78 17.90 -5.52
C ILE A 158 -10.24 18.26 -4.14
N GLU A 159 -10.76 17.61 -3.10
CA GLU A 159 -10.32 17.89 -1.75
C GLU A 159 -9.34 16.82 -1.26
N ILE A 160 -8.23 17.27 -0.70
CA ILE A 160 -7.21 16.36 -0.20
C ILE A 160 -6.98 16.57 1.30
N LYS A 161 -7.04 15.48 2.04
CA LYS A 161 -6.87 15.54 3.49
C LYS A 161 -5.90 14.45 3.96
N ARG A 162 -5.13 14.75 5.01
CA ARG A 162 -4.17 13.79 5.54
C ARG A 162 -4.85 12.44 5.79
N ALA A 163 -4.08 11.36 5.66
CA ALA A 163 -4.61 10.02 5.86
C ALA A 163 -5.28 9.87 7.21
N GLU A 164 -6.39 9.13 7.23
CA GLU A 164 -7.15 8.91 8.45
C GLU A 164 -7.09 7.44 8.86
N PRO A 165 -6.52 7.14 10.04
CA PRO A 165 -6.43 5.76 10.54
C PRO A 165 -7.79 5.08 10.61
N ARG A 166 -8.84 5.89 10.66
CA ARG A 166 -10.22 5.38 10.73
C ARG A 166 -10.46 4.66 12.05
N HIS A 167 -9.85 3.48 12.18
CA HIS A 167 -10.00 2.66 13.38
C HIS A 167 -9.20 1.37 13.26
N LYS A 1 22.68 -7.64 3.03
CA LYS A 1 21.52 -8.38 3.60
C LYS A 1 20.74 -7.52 4.59
N GLU A 2 21.05 -6.22 4.62
CA GLU A 2 20.38 -5.29 5.53
C GLU A 2 18.88 -5.24 5.23
N SER A 3 18.52 -5.39 3.97
CA SER A 3 17.12 -5.35 3.55
C SER A 3 16.71 -6.65 2.89
N CYS A 4 15.45 -7.03 3.09
CA CYS A 4 14.92 -8.27 2.50
C CYS A 4 13.46 -8.48 2.91
N LYS A 5 13.06 -7.92 4.06
CA LYS A 5 11.69 -8.07 4.55
C LYS A 5 10.71 -7.40 3.59
N MET A 6 9.57 -8.06 3.37
CA MET A 6 8.55 -7.56 2.47
C MET A 6 7.25 -7.23 3.21
N PHE A 7 6.50 -6.26 2.67
CA PHE A 7 5.23 -5.88 3.26
C PHE A 7 4.08 -6.42 2.42
N ILE A 8 3.16 -7.14 3.04
CA ILE A 8 2.04 -7.71 2.31
C ILE A 8 0.72 -7.20 2.86
N GLY A 9 -0.13 -6.66 2.00
CA GLY A 9 -1.41 -6.15 2.44
C GLY A 9 -2.57 -6.89 1.80
N GLY A 10 -3.66 -6.99 2.54
CA GLY A 10 -4.83 -7.66 2.01
C GLY A 10 -4.68 -9.18 2.05
N LEU A 11 -4.03 -9.68 3.10
CA LEU A 11 -3.80 -11.11 3.27
C LEU A 11 -5.09 -11.91 3.31
N ASN A 12 -6.15 -11.33 3.89
CA ASN A 12 -7.45 -11.99 4.04
C ASN A 12 -7.61 -12.49 5.48
N TRP A 13 -7.11 -11.69 6.42
CA TRP A 13 -7.18 -11.97 7.86
C TRP A 13 -6.90 -13.44 8.20
N ASP A 14 -7.84 -14.31 7.82
CA ASP A 14 -7.75 -15.75 8.08
C ASP A 14 -6.45 -16.39 7.57
N THR A 15 -5.91 -15.83 6.49
CA THR A 15 -4.70 -16.37 5.87
C THR A 15 -3.61 -16.74 6.88
N THR A 16 -3.46 -16.00 7.95
CA THR A 16 -2.41 -16.30 8.94
C THR A 16 -1.03 -16.39 8.27
N GLU A 17 0.02 -16.35 9.08
CA GLU A 17 1.39 -16.38 8.58
C GLU A 17 1.72 -17.69 7.86
N ASP A 18 1.17 -18.80 8.32
CA ASP A 18 1.48 -20.10 7.73
C ASP A 18 1.07 -20.21 6.26
N ASN A 19 -0.08 -19.66 5.90
CA ASN A 19 -0.54 -19.72 4.51
C ASN A 19 0.38 -18.98 3.56
N LEU A 20 0.92 -17.83 4.00
CA LEU A 20 1.83 -17.06 3.15
C LEU A 20 3.08 -17.85 2.83
N ARG A 21 3.58 -18.57 3.82
CA ARG A 21 4.78 -19.35 3.64
C ARG A 21 4.62 -20.33 2.49
N GLU A 22 3.46 -20.95 2.41
CA GLU A 22 3.21 -21.91 1.35
C GLU A 22 3.12 -21.18 0.01
N TYR A 23 2.41 -20.05 0.00
CA TYR A 23 2.25 -19.24 -1.21
C TYR A 23 3.58 -18.65 -1.68
N PHE A 24 4.32 -18.09 -0.74
CA PHE A 24 5.60 -17.47 -1.05
C PHE A 24 6.76 -18.46 -0.92
N GLY A 25 6.47 -19.68 -0.48
CA GLY A 25 7.50 -20.69 -0.34
C GLY A 25 8.18 -21.00 -1.66
N LYS A 26 7.42 -20.88 -2.74
CA LYS A 26 7.92 -21.16 -4.09
C LYS A 26 9.15 -20.30 -4.41
N TYR A 27 9.05 -19.05 -4.00
CA TYR A 27 10.09 -18.06 -4.24
C TYR A 27 11.36 -18.38 -3.47
N GLY A 28 11.20 -18.95 -2.28
CA GLY A 28 12.35 -19.28 -1.49
C GLY A 28 12.00 -19.95 -0.18
N THR A 29 13.04 -20.23 0.61
CA THR A 29 12.87 -20.87 1.91
C THR A 29 12.03 -20.00 2.82
N VAL A 30 12.13 -18.70 2.65
CA VAL A 30 11.41 -17.75 3.49
C VAL A 30 11.94 -17.86 4.91
N THR A 31 12.89 -17.00 5.25
CA THR A 31 13.51 -17.01 6.56
C THR A 31 12.51 -16.71 7.68
N ASP A 32 11.68 -15.68 7.48
CA ASP A 32 10.70 -15.32 8.51
C ASP A 32 9.36 -14.90 7.93
N LEU A 33 8.32 -15.08 8.74
CA LEU A 33 6.96 -14.72 8.38
C LEU A 33 6.35 -13.88 9.51
N LYS A 34 5.76 -12.72 9.17
CA LYS A 34 5.18 -11.89 10.22
C LYS A 34 3.83 -11.30 9.88
N ILE A 35 2.82 -11.69 10.65
CA ILE A 35 1.49 -11.14 10.53
C ILE A 35 1.03 -10.67 11.90
N MET A 36 0.52 -9.46 11.96
CA MET A 36 0.07 -8.92 13.22
C MET A 36 -1.30 -9.49 13.56
N LYS A 37 -1.30 -10.51 14.42
CA LYS A 37 -2.54 -11.18 14.82
C LYS A 37 -3.15 -10.49 16.03
N ASP A 38 -4.46 -10.61 16.17
CA ASP A 38 -5.17 -10.00 17.29
C ASP A 38 -6.00 -11.04 18.05
N PRO A 39 -5.35 -11.84 18.91
CA PRO A 39 -6.04 -12.87 19.70
C PRO A 39 -7.14 -12.28 20.58
N ALA A 40 -7.01 -10.99 20.90
CA ALA A 40 -8.00 -10.32 21.74
C ALA A 40 -9.28 -10.02 20.97
N THR A 41 -9.22 -9.02 20.08
CA THR A 41 -10.38 -8.65 19.28
C THR A 41 -10.71 -9.75 18.28
N GLY A 42 -9.70 -10.51 17.89
CA GLY A 42 -9.91 -11.60 16.95
C GLY A 42 -9.73 -11.20 15.49
N ARG A 43 -9.25 -9.98 15.25
CA ARG A 43 -9.06 -9.53 13.87
C ARG A 43 -7.62 -9.10 13.63
N SER A 44 -6.98 -9.75 12.67
CA SER A 44 -5.59 -9.46 12.31
C SER A 44 -5.48 -8.16 11.52
N ARG A 45 -4.27 -7.60 11.48
CA ARG A 45 -4.00 -6.38 10.74
C ARG A 45 -4.41 -6.53 9.28
N GLY A 46 -4.25 -7.74 8.75
CA GLY A 46 -4.59 -8.00 7.36
C GLY A 46 -3.38 -7.92 6.45
N PHE A 47 -2.26 -7.52 7.03
CA PHE A 47 -1.00 -7.41 6.30
C PHE A 47 0.11 -8.04 7.12
N GLY A 48 1.15 -8.48 6.44
CA GLY A 48 2.25 -9.10 7.14
C GLY A 48 3.57 -8.83 6.47
N PHE A 49 4.63 -9.15 7.18
CA PHE A 49 5.96 -8.95 6.66
C PHE A 49 6.59 -10.29 6.31
N LEU A 50 7.06 -10.42 5.08
CA LEU A 50 7.65 -11.68 4.62
C LEU A 50 9.16 -11.53 4.44
N SER A 51 9.93 -12.47 4.97
CA SER A 51 11.37 -12.41 4.86
C SER A 51 11.94 -13.66 4.15
N PHE A 52 12.87 -13.42 3.22
CA PHE A 52 13.52 -14.52 2.50
C PHE A 52 15.01 -14.56 2.80
N GLU A 53 15.57 -15.75 2.88
CA GLU A 53 16.99 -15.90 3.13
C GLU A 53 17.77 -15.24 1.99
N LYS A 54 17.21 -15.33 0.80
CA LYS A 54 17.80 -14.73 -0.40
C LYS A 54 16.92 -13.60 -0.92
N PRO A 55 17.42 -12.35 -0.91
CA PRO A 55 16.64 -11.18 -1.38
C PRO A 55 16.14 -11.33 -2.81
N SER A 56 16.82 -12.18 -3.60
CA SER A 56 16.43 -12.39 -5.00
C SER A 56 14.98 -12.87 -5.11
N SER A 57 14.56 -13.72 -4.19
CA SER A 57 13.18 -14.24 -4.20
C SER A 57 12.18 -13.10 -4.16
N VAL A 58 12.55 -12.03 -3.45
CA VAL A 58 11.69 -10.87 -3.33
C VAL A 58 11.43 -10.27 -4.71
N ASP A 59 12.46 -10.25 -5.55
CA ASP A 59 12.35 -9.70 -6.89
C ASP A 59 11.24 -10.40 -7.69
N GLU A 60 11.15 -11.72 -7.56
CA GLU A 60 10.12 -12.48 -8.25
C GLU A 60 8.72 -12.13 -7.76
N VAL A 61 8.63 -11.86 -6.46
CA VAL A 61 7.36 -11.55 -5.85
C VAL A 61 6.70 -10.31 -6.46
N VAL A 62 7.47 -9.26 -6.69
CA VAL A 62 6.91 -8.04 -7.27
C VAL A 62 6.57 -8.18 -8.75
N LYS A 63 7.39 -8.93 -9.47
CA LYS A 63 7.17 -9.13 -10.90
C LYS A 63 5.83 -9.78 -11.19
N THR A 64 5.36 -10.60 -10.26
CA THR A 64 4.10 -11.33 -10.44
C THR A 64 3.00 -10.83 -9.50
N GLN A 65 1.77 -10.84 -10.02
CA GLN A 65 0.60 -10.44 -9.25
C GLN A 65 0.21 -11.59 -8.34
N HIS A 66 -0.29 -11.28 -7.15
CA HIS A 66 -0.60 -12.34 -6.20
C HIS A 66 -2.06 -12.37 -5.76
N ILE A 67 -2.65 -13.56 -5.85
CA ILE A 67 -4.01 -13.78 -5.40
C ILE A 67 -3.97 -14.89 -4.35
N LEU A 68 -4.27 -14.57 -3.11
CA LEU A 68 -4.23 -15.57 -2.05
C LEU A 68 -5.59 -15.70 -1.35
N ASP A 69 -6.12 -16.92 -1.33
CA ASP A 69 -7.40 -17.21 -0.70
C ASP A 69 -8.53 -16.30 -1.20
N GLY A 70 -8.57 -16.07 -2.51
CA GLY A 70 -9.61 -15.24 -3.08
C GLY A 70 -9.37 -13.75 -2.93
N LYS A 71 -8.18 -13.37 -2.48
CA LYS A 71 -7.83 -11.96 -2.30
C LYS A 71 -6.58 -11.61 -3.08
N VAL A 72 -6.50 -10.34 -3.49
CA VAL A 72 -5.35 -9.87 -4.24
C VAL A 72 -4.47 -8.99 -3.37
N ILE A 73 -3.17 -9.24 -3.41
CA ILE A 73 -2.22 -8.48 -2.61
C ILE A 73 -1.14 -7.86 -3.49
N ASP A 74 -0.49 -6.82 -2.96
CA ASP A 74 0.57 -6.13 -3.68
C ASP A 74 1.84 -6.07 -2.83
N PRO A 75 2.61 -7.18 -2.85
CA PRO A 75 3.85 -7.29 -2.08
C PRO A 75 4.82 -6.15 -2.40
N LYS A 76 5.35 -5.52 -1.36
CA LYS A 76 6.30 -4.41 -1.51
C LYS A 76 7.41 -4.51 -0.47
N ARG A 77 8.62 -4.14 -0.85
CA ARG A 77 9.76 -4.21 0.06
C ARG A 77 9.45 -3.48 1.37
N ALA A 78 9.93 -4.05 2.49
CA ALA A 78 9.70 -3.48 3.81
C ALA A 78 10.49 -2.18 4.00
N ILE A 79 9.88 -1.23 4.71
CA ILE A 79 10.51 0.04 4.99
C ILE A 79 10.77 0.21 6.49
N PRO A 80 12.03 0.44 6.90
CA PRO A 80 12.35 0.63 8.32
C PRO A 80 11.43 1.65 8.96
N ARG A 81 11.17 1.49 10.25
CA ARG A 81 10.26 2.39 10.96
C ARG A 81 10.70 3.85 10.81
N ASP A 82 12.01 4.09 10.86
CA ASP A 82 12.52 5.45 10.73
C ASP A 82 12.23 6.04 9.34
N GLU A 83 12.32 5.21 8.31
CA GLU A 83 12.05 5.68 6.95
C GLU A 83 10.58 6.03 6.76
N GLN A 84 9.70 5.26 7.39
CA GLN A 84 8.26 5.51 7.29
C GLN A 84 7.92 6.90 7.81
N ASP A 85 8.63 7.31 8.87
CA ASP A 85 8.41 8.62 9.46
C ASP A 85 8.70 9.72 8.44
N LYS A 86 9.74 9.52 7.65
CA LYS A 86 10.13 10.48 6.62
C LYS A 86 9.01 10.69 5.61
N THR A 87 8.29 9.62 5.30
CA THR A 87 7.20 9.67 4.34
C THR A 87 5.88 10.02 5.01
N GLY A 88 4.91 10.44 4.19
CA GLY A 88 3.61 10.78 4.71
C GLY A 88 2.49 10.25 3.84
N LYS A 89 1.26 10.29 4.35
CA LYS A 89 0.12 9.79 3.60
C LYS A 89 -1.05 10.78 3.67
N ILE A 90 -1.67 11.08 2.52
CA ILE A 90 -2.79 12.00 2.51
C ILE A 90 -4.01 11.34 1.89
N PHE A 91 -5.18 11.85 2.23
CA PHE A 91 -6.43 11.31 1.72
C PHE A 91 -6.91 12.11 0.52
N VAL A 92 -7.26 11.41 -0.54
CA VAL A 92 -7.73 12.05 -1.76
C VAL A 92 -9.10 11.55 -2.18
N GLY A 93 -9.95 12.48 -2.59
CA GLY A 93 -11.29 12.14 -3.02
C GLY A 93 -11.59 12.70 -4.39
N GLY A 94 -12.73 12.35 -4.95
CA GLY A 94 -13.08 12.84 -6.27
C GLY A 94 -12.42 12.03 -7.35
N ILE A 95 -12.28 10.73 -7.11
CA ILE A 95 -11.64 9.83 -8.05
C ILE A 95 -12.66 8.88 -8.66
N GLY A 96 -12.66 8.77 -9.99
CA GLY A 96 -13.61 7.89 -10.66
C GLY A 96 -13.23 7.61 -12.12
N PRO A 97 -13.96 8.18 -13.08
CA PRO A 97 -13.70 7.96 -14.51
C PRO A 97 -12.32 8.45 -14.96
N ASP A 98 -11.66 7.65 -15.79
CA ASP A 98 -10.34 7.97 -16.32
C ASP A 98 -9.35 8.37 -15.24
N VAL A 99 -9.35 7.63 -14.13
CA VAL A 99 -8.43 7.91 -13.03
C VAL A 99 -7.54 6.73 -12.71
N ARG A 100 -7.26 5.87 -13.70
CA ARG A 100 -6.42 4.71 -13.48
C ARG A 100 -5.23 5.09 -12.60
N PRO A 101 -4.63 4.12 -11.89
CA PRO A 101 -3.51 4.41 -11.00
C PRO A 101 -2.40 5.19 -11.69
N LYS A 102 -2.29 5.04 -13.01
CA LYS A 102 -1.28 5.77 -13.76
C LYS A 102 -1.51 7.28 -13.66
N GLU A 103 -2.75 7.72 -13.86
CA GLU A 103 -3.08 9.14 -13.77
C GLU A 103 -2.99 9.65 -12.35
N PHE A 104 -3.46 8.83 -11.40
CA PHE A 104 -3.42 9.20 -9.99
C PHE A 104 -2.00 9.34 -9.49
N GLU A 105 -1.16 8.36 -9.81
CA GLU A 105 0.23 8.38 -9.39
C GLU A 105 0.98 9.55 -10.02
N GLU A 106 0.70 9.81 -11.30
CA GLU A 106 1.34 10.91 -12.02
C GLU A 106 0.77 12.25 -11.58
N PHE A 107 -0.53 12.26 -11.24
CA PHE A 107 -1.19 13.48 -10.80
C PHE A 107 -0.53 14.06 -9.55
N PHE A 108 -0.50 13.25 -8.50
CA PHE A 108 0.09 13.66 -7.24
C PHE A 108 1.60 13.86 -7.35
N SER A 109 2.22 13.19 -8.32
CA SER A 109 3.65 13.34 -8.54
C SER A 109 3.96 14.81 -8.76
N GLN A 110 2.92 15.54 -9.20
CA GLN A 110 3.00 16.96 -9.44
C GLN A 110 3.67 17.71 -8.29
N TRP A 111 3.39 17.29 -7.05
CA TRP A 111 3.98 17.95 -5.89
C TRP A 111 4.55 16.94 -4.90
N GLY A 112 5.41 16.06 -5.41
CA GLY A 112 6.03 15.06 -4.55
C GLY A 112 6.43 13.80 -5.31
N THR A 113 7.49 13.17 -4.83
CA THR A 113 8.02 11.95 -5.45
C THR A 113 6.97 10.83 -5.45
N ILE A 114 6.20 10.76 -4.38
CA ILE A 114 5.17 9.72 -4.24
C ILE A 114 5.80 8.35 -4.04
N ILE A 115 6.26 8.08 -2.82
CA ILE A 115 6.88 6.80 -2.53
C ILE A 115 5.92 5.63 -2.79
N ASP A 116 4.67 5.76 -2.36
CA ASP A 116 3.69 4.69 -2.56
C ASP A 116 2.25 5.22 -2.60
N ALA A 117 1.80 5.63 -3.78
CA ALA A 117 0.43 6.11 -3.94
C ALA A 117 -0.43 5.04 -4.60
N GLN A 118 -1.64 4.85 -4.08
CA GLN A 118 -2.53 3.85 -4.65
C GLN A 118 -3.98 4.30 -4.67
N LEU A 119 -4.71 3.79 -5.64
CA LEU A 119 -6.12 4.11 -5.81
C LEU A 119 -6.97 3.56 -4.67
N MET A 120 -6.57 2.39 -4.14
CA MET A 120 -7.29 1.71 -3.05
C MET A 120 -8.41 0.83 -3.60
N LEU A 121 -8.66 -0.30 -2.94
CA LEU A 121 -9.71 -1.22 -3.38
C LEU A 121 -9.71 -2.48 -2.54
N ASP A 122 -10.41 -2.47 -1.42
CA ASP A 122 -10.47 -3.63 -0.55
C ASP A 122 -11.04 -4.84 -1.30
N LYS A 123 -12.08 -4.59 -2.09
CA LYS A 123 -12.71 -5.65 -2.86
C LYS A 123 -13.08 -5.17 -4.27
N ASP A 124 -12.75 -6.00 -5.26
CA ASP A 124 -13.05 -5.73 -6.67
C ASP A 124 -13.11 -4.23 -7.03
N THR A 125 -12.13 -3.46 -6.56
CA THR A 125 -12.08 -2.02 -6.88
C THR A 125 -13.19 -1.23 -6.20
N GLY A 126 -13.64 -1.69 -5.04
CA GLY A 126 -14.68 -0.99 -4.33
C GLY A 126 -14.23 0.37 -3.84
N GLN A 127 -13.19 0.36 -3.02
CA GLN A 127 -12.63 1.59 -2.47
C GLN A 127 -12.05 2.48 -3.57
N SER A 128 -11.58 1.86 -4.64
CA SER A 128 -10.97 2.59 -5.76
C SER A 128 -11.92 3.63 -6.33
N ARG A 129 -13.22 3.39 -6.20
CA ARG A 129 -14.20 4.32 -6.72
C ARG A 129 -14.55 5.41 -5.70
N GLY A 130 -14.44 6.66 -6.13
CA GLY A 130 -14.76 7.78 -5.27
C GLY A 130 -13.59 8.39 -4.53
N PHE A 131 -12.63 7.58 -4.08
CA PHE A 131 -11.50 8.14 -3.33
C PHE A 131 -10.19 7.36 -3.58
N GLY A 132 -9.07 8.00 -3.23
CA GLY A 132 -7.76 7.35 -3.40
C GLY A 132 -6.78 7.70 -2.27
N PHE A 133 -5.70 6.91 -2.18
CA PHE A 133 -4.67 7.12 -1.14
C PHE A 133 -3.32 7.53 -1.75
N VAL A 134 -2.71 8.57 -1.20
CA VAL A 134 -1.40 9.05 -1.69
C VAL A 134 -0.34 9.07 -0.60
N THR A 135 0.85 8.59 -0.93
CA THR A 135 1.96 8.57 0.01
C THR A 135 3.10 9.42 -0.55
N TYR A 136 3.72 10.23 0.30
CA TYR A 136 4.80 11.10 -0.14
C TYR A 136 6.11 10.85 0.60
N ASP A 137 7.21 10.90 -0.16
CA ASP A 137 8.54 10.70 0.39
C ASP A 137 8.80 11.71 1.50
N SER A 138 8.29 12.93 1.32
CA SER A 138 8.49 13.98 2.30
C SER A 138 7.17 14.59 2.76
N ALA A 139 7.15 15.03 4.01
CA ALA A 139 5.97 15.66 4.60
C ALA A 139 5.67 16.99 3.92
N ASP A 140 6.71 17.66 3.45
CA ASP A 140 6.56 18.96 2.79
C ASP A 140 5.59 18.88 1.63
N ALA A 141 5.63 17.77 0.88
CA ALA A 141 4.73 17.60 -0.25
C ALA A 141 3.28 17.60 0.21
N VAL A 142 3.03 17.01 1.37
CA VAL A 142 1.69 16.96 1.93
C VAL A 142 1.16 18.36 2.19
N ASP A 143 2.01 19.19 2.77
CA ASP A 143 1.65 20.57 3.10
C ASP A 143 1.30 21.39 1.85
N ARG A 144 2.03 21.15 0.77
CA ARG A 144 1.81 21.91 -0.46
C ARG A 144 0.38 21.77 -0.98
N VAL A 145 -0.13 20.55 -0.95
CA VAL A 145 -1.47 20.31 -1.42
C VAL A 145 -2.51 20.85 -0.43
N CYS A 146 -2.16 20.82 0.84
CA CYS A 146 -3.06 21.29 1.88
C CYS A 146 -3.51 22.72 1.61
N GLN A 147 -2.58 23.58 1.24
CA GLN A 147 -2.93 24.97 0.94
C GLN A 147 -3.89 25.03 -0.25
N ASN A 148 -3.62 24.17 -1.23
CA ASN A 148 -4.46 24.09 -2.42
C ASN A 148 -5.86 23.63 -2.09
N LYS A 149 -5.96 22.71 -1.12
CA LYS A 149 -7.25 22.14 -0.72
C LYS A 149 -7.83 21.31 -1.86
N PHE A 150 -8.21 21.98 -2.94
CA PHE A 150 -8.76 21.30 -4.10
C PHE A 150 -7.88 21.45 -5.34
N ILE A 151 -7.70 20.35 -6.05
CA ILE A 151 -6.90 20.35 -7.27
C ILE A 151 -7.75 19.89 -8.45
N ASP A 152 -7.60 20.55 -9.59
CA ASP A 152 -8.36 20.18 -10.78
C ASP A 152 -7.75 18.97 -11.47
N PHE A 153 -8.13 17.77 -11.02
CA PHE A 153 -7.61 16.54 -11.61
C PHE A 153 -8.29 16.18 -12.91
N LYS A 154 -9.54 15.76 -12.80
CA LYS A 154 -10.34 15.36 -13.95
C LYS A 154 -11.35 16.46 -14.25
N ASP A 155 -12.54 16.09 -14.73
CA ASP A 155 -13.58 17.07 -15.00
C ASP A 155 -14.31 17.44 -13.70
N ARG A 156 -13.84 16.86 -12.60
CA ARG A 156 -14.38 17.14 -11.28
C ARG A 156 -13.23 17.55 -10.35
N LYS A 157 -13.52 18.41 -9.38
CA LYS A 157 -12.49 18.88 -8.46
C LYS A 157 -12.23 17.82 -7.39
N ILE A 158 -10.96 17.57 -7.06
CA ILE A 158 -10.64 16.57 -6.05
C ILE A 158 -10.23 17.24 -4.74
N GLU A 159 -10.76 16.72 -3.64
CA GLU A 159 -10.44 17.26 -2.32
C GLU A 159 -9.43 16.37 -1.63
N ILE A 160 -8.36 16.97 -1.10
CA ILE A 160 -7.32 16.23 -0.44
C ILE A 160 -7.19 16.66 1.02
N LYS A 161 -7.21 15.69 1.92
CA LYS A 161 -7.10 15.95 3.35
C LYS A 161 -6.06 15.04 3.97
N ARG A 162 -5.31 15.55 4.95
CA ARG A 162 -4.27 14.75 5.60
C ARG A 162 -4.85 13.42 6.06
N ALA A 163 -4.08 12.35 5.86
CA ALA A 163 -4.51 11.02 6.25
C ALA A 163 -4.68 10.87 7.75
N GLU A 164 -5.66 10.07 8.14
CA GLU A 164 -5.94 9.83 9.55
C GLU A 164 -5.67 8.35 9.87
N PRO A 165 -5.20 8.05 11.09
CA PRO A 165 -4.90 6.67 11.48
C PRO A 165 -6.12 5.77 11.33
N ARG A 166 -5.91 4.59 10.74
CA ARG A 166 -6.98 3.63 10.55
C ARG A 166 -7.62 3.25 11.88
N HIS A 167 -6.80 3.13 12.91
CA HIS A 167 -7.27 2.77 14.24
C HIS A 167 -6.90 3.84 15.26
N LYS A 1 23.03 -3.57 6.92
CA LYS A 1 23.04 -3.74 5.44
C LYS A 1 21.63 -3.92 4.90
N GLU A 2 21.52 -4.12 3.59
CA GLU A 2 20.23 -4.32 2.94
C GLU A 2 19.50 -5.51 3.55
N SER A 3 18.18 -5.42 3.62
CA SER A 3 17.37 -6.51 4.18
C SER A 3 16.44 -7.10 3.12
N CYS A 4 16.22 -8.40 3.23
CA CYS A 4 15.36 -9.12 2.29
C CYS A 4 13.90 -9.12 2.75
N LYS A 5 13.59 -8.35 3.79
CA LYS A 5 12.23 -8.32 4.32
C LYS A 5 11.25 -7.72 3.31
N MET A 6 10.09 -8.36 3.21
CA MET A 6 9.04 -7.97 2.29
C MET A 6 7.78 -7.54 3.03
N PHE A 7 7.01 -6.66 2.42
CA PHE A 7 5.75 -6.20 3.01
C PHE A 7 4.59 -6.83 2.27
N ILE A 8 3.66 -7.42 3.02
CA ILE A 8 2.50 -8.04 2.40
C ILE A 8 1.23 -7.34 2.83
N GLY A 9 0.40 -6.94 1.88
CA GLY A 9 -0.83 -6.26 2.20
C GLY A 9 -2.02 -6.86 1.50
N GLY A 10 -3.21 -6.52 1.98
CA GLY A 10 -4.41 -7.03 1.37
C GLY A 10 -4.63 -8.50 1.70
N LEU A 11 -4.13 -8.92 2.86
CA LEU A 11 -4.25 -10.30 3.29
C LEU A 11 -5.56 -10.55 4.03
N ASN A 12 -6.15 -11.71 3.78
CA ASN A 12 -7.38 -12.08 4.45
C ASN A 12 -7.13 -12.20 5.95
N TRP A 13 -8.01 -11.64 6.76
CA TRP A 13 -7.84 -11.69 8.21
C TRP A 13 -7.59 -13.12 8.69
N ASP A 14 -8.18 -14.08 7.99
CA ASP A 14 -8.01 -15.49 8.35
C ASP A 14 -6.81 -16.12 7.62
N THR A 15 -6.06 -15.31 6.88
CA THR A 15 -4.90 -15.80 6.13
C THR A 15 -3.88 -16.47 7.03
N THR A 16 -3.65 -15.89 8.19
CA THR A 16 -2.65 -16.41 9.13
C THR A 16 -1.30 -16.58 8.43
N GLU A 17 -0.23 -16.59 9.21
CA GLU A 17 1.11 -16.73 8.64
C GLU A 17 1.25 -18.09 7.94
N ASP A 18 0.47 -19.07 8.38
CA ASP A 18 0.54 -20.40 7.80
C ASP A 18 0.40 -20.37 6.28
N ASN A 19 -0.55 -19.56 5.80
CA ASN A 19 -0.78 -19.44 4.35
C ASN A 19 0.39 -18.74 3.66
N LEU A 20 0.96 -17.75 4.32
CA LEU A 20 2.06 -16.97 3.75
C LEU A 20 3.29 -17.81 3.41
N ARG A 21 3.73 -18.67 4.33
CA ARG A 21 4.89 -19.50 4.06
C ARG A 21 4.56 -20.52 2.98
N GLU A 22 3.33 -21.04 3.01
CA GLU A 22 2.91 -22.02 2.02
C GLU A 22 2.81 -21.38 0.64
N TYR A 23 2.18 -20.19 0.60
CA TYR A 23 2.03 -19.45 -0.65
C TYR A 23 3.37 -18.96 -1.19
N PHE A 24 4.14 -18.35 -0.31
CA PHE A 24 5.44 -17.82 -0.68
C PHE A 24 6.56 -18.84 -0.54
N GLY A 25 6.22 -20.02 -0.02
CA GLY A 25 7.21 -21.08 0.14
C GLY A 25 7.85 -21.47 -1.17
N LYS A 26 7.07 -21.37 -2.25
CA LYS A 26 7.56 -21.72 -3.58
C LYS A 26 8.76 -20.86 -3.94
N TYR A 27 8.65 -19.59 -3.60
CA TYR A 27 9.68 -18.60 -3.87
C TYR A 27 10.94 -18.84 -3.06
N GLY A 28 10.77 -19.34 -1.84
CA GLY A 28 11.91 -19.59 -0.99
C GLY A 28 11.53 -20.18 0.36
N THR A 29 12.55 -20.37 1.19
CA THR A 29 12.35 -20.92 2.53
C THR A 29 11.50 -20.00 3.40
N VAL A 30 11.58 -18.70 3.13
CA VAL A 30 10.87 -17.70 3.91
C VAL A 30 11.43 -17.71 5.34
N THR A 31 12.53 -16.99 5.50
CA THR A 31 13.24 -16.93 6.77
C THR A 31 12.34 -16.54 7.94
N ASP A 32 11.55 -15.50 7.76
CA ASP A 32 10.66 -15.03 8.82
C ASP A 32 9.29 -14.62 8.30
N LEU A 33 8.29 -14.68 9.19
CA LEU A 33 6.93 -14.31 8.85
C LEU A 33 6.33 -13.37 9.90
N LYS A 34 5.64 -12.33 9.46
CA LYS A 34 5.02 -11.37 10.37
C LYS A 34 3.67 -10.90 9.86
N ILE A 35 2.71 -11.81 9.79
CA ILE A 35 1.37 -11.48 9.32
C ILE A 35 0.70 -10.45 10.21
N MET A 36 1.20 -10.29 11.43
CA MET A 36 0.62 -9.34 12.38
C MET A 36 -0.80 -9.75 12.76
N LYS A 37 -1.10 -9.77 14.06
CA LYS A 37 -2.41 -10.15 14.54
C LYS A 37 -2.96 -9.17 15.58
N ASP A 38 -4.28 -9.13 15.71
CA ASP A 38 -4.94 -8.24 16.65
C ASP A 38 -5.87 -9.03 17.59
N PRO A 39 -5.30 -9.75 18.56
CA PRO A 39 -6.09 -10.54 19.51
C PRO A 39 -7.05 -9.70 20.34
N ALA A 40 -6.72 -8.43 20.53
CA ALA A 40 -7.57 -7.52 21.31
C ALA A 40 -8.88 -7.25 20.60
N THR A 41 -8.79 -6.72 19.39
CA THR A 41 -9.96 -6.43 18.59
C THR A 41 -10.56 -7.70 18.03
N GLY A 42 -9.76 -8.77 18.01
CA GLY A 42 -10.20 -10.04 17.49
C GLY A 42 -9.94 -10.17 16.00
N ARG A 43 -9.18 -9.22 15.45
CA ARG A 43 -8.85 -9.22 14.03
C ARG A 43 -7.35 -9.27 13.80
N SER A 44 -6.98 -9.26 12.54
CA SER A 44 -5.57 -9.29 12.15
C SER A 44 -5.23 -8.05 11.34
N ARG A 45 -3.96 -7.65 11.39
CA ARG A 45 -3.52 -6.46 10.66
C ARG A 45 -3.94 -6.55 9.19
N GLY A 46 -3.95 -7.75 8.64
CA GLY A 46 -4.33 -7.95 7.26
C GLY A 46 -3.14 -7.80 6.33
N PHE A 47 -1.98 -7.57 6.93
CA PHE A 47 -0.73 -7.42 6.22
C PHE A 47 0.35 -8.14 6.98
N GLY A 48 1.39 -8.58 6.28
CA GLY A 48 2.46 -9.29 6.94
C GLY A 48 3.81 -9.00 6.34
N PHE A 49 4.86 -9.17 7.12
CA PHE A 49 6.20 -8.95 6.59
C PHE A 49 6.83 -10.30 6.31
N LEU A 50 7.25 -10.48 5.06
CA LEU A 50 7.84 -11.73 4.62
C LEU A 50 9.34 -11.61 4.44
N SER A 51 10.10 -12.50 5.05
CA SER A 51 11.55 -12.46 4.93
C SER A 51 12.06 -13.73 4.22
N PHE A 52 12.95 -13.54 3.24
CA PHE A 52 13.52 -14.66 2.51
C PHE A 52 15.02 -14.76 2.73
N GLU A 53 15.50 -15.98 2.95
CA GLU A 53 16.92 -16.23 3.14
C GLU A 53 17.68 -15.80 1.89
N LYS A 54 17.05 -15.98 0.73
CA LYS A 54 17.65 -15.61 -0.55
C LYS A 54 16.93 -14.40 -1.15
N PRO A 55 17.67 -13.30 -1.39
CA PRO A 55 17.08 -12.07 -1.97
C PRO A 55 16.40 -12.31 -3.32
N SER A 56 16.80 -13.38 -4.01
CA SER A 56 16.24 -13.70 -5.31
C SER A 56 14.72 -13.86 -5.24
N SER A 57 14.23 -14.43 -4.15
CA SER A 57 12.79 -14.63 -3.96
C SER A 57 12.05 -13.30 -4.02
N VAL A 58 12.67 -12.25 -3.49
CA VAL A 58 12.06 -10.93 -3.48
C VAL A 58 11.82 -10.43 -4.90
N ASP A 59 12.80 -10.63 -5.77
CA ASP A 59 12.69 -10.18 -7.16
C ASP A 59 11.52 -10.84 -7.86
N GLU A 60 11.33 -12.13 -7.61
CA GLU A 60 10.23 -12.88 -8.21
C GLU A 60 8.89 -12.55 -7.58
N VAL A 61 8.92 -12.16 -6.31
CA VAL A 61 7.69 -11.81 -5.59
C VAL A 61 6.95 -10.66 -6.26
N VAL A 62 7.68 -9.64 -6.68
CA VAL A 62 7.04 -8.48 -7.32
C VAL A 62 6.57 -8.79 -8.74
N LYS A 63 7.22 -9.73 -9.40
CA LYS A 63 6.86 -10.11 -10.76
C LYS A 63 5.41 -10.58 -10.84
N THR A 64 4.92 -11.19 -9.77
CA THR A 64 3.57 -11.71 -9.72
C THR A 64 2.66 -10.88 -8.82
N GLN A 65 1.41 -10.71 -9.24
CA GLN A 65 0.43 -9.96 -8.46
C GLN A 65 0.07 -10.69 -7.18
N HIS A 66 -0.07 -12.01 -7.30
CA HIS A 66 -0.37 -12.88 -6.16
C HIS A 66 -1.84 -12.94 -5.79
N ILE A 67 -2.42 -14.12 -5.88
CA ILE A 67 -3.80 -14.30 -5.47
C ILE A 67 -3.81 -15.23 -4.26
N LEU A 68 -4.07 -14.68 -3.08
CA LEU A 68 -4.09 -15.48 -1.86
C LEU A 68 -5.44 -15.36 -1.15
N ASP A 69 -6.10 -16.49 -0.96
CA ASP A 69 -7.40 -16.53 -0.29
C ASP A 69 -8.37 -15.51 -0.88
N GLY A 70 -8.35 -15.38 -2.20
CA GLY A 70 -9.25 -14.45 -2.87
C GLY A 70 -8.77 -13.01 -2.82
N LYS A 71 -7.52 -12.79 -2.40
CA LYS A 71 -6.98 -11.44 -2.31
C LYS A 71 -5.85 -11.23 -3.32
N VAL A 72 -5.83 -10.05 -3.94
CA VAL A 72 -4.81 -9.72 -4.94
C VAL A 72 -3.45 -9.43 -4.29
N ILE A 73 -3.48 -8.92 -3.06
CA ILE A 73 -2.27 -8.59 -2.30
C ILE A 73 -1.12 -8.08 -3.19
N ASP A 74 -0.44 -7.03 -2.75
CA ASP A 74 0.66 -6.47 -3.52
C ASP A 74 1.94 -6.43 -2.69
N PRO A 75 2.63 -7.58 -2.60
CA PRO A 75 3.88 -7.70 -1.84
C PRO A 75 4.97 -6.74 -2.36
N LYS A 76 5.53 -5.94 -1.45
CA LYS A 76 6.58 -4.99 -1.81
C LYS A 76 7.73 -5.06 -0.79
N ARG A 77 8.94 -4.71 -1.21
CA ARG A 77 10.08 -4.75 -0.30
C ARG A 77 9.84 -3.91 0.95
N ALA A 78 10.36 -4.39 2.08
CA ALA A 78 10.21 -3.69 3.35
C ALA A 78 10.88 -2.32 3.36
N ILE A 79 10.29 -1.39 4.09
CA ILE A 79 10.82 -0.04 4.21
C ILE A 79 11.39 0.17 5.60
N PRO A 80 12.56 0.82 5.71
CA PRO A 80 13.18 1.10 7.01
C PRO A 80 12.22 1.88 7.89
N ARG A 81 12.23 1.59 9.18
CA ARG A 81 11.35 2.27 10.13
C ARG A 81 11.50 3.78 10.03
N ASP A 82 12.72 4.24 9.82
CA ASP A 82 13.01 5.66 9.73
C ASP A 82 12.19 6.35 8.62
N GLU A 83 12.07 5.70 7.46
CA GLU A 83 11.32 6.29 6.36
C GLU A 83 9.83 6.36 6.68
N GLN A 84 9.33 5.34 7.39
CA GLN A 84 7.92 5.29 7.76
C GLN A 84 7.54 6.49 8.62
N ASP A 85 8.47 6.89 9.49
CA ASP A 85 8.24 8.01 10.40
C ASP A 85 7.92 9.31 9.67
N LYS A 86 8.59 9.55 8.54
CA LYS A 86 8.36 10.78 7.78
C LYS A 86 7.21 10.63 6.78
N THR A 87 7.49 9.96 5.67
CA THR A 87 6.50 9.73 4.61
C THR A 87 5.53 10.91 4.45
N GLY A 88 4.44 10.67 3.74
CA GLY A 88 3.45 11.71 3.51
C GLY A 88 2.13 11.14 3.05
N LYS A 89 1.58 10.22 3.83
CA LYS A 89 0.32 9.59 3.48
C LYS A 89 -0.84 10.55 3.69
N ILE A 90 -1.58 10.82 2.61
CA ILE A 90 -2.73 11.73 2.69
C ILE A 90 -3.97 11.09 2.07
N PHE A 91 -5.12 11.68 2.37
CA PHE A 91 -6.38 11.20 1.83
C PHE A 91 -6.89 12.12 0.73
N VAL A 92 -7.38 11.51 -0.35
CA VAL A 92 -7.91 12.27 -1.47
C VAL A 92 -9.28 11.77 -1.90
N GLY A 93 -10.11 12.70 -2.33
CA GLY A 93 -11.44 12.36 -2.80
C GLY A 93 -11.71 13.00 -4.13
N GLY A 94 -12.79 12.62 -4.78
CA GLY A 94 -13.10 13.20 -6.08
C GLY A 94 -12.51 12.39 -7.22
N ILE A 95 -12.23 11.12 -6.95
CA ILE A 95 -11.68 10.25 -7.96
C ILE A 95 -12.73 9.26 -8.43
N GLY A 96 -12.91 9.16 -9.75
CA GLY A 96 -13.91 8.27 -10.29
C GLY A 96 -13.77 8.03 -11.78
N PRO A 97 -14.74 8.45 -12.60
CA PRO A 97 -14.71 8.25 -14.05
C PRO A 97 -13.48 8.89 -14.72
N ASP A 98 -12.91 8.14 -15.66
CA ASP A 98 -11.75 8.60 -16.43
C ASP A 98 -10.58 9.05 -15.55
N VAL A 99 -10.26 8.27 -14.51
CA VAL A 99 -9.13 8.62 -13.66
C VAL A 99 -7.97 7.66 -13.85
N ARG A 100 -8.23 6.36 -13.71
CA ARG A 100 -7.18 5.36 -13.85
C ARG A 100 -6.09 5.60 -12.81
N PRO A 101 -5.60 4.54 -12.15
CA PRO A 101 -4.57 4.67 -11.11
C PRO A 101 -3.32 5.40 -11.58
N LYS A 102 -2.98 5.27 -12.85
CA LYS A 102 -1.79 5.92 -13.39
C LYS A 102 -1.87 7.44 -13.25
N GLU A 103 -3.02 8.02 -13.58
CA GLU A 103 -3.22 9.46 -13.48
C GLU A 103 -3.25 9.92 -12.03
N PHE A 104 -3.77 9.09 -11.13
CA PHE A 104 -3.84 9.44 -9.71
C PHE A 104 -2.44 9.67 -9.14
N GLU A 105 -1.56 8.69 -9.32
CA GLU A 105 -0.18 8.84 -8.85
C GLU A 105 0.45 9.97 -9.62
N GLU A 106 0.08 10.04 -10.90
CA GLU A 106 0.51 11.06 -11.81
C GLU A 106 0.09 12.46 -11.37
N PHE A 107 -1.11 12.54 -10.81
CA PHE A 107 -1.66 13.80 -10.35
C PHE A 107 -0.93 14.34 -9.12
N PHE A 108 -0.84 13.52 -8.07
CA PHE A 108 -0.19 13.91 -6.84
C PHE A 108 1.31 14.11 -7.02
N SER A 109 1.89 13.46 -8.03
CA SER A 109 3.31 13.63 -8.29
C SER A 109 3.60 15.11 -8.51
N GLN A 110 2.53 15.82 -8.88
CA GLN A 110 2.55 17.26 -9.13
C GLN A 110 3.14 18.06 -7.97
N TRP A 111 2.82 17.67 -6.74
CA TRP A 111 3.33 18.39 -5.58
C TRP A 111 4.16 17.51 -4.67
N GLY A 112 5.21 16.95 -5.24
CA GLY A 112 6.10 16.09 -4.49
C GLY A 112 6.20 14.72 -5.09
N THR A 113 7.33 14.06 -4.85
CA THR A 113 7.52 12.72 -5.38
C THR A 113 6.63 11.76 -4.59
N ILE A 114 5.90 10.92 -5.30
CA ILE A 114 5.03 9.97 -4.64
C ILE A 114 5.73 8.63 -4.44
N ILE A 115 5.75 8.17 -3.20
CA ILE A 115 6.40 6.91 -2.89
C ILE A 115 5.69 5.73 -3.56
N ASP A 116 4.35 5.81 -3.64
CA ASP A 116 3.55 4.75 -4.26
C ASP A 116 2.05 4.99 -4.05
N ALA A 117 1.47 5.96 -4.76
CA ALA A 117 0.05 6.25 -4.64
C ALA A 117 -0.80 5.11 -5.20
N GLN A 118 -1.93 4.83 -4.56
CA GLN A 118 -2.81 3.75 -5.03
C GLN A 118 -4.28 4.07 -4.84
N LEU A 119 -5.10 3.47 -5.71
CA LEU A 119 -6.56 3.66 -5.67
C LEU A 119 -7.15 3.05 -4.39
N MET A 120 -6.57 1.93 -3.96
CA MET A 120 -6.99 1.19 -2.76
C MET A 120 -7.88 0.00 -3.08
N LEU A 121 -8.37 -0.07 -4.30
CA LEU A 121 -9.23 -1.18 -4.74
C LEU A 121 -8.49 -2.52 -4.76
N ASP A 122 -7.83 -2.86 -3.65
CA ASP A 122 -7.10 -4.11 -3.53
C ASP A 122 -8.03 -5.30 -3.74
N LYS A 123 -9.23 -5.20 -3.18
CA LYS A 123 -10.24 -6.23 -3.32
C LYS A 123 -10.58 -6.45 -4.78
N ASP A 124 -10.40 -5.39 -5.57
CA ASP A 124 -10.72 -5.40 -6.99
C ASP A 124 -12.21 -5.19 -7.17
N THR A 125 -12.75 -4.32 -6.34
CA THR A 125 -14.18 -3.99 -6.36
C THR A 125 -14.44 -2.75 -5.54
N GLY A 126 -14.16 -2.83 -4.25
CA GLY A 126 -14.36 -1.69 -3.38
C GLY A 126 -13.19 -0.72 -3.46
N GLN A 127 -13.38 0.49 -2.98
CA GLN A 127 -12.33 1.50 -3.00
C GLN A 127 -11.89 1.76 -4.44
N SER A 128 -12.86 1.83 -5.34
CA SER A 128 -12.57 2.07 -6.75
C SER A 128 -13.40 3.23 -7.28
N ARG A 129 -12.78 4.03 -8.15
CA ARG A 129 -13.44 5.19 -8.74
C ARG A 129 -14.20 6.01 -7.70
N GLY A 130 -13.76 5.92 -6.45
CA GLY A 130 -14.39 6.67 -5.37
C GLY A 130 -13.44 7.63 -4.71
N PHE A 131 -12.40 7.09 -4.09
CA PHE A 131 -11.38 7.90 -3.42
C PHE A 131 -10.00 7.33 -3.70
N GLY A 132 -8.97 8.13 -3.41
CA GLY A 132 -7.62 7.65 -3.65
C GLY A 132 -6.69 7.84 -2.46
N PHE A 133 -5.64 7.05 -2.41
CA PHE A 133 -4.65 7.12 -1.34
C PHE A 133 -3.27 7.45 -1.91
N VAL A 134 -2.66 8.53 -1.43
CA VAL A 134 -1.32 8.91 -1.91
C VAL A 134 -0.32 9.03 -0.77
N THR A 135 0.88 8.51 -1.01
CA THR A 135 1.95 8.58 -0.02
C THR A 135 3.14 9.32 -0.61
N TYR A 136 3.76 10.18 0.18
CA TYR A 136 4.90 10.94 -0.28
C TYR A 136 6.16 10.57 0.48
N ASP A 137 7.26 10.48 -0.27
CA ASP A 137 8.55 10.16 0.33
C ASP A 137 8.95 11.26 1.31
N SER A 138 8.51 12.48 1.05
CA SER A 138 8.84 13.60 1.93
C SER A 138 7.57 14.24 2.49
N ALA A 139 7.66 14.66 3.75
CA ALA A 139 6.55 15.29 4.44
C ALA A 139 6.22 16.66 3.85
N ASP A 140 7.25 17.35 3.35
CA ASP A 140 7.08 18.67 2.78
C ASP A 140 6.06 18.67 1.64
N ALA A 141 6.05 17.60 0.86
CA ALA A 141 5.13 17.49 -0.26
C ALA A 141 3.67 17.53 0.21
N VAL A 142 3.40 16.90 1.35
CA VAL A 142 2.05 16.86 1.90
C VAL A 142 1.55 18.28 2.21
N ASP A 143 2.44 19.10 2.73
CA ASP A 143 2.11 20.47 3.09
C ASP A 143 1.60 21.26 1.89
N ARG A 144 2.16 21.01 0.71
CA ARG A 144 1.76 21.73 -0.50
C ARG A 144 0.27 21.59 -0.77
N VAL A 145 -0.23 20.38 -0.61
CA VAL A 145 -1.64 20.10 -0.84
C VAL A 145 -2.48 20.60 0.32
N CYS A 146 -1.91 20.61 1.53
CA CYS A 146 -2.63 21.12 2.68
C CYS A 146 -3.09 22.53 2.38
N GLN A 147 -2.17 23.32 1.82
CA GLN A 147 -2.48 24.68 1.41
C GLN A 147 -3.50 24.64 0.29
N ASN A 148 -3.38 23.61 -0.55
CA ASN A 148 -4.27 23.41 -1.69
C ASN A 148 -5.30 22.34 -1.39
N LYS A 149 -6.33 22.72 -0.65
CA LYS A 149 -7.40 21.80 -0.27
C LYS A 149 -8.02 21.16 -1.50
N PHE A 150 -8.28 21.96 -2.52
CA PHE A 150 -8.86 21.46 -3.74
C PHE A 150 -7.92 21.66 -4.92
N ILE A 151 -7.65 20.58 -5.62
CA ILE A 151 -6.79 20.62 -6.79
C ILE A 151 -7.56 20.14 -8.00
N ASP A 152 -7.38 20.79 -9.14
CA ASP A 152 -8.09 20.39 -10.35
C ASP A 152 -7.43 19.18 -10.97
N PHE A 153 -8.15 18.06 -10.97
CA PHE A 153 -7.64 16.82 -11.54
C PHE A 153 -8.44 16.46 -12.77
N LYS A 154 -9.63 15.93 -12.54
CA LYS A 154 -10.54 15.55 -13.61
C LYS A 154 -11.55 16.67 -13.81
N ASP A 155 -12.59 16.39 -14.57
CA ASP A 155 -13.64 17.39 -14.82
C ASP A 155 -14.13 17.98 -13.50
N ARG A 156 -14.08 17.18 -12.44
CA ARG A 156 -14.53 17.61 -11.12
C ARG A 156 -13.35 17.92 -10.20
N LYS A 157 -13.51 18.92 -9.35
CA LYS A 157 -12.45 19.30 -8.41
C LYS A 157 -12.33 18.23 -7.34
N ILE A 158 -11.10 17.94 -6.91
CA ILE A 158 -10.90 16.93 -5.89
C ILE A 158 -10.46 17.55 -4.58
N GLU A 159 -10.98 17.02 -3.48
CA GLU A 159 -10.64 17.51 -2.15
C GLU A 159 -9.61 16.59 -1.50
N ILE A 160 -8.56 17.18 -0.95
CA ILE A 160 -7.51 16.40 -0.31
C ILE A 160 -7.35 16.75 1.16
N LYS A 161 -7.38 15.73 2.00
CA LYS A 161 -7.24 15.91 3.45
C LYS A 161 -6.15 15.00 4.00
N ARG A 162 -5.59 15.39 5.14
CA ARG A 162 -4.55 14.59 5.78
C ARG A 162 -5.09 13.21 6.12
N ALA A 163 -4.22 12.20 6.08
CA ALA A 163 -4.64 10.83 6.36
C ALA A 163 -5.36 10.73 7.70
N GLU A 164 -6.45 9.97 7.71
CA GLU A 164 -7.24 9.76 8.91
C GLU A 164 -7.57 8.28 9.11
N PRO A 165 -6.63 7.49 9.65
CA PRO A 165 -6.83 6.06 9.87
C PRO A 165 -8.11 5.78 10.67
N ARG A 166 -8.85 4.77 10.25
CA ARG A 166 -10.09 4.40 10.93
C ARG A 166 -9.83 4.03 12.38
N HIS A 167 -8.69 3.39 12.63
CA HIS A 167 -8.33 2.99 13.98
C HIS A 167 -7.73 4.15 14.77
N LYS A 1 17.60 -2.01 2.53
CA LYS A 1 18.87 -1.94 3.30
C LYS A 1 19.32 -3.33 3.75
N GLU A 2 18.67 -3.87 4.77
CA GLU A 2 19.01 -5.19 5.29
C GLU A 2 17.98 -6.23 4.85
N SER A 3 18.46 -7.39 4.41
CA SER A 3 17.58 -8.48 3.97
C SER A 3 16.53 -7.98 2.97
N CYS A 4 15.77 -8.91 2.42
CA CYS A 4 14.73 -8.57 1.45
C CYS A 4 13.35 -8.70 2.09
N LYS A 5 12.97 -7.72 2.90
CA LYS A 5 11.67 -7.73 3.56
C LYS A 5 10.60 -7.09 2.68
N MET A 6 9.45 -7.75 2.59
CA MET A 6 8.35 -7.28 1.76
C MET A 6 7.09 -7.02 2.59
N PHE A 7 6.31 -6.03 2.17
CA PHE A 7 5.07 -5.69 2.85
C PHE A 7 3.90 -6.29 2.10
N ILE A 8 3.03 -7.00 2.82
CA ILE A 8 1.89 -7.63 2.19
C ILE A 8 0.59 -7.05 2.73
N GLY A 9 -0.30 -6.63 1.84
CA GLY A 9 -1.57 -6.07 2.26
C GLY A 9 -2.73 -6.68 1.53
N GLY A 10 -3.94 -6.45 2.04
CA GLY A 10 -5.11 -7.00 1.41
C GLY A 10 -5.26 -8.47 1.71
N LEU A 11 -4.72 -8.89 2.85
CA LEU A 11 -4.76 -10.29 3.27
C LEU A 11 -6.03 -10.59 4.04
N ASN A 12 -6.55 -11.80 3.84
CA ASN A 12 -7.73 -12.24 4.56
C ASN A 12 -7.35 -12.35 6.04
N TRP A 13 -8.18 -11.83 6.93
CA TRP A 13 -7.86 -11.87 8.36
C TRP A 13 -7.47 -13.27 8.80
N ASP A 14 -8.11 -14.28 8.20
CA ASP A 14 -7.83 -15.68 8.52
C ASP A 14 -6.39 -16.08 8.17
N THR A 15 -5.75 -15.33 7.28
CA THR A 15 -4.39 -15.66 6.84
C THR A 15 -3.46 -15.89 8.03
N THR A 16 -2.63 -16.90 7.87
CA THR A 16 -1.66 -17.29 8.88
C THR A 16 -0.25 -17.21 8.31
N GLU A 17 0.72 -16.89 9.16
CA GLU A 17 2.10 -16.76 8.70
C GLU A 17 2.57 -18.04 8.02
N ASP A 18 2.10 -19.19 8.51
CA ASP A 18 2.47 -20.46 7.93
C ASP A 18 2.03 -20.53 6.47
N ASN A 19 0.85 -20.00 6.19
CA ASN A 19 0.32 -19.97 4.83
C ASN A 19 1.19 -19.09 3.93
N LEU A 20 1.70 -18.00 4.52
CA LEU A 20 2.54 -17.06 3.79
C LEU A 20 3.72 -17.73 3.11
N ARG A 21 4.45 -18.58 3.83
CA ARG A 21 5.58 -19.28 3.24
C ARG A 21 5.10 -20.20 2.13
N GLU A 22 3.94 -20.82 2.34
CA GLU A 22 3.40 -21.73 1.34
C GLU A 22 3.02 -20.97 0.07
N TYR A 23 2.38 -19.81 0.24
CA TYR A 23 1.99 -19.00 -0.91
C TYR A 23 3.20 -18.48 -1.67
N PHE A 24 4.15 -17.96 -0.91
CA PHE A 24 5.37 -17.40 -1.51
C PHE A 24 6.48 -18.44 -1.63
N GLY A 25 6.19 -19.67 -1.23
CA GLY A 25 7.17 -20.74 -1.33
C GLY A 25 7.60 -20.99 -2.76
N LYS A 26 6.70 -20.71 -3.70
CA LYS A 26 6.96 -20.93 -5.13
C LYS A 26 8.18 -20.11 -5.57
N TYR A 27 8.28 -18.93 -5.02
CA TYR A 27 9.34 -17.98 -5.32
C TYR A 27 10.69 -18.48 -4.83
N GLY A 28 10.66 -19.26 -3.75
CA GLY A 28 11.89 -19.79 -3.19
C GLY A 28 11.76 -20.08 -1.72
N THR A 29 12.64 -19.50 -0.93
CA THR A 29 12.62 -19.67 0.51
C THR A 29 12.35 -18.33 1.18
N VAL A 30 11.52 -18.32 2.21
CA VAL A 30 11.20 -17.09 2.91
C VAL A 30 11.84 -17.07 4.29
N THR A 31 12.58 -16.02 4.58
CA THR A 31 13.25 -15.88 5.88
C THR A 31 12.26 -15.50 6.97
N ASP A 32 11.24 -14.74 6.61
CA ASP A 32 10.24 -14.30 7.59
C ASP A 32 8.85 -14.10 6.99
N LEU A 33 7.83 -14.32 7.81
CA LEU A 33 6.43 -14.12 7.43
C LEU A 33 5.68 -13.52 8.60
N LYS A 34 5.80 -12.21 8.76
CA LYS A 34 5.19 -11.51 9.87
C LYS A 34 3.70 -11.24 9.71
N ILE A 35 2.93 -11.79 10.63
CA ILE A 35 1.50 -11.53 10.71
C ILE A 35 1.18 -11.09 12.13
N MET A 36 0.79 -9.83 12.25
CA MET A 36 0.50 -9.22 13.54
C MET A 36 -0.65 -9.92 14.26
N LYS A 37 -1.63 -10.40 13.49
CA LYS A 37 -2.79 -11.11 14.03
C LYS A 37 -3.46 -10.35 15.18
N ASP A 38 -4.71 -10.73 15.49
CA ASP A 38 -5.47 -10.09 16.57
C ASP A 38 -5.67 -11.08 17.71
N PRO A 39 -4.87 -10.98 18.78
CA PRO A 39 -4.98 -11.88 19.94
C PRO A 39 -6.36 -11.88 20.59
N ALA A 40 -7.05 -10.74 20.49
CA ALA A 40 -8.37 -10.61 21.10
C ALA A 40 -9.48 -11.27 20.26
N THR A 41 -10.05 -10.50 19.33
CA THR A 41 -11.14 -10.99 18.48
C THR A 41 -10.66 -12.02 17.46
N GLY A 42 -9.39 -11.93 17.09
CA GLY A 42 -8.86 -12.85 16.10
C GLY A 42 -8.83 -12.26 14.71
N ARG A 43 -9.46 -11.09 14.55
CA ARG A 43 -9.49 -10.42 13.25
C ARG A 43 -8.95 -9.00 13.33
N SER A 44 -8.07 -8.69 12.38
CA SER A 44 -7.45 -7.36 12.28
C SER A 44 -6.22 -7.45 11.40
N ARG A 45 -5.51 -6.32 11.25
CA ARG A 45 -4.30 -6.32 10.44
C ARG A 45 -4.63 -6.50 8.96
N GLY A 46 -4.56 -7.74 8.46
CA GLY A 46 -4.85 -8.00 7.05
C GLY A 46 -3.65 -7.78 6.16
N PHE A 47 -2.50 -7.60 6.78
CA PHE A 47 -1.25 -7.38 6.08
C PHE A 47 -0.10 -8.00 6.87
N GLY A 48 0.96 -8.37 6.19
CA GLY A 48 2.08 -8.97 6.89
C GLY A 48 3.39 -8.66 6.22
N PHE A 49 4.49 -8.92 6.91
CA PHE A 49 5.79 -8.66 6.36
C PHE A 49 6.49 -9.97 6.03
N LEU A 50 6.87 -10.13 4.78
CA LEU A 50 7.53 -11.34 4.32
C LEU A 50 8.97 -11.07 3.88
N SER A 51 9.89 -11.86 4.40
CA SER A 51 11.30 -11.71 4.07
C SER A 51 11.80 -12.94 3.32
N PHE A 52 12.68 -12.74 2.35
CA PHE A 52 13.23 -13.85 1.58
C PHE A 52 14.74 -13.98 1.74
N GLU A 53 15.21 -15.22 1.89
CA GLU A 53 16.63 -15.49 2.02
C GLU A 53 17.36 -15.07 0.75
N LYS A 54 16.69 -15.26 -0.39
CA LYS A 54 17.27 -14.90 -1.68
C LYS A 54 16.55 -13.67 -2.24
N PRO A 55 17.27 -12.55 -2.42
CA PRO A 55 16.68 -11.31 -2.95
C PRO A 55 16.02 -11.52 -4.30
N SER A 56 16.45 -12.51 -5.04
CA SER A 56 15.89 -12.80 -6.36
C SER A 56 14.39 -13.07 -6.28
N SER A 57 13.96 -13.73 -5.21
CA SER A 57 12.55 -14.05 -5.03
C SER A 57 11.69 -12.80 -4.92
N VAL A 58 12.26 -11.74 -4.35
CA VAL A 58 11.53 -10.49 -4.20
C VAL A 58 11.16 -9.91 -5.57
N ASP A 59 12.06 -10.06 -6.53
CA ASP A 59 11.85 -9.55 -7.88
C ASP A 59 10.65 -10.22 -8.54
N GLU A 60 10.53 -11.54 -8.37
CA GLU A 60 9.42 -12.28 -8.95
C GLU A 60 8.11 -12.04 -8.21
N VAL A 61 8.20 -11.82 -6.90
CA VAL A 61 7.01 -11.57 -6.09
C VAL A 61 6.31 -10.29 -6.54
N VAL A 62 7.09 -9.25 -6.75
CA VAL A 62 6.53 -7.95 -7.14
C VAL A 62 5.91 -7.96 -8.55
N LYS A 63 6.63 -8.53 -9.51
CA LYS A 63 6.16 -8.59 -10.89
C LYS A 63 4.86 -9.36 -11.04
N THR A 64 4.68 -10.39 -10.23
CA THR A 64 3.50 -11.24 -10.29
C THR A 64 2.36 -10.73 -9.42
N GLN A 65 1.14 -10.90 -9.92
CA GLN A 65 -0.07 -10.51 -9.19
C GLN A 65 -0.36 -11.60 -8.18
N HIS A 66 -0.81 -11.22 -6.99
CA HIS A 66 -1.02 -12.22 -5.95
C HIS A 66 -2.45 -12.29 -5.40
N ILE A 67 -2.96 -13.50 -5.36
CA ILE A 67 -4.28 -13.77 -4.80
C ILE A 67 -4.14 -14.80 -3.69
N LEU A 68 -4.36 -14.40 -2.44
CA LEU A 68 -4.22 -15.33 -1.31
C LEU A 68 -5.54 -15.49 -0.56
N ASP A 69 -5.95 -16.75 -0.39
CA ASP A 69 -7.18 -17.08 0.32
C ASP A 69 -8.40 -16.36 -0.27
N GLY A 70 -8.49 -16.32 -1.59
CA GLY A 70 -9.63 -15.67 -2.25
C GLY A 70 -9.54 -14.16 -2.25
N LYS A 71 -8.38 -13.61 -1.89
CA LYS A 71 -8.20 -12.17 -1.86
C LYS A 71 -6.99 -11.76 -2.67
N VAL A 72 -6.99 -10.54 -3.18
CA VAL A 72 -5.88 -10.03 -3.97
C VAL A 72 -4.99 -9.11 -3.15
N ILE A 73 -3.68 -9.33 -3.23
CA ILE A 73 -2.72 -8.53 -2.49
C ILE A 73 -1.67 -7.93 -3.41
N ASP A 74 -1.00 -6.87 -2.94
CA ASP A 74 0.03 -6.21 -3.72
C ASP A 74 1.33 -6.10 -2.93
N PRO A 75 2.13 -7.17 -2.93
CA PRO A 75 3.41 -7.21 -2.21
C PRO A 75 4.35 -6.09 -2.65
N LYS A 76 4.88 -5.34 -1.68
CA LYS A 76 5.82 -4.25 -1.97
C LYS A 76 7.02 -4.31 -1.03
N ARG A 77 8.13 -3.71 -1.44
CA ARG A 77 9.34 -3.72 -0.62
C ARG A 77 9.09 -3.09 0.74
N ALA A 78 9.58 -3.75 1.78
CA ALA A 78 9.42 -3.29 3.16
C ALA A 78 10.15 -1.97 3.41
N ILE A 79 9.56 -1.14 4.26
CA ILE A 79 10.13 0.15 4.62
C ILE A 79 10.44 0.21 6.12
N PRO A 80 11.70 0.41 6.52
CA PRO A 80 12.06 0.49 7.93
C PRO A 80 11.20 1.55 8.64
N ARG A 81 11.00 1.36 9.95
CA ARG A 81 10.15 2.25 10.72
C ARG A 81 10.57 3.72 10.60
N ASP A 82 11.86 3.98 10.51
CA ASP A 82 12.36 5.35 10.41
C ASP A 82 11.78 6.08 9.20
N GLU A 83 11.67 5.40 8.06
CA GLU A 83 11.13 6.03 6.86
C GLU A 83 9.65 6.38 7.03
N GLN A 84 8.91 5.55 7.75
CA GLN A 84 7.50 5.81 7.97
C GLN A 84 7.30 7.13 8.68
N ASP A 85 8.17 7.43 9.64
CA ASP A 85 8.10 8.68 10.37
C ASP A 85 8.36 9.85 9.42
N LYS A 86 9.38 9.70 8.59
CA LYS A 86 9.74 10.73 7.62
C LYS A 86 8.65 10.91 6.56
N THR A 87 8.07 9.80 6.13
CA THR A 87 7.04 9.82 5.10
C THR A 87 5.66 10.12 5.68
N GLY A 88 4.75 10.53 4.80
CA GLY A 88 3.39 10.83 5.19
C GLY A 88 2.39 10.36 4.15
N LYS A 89 1.11 10.31 4.52
CA LYS A 89 0.08 9.86 3.60
C LYS A 89 -1.16 10.75 3.67
N ILE A 90 -1.70 11.12 2.51
CA ILE A 90 -2.88 11.99 2.47
C ILE A 90 -4.05 11.28 1.79
N PHE A 91 -5.24 11.78 2.04
CA PHE A 91 -6.45 11.23 1.45
C PHE A 91 -6.91 12.07 0.27
N VAL A 92 -7.16 11.41 -0.86
CA VAL A 92 -7.59 12.10 -2.05
C VAL A 92 -8.96 11.61 -2.51
N GLY A 93 -9.81 12.55 -2.90
CA GLY A 93 -11.14 12.21 -3.37
C GLY A 93 -11.42 12.79 -4.74
N GLY A 94 -12.49 12.34 -5.36
CA GLY A 94 -12.82 12.82 -6.69
C GLY A 94 -12.28 11.93 -7.79
N ILE A 95 -11.75 10.78 -7.40
CA ILE A 95 -11.19 9.83 -8.34
C ILE A 95 -12.24 9.44 -9.39
N GLY A 96 -13.47 9.26 -8.94
CA GLY A 96 -14.58 8.90 -9.81
C GLY A 96 -14.17 8.12 -11.05
N PRO A 97 -14.87 8.35 -12.19
CA PRO A 97 -14.59 7.67 -13.45
C PRO A 97 -13.46 8.30 -14.27
N ASP A 98 -13.03 7.60 -15.30
CA ASP A 98 -11.96 8.07 -16.19
C ASP A 98 -10.65 8.31 -15.45
N VAL A 99 -10.29 7.37 -14.56
CA VAL A 99 -9.05 7.46 -13.82
C VAL A 99 -8.30 6.13 -13.83
N ARG A 100 -7.00 6.19 -13.62
CA ARG A 100 -6.18 4.99 -13.58
C ARG A 100 -5.18 5.09 -12.43
N PRO A 101 -4.70 3.95 -11.90
CA PRO A 101 -3.72 3.96 -10.82
C PRO A 101 -2.48 4.75 -11.21
N LYS A 102 -2.06 4.57 -12.46
CA LYS A 102 -0.90 5.27 -12.98
C LYS A 102 -1.15 6.78 -13.01
N GLU A 103 -2.35 7.17 -13.45
CA GLU A 103 -2.72 8.58 -13.54
C GLU A 103 -2.76 9.23 -12.17
N PHE A 104 -3.31 8.51 -11.19
CA PHE A 104 -3.42 9.02 -9.82
C PHE A 104 -2.04 9.18 -9.18
N GLU A 105 -1.22 8.14 -9.27
CA GLU A 105 0.11 8.18 -8.67
C GLU A 105 0.98 9.22 -9.36
N GLU A 106 0.87 9.31 -10.69
CA GLU A 106 1.64 10.28 -11.46
C GLU A 106 1.07 11.67 -11.28
N PHE A 107 -0.25 11.75 -11.08
CA PHE A 107 -0.92 13.03 -10.89
C PHE A 107 -0.33 13.81 -9.72
N PHE A 108 -0.11 13.13 -8.62
CA PHE A 108 0.42 13.78 -7.42
C PHE A 108 1.94 13.72 -7.35
N SER A 109 2.57 13.06 -8.32
CA SER A 109 4.03 12.93 -8.34
C SER A 109 4.72 14.28 -8.40
N GLN A 110 4.07 15.27 -9.02
CA GLN A 110 4.66 16.59 -9.14
C GLN A 110 5.03 17.16 -7.77
N TRP A 111 4.16 16.95 -6.78
CA TRP A 111 4.43 17.44 -5.42
C TRP A 111 5.70 16.84 -4.86
N GLY A 112 5.92 15.57 -5.16
CA GLY A 112 7.09 14.88 -4.67
C GLY A 112 7.23 13.48 -5.24
N THR A 113 8.19 12.75 -4.71
CA THR A 113 8.47 11.39 -5.16
C THR A 113 7.26 10.47 -5.00
N ILE A 114 6.50 10.65 -3.93
CA ILE A 114 5.36 9.77 -3.65
C ILE A 114 5.83 8.35 -3.47
N ILE A 115 6.22 8.01 -2.24
CA ILE A 115 6.72 6.68 -1.95
C ILE A 115 5.74 5.58 -2.36
N ASP A 116 4.45 5.76 -2.06
CA ASP A 116 3.46 4.75 -2.43
C ASP A 116 2.03 5.28 -2.48
N ALA A 117 1.60 5.72 -3.65
CA ALA A 117 0.24 6.21 -3.84
C ALA A 117 -0.58 5.17 -4.58
N GLN A 118 -1.80 4.88 -4.09
CA GLN A 118 -2.63 3.89 -4.75
C GLN A 118 -4.12 4.24 -4.71
N LEU A 119 -4.85 3.70 -5.69
CA LEU A 119 -6.29 3.93 -5.79
C LEU A 119 -7.06 3.30 -4.63
N MET A 120 -6.61 2.11 -4.20
CA MET A 120 -7.26 1.37 -3.11
C MET A 120 -8.41 0.53 -3.67
N LEU A 121 -8.54 -0.70 -3.20
CA LEU A 121 -9.59 -1.60 -3.66
C LEU A 121 -9.42 -3.00 -3.08
N ASP A 122 -10.00 -3.25 -1.91
CA ASP A 122 -9.88 -4.56 -1.28
C ASP A 122 -10.53 -5.66 -2.12
N LYS A 123 -11.68 -5.36 -2.71
CA LYS A 123 -12.38 -6.30 -3.56
C LYS A 123 -12.15 -6.00 -5.03
N ASP A 124 -11.24 -5.06 -5.30
CA ASP A 124 -10.91 -4.65 -6.67
C ASP A 124 -11.96 -3.69 -7.24
N THR A 125 -13.12 -3.59 -6.59
CA THR A 125 -14.17 -2.70 -7.07
C THR A 125 -14.87 -1.97 -5.92
N GLY A 126 -14.28 -2.02 -4.72
CA GLY A 126 -14.89 -1.36 -3.58
C GLY A 126 -14.37 0.03 -3.33
N GLN A 127 -13.15 0.10 -2.79
CA GLN A 127 -12.53 1.37 -2.46
C GLN A 127 -12.36 2.25 -3.70
N SER A 128 -12.15 1.60 -4.85
CA SER A 128 -11.98 2.30 -6.13
C SER A 128 -13.23 3.10 -6.50
N ARG A 129 -14.29 2.98 -5.71
CA ARG A 129 -15.55 3.67 -5.99
C ARG A 129 -15.35 5.16 -6.28
N GLY A 130 -14.44 5.82 -5.57
CA GLY A 130 -14.24 7.24 -5.84
C GLY A 130 -13.20 7.94 -4.98
N PHE A 131 -12.29 7.20 -4.34
CA PHE A 131 -11.26 7.85 -3.52
C PHE A 131 -9.90 7.20 -3.73
N GLY A 132 -8.85 7.92 -3.38
CA GLY A 132 -7.50 7.39 -3.53
C GLY A 132 -6.59 7.72 -2.37
N PHE A 133 -5.54 6.90 -2.20
CA PHE A 133 -4.56 7.08 -1.13
C PHE A 133 -3.21 7.51 -1.70
N VAL A 134 -2.63 8.58 -1.16
CA VAL A 134 -1.32 9.05 -1.63
C VAL A 134 -0.32 9.10 -0.47
N THR A 135 0.88 8.58 -0.72
CA THR A 135 1.93 8.57 0.30
C THR A 135 3.15 9.34 -0.20
N TYR A 136 3.75 10.14 0.67
CA TYR A 136 4.93 10.94 0.31
C TYR A 136 6.15 10.63 1.14
N ASP A 137 7.30 10.67 0.49
CA ASP A 137 8.56 10.44 1.16
C ASP A 137 8.82 11.52 2.21
N SER A 138 8.35 12.73 1.94
CA SER A 138 8.54 13.85 2.85
C SER A 138 7.22 14.53 3.20
N ALA A 139 7.16 15.07 4.41
CA ALA A 139 5.99 15.77 4.90
C ALA A 139 5.75 17.08 4.15
N ASP A 140 6.83 17.73 3.75
CA ASP A 140 6.74 19.02 3.05
C ASP A 140 5.86 18.91 1.80
N ALA A 141 5.98 17.81 1.08
CA ALA A 141 5.19 17.61 -0.13
C ALA A 141 3.71 17.54 0.21
N VAL A 142 3.42 16.95 1.37
CA VAL A 142 2.05 16.80 1.83
C VAL A 142 1.38 18.14 2.06
N ASP A 143 2.11 19.07 2.66
CA ASP A 143 1.58 20.40 2.96
C ASP A 143 1.12 21.16 1.72
N ARG A 144 1.90 21.10 0.64
CA ARG A 144 1.54 21.83 -0.57
C ARG A 144 0.25 21.33 -1.21
N VAL A 145 0.10 20.02 -1.32
CA VAL A 145 -1.09 19.44 -1.91
C VAL A 145 -2.32 19.60 -1.02
N CYS A 146 -2.12 19.41 0.29
CA CYS A 146 -3.22 19.55 1.25
C CYS A 146 -3.72 20.98 1.35
N GLN A 147 -2.78 21.93 1.34
CA GLN A 147 -3.12 23.34 1.45
C GLN A 147 -4.09 23.75 0.34
N ASN A 148 -3.87 23.23 -0.85
CA ASN A 148 -4.73 23.53 -1.99
C ASN A 148 -6.16 23.09 -1.71
N LYS A 149 -6.29 22.00 -0.97
CA LYS A 149 -7.60 21.42 -0.64
C LYS A 149 -8.14 20.70 -1.85
N PHE A 150 -8.38 21.45 -2.91
CA PHE A 150 -8.89 20.87 -4.15
C PHE A 150 -7.90 21.01 -5.29
N ILE A 151 -7.69 19.91 -6.00
CA ILE A 151 -6.77 19.88 -7.11
C ILE A 151 -7.47 19.47 -8.40
N ASP A 152 -7.11 20.10 -9.51
CA ASP A 152 -7.71 19.76 -10.81
C ASP A 152 -7.08 18.49 -11.36
N PHE A 153 -7.91 17.52 -11.77
CA PHE A 153 -7.39 16.27 -12.31
C PHE A 153 -7.83 16.07 -13.77
N LYS A 154 -8.42 14.92 -14.06
CA LYS A 154 -8.86 14.60 -15.42
C LYS A 154 -9.88 15.63 -15.89
N ASP A 155 -10.72 16.08 -14.97
CA ASP A 155 -11.76 17.07 -15.26
C ASP A 155 -12.51 17.43 -13.99
N ARG A 156 -12.69 16.44 -13.13
CA ARG A 156 -13.38 16.64 -11.85
C ARG A 156 -12.42 17.10 -10.78
N LYS A 157 -12.89 17.96 -9.89
CA LYS A 157 -12.06 18.50 -8.83
C LYS A 157 -11.82 17.42 -7.77
N ILE A 158 -10.59 17.30 -7.29
CA ILE A 158 -10.27 16.31 -6.27
C ILE A 158 -9.90 17.01 -4.97
N GLU A 159 -10.30 16.40 -3.85
CA GLU A 159 -10.04 16.96 -2.53
C GLU A 159 -8.87 16.25 -1.85
N ILE A 160 -8.00 17.00 -1.20
CA ILE A 160 -6.87 16.43 -0.50
C ILE A 160 -7.06 16.62 1.02
N LYS A 161 -6.96 15.54 1.78
CA LYS A 161 -7.13 15.62 3.22
C LYS A 161 -6.07 14.79 3.94
N ARG A 162 -5.50 15.33 5.01
CA ARG A 162 -4.50 14.59 5.76
C ARG A 162 -5.07 13.25 6.20
N ALA A 163 -4.23 12.22 6.26
CA ALA A 163 -4.69 10.89 6.64
C ALA A 163 -5.50 10.93 7.93
N GLU A 164 -6.62 10.22 7.92
CA GLU A 164 -7.50 10.16 9.08
C GLU A 164 -7.89 8.72 9.38
N PRO A 165 -7.05 7.98 10.12
CA PRO A 165 -7.34 6.58 10.44
C PRO A 165 -8.76 6.41 10.98
N ARG A 166 -9.43 5.36 10.53
CA ARG A 166 -10.80 5.08 10.95
C ARG A 166 -10.89 4.94 12.46
N HIS A 167 -9.86 4.37 13.07
CA HIS A 167 -9.83 4.17 14.51
C HIS A 167 -8.41 4.33 15.05
N LYS A 1 19.98 -4.05 2.15
CA LYS A 1 20.94 -5.00 2.77
C LYS A 1 20.84 -6.38 2.15
N GLU A 2 21.68 -7.31 2.62
CA GLU A 2 21.67 -8.68 2.10
C GLU A 2 20.30 -9.32 2.27
N SER A 3 19.61 -8.96 3.35
CA SER A 3 18.29 -9.51 3.63
C SER A 3 17.27 -9.04 2.59
N CYS A 4 16.16 -9.76 2.49
CA CYS A 4 15.11 -9.42 1.54
C CYS A 4 13.74 -9.45 2.23
N LYS A 5 13.27 -8.28 2.65
CA LYS A 5 11.98 -8.18 3.33
C LYS A 5 10.87 -7.72 2.38
N MET A 6 9.69 -8.30 2.55
CA MET A 6 8.52 -7.99 1.72
C MET A 6 7.32 -7.53 2.54
N PHE A 7 6.54 -6.61 1.97
CA PHE A 7 5.32 -6.13 2.62
C PHE A 7 4.12 -6.74 1.92
N ILE A 8 3.23 -7.37 2.68
CA ILE A 8 2.06 -8.00 2.08
C ILE A 8 0.78 -7.43 2.65
N GLY A 9 -0.14 -7.05 1.78
CA GLY A 9 -1.40 -6.51 2.22
C GLY A 9 -2.57 -7.20 1.57
N GLY A 10 -3.76 -7.03 2.13
CA GLY A 10 -4.92 -7.67 1.55
C GLY A 10 -4.92 -9.17 1.82
N LEU A 11 -4.65 -9.53 3.06
CA LEU A 11 -4.56 -10.93 3.47
C LEU A 11 -5.92 -11.56 3.78
N ASN A 12 -7.00 -10.85 3.47
CA ASN A 12 -8.35 -11.39 3.74
C ASN A 12 -8.55 -11.58 5.24
N TRP A 13 -8.10 -10.58 6.01
CA TRP A 13 -8.22 -10.61 7.46
C TRP A 13 -7.94 -12.01 8.02
N ASP A 14 -6.96 -12.68 7.42
CA ASP A 14 -6.59 -14.03 7.84
C ASP A 14 -5.19 -14.37 7.31
N THR A 15 -5.11 -15.31 6.36
CA THR A 15 -3.84 -15.72 5.76
C THR A 15 -2.88 -16.35 6.77
N THR A 16 -2.79 -15.80 7.98
CA THR A 16 -1.90 -16.32 9.02
C THR A 16 -0.49 -16.56 8.47
N GLU A 17 0.49 -16.52 9.35
CA GLU A 17 1.87 -16.75 8.97
C GLU A 17 2.06 -18.15 8.39
N ASP A 18 1.28 -19.10 8.90
CA ASP A 18 1.39 -20.49 8.45
C ASP A 18 1.02 -20.64 6.98
N ASN A 19 -0.22 -20.31 6.63
CA ASN A 19 -0.66 -20.39 5.23
C ASN A 19 0.16 -19.45 4.37
N LEU A 20 0.46 -18.28 4.93
CA LEU A 20 1.25 -17.29 4.26
C LEU A 20 2.63 -17.82 3.96
N ARG A 21 3.22 -18.52 4.91
CA ARG A 21 4.52 -19.13 4.70
C ARG A 21 4.45 -20.15 3.58
N GLU A 22 3.38 -20.93 3.58
CA GLU A 22 3.18 -21.95 2.57
C GLU A 22 2.95 -21.32 1.20
N TYR A 23 2.17 -20.23 1.16
CA TYR A 23 1.89 -19.54 -0.10
C TYR A 23 3.17 -19.06 -0.75
N PHE A 24 4.03 -18.46 0.06
CA PHE A 24 5.29 -17.93 -0.45
C PHE A 24 6.43 -18.92 -0.27
N GLY A 25 6.15 -20.08 0.33
CA GLY A 25 7.18 -21.08 0.53
C GLY A 25 7.81 -21.51 -0.79
N LYS A 26 7.01 -21.47 -1.85
CA LYS A 26 7.48 -21.87 -3.19
C LYS A 26 8.67 -21.03 -3.61
N TYR A 27 8.59 -19.75 -3.32
CA TYR A 27 9.62 -18.78 -3.68
C TYR A 27 10.91 -19.00 -2.93
N GLY A 28 10.80 -19.42 -1.68
CA GLY A 28 11.99 -19.66 -0.89
C GLY A 28 11.71 -20.14 0.51
N THR A 29 12.77 -20.31 1.27
CA THR A 29 12.68 -20.77 2.65
C THR A 29 11.92 -19.77 3.50
N VAL A 30 12.02 -18.50 3.13
CA VAL A 30 11.39 -17.42 3.89
C VAL A 30 12.02 -17.35 5.28
N THR A 31 13.05 -16.52 5.39
CA THR A 31 13.80 -16.37 6.64
C THR A 31 12.91 -15.94 7.81
N ASP A 32 12.04 -14.96 7.58
CA ASP A 32 11.17 -14.48 8.64
C ASP A 32 9.73 -14.29 8.19
N LEU A 33 8.81 -14.49 9.13
CA LEU A 33 7.39 -14.33 8.87
C LEU A 33 6.78 -13.38 9.89
N LYS A 34 6.06 -12.35 9.42
CA LYS A 34 5.45 -11.42 10.36
C LYS A 34 4.02 -11.05 9.99
N ILE A 35 3.12 -11.34 10.92
CA ILE A 35 1.72 -11.00 10.79
C ILE A 35 1.25 -10.30 12.07
N MET A 36 0.56 -9.18 11.92
CA MET A 36 0.10 -8.44 13.08
C MET A 36 -1.37 -8.75 13.37
N LYS A 37 -1.78 -8.56 14.62
CA LYS A 37 -3.16 -8.84 15.00
C LYS A 37 -3.75 -7.68 15.79
N ASP A 38 -5.07 -7.61 15.88
CA ASP A 38 -5.75 -6.54 16.61
C ASP A 38 -6.69 -7.08 17.68
N PRO A 39 -6.16 -7.56 18.81
CA PRO A 39 -6.97 -8.09 19.90
C PRO A 39 -7.90 -7.03 20.49
N ALA A 40 -7.50 -5.77 20.35
CA ALA A 40 -8.28 -4.65 20.87
C ALA A 40 -9.52 -4.37 20.03
N THR A 41 -9.31 -3.85 18.83
CA THR A 41 -10.43 -3.53 17.94
C THR A 41 -11.11 -4.82 17.48
N GLY A 42 -10.33 -5.89 17.42
CA GLY A 42 -10.87 -7.17 17.01
C GLY A 42 -10.80 -7.40 15.52
N ARG A 43 -10.13 -6.50 14.80
CA ARG A 43 -10.00 -6.65 13.34
C ARG A 43 -8.53 -6.65 12.93
N SER A 44 -8.12 -7.70 12.24
CA SER A 44 -6.75 -7.84 11.80
C SER A 44 -6.34 -6.72 10.84
N ARG A 45 -5.06 -6.35 10.90
CA ARG A 45 -4.51 -5.31 10.05
C ARG A 45 -4.65 -5.69 8.57
N GLY A 46 -4.51 -6.97 8.26
CA GLY A 46 -4.67 -7.45 6.88
C GLY A 46 -3.39 -7.49 6.05
N PHE A 47 -2.25 -7.26 6.69
CA PHE A 47 -0.96 -7.28 6.00
C PHE A 47 0.11 -7.91 6.86
N GLY A 48 1.12 -8.46 6.20
CA GLY A 48 2.21 -9.09 6.90
C GLY A 48 3.53 -8.84 6.23
N PHE A 49 4.62 -9.03 6.95
CA PHE A 49 5.93 -8.83 6.38
C PHE A 49 6.59 -10.18 6.13
N LEU A 50 7.00 -10.38 4.88
CA LEU A 50 7.62 -11.62 4.47
C LEU A 50 9.09 -11.42 4.14
N SER A 51 9.95 -12.23 4.75
CA SER A 51 11.39 -12.12 4.52
C SER A 51 11.92 -13.41 3.89
N PHE A 52 12.87 -13.27 2.96
CA PHE A 52 13.47 -14.43 2.31
C PHE A 52 14.98 -14.48 2.52
N GLU A 53 15.51 -15.68 2.62
CA GLU A 53 16.94 -15.88 2.79
C GLU A 53 17.71 -15.38 1.57
N LYS A 54 17.11 -15.56 0.39
CA LYS A 54 17.75 -15.14 -0.86
C LYS A 54 16.93 -14.08 -1.59
N PRO A 55 17.61 -13.03 -2.10
CA PRO A 55 16.94 -11.94 -2.84
C PRO A 55 16.21 -12.41 -4.09
N SER A 56 16.67 -13.52 -4.67
CA SER A 56 16.04 -14.03 -5.89
C SER A 56 14.55 -14.32 -5.67
N SER A 57 14.22 -14.83 -4.49
CA SER A 57 12.83 -15.13 -4.17
C SER A 57 11.97 -13.88 -4.19
N VAL A 58 12.54 -12.76 -3.73
CA VAL A 58 11.82 -11.50 -3.69
C VAL A 58 11.42 -11.05 -5.09
N ASP A 59 12.27 -11.32 -6.07
CA ASP A 59 11.99 -10.92 -7.45
C ASP A 59 10.72 -11.59 -7.97
N GLU A 60 10.57 -12.87 -7.68
CA GLU A 60 9.38 -13.62 -8.10
C GLU A 60 8.12 -13.15 -7.39
N VAL A 61 8.28 -12.76 -6.13
CA VAL A 61 7.14 -12.33 -5.34
C VAL A 61 6.42 -11.12 -5.93
N VAL A 62 7.15 -10.13 -6.40
CA VAL A 62 6.51 -8.94 -6.97
C VAL A 62 6.10 -9.11 -8.44
N LYS A 63 6.93 -9.79 -9.22
CA LYS A 63 6.66 -10.00 -10.64
C LYS A 63 5.36 -10.76 -10.89
N THR A 64 5.01 -11.66 -9.99
CA THR A 64 3.80 -12.47 -10.16
C THR A 64 2.62 -11.94 -9.34
N GLN A 65 1.42 -12.09 -9.91
CA GLN A 65 0.20 -11.69 -9.24
C GLN A 65 -0.15 -12.72 -8.19
N HIS A 66 -0.72 -12.30 -7.07
CA HIS A 66 -1.00 -13.24 -5.99
C HIS A 66 -2.46 -13.33 -5.58
N ILE A 67 -2.95 -14.57 -5.55
CA ILE A 67 -4.30 -14.86 -5.11
C ILE A 67 -4.22 -15.97 -4.05
N LEU A 68 -4.06 -15.58 -2.79
CA LEU A 68 -3.91 -16.55 -1.72
C LEU A 68 -5.17 -17.37 -1.46
N ASP A 69 -6.33 -16.73 -1.55
CA ASP A 69 -7.60 -17.44 -1.33
C ASP A 69 -8.78 -16.64 -1.86
N GLY A 70 -8.67 -16.21 -3.11
CA GLY A 70 -9.74 -15.44 -3.72
C GLY A 70 -9.58 -13.94 -3.54
N LYS A 71 -8.48 -13.55 -2.89
CA LYS A 71 -8.19 -12.14 -2.66
C LYS A 71 -6.92 -11.73 -3.38
N VAL A 72 -6.83 -10.46 -3.74
CA VAL A 72 -5.66 -9.97 -4.45
C VAL A 72 -4.78 -9.14 -3.52
N ILE A 73 -3.49 -9.45 -3.55
CA ILE A 73 -2.51 -8.76 -2.73
C ILE A 73 -1.41 -8.18 -3.60
N ASP A 74 -0.70 -7.18 -3.09
CA ASP A 74 0.37 -6.55 -3.84
C ASP A 74 1.67 -6.55 -3.06
N PRO A 75 2.37 -7.69 -3.06
CA PRO A 75 3.64 -7.83 -2.36
C PRO A 75 4.67 -6.80 -2.85
N LYS A 76 5.20 -6.01 -1.92
CA LYS A 76 6.17 -4.99 -2.26
C LYS A 76 7.35 -5.01 -1.28
N ARG A 77 8.53 -4.65 -1.74
CA ARG A 77 9.71 -4.66 -0.89
C ARG A 77 9.45 -3.87 0.40
N ALA A 78 9.98 -4.38 1.51
CA ALA A 78 9.82 -3.73 2.82
C ALA A 78 10.51 -2.38 2.88
N ILE A 79 9.94 -1.47 3.66
CA ILE A 79 10.50 -0.12 3.83
C ILE A 79 11.08 0.04 5.23
N PRO A 80 12.33 0.50 5.35
CA PRO A 80 12.96 0.70 6.66
C PRO A 80 12.07 1.56 7.56
N ARG A 81 12.01 1.22 8.83
CA ARG A 81 11.17 1.96 9.78
C ARG A 81 11.55 3.44 9.80
N ASP A 82 12.85 3.72 9.74
CA ASP A 82 13.31 5.10 9.76
C ASP A 82 12.82 5.86 8.54
N GLU A 83 12.88 5.21 7.37
CA GLU A 83 12.43 5.83 6.13
C GLU A 83 10.92 5.98 6.14
N GLN A 84 10.24 5.00 6.71
CA GLN A 84 8.78 5.01 6.78
C GLN A 84 8.29 6.22 7.56
N ASP A 85 8.99 6.53 8.66
CA ASP A 85 8.63 7.68 9.48
C ASP A 85 8.68 8.98 8.68
N LYS A 86 9.70 9.08 7.84
CA LYS A 86 9.88 10.26 6.99
C LYS A 86 8.69 10.47 6.06
N THR A 87 8.08 9.38 5.64
CA THR A 87 6.95 9.44 4.71
C THR A 87 5.67 9.83 5.42
N GLY A 88 4.69 10.26 4.63
CA GLY A 88 3.40 10.66 5.18
C GLY A 88 2.27 10.34 4.23
N LYS A 89 1.38 9.43 4.64
CA LYS A 89 0.25 9.04 3.81
C LYS A 89 -0.90 10.03 3.95
N ILE A 90 -1.44 10.49 2.81
CA ILE A 90 -2.56 11.43 2.84
C ILE A 90 -3.77 10.85 2.12
N PHE A 91 -4.92 11.40 2.43
CA PHE A 91 -6.17 10.95 1.83
C PHE A 91 -6.66 11.92 0.75
N VAL A 92 -7.13 11.36 -0.35
CA VAL A 92 -7.64 12.14 -1.47
C VAL A 92 -9.00 11.65 -1.92
N GLY A 93 -9.84 12.59 -2.33
CA GLY A 93 -11.16 12.28 -2.81
C GLY A 93 -11.43 13.00 -4.11
N GLY A 94 -12.45 12.60 -4.83
CA GLY A 94 -12.76 13.24 -6.10
C GLY A 94 -12.14 12.52 -7.28
N ILE A 95 -11.66 11.30 -7.04
CA ILE A 95 -11.04 10.51 -8.08
C ILE A 95 -11.84 9.23 -8.34
N GLY A 96 -11.70 8.68 -9.55
CA GLY A 96 -12.41 7.47 -9.89
C GLY A 96 -12.15 7.04 -11.32
N PRO A 97 -13.20 6.65 -12.07
CA PRO A 97 -13.03 6.23 -13.48
C PRO A 97 -12.33 7.31 -14.29
N ASP A 98 -12.52 8.55 -13.87
CA ASP A 98 -11.89 9.70 -14.52
C ASP A 98 -10.38 9.57 -14.49
N VAL A 99 -9.87 8.94 -13.43
CA VAL A 99 -8.44 8.76 -13.25
C VAL A 99 -8.05 7.29 -13.10
N ARG A 100 -6.89 6.96 -13.66
CA ARG A 100 -6.36 5.61 -13.58
C ARG A 100 -5.25 5.60 -12.53
N PRO A 101 -4.85 4.42 -12.03
CA PRO A 101 -3.81 4.34 -11.02
C PRO A 101 -2.53 5.05 -11.45
N LYS A 102 -2.17 4.90 -12.72
CA LYS A 102 -0.98 5.56 -13.25
C LYS A 102 -1.09 7.08 -13.22
N GLU A 103 -2.25 7.59 -13.68
CA GLU A 103 -2.48 9.03 -13.72
C GLU A 103 -2.52 9.64 -12.31
N PHE A 104 -3.14 8.93 -11.39
CA PHE A 104 -3.25 9.39 -10.00
C PHE A 104 -1.87 9.55 -9.37
N GLU A 105 -1.02 8.54 -9.57
CA GLU A 105 0.33 8.58 -9.01
C GLU A 105 1.16 9.70 -9.61
N GLU A 106 1.05 9.89 -10.93
CA GLU A 106 1.79 10.95 -11.60
C GLU A 106 1.16 12.31 -11.30
N PHE A 107 -0.15 12.31 -11.08
CA PHE A 107 -0.88 13.53 -10.78
C PHE A 107 -0.38 14.19 -9.50
N PHE A 108 -0.40 13.44 -8.41
CA PHE A 108 0.06 13.93 -7.12
C PHE A 108 1.56 14.25 -7.16
N SER A 109 2.27 13.61 -8.09
CA SER A 109 3.70 13.78 -8.22
C SER A 109 4.09 15.25 -8.39
N GLN A 110 3.21 16.02 -9.01
CA GLN A 110 3.49 17.43 -9.24
C GLN A 110 3.89 18.15 -7.95
N TRP A 111 3.30 17.75 -6.83
CA TRP A 111 3.64 18.38 -5.54
C TRP A 111 4.25 17.37 -4.57
N GLY A 112 5.18 16.55 -5.08
CA GLY A 112 5.85 15.58 -4.24
C GLY A 112 6.33 14.36 -5.01
N THR A 113 7.45 13.79 -4.59
CA THR A 113 8.02 12.62 -5.24
C THR A 113 7.05 11.45 -5.23
N ILE A 114 6.31 11.29 -4.14
CA ILE A 114 5.35 10.22 -3.99
C ILE A 114 6.05 8.86 -3.91
N ILE A 115 6.51 8.49 -2.72
CA ILE A 115 7.17 7.20 -2.58
C ILE A 115 6.22 6.07 -3.00
N ASP A 116 4.94 6.19 -2.60
CA ASP A 116 3.93 5.20 -2.95
C ASP A 116 2.56 5.85 -3.09
N ALA A 117 1.77 5.38 -4.05
CA ALA A 117 0.41 5.91 -4.26
C ALA A 117 -0.45 4.92 -5.00
N GLN A 118 -1.70 4.76 -4.55
CA GLN A 118 -2.62 3.83 -5.21
C GLN A 118 -4.06 4.31 -5.12
N LEU A 119 -4.87 3.88 -6.08
CA LEU A 119 -6.29 4.23 -6.13
C LEU A 119 -7.07 3.62 -4.96
N MET A 120 -6.69 2.39 -4.59
CA MET A 120 -7.34 1.66 -3.49
C MET A 120 -8.53 0.87 -4.03
N LEU A 121 -8.56 -0.43 -3.76
CA LEU A 121 -9.66 -1.29 -4.21
C LEU A 121 -9.81 -2.50 -3.30
N ASP A 122 -11.05 -2.85 -2.99
CA ASP A 122 -11.32 -4.02 -2.16
C ASP A 122 -11.28 -5.28 -3.02
N LYS A 123 -12.28 -6.15 -2.91
CA LYS A 123 -12.30 -7.37 -3.71
C LYS A 123 -12.23 -7.04 -5.20
N ASP A 124 -12.85 -5.92 -5.59
CA ASP A 124 -12.85 -5.50 -7.00
C ASP A 124 -12.56 -4.00 -7.13
N THR A 125 -13.61 -3.20 -7.35
CA THR A 125 -13.45 -1.75 -7.52
C THR A 125 -14.04 -0.98 -6.34
N GLY A 126 -14.30 -1.67 -5.23
CA GLY A 126 -14.88 -1.03 -4.06
C GLY A 126 -14.28 0.35 -3.76
N GLN A 127 -13.12 0.36 -3.14
CA GLN A 127 -12.45 1.61 -2.80
C GLN A 127 -12.18 2.42 -4.06
N SER A 128 -11.92 1.71 -5.16
CA SER A 128 -11.66 2.35 -6.45
C SER A 128 -12.89 3.09 -6.93
N ARG A 129 -12.74 3.85 -8.01
CA ARG A 129 -13.82 4.65 -8.58
C ARG A 129 -14.50 5.46 -7.49
N GLY A 130 -13.68 6.12 -6.66
CA GLY A 130 -14.20 6.92 -5.58
C GLY A 130 -13.13 7.80 -4.97
N PHE A 131 -12.16 7.19 -4.30
CA PHE A 131 -11.08 7.92 -3.65
C PHE A 131 -9.73 7.23 -3.84
N GLY A 132 -8.65 7.94 -3.52
CA GLY A 132 -7.32 7.34 -3.67
C GLY A 132 -6.42 7.59 -2.47
N PHE A 133 -5.34 6.81 -2.41
CA PHE A 133 -4.37 6.90 -1.33
C PHE A 133 -2.99 7.30 -1.87
N VAL A 134 -2.38 8.34 -1.33
CA VAL A 134 -1.05 8.77 -1.77
C VAL A 134 -0.06 8.91 -0.62
N THR A 135 1.17 8.48 -0.85
CA THR A 135 2.23 8.57 0.14
C THR A 135 3.34 9.47 -0.38
N TYR A 136 3.86 10.34 0.48
CA TYR A 136 4.92 11.26 0.09
C TYR A 136 6.21 11.05 0.86
N ASP A 137 7.33 11.16 0.14
CA ASP A 137 8.63 11.01 0.74
C ASP A 137 8.85 12.08 1.81
N SER A 138 8.27 13.25 1.58
CA SER A 138 8.42 14.36 2.54
C SER A 138 7.06 14.87 3.00
N ALA A 139 6.98 15.18 4.29
CA ALA A 139 5.76 15.70 4.89
C ALA A 139 5.41 17.06 4.31
N ASP A 140 6.43 17.82 3.94
CA ASP A 140 6.23 19.16 3.38
C ASP A 140 5.32 19.12 2.16
N ALA A 141 5.46 18.07 1.36
CA ALA A 141 4.64 17.92 0.15
C ALA A 141 3.17 17.82 0.52
N VAL A 142 2.88 17.15 1.62
CA VAL A 142 1.50 16.99 2.08
C VAL A 142 0.87 18.35 2.36
N ASP A 143 1.64 19.22 3.01
CA ASP A 143 1.18 20.56 3.35
C ASP A 143 0.85 21.38 2.10
N ARG A 144 1.65 21.18 1.04
CA ARG A 144 1.45 21.93 -0.20
C ARG A 144 0.05 21.75 -0.76
N VAL A 145 -0.44 20.52 -0.73
CA VAL A 145 -1.76 20.21 -1.24
C VAL A 145 -2.85 20.82 -0.37
N CYS A 146 -2.59 20.88 0.93
CA CYS A 146 -3.56 21.42 1.88
C CYS A 146 -3.93 22.85 1.51
N GLN A 147 -2.94 23.67 1.17
CA GLN A 147 -3.20 25.04 0.79
C GLN A 147 -4.07 25.08 -0.47
N ASN A 148 -3.80 24.15 -1.37
CA ASN A 148 -4.55 24.04 -2.62
C ASN A 148 -6.02 23.74 -2.34
N LYS A 149 -6.27 23.00 -1.27
CA LYS A 149 -7.62 22.60 -0.90
C LYS A 149 -8.14 21.65 -1.96
N PHE A 150 -8.39 22.18 -3.14
CA PHE A 150 -8.85 21.39 -4.27
C PHE A 150 -7.81 21.42 -5.37
N ILE A 151 -7.72 20.33 -6.12
CA ILE A 151 -6.78 20.25 -7.22
C ILE A 151 -7.55 20.14 -8.53
N ASP A 152 -7.11 20.85 -9.55
CA ASP A 152 -7.78 20.81 -10.85
C ASP A 152 -7.38 19.55 -11.61
N PHE A 153 -7.42 18.42 -10.91
CA PHE A 153 -7.03 17.14 -11.49
C PHE A 153 -7.82 16.80 -12.74
N LYS A 154 -9.12 16.58 -12.57
CA LYS A 154 -10.01 16.24 -13.68
C LYS A 154 -10.80 17.47 -14.13
N ASP A 155 -10.29 18.64 -13.78
CA ASP A 155 -10.97 19.90 -14.09
C ASP A 155 -12.34 19.90 -13.44
N ARG A 156 -12.40 19.30 -12.25
CA ARG A 156 -13.63 19.21 -11.47
C ARG A 156 -13.32 19.45 -9.98
N LYS A 157 -12.06 19.70 -9.67
CA LYS A 157 -11.63 19.94 -8.29
C LYS A 157 -11.82 18.72 -7.41
N ILE A 158 -10.72 18.28 -6.80
CA ILE A 158 -10.75 17.14 -5.90
C ILE A 158 -10.37 17.59 -4.50
N GLU A 159 -10.95 16.96 -3.48
CA GLU A 159 -10.64 17.35 -2.10
C GLU A 159 -9.65 16.37 -1.49
N ILE A 160 -8.60 16.93 -0.88
CA ILE A 160 -7.58 16.10 -0.24
C ILE A 160 -7.45 16.43 1.25
N LYS A 161 -7.44 15.39 2.06
CA LYS A 161 -7.32 15.52 3.51
C LYS A 161 -6.26 14.58 4.05
N ARG A 162 -5.53 15.02 5.07
CA ARG A 162 -4.48 14.20 5.67
C ARG A 162 -5.06 12.87 6.17
N ALA A 163 -4.26 11.82 6.06
CA ALA A 163 -4.68 10.48 6.49
C ALA A 163 -5.02 10.46 7.97
N GLU A 164 -5.99 9.63 8.34
CA GLU A 164 -6.41 9.50 9.72
C GLU A 164 -5.99 8.15 10.30
N PRO A 165 -5.76 8.09 11.63
CA PRO A 165 -5.36 6.86 12.31
C PRO A 165 -6.42 5.76 12.17
N ARG A 166 -7.67 6.18 11.93
CA ARG A 166 -8.82 5.27 11.78
C ARG A 166 -9.78 5.42 12.95
N HIS A 167 -11.04 5.69 12.65
CA HIS A 167 -12.06 5.86 13.67
C HIS A 167 -13.30 5.04 13.35
N LYS A 1 19.75 -0.60 4.53
CA LYS A 1 20.52 -1.83 4.16
C LYS A 1 19.61 -3.04 4.06
N GLU A 2 20.01 -4.01 3.24
CA GLU A 2 19.22 -5.23 3.04
C GLU A 2 17.83 -4.92 2.51
N SER A 3 16.93 -4.50 3.41
CA SER A 3 15.56 -4.18 3.03
C SER A 3 14.89 -5.34 2.29
N CYS A 4 15.46 -6.54 2.41
CA CYS A 4 14.92 -7.71 1.75
C CYS A 4 13.49 -7.99 2.19
N LYS A 5 13.16 -7.57 3.42
CA LYS A 5 11.81 -7.78 3.96
C LYS A 5 10.74 -7.18 3.05
N MET A 6 9.61 -7.88 2.97
CA MET A 6 8.48 -7.49 2.13
C MET A 6 7.24 -7.16 2.97
N PHE A 7 6.42 -6.26 2.46
CA PHE A 7 5.19 -5.89 3.11
C PHE A 7 4.03 -6.55 2.36
N ILE A 8 3.17 -7.23 3.09
CA ILE A 8 2.03 -7.91 2.47
C ILE A 8 0.73 -7.26 2.92
N GLY A 9 -0.11 -6.88 1.98
CA GLY A 9 -1.37 -6.26 2.32
C GLY A 9 -2.53 -6.87 1.57
N GLY A 10 -3.73 -6.56 2.01
CA GLY A 10 -4.90 -7.09 1.35
C GLY A 10 -5.16 -8.54 1.69
N LEU A 11 -4.83 -8.92 2.93
CA LEU A 11 -5.02 -10.29 3.39
C LEU A 11 -6.47 -10.51 3.80
N ASN A 12 -6.98 -11.73 3.60
CA ASN A 12 -8.36 -12.04 3.95
C ASN A 12 -8.51 -12.32 5.44
N TRP A 13 -8.15 -11.33 6.26
CA TRP A 13 -8.25 -11.42 7.72
C TRP A 13 -8.09 -12.86 8.23
N ASP A 14 -7.21 -13.63 7.60
CA ASP A 14 -7.01 -15.01 8.01
C ASP A 14 -5.71 -15.61 7.48
N THR A 15 -4.77 -14.76 7.09
CA THR A 15 -3.49 -15.25 6.59
C THR A 15 -2.64 -15.73 7.74
N THR A 16 -2.01 -16.87 7.54
CA THR A 16 -1.15 -17.46 8.54
C THR A 16 0.28 -17.47 8.03
N GLU A 17 1.24 -17.27 8.93
CA GLU A 17 2.63 -17.24 8.52
C GLU A 17 2.98 -18.55 7.81
N ASP A 18 2.42 -19.66 8.28
CA ASP A 18 2.67 -20.95 7.65
C ASP A 18 2.11 -20.99 6.24
N ASN A 19 0.86 -20.57 6.09
CA ASN A 19 0.22 -20.54 4.76
C ASN A 19 0.90 -19.50 3.89
N LEU A 20 1.21 -18.37 4.50
CA LEU A 20 1.87 -17.28 3.85
C LEU A 20 3.28 -17.69 3.43
N ARG A 21 3.96 -18.42 4.30
CA ARG A 21 5.28 -18.92 3.99
C ARG A 21 5.20 -19.87 2.81
N GLU A 22 4.22 -20.76 2.86
CA GLU A 22 4.03 -21.75 1.80
C GLU A 22 3.60 -21.06 0.51
N TYR A 23 2.76 -20.04 0.63
CA TYR A 23 2.28 -19.29 -0.53
C TYR A 23 3.44 -18.72 -1.32
N PHE A 24 4.38 -18.12 -0.60
CA PHE A 24 5.54 -17.52 -1.24
C PHE A 24 6.72 -18.50 -1.27
N GLY A 25 6.51 -19.71 -0.75
CA GLY A 25 7.56 -20.72 -0.76
C GLY A 25 8.03 -21.04 -2.17
N LYS A 26 7.13 -20.88 -3.14
CA LYS A 26 7.43 -21.18 -4.54
C LYS A 26 8.62 -20.34 -5.01
N TYR A 27 8.63 -19.10 -4.56
CA TYR A 27 9.64 -18.12 -4.92
C TYR A 27 11.00 -18.48 -4.36
N GLY A 28 11.01 -19.12 -3.20
CA GLY A 28 12.26 -19.52 -2.57
C GLY A 28 12.09 -19.82 -1.10
N THR A 29 12.97 -19.27 -0.29
CA THR A 29 12.93 -19.48 1.15
C THR A 29 12.76 -18.15 1.85
N VAL A 30 11.94 -18.11 2.89
CA VAL A 30 11.70 -16.88 3.62
C VAL A 30 12.49 -16.87 4.92
N THR A 31 13.28 -15.81 5.14
CA THR A 31 14.09 -15.71 6.35
C THR A 31 13.22 -15.48 7.57
N ASP A 32 12.16 -14.68 7.41
CA ASP A 32 11.25 -14.38 8.50
C ASP A 32 9.81 -14.27 8.04
N LEU A 33 8.90 -14.49 8.97
CA LEU A 33 7.47 -14.40 8.69
C LEU A 33 6.76 -13.61 9.78
N LYS A 34 6.00 -12.59 9.38
CA LYS A 34 5.28 -11.78 10.35
C LYS A 34 3.85 -11.51 9.92
N ILE A 35 2.92 -11.97 10.74
CA ILE A 35 1.51 -11.74 10.51
C ILE A 35 0.90 -11.10 11.74
N MET A 36 0.18 -10.00 11.54
CA MET A 36 -0.42 -9.29 12.66
C MET A 36 -1.86 -9.70 12.86
N LYS A 37 -2.24 -9.94 14.11
CA LYS A 37 -3.60 -10.35 14.44
C LYS A 37 -4.18 -9.47 15.54
N ASP A 38 -5.50 -9.38 15.60
CA ASP A 38 -6.17 -8.57 16.62
C ASP A 38 -7.15 -9.43 17.42
N PRO A 39 -6.64 -10.30 18.30
CA PRO A 39 -7.46 -11.20 19.12
C PRO A 39 -8.43 -10.43 20.03
N ALA A 40 -8.06 -9.22 20.43
CA ALA A 40 -8.90 -8.42 21.30
C ALA A 40 -10.20 -8.05 20.61
N THR A 41 -10.08 -7.38 19.47
CA THR A 41 -11.24 -6.99 18.69
C THR A 41 -11.76 -8.18 17.88
N GLY A 42 -10.94 -9.21 17.78
CA GLY A 42 -11.32 -10.39 17.03
C GLY A 42 -11.12 -10.19 15.53
N ARG A 43 -10.22 -9.28 15.19
CA ARG A 43 -9.94 -8.96 13.80
C ARG A 43 -8.45 -9.13 13.50
N SER A 44 -8.07 -8.96 12.24
CA SER A 44 -6.67 -9.10 11.84
C SER A 44 -6.22 -7.85 11.09
N ARG A 45 -4.94 -7.48 11.24
CA ARG A 45 -4.43 -6.30 10.55
C ARG A 45 -4.71 -6.39 9.05
N GLY A 46 -4.65 -7.60 8.52
CA GLY A 46 -4.90 -7.81 7.10
C GLY A 46 -3.64 -7.70 6.27
N PHE A 47 -2.51 -7.51 6.94
CA PHE A 47 -1.23 -7.41 6.26
C PHE A 47 -0.15 -8.14 7.05
N GLY A 48 0.91 -8.52 6.35
CA GLY A 48 2.01 -9.23 7.00
C GLY A 48 3.33 -8.89 6.39
N PHE A 49 4.42 -9.15 7.12
CA PHE A 49 5.74 -8.87 6.60
C PHE A 49 6.43 -10.16 6.21
N LEU A 50 6.85 -10.22 4.96
CA LEU A 50 7.51 -11.40 4.40
C LEU A 50 8.98 -11.13 4.11
N SER A 51 9.87 -11.96 4.65
CA SER A 51 11.30 -11.77 4.42
C SER A 51 11.92 -12.97 3.71
N PHE A 52 12.79 -12.70 2.73
CA PHE A 52 13.45 -13.77 1.98
C PHE A 52 14.97 -13.68 2.11
N GLU A 53 15.61 -14.84 2.17
CA GLU A 53 17.06 -14.90 2.26
C GLU A 53 17.68 -14.31 1.00
N LYS A 54 17.02 -14.52 -0.14
CA LYS A 54 17.49 -14.00 -1.42
C LYS A 54 16.59 -12.87 -1.91
N PRO A 55 17.12 -11.64 -2.02
CA PRO A 55 16.36 -10.48 -2.48
C PRO A 55 15.73 -10.69 -3.86
N SER A 56 16.27 -11.64 -4.63
CA SER A 56 15.76 -11.92 -5.96
C SER A 56 14.27 -12.27 -5.92
N SER A 57 13.87 -12.99 -4.87
CA SER A 57 12.46 -13.37 -4.70
C SER A 57 11.58 -12.13 -4.67
N VAL A 58 12.09 -11.05 -4.11
CA VAL A 58 11.34 -9.81 -4.01
C VAL A 58 10.99 -9.28 -5.40
N ASP A 59 11.95 -9.35 -6.32
CA ASP A 59 11.72 -8.88 -7.68
C ASP A 59 10.56 -9.62 -8.33
N GLU A 60 10.51 -10.94 -8.11
CA GLU A 60 9.44 -11.76 -8.65
C GLU A 60 8.14 -11.61 -7.86
N VAL A 61 8.27 -11.34 -6.57
CA VAL A 61 7.09 -11.18 -5.71
C VAL A 61 6.20 -10.03 -6.19
N VAL A 62 6.80 -8.92 -6.60
CA VAL A 62 6.02 -7.78 -7.06
C VAL A 62 5.35 -8.02 -8.42
N LYS A 63 6.00 -8.81 -9.27
CA LYS A 63 5.47 -9.09 -10.60
C LYS A 63 4.10 -9.78 -10.56
N THR A 64 3.92 -10.68 -9.61
CA THR A 64 2.66 -11.43 -9.49
C THR A 64 1.61 -10.66 -8.68
N GLN A 65 0.36 -10.77 -9.09
CA GLN A 65 -0.76 -10.10 -8.40
C GLN A 65 -0.95 -10.68 -7.01
N HIS A 66 -0.83 -12.00 -6.90
CA HIS A 66 -0.95 -12.71 -5.62
C HIS A 66 -2.37 -12.92 -5.13
N ILE A 67 -2.91 -14.10 -5.37
CA ILE A 67 -4.23 -14.44 -4.88
C ILE A 67 -4.09 -15.62 -3.91
N LEU A 68 -4.25 -15.35 -2.62
CA LEU A 68 -4.09 -16.39 -1.59
C LEU A 68 -5.43 -16.98 -1.15
N ASP A 69 -6.19 -16.21 -0.37
CA ASP A 69 -7.48 -16.66 0.15
C ASP A 69 -8.64 -16.28 -0.79
N GLY A 70 -8.31 -15.90 -2.02
CA GLY A 70 -9.33 -15.51 -2.97
C GLY A 70 -9.43 -14.01 -3.13
N LYS A 71 -8.69 -13.29 -2.29
CA LYS A 71 -8.66 -11.84 -2.35
C LYS A 71 -7.42 -11.40 -3.10
N VAL A 72 -7.16 -10.10 -3.11
CA VAL A 72 -5.99 -9.59 -3.80
C VAL A 72 -5.06 -8.86 -2.85
N ILE A 73 -3.77 -9.14 -2.99
CA ILE A 73 -2.75 -8.53 -2.15
C ILE A 73 -1.70 -7.86 -3.02
N ASP A 74 -0.99 -6.88 -2.48
CA ASP A 74 0.04 -6.18 -3.23
C ASP A 74 1.36 -6.16 -2.47
N PRO A 75 2.08 -7.29 -2.51
CA PRO A 75 3.38 -7.41 -1.84
C PRO A 75 4.35 -6.32 -2.29
N LYS A 76 4.99 -5.65 -1.34
CA LYS A 76 5.93 -4.59 -1.65
C LYS A 76 7.18 -4.71 -0.79
N ARG A 77 8.20 -3.93 -1.10
CA ARG A 77 9.43 -3.95 -0.31
C ARG A 77 9.19 -3.33 1.06
N ALA A 78 9.77 -3.92 2.10
CA ALA A 78 9.61 -3.41 3.47
C ALA A 78 10.29 -2.04 3.62
N ILE A 79 9.67 -1.17 4.41
CA ILE A 79 10.21 0.16 4.65
C ILE A 79 10.69 0.30 6.10
N PRO A 80 11.98 0.63 6.32
CA PRO A 80 12.51 0.81 7.66
C PRO A 80 11.68 1.79 8.46
N ARG A 81 11.52 1.55 9.76
CA ARG A 81 10.72 2.42 10.60
C ARG A 81 11.22 3.87 10.55
N ASP A 82 12.53 4.05 10.52
CA ASP A 82 13.09 5.40 10.46
C ASP A 82 12.64 6.09 9.18
N GLU A 83 12.73 5.39 8.06
CA GLU A 83 12.30 5.93 6.79
C GLU A 83 10.78 6.06 6.77
N GLN A 84 10.13 5.08 7.40
CA GLN A 84 8.67 5.06 7.48
C GLN A 84 8.15 6.32 8.15
N ASP A 85 8.81 6.72 9.24
CA ASP A 85 8.42 7.92 9.98
C ASP A 85 8.61 9.17 9.13
N LYS A 86 9.71 9.20 8.39
CA LYS A 86 10.05 10.35 7.54
C LYS A 86 8.98 10.61 6.48
N THR A 87 8.41 9.55 5.93
CA THR A 87 7.40 9.67 4.90
C THR A 87 6.02 9.96 5.48
N GLY A 88 5.14 10.46 4.61
CA GLY A 88 3.78 10.78 5.01
C GLY A 88 2.77 10.31 3.98
N LYS A 89 1.50 10.23 4.37
CA LYS A 89 0.46 9.78 3.46
C LYS A 89 -0.79 10.64 3.60
N ILE A 90 -1.43 11.00 2.47
CA ILE A 90 -2.63 11.83 2.52
C ILE A 90 -3.82 11.17 1.83
N PHE A 91 -5.00 11.72 2.12
CA PHE A 91 -6.26 11.26 1.55
C PHE A 91 -6.78 12.21 0.49
N VAL A 92 -7.29 11.65 -0.59
CA VAL A 92 -7.86 12.44 -1.66
C VAL A 92 -9.26 11.95 -1.98
N GLY A 93 -10.20 12.88 -2.10
CA GLY A 93 -11.59 12.50 -2.36
C GLY A 93 -12.05 12.75 -3.78
N GLY A 94 -11.18 13.34 -4.60
CA GLY A 94 -11.56 13.62 -5.97
C GLY A 94 -10.72 12.86 -6.97
N ILE A 95 -11.36 11.96 -7.71
CA ILE A 95 -10.65 11.18 -8.72
C ILE A 95 -10.77 11.86 -10.08
N GLY A 96 -11.91 11.69 -10.73
CA GLY A 96 -12.11 12.30 -12.04
C GLY A 96 -12.38 11.26 -13.11
N PRO A 97 -12.93 11.67 -14.27
CA PRO A 97 -13.21 10.73 -15.36
C PRO A 97 -11.96 10.08 -15.92
N ASP A 98 -11.99 8.75 -16.00
CA ASP A 98 -10.88 7.97 -16.54
C ASP A 98 -9.54 8.34 -15.90
N VAL A 99 -9.52 8.51 -14.57
CA VAL A 99 -8.27 8.84 -13.89
C VAL A 99 -7.27 7.70 -13.99
N ARG A 100 -7.73 6.46 -13.81
CA ARG A 100 -6.83 5.32 -13.87
C ARG A 100 -5.76 5.43 -12.79
N PRO A 101 -5.48 4.35 -12.06
CA PRO A 101 -4.47 4.37 -10.99
C PRO A 101 -3.11 4.87 -11.46
N LYS A 102 -2.80 4.62 -12.73
CA LYS A 102 -1.52 5.06 -13.29
C LYS A 102 -1.40 6.58 -13.32
N GLU A 103 -2.43 7.26 -13.81
CA GLU A 103 -2.43 8.72 -13.89
C GLU A 103 -2.40 9.34 -12.50
N PHE A 104 -3.13 8.72 -11.58
CA PHE A 104 -3.21 9.19 -10.21
C PHE A 104 -1.82 9.22 -9.56
N GLU A 105 -1.04 8.16 -9.76
CA GLU A 105 0.30 8.09 -9.19
C GLU A 105 1.22 9.16 -9.77
N GLU A 106 1.13 9.40 -11.08
CA GLU A 106 1.95 10.42 -11.72
C GLU A 106 1.39 11.80 -11.45
N PHE A 107 0.07 11.87 -11.29
CA PHE A 107 -0.60 13.13 -11.01
C PHE A 107 -0.14 13.73 -9.69
N PHE A 108 -0.25 12.96 -8.62
CA PHE A 108 0.18 13.41 -7.30
C PHE A 108 1.68 13.64 -7.29
N SER A 109 2.40 12.97 -8.19
CA SER A 109 3.84 13.13 -8.27
C SER A 109 4.16 14.60 -8.46
N GLN A 110 3.20 15.32 -9.00
CA GLN A 110 3.31 16.75 -9.22
C GLN A 110 3.86 17.47 -8.00
N TRP A 111 3.45 17.02 -6.82
CA TRP A 111 3.93 17.63 -5.58
C TRP A 111 4.45 16.59 -4.60
N GLY A 112 5.40 15.78 -5.06
CA GLY A 112 5.99 14.76 -4.22
C GLY A 112 6.43 13.53 -5.00
N THR A 113 7.50 12.90 -4.54
CA THR A 113 8.03 11.70 -5.19
C THR A 113 6.99 10.58 -5.22
N ILE A 114 6.22 10.48 -4.14
CA ILE A 114 5.19 9.45 -4.02
C ILE A 114 5.80 8.07 -3.81
N ILE A 115 6.10 7.72 -2.57
CA ILE A 115 6.65 6.41 -2.27
C ILE A 115 5.71 5.29 -2.71
N ASP A 116 4.41 5.52 -2.59
CA ASP A 116 3.40 4.54 -2.99
C ASP A 116 2.23 5.20 -3.72
N ALA A 117 1.08 5.34 -3.04
CA ALA A 117 -0.10 5.96 -3.64
C ALA A 117 -0.87 5.00 -4.53
N GLN A 118 -2.08 4.65 -4.10
CA GLN A 118 -2.92 3.75 -4.87
C GLN A 118 -4.39 4.17 -4.82
N LEU A 119 -5.14 3.77 -5.84
CA LEU A 119 -6.56 4.09 -5.95
C LEU A 119 -7.38 3.49 -4.82
N MET A 120 -7.02 2.28 -4.39
CA MET A 120 -7.74 1.58 -3.32
C MET A 120 -9.03 0.97 -3.86
N LEU A 121 -9.18 -0.34 -3.71
CA LEU A 121 -10.39 -1.03 -4.15
C LEU A 121 -10.96 -1.87 -3.02
N ASP A 122 -12.24 -1.67 -2.70
CA ASP A 122 -12.88 -2.44 -1.64
C ASP A 122 -12.90 -3.91 -2.02
N LYS A 123 -13.18 -4.16 -3.29
CA LYS A 123 -13.23 -5.50 -3.85
C LYS A 123 -13.13 -5.39 -5.36
N ASP A 124 -14.22 -4.95 -5.99
CA ASP A 124 -14.26 -4.77 -7.43
C ASP A 124 -13.93 -3.32 -7.80
N THR A 125 -14.88 -2.41 -7.59
CA THR A 125 -14.68 -1.01 -7.91
C THR A 125 -15.05 -0.10 -6.73
N GLY A 126 -15.23 -0.68 -5.55
CA GLY A 126 -15.59 0.10 -4.38
C GLY A 126 -14.79 1.38 -4.24
N GLN A 127 -13.68 1.27 -3.52
CA GLN A 127 -12.78 2.39 -3.29
C GLN A 127 -12.22 2.94 -4.60
N SER A 128 -12.17 2.09 -5.62
CA SER A 128 -11.62 2.49 -6.92
C SER A 128 -12.28 3.77 -7.41
N ARG A 129 -13.51 4.01 -6.98
CA ARG A 129 -14.23 5.20 -7.38
C ARG A 129 -14.66 6.00 -6.15
N GLY A 130 -14.53 7.32 -6.23
CA GLY A 130 -14.92 8.17 -5.12
C GLY A 130 -13.73 8.85 -4.46
N PHE A 131 -12.73 8.08 -4.04
CA PHE A 131 -11.56 8.66 -3.38
C PHE A 131 -10.28 7.94 -3.79
N GLY A 132 -9.15 8.57 -3.47
CA GLY A 132 -7.85 7.99 -3.78
C GLY A 132 -6.88 8.06 -2.62
N PHE A 133 -5.90 7.19 -2.62
CA PHE A 133 -4.89 7.15 -1.54
C PHE A 133 -3.49 7.45 -2.09
N VAL A 134 -2.82 8.44 -1.52
CA VAL A 134 -1.46 8.77 -1.96
C VAL A 134 -0.48 8.85 -0.78
N THR A 135 0.71 8.29 -1.00
CA THR A 135 1.76 8.30 0.02
C THR A 135 2.95 9.09 -0.50
N TYR A 136 3.53 9.93 0.34
CA TYR A 136 4.67 10.75 -0.05
C TYR A 136 5.91 10.45 0.76
N ASP A 137 7.05 10.49 0.07
CA ASP A 137 8.34 10.26 0.70
C ASP A 137 8.59 11.32 1.76
N SER A 138 8.07 12.52 1.53
CA SER A 138 8.27 13.63 2.47
C SER A 138 6.95 14.23 2.93
N ALA A 139 6.89 14.54 4.21
CA ALA A 139 5.70 15.15 4.80
C ALA A 139 5.44 16.54 4.22
N ASP A 140 6.52 17.22 3.86
CA ASP A 140 6.42 18.56 3.28
C ASP A 140 5.52 18.56 2.06
N ALA A 141 5.57 17.50 1.28
CA ALA A 141 4.76 17.38 0.08
C ALA A 141 3.27 17.43 0.44
N VAL A 142 2.93 16.86 1.59
CA VAL A 142 1.54 16.85 2.03
C VAL A 142 1.03 18.28 2.19
N ASP A 143 1.85 19.13 2.78
CA ASP A 143 1.50 20.54 2.98
C ASP A 143 1.28 21.26 1.65
N ARG A 144 2.07 20.91 0.65
CA ARG A 144 1.99 21.55 -0.67
C ARG A 144 0.59 21.45 -1.26
N VAL A 145 0.01 20.26 -1.16
CA VAL A 145 -1.32 20.03 -1.69
C VAL A 145 -2.38 20.78 -0.91
N CYS A 146 -2.14 20.95 0.39
CA CYS A 146 -3.08 21.64 1.26
C CYS A 146 -3.36 23.06 0.75
N GLN A 147 -2.32 23.77 0.34
CA GLN A 147 -2.49 25.12 -0.17
C GLN A 147 -3.38 25.10 -1.40
N ASN A 148 -3.17 24.10 -2.25
CA ASN A 148 -3.94 23.94 -3.47
C ASN A 148 -5.43 23.71 -3.16
N LYS A 149 -5.68 23.04 -2.04
CA LYS A 149 -7.05 22.71 -1.63
C LYS A 149 -7.64 21.73 -2.63
N PHE A 150 -7.96 22.21 -3.83
CA PHE A 150 -8.51 21.36 -4.87
C PHE A 150 -7.57 21.31 -6.05
N ILE A 151 -7.54 20.18 -6.72
CA ILE A 151 -6.71 20.02 -7.90
C ILE A 151 -7.59 19.71 -9.10
N ASP A 152 -7.40 20.45 -10.17
CA ASP A 152 -8.18 20.27 -11.40
C ASP A 152 -8.01 18.86 -11.95
N PHE A 153 -6.80 18.33 -11.79
CA PHE A 153 -6.45 17.01 -12.27
C PHE A 153 -6.86 16.82 -13.74
N LYS A 154 -7.64 15.78 -14.04
CA LYS A 154 -8.07 15.53 -15.42
C LYS A 154 -8.87 16.71 -15.97
N ASP A 155 -9.67 17.31 -15.09
CA ASP A 155 -10.50 18.47 -15.45
C ASP A 155 -11.51 18.83 -14.35
N ARG A 156 -11.51 18.08 -13.24
CA ARG A 156 -12.42 18.34 -12.15
C ARG A 156 -11.64 18.60 -10.86
N LYS A 157 -12.23 19.37 -9.96
CA LYS A 157 -11.57 19.69 -8.70
C LYS A 157 -11.66 18.53 -7.73
N ILE A 158 -10.50 18.15 -7.18
CA ILE A 158 -10.45 17.07 -6.21
C ILE A 158 -10.01 17.64 -4.87
N GLU A 159 -10.56 17.11 -3.78
CA GLU A 159 -10.20 17.59 -2.45
C GLU A 159 -9.21 16.63 -1.81
N ILE A 160 -8.14 17.18 -1.24
CA ILE A 160 -7.12 16.35 -0.61
C ILE A 160 -6.92 16.72 0.86
N LYS A 161 -7.03 15.72 1.73
CA LYS A 161 -6.88 15.90 3.17
C LYS A 161 -5.96 14.82 3.75
N ARG A 162 -5.89 14.75 5.08
CA ARG A 162 -5.05 13.74 5.74
C ARG A 162 -5.44 12.34 5.30
N ALA A 163 -4.46 11.44 5.23
CA ALA A 163 -4.68 10.06 4.80
C ALA A 163 -5.65 9.29 5.67
N GLU A 164 -5.82 9.68 6.92
CA GLU A 164 -6.71 8.94 7.82
C GLU A 164 -7.97 9.73 8.18
N PRO A 165 -7.88 10.77 9.03
CA PRO A 165 -9.04 11.56 9.43
C PRO A 165 -9.82 12.11 8.24
N ARG A 166 -11.14 12.04 8.32
CA ARG A 166 -12.01 12.51 7.26
C ARG A 166 -11.78 13.99 6.98
N HIS A 167 -11.50 14.75 8.03
CA HIS A 167 -11.26 16.18 7.90
C HIS A 167 -9.97 16.59 8.59
N LYS A 1 20.20 -8.50 5.05
CA LYS A 1 19.67 -7.40 4.19
C LYS A 1 18.23 -7.05 4.56
N GLU A 2 18.07 -6.04 5.39
CA GLU A 2 16.74 -5.61 5.83
C GLU A 2 15.87 -5.23 4.63
N SER A 3 16.50 -4.69 3.59
CA SER A 3 15.78 -4.28 2.39
C SER A 3 15.03 -5.46 1.78
N CYS A 4 15.61 -6.65 1.88
CA CYS A 4 15.00 -7.86 1.33
C CYS A 4 13.59 -8.07 1.89
N LYS A 5 13.31 -7.45 3.03
CA LYS A 5 12.00 -7.57 3.66
C LYS A 5 10.89 -7.13 2.70
N MET A 6 9.78 -7.87 2.72
CA MET A 6 8.65 -7.60 1.84
C MET A 6 7.38 -7.25 2.62
N PHE A 7 6.53 -6.44 2.02
CA PHE A 7 5.26 -6.05 2.62
C PHE A 7 4.13 -6.76 1.91
N ILE A 8 3.26 -7.40 2.66
CA ILE A 8 2.14 -8.12 2.07
C ILE A 8 0.83 -7.46 2.47
N GLY A 9 0.04 -7.02 1.50
CA GLY A 9 -1.23 -6.40 1.81
C GLY A 9 -2.39 -7.06 1.08
N GLY A 10 -3.60 -6.76 1.53
CA GLY A 10 -4.76 -7.34 0.90
C GLY A 10 -4.93 -8.80 1.27
N LEU A 11 -4.42 -9.17 2.45
CA LEU A 11 -4.51 -10.53 2.92
C LEU A 11 -5.80 -10.78 3.67
N ASN A 12 -6.37 -11.97 3.48
CA ASN A 12 -7.59 -12.34 4.17
C ASN A 12 -7.28 -12.47 5.66
N TRP A 13 -8.14 -11.90 6.50
CA TRP A 13 -7.91 -11.95 7.95
C TRP A 13 -7.67 -13.38 8.43
N ASP A 14 -8.38 -14.34 7.83
CA ASP A 14 -8.23 -15.74 8.19
C ASP A 14 -6.79 -16.23 7.96
N THR A 15 -6.12 -15.66 6.97
CA THR A 15 -4.76 -16.06 6.63
C THR A 15 -3.80 -15.88 7.80
N THR A 16 -2.91 -16.85 7.95
CA THR A 16 -1.91 -16.84 9.00
C THR A 16 -0.53 -16.79 8.40
N GLU A 17 0.48 -16.53 9.23
CA GLU A 17 1.84 -16.50 8.73
C GLU A 17 2.18 -17.85 8.13
N ASP A 18 1.60 -18.92 8.70
CA ASP A 18 1.83 -20.26 8.18
C ASP A 18 1.35 -20.33 6.75
N ASN A 19 0.20 -19.70 6.50
CA ASN A 19 -0.38 -19.65 5.17
C ASN A 19 0.57 -18.93 4.23
N LEU A 20 1.16 -17.84 4.74
CA LEU A 20 2.12 -17.05 3.97
C LEU A 20 3.37 -17.86 3.71
N ARG A 21 3.82 -18.56 4.73
CA ARG A 21 5.00 -19.39 4.62
C ARG A 21 4.84 -20.47 3.56
N GLU A 22 3.70 -21.13 3.57
CA GLU A 22 3.44 -22.19 2.61
C GLU A 22 3.32 -21.62 1.20
N TYR A 23 2.68 -20.46 1.09
CA TYR A 23 2.50 -19.81 -0.21
C TYR A 23 3.81 -19.26 -0.74
N PHE A 24 4.37 -18.32 0.02
CA PHE A 24 5.62 -17.69 -0.35
C PHE A 24 6.82 -18.63 -0.22
N GLY A 25 6.70 -19.65 0.62
CA GLY A 25 7.78 -20.60 0.77
C GLY A 25 8.23 -21.13 -0.59
N LYS A 26 7.29 -21.11 -1.52
CA LYS A 26 7.53 -21.54 -2.89
C LYS A 26 8.68 -20.77 -3.52
N TYR A 27 8.68 -19.46 -3.29
CA TYR A 27 9.70 -18.57 -3.83
C TYR A 27 11.05 -18.73 -3.17
N GLY A 28 11.03 -19.03 -1.88
CA GLY A 28 12.28 -19.19 -1.15
C GLY A 28 12.11 -19.90 0.18
N THR A 29 13.19 -19.95 0.95
CA THR A 29 13.16 -20.59 2.25
C THR A 29 12.15 -19.92 3.16
N VAL A 30 12.02 -18.60 3.01
CA VAL A 30 11.12 -17.80 3.82
C VAL A 30 11.77 -17.54 5.19
N THR A 31 12.81 -16.73 5.13
CA THR A 31 13.62 -16.42 6.30
C THR A 31 12.77 -15.94 7.48
N ASP A 32 11.79 -15.07 7.23
CA ASP A 32 10.95 -14.57 8.31
C ASP A 32 9.52 -14.27 7.86
N LEU A 33 8.58 -14.58 8.75
CA LEU A 33 7.17 -14.35 8.47
C LEU A 33 6.57 -13.43 9.54
N LYS A 34 5.85 -12.39 9.11
CA LYS A 34 5.24 -11.47 10.07
C LYS A 34 3.81 -11.10 9.72
N ILE A 35 2.90 -11.41 10.65
CA ILE A 35 1.49 -11.06 10.51
C ILE A 35 1.03 -10.30 11.73
N MET A 36 0.35 -9.20 11.52
CA MET A 36 -0.15 -8.39 12.61
C MET A 36 -1.57 -8.82 12.97
N LYS A 37 -1.78 -9.16 14.23
CA LYS A 37 -3.09 -9.60 14.68
C LYS A 37 -3.56 -8.77 15.89
N ASP A 38 -4.86 -8.68 16.08
CA ASP A 38 -5.42 -7.93 17.20
C ASP A 38 -5.76 -8.85 18.37
N PRO A 39 -4.98 -8.77 19.47
CA PRO A 39 -5.19 -9.61 20.65
C PRO A 39 -6.58 -9.42 21.28
N ALA A 40 -7.15 -8.24 21.08
CA ALA A 40 -8.47 -7.94 21.63
C ALA A 40 -9.59 -8.64 20.89
N THR A 41 -10.08 -8.01 19.82
CA THR A 41 -11.17 -8.58 19.03
C THR A 41 -10.70 -9.78 18.21
N GLY A 42 -9.41 -9.88 17.97
CA GLY A 42 -8.88 -10.98 17.18
C GLY A 42 -8.76 -10.63 15.71
N ARG A 43 -9.05 -9.38 15.38
CA ARG A 43 -8.98 -8.91 13.99
C ARG A 43 -7.52 -8.74 13.59
N SER A 44 -7.19 -9.06 12.35
CA SER A 44 -5.81 -8.93 11.89
C SER A 44 -5.66 -7.70 11.01
N ARG A 45 -4.47 -7.10 11.04
CA ARG A 45 -4.21 -5.90 10.25
C ARG A 45 -4.57 -6.17 8.79
N GLY A 46 -4.42 -7.42 8.36
CA GLY A 46 -4.75 -7.79 6.99
C GLY A 46 -3.53 -7.80 6.09
N PHE A 47 -2.38 -7.45 6.64
CA PHE A 47 -1.14 -7.43 5.90
C PHE A 47 -0.02 -8.04 6.74
N GLY A 48 1.01 -8.52 6.05
CA GLY A 48 2.12 -9.12 6.74
C GLY A 48 3.43 -8.81 6.08
N PHE A 49 4.53 -8.99 6.79
CA PHE A 49 5.83 -8.73 6.24
C PHE A 49 6.52 -10.05 5.90
N LEU A 50 6.94 -10.17 4.65
CA LEU A 50 7.57 -11.38 4.14
C LEU A 50 9.07 -11.20 3.94
N SER A 51 9.87 -12.12 4.46
CA SER A 51 11.32 -12.04 4.31
C SER A 51 11.91 -13.30 3.68
N PHE A 52 12.82 -13.10 2.72
CA PHE A 52 13.48 -14.20 2.05
C PHE A 52 14.99 -14.13 2.26
N GLU A 53 15.62 -15.28 2.47
CA GLU A 53 17.06 -15.33 2.66
C GLU A 53 17.77 -14.80 1.43
N LYS A 54 17.18 -15.05 0.26
CA LYS A 54 17.74 -14.60 -1.00
C LYS A 54 16.89 -13.47 -1.59
N PRO A 55 17.49 -12.29 -1.78
CA PRO A 55 16.77 -11.12 -2.34
C PRO A 55 16.11 -11.42 -3.68
N SER A 56 16.59 -12.46 -4.36
CA SER A 56 16.05 -12.82 -5.67
C SER A 56 14.57 -13.16 -5.57
N SER A 57 14.15 -13.70 -4.43
CA SER A 57 12.76 -14.06 -4.22
C SER A 57 11.86 -12.83 -4.36
N VAL A 58 12.36 -11.68 -3.92
CA VAL A 58 11.60 -10.44 -3.99
C VAL A 58 11.28 -10.08 -5.44
N ASP A 59 12.27 -10.21 -6.32
CA ASP A 59 12.07 -9.89 -7.73
C ASP A 59 10.96 -10.75 -8.33
N GLU A 60 10.97 -12.04 -7.97
CA GLU A 60 9.96 -12.97 -8.47
C GLU A 60 8.62 -12.77 -7.78
N VAL A 61 8.65 -12.35 -6.52
CA VAL A 61 7.42 -12.12 -5.75
C VAL A 61 6.57 -11.04 -6.42
N VAL A 62 7.20 -9.97 -6.88
CA VAL A 62 6.45 -8.89 -7.51
C VAL A 62 5.95 -9.26 -8.90
N LYS A 63 6.66 -10.17 -9.56
CA LYS A 63 6.29 -10.62 -10.90
C LYS A 63 4.87 -11.20 -10.93
N THR A 64 4.50 -11.90 -9.87
CA THR A 64 3.19 -12.54 -9.77
C THR A 64 2.21 -11.71 -8.95
N GLN A 65 0.96 -11.68 -9.39
CA GLN A 65 -0.09 -10.94 -8.69
C GLN A 65 -0.37 -11.57 -7.32
N HIS A 66 -0.38 -12.91 -7.29
CA HIS A 66 -0.60 -13.68 -6.07
C HIS A 66 -2.06 -13.78 -5.66
N ILE A 67 -2.58 -14.99 -5.66
CA ILE A 67 -3.94 -15.23 -5.20
C ILE A 67 -3.89 -16.12 -3.96
N LEU A 68 -4.15 -15.54 -2.79
CA LEU A 68 -4.12 -16.30 -1.55
C LEU A 68 -5.48 -16.24 -0.85
N ASP A 69 -6.06 -17.41 -0.60
CA ASP A 69 -7.38 -17.48 0.05
C ASP A 69 -8.40 -16.61 -0.66
N GLY A 70 -8.35 -16.60 -1.99
CA GLY A 70 -9.29 -15.82 -2.76
C GLY A 70 -9.02 -14.32 -2.71
N LYS A 71 -7.79 -13.94 -2.36
CA LYS A 71 -7.44 -12.53 -2.28
C LYS A 71 -6.39 -12.15 -3.32
N VAL A 72 -6.60 -11.02 -3.98
CA VAL A 72 -5.68 -10.52 -5.00
C VAL A 72 -4.29 -10.23 -4.44
N ILE A 73 -4.25 -9.75 -3.19
CA ILE A 73 -3.00 -9.39 -2.49
C ILE A 73 -1.89 -8.92 -3.45
N ASP A 74 -1.31 -7.77 -3.15
CA ASP A 74 -0.26 -7.21 -3.99
C ASP A 74 1.01 -6.97 -3.18
N PRO A 75 1.84 -8.01 -3.02
CA PRO A 75 3.09 -7.92 -2.27
C PRO A 75 4.01 -6.83 -2.81
N LYS A 76 4.59 -6.04 -1.92
CA LYS A 76 5.50 -4.97 -2.31
C LYS A 76 6.73 -4.92 -1.42
N ARG A 77 7.81 -4.33 -1.91
CA ARG A 77 9.05 -4.25 -1.15
C ARG A 77 8.81 -3.57 0.20
N ALA A 78 9.35 -4.16 1.27
CA ALA A 78 9.19 -3.63 2.62
C ALA A 78 10.04 -2.37 2.85
N ILE A 79 9.51 -1.49 3.69
CA ILE A 79 10.20 -0.26 4.06
C ILE A 79 10.39 -0.20 5.57
N PRO A 80 11.63 0.00 6.04
CA PRO A 80 11.91 0.08 7.47
C PRO A 80 11.00 1.09 8.17
N ARG A 81 10.62 0.80 9.40
CA ARG A 81 9.71 1.66 10.14
C ARG A 81 10.23 3.10 10.22
N ASP A 82 11.53 3.26 10.38
CA ASP A 82 12.11 4.60 10.47
C ASP A 82 11.87 5.40 9.19
N GLU A 83 11.96 4.75 8.04
CA GLU A 83 11.72 5.43 6.78
C GLU A 83 10.25 5.81 6.66
N GLN A 84 9.38 4.96 7.20
CA GLN A 84 7.95 5.22 7.17
C GLN A 84 7.63 6.53 7.86
N ASP A 85 8.33 6.81 8.95
CA ASP A 85 8.14 8.05 9.70
C ASP A 85 8.44 9.25 8.82
N LYS A 86 9.49 9.15 8.02
CA LYS A 86 9.89 10.23 7.12
C LYS A 86 8.79 10.53 6.11
N THR A 87 8.09 9.48 5.69
CA THR A 87 7.02 9.62 4.70
C THR A 87 5.71 10.04 5.35
N GLY A 88 4.79 10.55 4.53
CA GLY A 88 3.49 10.98 5.03
C GLY A 88 2.40 10.73 4.01
N LYS A 89 1.49 9.82 4.32
CA LYS A 89 0.39 9.50 3.42
C LYS A 89 -0.81 10.39 3.67
N ILE A 90 -1.39 10.91 2.58
CA ILE A 90 -2.54 11.80 2.69
C ILE A 90 -3.77 11.19 2.03
N PHE A 91 -4.91 11.76 2.35
CA PHE A 91 -6.19 11.33 1.81
C PHE A 91 -6.68 12.26 0.71
N VAL A 92 -7.17 11.67 -0.38
CA VAL A 92 -7.67 12.43 -1.52
C VAL A 92 -9.04 11.97 -1.99
N GLY A 93 -9.83 12.91 -2.46
CA GLY A 93 -11.16 12.61 -2.96
C GLY A 93 -11.38 13.25 -4.32
N GLY A 94 -12.46 12.89 -5.00
CA GLY A 94 -12.73 13.47 -6.31
C GLY A 94 -12.11 12.68 -7.44
N ILE A 95 -11.74 11.43 -7.16
CA ILE A 95 -11.12 10.59 -8.17
C ILE A 95 -12.00 10.50 -9.42
N GLY A 96 -13.30 10.32 -9.21
CA GLY A 96 -14.24 10.25 -10.32
C GLY A 96 -13.85 9.27 -11.41
N PRO A 97 -14.74 9.07 -12.40
CA PRO A 97 -14.50 8.14 -13.52
C PRO A 97 -13.32 8.54 -14.40
N ASP A 98 -12.74 7.53 -15.07
CA ASP A 98 -11.61 7.75 -15.96
C ASP A 98 -10.43 8.39 -15.25
N VAL A 99 -10.15 7.96 -14.03
CA VAL A 99 -9.03 8.50 -13.28
C VAL A 99 -7.73 7.78 -13.62
N ARG A 100 -7.80 6.46 -13.77
CA ARG A 100 -6.60 5.67 -14.06
C ARG A 100 -5.58 5.85 -12.93
N PRO A 101 -5.21 4.77 -12.24
CA PRO A 101 -4.26 4.85 -11.13
C PRO A 101 -2.97 5.56 -11.52
N LYS A 102 -2.55 5.39 -12.76
CA LYS A 102 -1.33 6.03 -13.25
C LYS A 102 -1.45 7.55 -13.18
N GLU A 103 -2.62 8.08 -13.57
CA GLU A 103 -2.87 9.51 -13.52
C GLU A 103 -2.89 10.02 -12.10
N PHE A 104 -3.41 9.20 -11.18
CA PHE A 104 -3.47 9.57 -9.78
C PHE A 104 -2.08 9.74 -9.20
N GLU A 105 -1.22 8.74 -9.41
CA GLU A 105 0.16 8.85 -8.95
C GLU A 105 0.82 10.00 -9.70
N GLU A 106 0.44 10.09 -10.97
CA GLU A 106 0.89 11.12 -11.88
C GLU A 106 0.47 12.51 -11.43
N PHE A 107 -0.74 12.59 -10.89
CA PHE A 107 -1.28 13.85 -10.41
C PHE A 107 -0.54 14.41 -9.19
N PHE A 108 -0.47 13.60 -8.14
CA PHE A 108 0.20 14.00 -6.90
C PHE A 108 1.70 14.20 -7.09
N SER A 109 2.27 13.53 -8.08
CA SER A 109 3.71 13.61 -8.34
C SER A 109 4.15 15.06 -8.53
N GLN A 110 3.27 15.89 -9.07
CA GLN A 110 3.60 17.29 -9.30
C GLN A 110 4.06 17.98 -8.01
N TRP A 111 3.45 17.62 -6.87
CA TRP A 111 3.83 18.22 -5.59
C TRP A 111 4.39 17.16 -4.64
N GLY A 112 5.35 16.39 -5.13
CA GLY A 112 5.97 15.35 -4.31
C GLY A 112 6.42 14.16 -5.14
N THR A 113 7.50 13.52 -4.71
CA THR A 113 8.02 12.35 -5.41
C THR A 113 7.02 11.20 -5.38
N ILE A 114 6.31 11.07 -4.27
CA ILE A 114 5.31 10.02 -4.09
C ILE A 114 5.96 8.65 -3.91
N ILE A 115 6.36 8.33 -2.68
CA ILE A 115 6.95 7.02 -2.42
C ILE A 115 5.96 5.93 -2.79
N ASP A 116 4.69 6.18 -2.48
CA ASP A 116 3.63 5.24 -2.77
C ASP A 116 2.32 5.99 -3.04
N ALA A 117 1.46 5.40 -3.85
CA ALA A 117 0.17 6.02 -4.18
C ALA A 117 -0.71 5.04 -4.94
N GLN A 118 -1.90 4.77 -4.41
CA GLN A 118 -2.81 3.85 -5.05
C GLN A 118 -4.26 4.30 -4.91
N LEU A 119 -5.07 3.90 -5.89
CA LEU A 119 -6.49 4.23 -5.89
C LEU A 119 -7.20 3.58 -4.70
N MET A 120 -6.78 2.35 -4.40
CA MET A 120 -7.34 1.53 -3.32
C MET A 120 -8.29 0.50 -3.90
N LEU A 121 -7.82 -0.74 -3.98
CA LEU A 121 -8.62 -1.82 -4.55
C LEU A 121 -9.10 -2.79 -3.47
N ASP A 122 -10.35 -3.22 -3.59
CA ASP A 122 -10.93 -4.17 -2.65
C ASP A 122 -11.90 -5.10 -3.37
N LYS A 123 -11.39 -6.25 -3.80
CA LYS A 123 -12.18 -7.24 -4.53
C LYS A 123 -12.63 -6.69 -5.88
N ASP A 124 -11.73 -5.95 -6.53
CA ASP A 124 -12.02 -5.37 -7.84
C ASP A 124 -13.39 -4.69 -7.88
N THR A 125 -13.71 -3.97 -6.81
CA THR A 125 -14.99 -3.26 -6.73
C THR A 125 -15.21 -2.70 -5.33
N GLY A 126 -14.21 -1.99 -4.82
CA GLY A 126 -14.31 -1.43 -3.49
C GLY A 126 -13.92 0.04 -3.42
N GLN A 127 -12.81 0.30 -2.76
CA GLN A 127 -12.30 1.65 -2.59
C GLN A 127 -12.06 2.31 -3.94
N SER A 128 -11.77 1.48 -4.94
CA SER A 128 -11.50 1.96 -6.30
C SER A 128 -12.68 2.76 -6.84
N ARG A 129 -13.87 2.53 -6.28
CA ARG A 129 -15.07 3.23 -6.71
C ARG A 129 -14.85 4.74 -6.67
N GLY A 130 -14.10 5.21 -5.68
CA GLY A 130 -13.81 6.62 -5.55
C GLY A 130 -12.69 6.89 -4.57
N PHE A 131 -12.41 8.17 -4.34
CA PHE A 131 -11.35 8.59 -3.41
C PHE A 131 -10.04 7.85 -3.65
N GLY A 132 -8.93 8.48 -3.27
CA GLY A 132 -7.63 7.85 -3.47
C GLY A 132 -6.67 8.03 -2.30
N PHE A 133 -5.62 7.23 -2.30
CA PHE A 133 -4.60 7.26 -1.26
C PHE A 133 -3.23 7.59 -1.85
N VAL A 134 -2.57 8.61 -1.32
CA VAL A 134 -1.23 8.99 -1.80
C VAL A 134 -0.22 9.09 -0.66
N THR A 135 0.97 8.55 -0.89
CA THR A 135 2.03 8.60 0.11
C THR A 135 3.17 9.48 -0.41
N TYR A 136 3.70 10.34 0.45
CA TYR A 136 4.79 11.23 0.06
C TYR A 136 6.07 10.98 0.84
N ASP A 137 7.18 10.99 0.11
CA ASP A 137 8.50 10.80 0.71
C ASP A 137 8.76 11.85 1.77
N SER A 138 8.27 13.06 1.52
CA SER A 138 8.48 14.18 2.45
C SER A 138 7.17 14.73 2.97
N ALA A 139 7.16 15.06 4.25
CA ALA A 139 5.99 15.62 4.90
C ALA A 139 5.65 16.99 4.30
N ASP A 140 6.68 17.69 3.83
CA ASP A 140 6.50 19.00 3.23
C ASP A 140 5.51 18.94 2.06
N ALA A 141 5.54 17.83 1.33
CA ALA A 141 4.65 17.65 0.19
C ALA A 141 3.18 17.73 0.59
N VAL A 142 2.84 17.13 1.74
CA VAL A 142 1.45 17.17 2.21
C VAL A 142 1.02 18.61 2.48
N ASP A 143 1.94 19.41 2.98
CA ASP A 143 1.67 20.81 3.28
C ASP A 143 1.35 21.59 2.01
N ARG A 144 2.05 21.28 0.92
CA ARG A 144 1.85 21.99 -0.34
C ARG A 144 0.42 21.87 -0.84
N VAL A 145 -0.13 20.67 -0.75
CA VAL A 145 -1.49 20.43 -1.21
C VAL A 145 -2.52 21.05 -0.26
N CYS A 146 -2.23 21.02 1.03
CA CYS A 146 -3.14 21.59 2.03
C CYS A 146 -3.36 23.06 1.76
N GLN A 147 -2.28 23.77 1.45
CA GLN A 147 -2.36 25.19 1.15
C GLN A 147 -3.24 25.42 -0.08
N ASN A 148 -3.18 24.46 -1.00
CA ASN A 148 -3.95 24.53 -2.24
C ASN A 148 -5.35 23.94 -2.09
N LYS A 149 -5.72 23.54 -0.85
CA LYS A 149 -7.02 22.94 -0.58
C LYS A 149 -7.40 21.95 -1.69
N PHE A 150 -7.90 22.46 -2.81
CA PHE A 150 -8.25 21.62 -3.93
C PHE A 150 -7.25 21.81 -5.06
N ILE A 151 -6.91 20.72 -5.71
CA ILE A 151 -6.00 20.77 -6.83
C ILE A 151 -6.72 20.34 -8.11
N ASP A 152 -6.54 21.09 -9.17
CA ASP A 152 -7.20 20.76 -10.43
C ASP A 152 -6.59 19.51 -11.02
N PHE A 153 -7.42 18.51 -11.30
CA PHE A 153 -6.93 17.26 -11.85
C PHE A 153 -7.41 17.05 -13.30
N LYS A 154 -8.30 16.08 -13.50
CA LYS A 154 -8.81 15.78 -14.84
C LYS A 154 -9.49 17.00 -15.46
N ASP A 155 -10.20 17.75 -14.63
CA ASP A 155 -10.92 18.96 -15.08
C ASP A 155 -11.61 19.65 -13.91
N ARG A 156 -11.95 18.88 -12.88
CA ARG A 156 -12.63 19.42 -11.70
C ARG A 156 -11.72 19.34 -10.47
N LYS A 157 -12.05 20.14 -9.45
CA LYS A 157 -11.26 20.18 -8.23
C LYS A 157 -11.43 18.92 -7.40
N ILE A 158 -10.35 18.50 -6.77
CA ILE A 158 -10.36 17.35 -5.89
C ILE A 158 -9.96 17.81 -4.50
N GLU A 159 -10.50 17.17 -3.46
CA GLU A 159 -10.17 17.57 -2.11
C GLU A 159 -9.14 16.63 -1.50
N ILE A 160 -8.08 17.22 -0.95
CA ILE A 160 -7.03 16.43 -0.33
C ILE A 160 -6.82 16.83 1.12
N LYS A 161 -6.84 15.84 2.01
CA LYS A 161 -6.66 16.07 3.43
C LYS A 161 -5.70 15.05 4.02
N ARG A 162 -5.18 15.33 5.21
CA ARG A 162 -4.26 14.41 5.87
C ARG A 162 -4.96 13.07 6.09
N ALA A 163 -4.19 11.97 6.06
CA ALA A 163 -4.77 10.66 6.24
C ALA A 163 -5.51 10.56 7.57
N GLU A 164 -6.72 10.02 7.53
CA GLU A 164 -7.54 9.87 8.73
C GLU A 164 -8.23 8.51 8.76
N PRO A 165 -7.53 7.46 9.20
CA PRO A 165 -8.13 6.12 9.26
C PRO A 165 -9.45 6.13 10.01
N ARG A 166 -10.48 5.55 9.40
CA ARG A 166 -11.79 5.51 10.03
C ARG A 166 -11.76 4.73 11.33
N HIS A 167 -10.92 3.69 11.39
CA HIS A 167 -10.79 2.88 12.58
C HIS A 167 -9.40 2.28 12.68
N LYS A 1 22.76 -2.40 2.09
CA LYS A 1 22.29 -3.35 3.13
C LYS A 1 20.89 -3.88 2.82
N GLU A 2 20.73 -4.43 1.63
CA GLU A 2 19.44 -4.97 1.21
C GLU A 2 18.95 -6.04 2.18
N SER A 3 17.65 -6.08 2.42
CA SER A 3 17.06 -7.05 3.34
C SER A 3 16.02 -7.92 2.63
N CYS A 4 15.91 -9.17 3.06
CA CYS A 4 14.96 -10.10 2.47
C CYS A 4 13.57 -9.95 3.09
N LYS A 5 13.41 -8.93 3.94
CA LYS A 5 12.12 -8.69 4.60
C LYS A 5 11.09 -8.20 3.58
N MET A 6 9.91 -8.80 3.61
CA MET A 6 8.84 -8.45 2.68
C MET A 6 7.59 -7.98 3.41
N PHE A 7 6.90 -7.00 2.83
CA PHE A 7 5.66 -6.50 3.40
C PHE A 7 4.49 -6.96 2.54
N ILE A 8 3.52 -7.61 3.15
CA ILE A 8 2.37 -8.10 2.40
C ILE A 8 1.08 -7.49 2.94
N GLY A 9 0.28 -6.90 2.05
CA GLY A 9 -0.96 -6.30 2.48
C GLY A 9 -2.15 -6.89 1.77
N GLY A 10 -3.30 -6.83 2.43
CA GLY A 10 -4.50 -7.39 1.86
C GLY A 10 -4.47 -8.90 1.90
N LEU A 11 -3.78 -9.42 2.89
CA LEU A 11 -3.62 -10.86 3.08
C LEU A 11 -4.95 -11.59 3.22
N ASN A 12 -5.93 -10.92 3.84
CA ASN A 12 -7.27 -11.51 4.09
C ASN A 12 -7.45 -11.83 5.57
N TRP A 13 -6.91 -10.97 6.43
CA TRP A 13 -7.00 -11.11 7.90
C TRP A 13 -6.70 -12.54 8.39
N ASP A 14 -7.49 -13.52 7.93
CA ASP A 14 -7.33 -14.92 8.34
C ASP A 14 -6.25 -15.64 7.53
N THR A 15 -5.36 -14.88 6.90
CA THR A 15 -4.29 -15.45 6.09
C THR A 15 -3.49 -16.50 6.83
N THR A 16 -3.29 -16.31 8.13
CA THR A 16 -2.50 -17.26 8.93
C THR A 16 -1.09 -17.37 8.34
N GLU A 17 -0.09 -17.44 9.20
CA GLU A 17 1.29 -17.52 8.74
C GLU A 17 1.54 -18.75 7.88
N ASP A 18 0.89 -19.87 8.23
CA ASP A 18 1.07 -21.11 7.50
C ASP A 18 0.71 -20.98 6.03
N ASN A 19 -0.38 -20.26 5.74
CA ASN A 19 -0.82 -20.09 4.36
C ASN A 19 0.23 -19.36 3.51
N LEU A 20 0.93 -18.40 4.12
CA LEU A 20 1.94 -17.63 3.40
C LEU A 20 3.00 -18.53 2.77
N ARG A 21 3.58 -19.42 3.56
CA ARG A 21 4.58 -20.35 3.04
C ARG A 21 3.95 -21.33 2.07
N GLU A 22 2.68 -21.64 2.30
CA GLU A 22 1.98 -22.57 1.43
C GLU A 22 1.98 -22.05 -0.01
N TYR A 23 1.81 -20.74 -0.17
CA TYR A 23 1.80 -20.12 -1.49
C TYR A 23 3.18 -19.57 -1.81
N PHE A 24 3.69 -18.72 -0.92
CA PHE A 24 5.01 -18.12 -1.10
C PHE A 24 6.10 -19.20 -1.15
N GLY A 25 5.84 -20.33 -0.51
CA GLY A 25 6.80 -21.42 -0.50
C GLY A 25 7.26 -21.78 -1.91
N LYS A 26 6.44 -21.45 -2.90
CA LYS A 26 6.74 -21.74 -4.29
C LYS A 26 8.11 -21.16 -4.68
N TYR A 27 8.39 -19.96 -4.19
CA TYR A 27 9.65 -19.29 -4.45
C TYR A 27 10.81 -19.97 -3.74
N GLY A 28 10.50 -20.54 -2.58
CA GLY A 28 11.52 -21.21 -1.79
C GLY A 28 11.07 -21.47 -0.38
N THR A 29 11.92 -21.10 0.57
CA THR A 29 11.60 -21.28 1.99
C THR A 29 11.63 -19.93 2.70
N VAL A 30 10.69 -19.71 3.61
CA VAL A 30 10.63 -18.45 4.34
C VAL A 30 11.41 -18.58 5.65
N THR A 31 12.42 -17.72 5.80
CA THR A 31 13.24 -17.73 7.00
C THR A 31 12.47 -17.18 8.20
N ASP A 32 11.78 -16.06 8.00
CA ASP A 32 11.02 -15.43 9.08
C ASP A 32 9.79 -14.69 8.55
N LEU A 33 8.60 -15.24 8.83
CA LEU A 33 7.36 -14.60 8.40
C LEU A 33 6.72 -13.90 9.61
N LYS A 34 5.99 -12.83 9.34
CA LYS A 34 5.35 -12.07 10.39
C LYS A 34 3.90 -11.74 10.04
N ILE A 35 2.99 -12.13 10.93
CA ILE A 35 1.59 -11.82 10.75
C ILE A 35 1.09 -11.07 11.98
N MET A 36 0.35 -10.00 11.73
CA MET A 36 -0.17 -9.21 12.82
C MET A 36 -1.49 -9.78 13.30
N LYS A 37 -1.65 -9.88 14.61
CA LYS A 37 -2.87 -10.42 15.19
C LYS A 37 -3.40 -9.51 16.29
N ASP A 38 -4.71 -9.33 16.33
CA ASP A 38 -5.33 -8.47 17.33
C ASP A 38 -6.36 -9.23 18.16
N PRO A 39 -5.89 -10.07 19.10
CA PRO A 39 -6.77 -10.84 19.99
C PRO A 39 -7.67 -9.94 20.83
N ALA A 40 -7.19 -8.72 21.08
CA ALA A 40 -7.95 -7.76 21.89
C ALA A 40 -9.17 -7.24 21.13
N THR A 41 -8.92 -6.48 20.07
CA THR A 41 -10.00 -5.93 19.26
C THR A 41 -10.69 -7.05 18.49
N GLY A 42 -9.94 -8.11 18.22
CA GLY A 42 -10.49 -9.24 17.51
C GLY A 42 -10.30 -9.16 16.01
N ARG A 43 -9.58 -8.13 15.55
CA ARG A 43 -9.35 -7.97 14.12
C ARG A 43 -7.85 -7.81 13.84
N SER A 44 -7.29 -8.69 13.03
CA SER A 44 -5.89 -8.63 12.70
C SER A 44 -5.59 -7.46 11.78
N ARG A 45 -4.32 -7.04 11.71
CA ARG A 45 -3.94 -5.93 10.86
C ARG A 45 -4.30 -6.21 9.42
N GLY A 46 -4.20 -7.49 9.03
CA GLY A 46 -4.53 -7.89 7.68
C GLY A 46 -3.30 -7.95 6.78
N PHE A 47 -2.14 -7.60 7.34
CA PHE A 47 -0.89 -7.61 6.61
C PHE A 47 0.22 -8.19 7.48
N GLY A 48 1.28 -8.64 6.84
CA GLY A 48 2.38 -9.22 7.56
C GLY A 48 3.69 -9.09 6.80
N PHE A 49 4.78 -9.43 7.47
CA PHE A 49 6.09 -9.34 6.85
C PHE A 49 6.67 -10.73 6.59
N LEU A 50 7.03 -11.00 5.35
CA LEU A 50 7.58 -12.30 4.96
C LEU A 50 9.08 -12.21 4.61
N SER A 51 9.85 -13.14 5.16
CA SER A 51 11.31 -13.17 4.91
C SER A 51 11.73 -14.51 4.30
N PHE A 52 12.73 -14.47 3.42
CA PHE A 52 13.23 -15.69 2.78
C PHE A 52 14.71 -15.90 3.06
N GLU A 53 15.12 -17.16 3.15
CA GLU A 53 16.52 -17.50 3.38
C GLU A 53 17.38 -17.00 2.23
N LYS A 54 16.82 -17.06 1.02
CA LYS A 54 17.54 -16.61 -0.17
C LYS A 54 16.98 -15.27 -0.66
N PRO A 55 17.82 -14.22 -0.70
CA PRO A 55 17.38 -12.88 -1.13
C PRO A 55 16.76 -12.90 -2.53
N SER A 56 17.21 -13.83 -3.38
CA SER A 56 16.69 -13.93 -4.74
C SER A 56 15.18 -14.18 -4.72
N SER A 57 14.73 -14.99 -3.75
CA SER A 57 13.31 -15.30 -3.63
C SER A 57 12.50 -14.03 -3.42
N VAL A 58 13.10 -13.08 -2.71
CA VAL A 58 12.44 -11.81 -2.42
C VAL A 58 12.12 -11.06 -3.71
N ASP A 59 13.06 -11.04 -4.65
CA ASP A 59 12.86 -10.34 -5.92
C ASP A 59 11.65 -10.91 -6.66
N GLU A 60 11.55 -12.23 -6.67
CA GLU A 60 10.44 -12.90 -7.35
C GLU A 60 9.11 -12.69 -6.63
N VAL A 61 9.15 -12.64 -5.30
CA VAL A 61 7.94 -12.44 -4.51
C VAL A 61 7.26 -11.13 -4.86
N VAL A 62 8.05 -10.07 -4.93
CA VAL A 62 7.51 -8.75 -5.26
C VAL A 62 7.18 -8.61 -6.75
N LYS A 63 8.05 -9.16 -7.59
CA LYS A 63 7.88 -9.07 -9.04
C LYS A 63 6.58 -9.69 -9.51
N THR A 64 6.16 -10.78 -8.88
CA THR A 64 4.93 -11.46 -9.28
C THR A 64 3.74 -11.05 -8.42
N GLN A 65 2.58 -10.99 -9.06
CA GLN A 65 1.34 -10.63 -8.37
C GLN A 65 0.64 -11.88 -7.88
N HIS A 66 0.36 -11.92 -6.58
CA HIS A 66 -0.29 -13.07 -5.99
C HIS A 66 -1.49 -12.66 -5.14
N ILE A 67 -2.42 -13.60 -4.97
CA ILE A 67 -3.62 -13.36 -4.20
C ILE A 67 -3.74 -14.36 -3.04
N LEU A 68 -3.90 -13.85 -1.82
CA LEU A 68 -4.04 -14.73 -0.65
C LEU A 68 -5.49 -14.80 -0.17
N ASP A 69 -6.01 -16.02 -0.08
CA ASP A 69 -7.38 -16.25 0.39
C ASP A 69 -8.40 -15.43 -0.39
N GLY A 70 -8.23 -15.35 -1.71
CA GLY A 70 -9.16 -14.63 -2.54
C GLY A 70 -8.98 -13.12 -2.50
N LYS A 71 -7.98 -12.64 -1.77
CA LYS A 71 -7.72 -11.21 -1.69
C LYS A 71 -6.47 -10.83 -2.48
N VAL A 72 -6.55 -9.72 -3.20
CA VAL A 72 -5.41 -9.27 -4.00
C VAL A 72 -4.39 -8.55 -3.15
N ILE A 73 -3.14 -9.02 -3.22
CA ILE A 73 -2.06 -8.42 -2.46
C ILE A 73 -0.89 -8.06 -3.38
N ASP A 74 -0.09 -7.10 -2.94
CA ASP A 74 1.08 -6.68 -3.71
C ASP A 74 2.31 -6.64 -2.82
N PRO A 75 2.95 -7.80 -2.64
CA PRO A 75 4.15 -7.91 -1.80
C PRO A 75 5.22 -6.90 -2.19
N LYS A 76 5.75 -6.19 -1.20
CA LYS A 76 6.77 -5.18 -1.43
C LYS A 76 7.88 -5.27 -0.38
N ARG A 77 9.11 -5.01 -0.80
CA ARG A 77 10.26 -5.09 0.10
C ARG A 77 10.05 -4.21 1.33
N ALA A 78 10.48 -4.72 2.49
CA ALA A 78 10.33 -4.00 3.76
C ALA A 78 11.06 -2.66 3.75
N ILE A 79 10.51 -1.71 4.51
CA ILE A 79 11.07 -0.37 4.61
C ILE A 79 11.61 -0.11 6.01
N PRO A 80 12.81 0.47 6.12
CA PRO A 80 13.38 0.80 7.42
C PRO A 80 12.46 1.75 8.16
N ARG A 81 12.36 1.62 9.47
CA ARG A 81 11.46 2.48 10.24
C ARG A 81 11.80 3.94 10.01
N ASP A 82 13.08 4.25 9.85
CA ASP A 82 13.50 5.62 9.61
C ASP A 82 12.91 6.17 8.31
N GLU A 83 12.91 5.35 7.26
CA GLU A 83 12.36 5.78 5.98
C GLU A 83 10.85 5.93 6.07
N GLN A 84 10.23 5.03 6.81
CA GLN A 84 8.78 5.05 6.99
C GLN A 84 8.32 6.37 7.60
N ASP A 85 9.05 6.84 8.61
CA ASP A 85 8.74 8.09 9.27
C ASP A 85 8.91 9.28 8.34
N LYS A 86 9.94 9.24 7.51
CA LYS A 86 10.25 10.32 6.59
C LYS A 86 9.11 10.59 5.61
N THR A 87 8.47 9.53 5.14
CA THR A 87 7.37 9.67 4.17
C THR A 87 6.02 9.80 4.86
N GLY A 88 5.04 10.31 4.12
CA GLY A 88 3.70 10.48 4.65
C GLY A 88 2.65 10.14 3.61
N LYS A 89 1.40 9.98 4.05
CA LYS A 89 0.32 9.64 3.14
C LYS A 89 -0.94 10.47 3.44
N ILE A 90 -1.53 11.04 2.39
CA ILE A 90 -2.74 11.86 2.56
C ILE A 90 -3.92 11.22 1.85
N PHE A 91 -5.11 11.68 2.21
CA PHE A 91 -6.34 11.18 1.62
C PHE A 91 -6.88 12.10 0.54
N VAL A 92 -7.33 11.51 -0.55
CA VAL A 92 -7.87 12.27 -1.68
C VAL A 92 -9.23 11.73 -2.13
N GLY A 93 -10.07 12.65 -2.57
CA GLY A 93 -11.40 12.28 -3.04
C GLY A 93 -11.63 12.83 -4.44
N GLY A 94 -12.68 12.36 -5.10
CA GLY A 94 -12.95 12.83 -6.46
C GLY A 94 -12.28 12.00 -7.52
N ILE A 95 -11.81 10.81 -7.14
CA ILE A 95 -11.14 9.92 -8.07
C ILE A 95 -12.00 8.70 -8.37
N GLY A 96 -12.15 8.37 -9.64
CA GLY A 96 -12.96 7.22 -10.01
C GLY A 96 -12.80 6.81 -11.47
N PRO A 97 -13.87 6.90 -12.28
CA PRO A 97 -13.82 6.52 -13.69
C PRO A 97 -12.79 7.30 -14.50
N ASP A 98 -12.14 6.60 -15.43
CA ASP A 98 -11.14 7.21 -16.30
C ASP A 98 -10.02 7.91 -15.52
N VAL A 99 -9.54 7.28 -14.46
CA VAL A 99 -8.46 7.87 -13.66
C VAL A 99 -7.15 7.13 -13.87
N ARG A 100 -7.19 5.81 -13.74
CA ARG A 100 -5.99 4.99 -13.90
C ARG A 100 -4.91 5.43 -12.90
N PRO A 101 -4.30 4.48 -12.18
CA PRO A 101 -3.28 4.80 -11.18
C PRO A 101 -2.14 5.65 -11.74
N LYS A 102 -1.88 5.52 -13.04
CA LYS A 102 -0.80 6.29 -13.66
C LYS A 102 -1.04 7.79 -13.55
N GLU A 103 -2.26 8.23 -13.87
CA GLU A 103 -2.60 9.65 -13.80
C GLU A 103 -2.68 10.14 -12.35
N PHE A 104 -3.18 9.28 -11.47
CA PHE A 104 -3.30 9.64 -10.06
C PHE A 104 -1.93 9.92 -9.46
N GLU A 105 -0.98 9.01 -9.68
CA GLU A 105 0.38 9.20 -9.19
C GLU A 105 0.97 10.42 -9.90
N GLU A 106 0.62 10.53 -11.18
CA GLU A 106 1.07 11.63 -12.02
C GLU A 106 0.56 12.97 -11.51
N PHE A 107 -0.68 12.97 -11.05
CA PHE A 107 -1.32 14.18 -10.56
C PHE A 107 -0.65 14.74 -9.31
N PHE A 108 -0.59 13.93 -8.26
CA PHE A 108 0.00 14.33 -6.99
C PHE A 108 1.52 14.49 -7.05
N SER A 109 2.16 13.83 -8.01
CA SER A 109 3.61 13.89 -8.16
C SER A 109 4.12 15.32 -8.31
N GLN A 110 3.32 16.17 -8.94
CA GLN A 110 3.71 17.56 -9.15
C GLN A 110 4.10 18.29 -7.88
N TRP A 111 3.47 17.96 -6.75
CA TRP A 111 3.79 18.62 -5.49
C TRP A 111 4.29 17.64 -4.43
N GLY A 112 5.35 16.89 -4.76
CA GLY A 112 5.90 15.95 -3.80
C GLY A 112 6.76 14.86 -4.44
N THR A 113 6.42 14.49 -5.66
CA THR A 113 7.16 13.45 -6.40
C THR A 113 6.65 12.04 -6.05
N ILE A 114 5.63 11.99 -5.20
CA ILE A 114 5.00 10.73 -4.77
C ILE A 114 5.94 9.52 -4.74
N ILE A 115 6.28 9.07 -3.54
CA ILE A 115 7.08 7.87 -3.41
C ILE A 115 6.29 6.64 -3.84
N ASP A 116 4.98 6.64 -3.55
CA ASP A 116 4.12 5.50 -3.92
C ASP A 116 2.77 5.97 -4.49
N ALA A 117 1.79 6.19 -3.61
CA ALA A 117 0.44 6.61 -4.02
C ALA A 117 -0.21 5.57 -4.92
N GLN A 118 -1.39 5.11 -4.52
CA GLN A 118 -2.13 4.13 -5.31
C GLN A 118 -3.62 4.42 -5.28
N LEU A 119 -4.32 3.97 -6.31
CA LEU A 119 -5.75 4.17 -6.40
C LEU A 119 -6.49 3.47 -5.27
N MET A 120 -5.99 2.28 -4.90
CA MET A 120 -6.58 1.46 -3.83
C MET A 120 -7.56 0.45 -4.44
N LEU A 121 -8.13 -0.41 -3.61
CA LEU A 121 -9.06 -1.42 -4.09
C LEU A 121 -9.59 -2.28 -2.94
N ASP A 122 -10.53 -1.75 -2.17
CA ASP A 122 -11.10 -2.50 -1.05
C ASP A 122 -12.22 -3.42 -1.55
N LYS A 123 -11.96 -4.72 -1.52
CA LYS A 123 -12.93 -5.70 -1.98
C LYS A 123 -13.35 -5.43 -3.42
N ASP A 124 -12.40 -4.95 -4.21
CA ASP A 124 -12.66 -4.65 -5.62
C ASP A 124 -13.84 -3.70 -5.80
N THR A 125 -13.90 -2.67 -4.96
CA THR A 125 -15.00 -1.69 -5.04
C THR A 125 -14.92 -0.66 -3.92
N GLY A 126 -13.70 -0.29 -3.54
CA GLY A 126 -13.52 0.69 -2.47
C GLY A 126 -13.23 2.08 -3.00
N GLN A 127 -12.02 2.27 -3.50
CA GLN A 127 -11.60 3.56 -4.06
C GLN A 127 -12.47 3.99 -5.22
N SER A 128 -13.00 3.02 -5.96
CA SER A 128 -13.82 3.32 -7.11
C SER A 128 -15.01 4.19 -6.70
N ARG A 129 -15.38 4.14 -5.42
CA ARG A 129 -16.48 4.94 -4.92
C ARG A 129 -16.23 6.42 -5.21
N GLY A 130 -14.95 6.82 -5.18
CA GLY A 130 -14.63 8.20 -5.47
C GLY A 130 -13.45 8.76 -4.66
N PHE A 131 -12.51 7.90 -4.26
CA PHE A 131 -11.36 8.40 -3.49
C PHE A 131 -10.06 7.69 -3.88
N GLY A 132 -8.93 8.28 -3.46
CA GLY A 132 -7.63 7.70 -3.74
C GLY A 132 -6.64 7.89 -2.59
N PHE A 133 -5.54 7.15 -2.64
CA PHE A 133 -4.50 7.24 -1.61
C PHE A 133 -3.17 7.73 -2.19
N VAL A 134 -2.60 8.78 -1.60
CA VAL A 134 -1.32 9.32 -2.09
C VAL A 134 -0.26 9.31 -1.01
N THR A 135 0.94 8.87 -1.39
CA THR A 135 2.07 8.84 -0.47
C THR A 135 3.13 9.84 -0.93
N TYR A 136 3.68 10.61 0.00
CA TYR A 136 4.70 11.60 -0.33
C TYR A 136 6.02 11.37 0.36
N ASP A 137 7.10 11.66 -0.36
CA ASP A 137 8.44 11.52 0.18
C ASP A 137 8.63 12.47 1.36
N SER A 138 7.99 13.62 1.29
CA SER A 138 8.10 14.61 2.36
C SER A 138 6.74 15.06 2.87
N ALA A 139 6.67 15.33 4.16
CA ALA A 139 5.44 15.78 4.79
C ALA A 139 5.04 17.16 4.28
N ASP A 140 6.05 17.95 3.94
CA ASP A 140 5.82 19.31 3.43
C ASP A 140 4.90 19.32 2.22
N ALA A 141 5.05 18.30 1.36
CA ALA A 141 4.23 18.21 0.17
C ALA A 141 2.76 18.10 0.53
N VAL A 142 2.46 17.43 1.63
CA VAL A 142 1.09 17.27 2.08
C VAL A 142 0.46 18.62 2.38
N ASP A 143 1.23 19.46 3.06
CA ASP A 143 0.78 20.80 3.43
C ASP A 143 0.49 21.67 2.21
N ARG A 144 1.30 21.52 1.17
CA ARG A 144 1.14 22.32 -0.05
C ARG A 144 -0.24 22.17 -0.66
N VAL A 145 -0.73 20.95 -0.72
CA VAL A 145 -2.05 20.69 -1.29
C VAL A 145 -3.15 21.18 -0.36
N CYS A 146 -2.88 21.12 0.94
CA CYS A 146 -3.85 21.54 1.95
C CYS A 146 -4.28 22.98 1.72
N GLN A 147 -3.32 23.87 1.46
CA GLN A 147 -3.65 25.27 1.20
C GLN A 147 -4.53 25.39 -0.03
N ASN A 148 -4.20 24.60 -1.04
CA ASN A 148 -4.95 24.57 -2.29
C ASN A 148 -6.39 24.10 -2.07
N LYS A 149 -6.56 23.17 -1.13
CA LYS A 149 -7.87 22.61 -0.83
C LYS A 149 -8.37 21.80 -2.02
N PHE A 150 -8.77 22.49 -3.08
CA PHE A 150 -9.26 21.83 -4.29
C PHE A 150 -8.29 22.01 -5.45
N ILE A 151 -7.93 20.89 -6.06
CA ILE A 151 -7.03 20.89 -7.19
C ILE A 151 -7.74 20.31 -8.41
N ASP A 152 -7.52 20.93 -9.55
CA ASP A 152 -8.16 20.47 -10.78
C ASP A 152 -7.48 19.20 -11.30
N PHE A 153 -8.16 18.07 -11.23
CA PHE A 153 -7.59 16.82 -11.72
C PHE A 153 -8.28 16.41 -13.01
N LYS A 154 -9.52 16.00 -12.85
CA LYS A 154 -10.34 15.56 -13.96
C LYS A 154 -11.40 16.63 -14.26
N ASP A 155 -12.48 16.25 -14.93
CA ASP A 155 -13.54 17.17 -15.25
C ASP A 155 -14.06 17.86 -13.98
N ARG A 156 -14.03 17.14 -12.86
CA ARG A 156 -14.50 17.67 -11.59
C ARG A 156 -13.35 17.82 -10.60
N LYS A 157 -13.49 18.75 -9.65
CA LYS A 157 -12.45 18.99 -8.66
C LYS A 157 -12.31 17.81 -7.73
N ILE A 158 -11.11 17.63 -7.19
CA ILE A 158 -10.86 16.58 -6.23
C ILE A 158 -10.54 17.22 -4.89
N GLU A 159 -11.17 16.73 -3.83
CA GLU A 159 -10.93 17.30 -2.51
C GLU A 159 -9.87 16.47 -1.80
N ILE A 160 -8.87 17.13 -1.24
CA ILE A 160 -7.80 16.41 -0.57
C ILE A 160 -7.70 16.75 0.92
N LYS A 161 -7.75 15.70 1.73
CA LYS A 161 -7.65 15.83 3.19
C LYS A 161 -6.65 14.82 3.74
N ARG A 162 -6.08 15.11 4.89
CA ARG A 162 -5.11 14.19 5.50
C ARG A 162 -5.76 12.81 5.65
N ALA A 163 -4.96 11.75 5.48
CA ALA A 163 -5.47 10.39 5.58
C ALA A 163 -5.29 9.81 6.96
N GLU A 164 -6.38 9.23 7.50
CA GLU A 164 -6.40 8.60 8.82
C GLU A 164 -7.17 9.44 9.85
N PRO A 165 -6.82 10.73 10.03
CA PRO A 165 -7.51 11.59 10.99
C PRO A 165 -9.01 11.67 10.69
N ARG A 166 -9.36 11.49 9.42
CA ARG A 166 -10.74 11.53 8.99
C ARG A 166 -11.46 12.78 9.49
N HIS A 167 -10.79 13.92 9.36
CA HIS A 167 -11.37 15.20 9.79
C HIS A 167 -11.32 16.23 8.66
N LYS A 1 21.32 -6.41 -1.03
CA LYS A 1 21.57 -6.72 0.40
C LYS A 1 20.93 -5.68 1.32
N GLU A 2 21.04 -4.42 0.94
CA GLU A 2 20.48 -3.32 1.74
C GLU A 2 18.96 -3.45 1.83
N SER A 3 18.33 -3.95 0.78
CA SER A 3 16.88 -4.12 0.76
C SER A 3 16.50 -5.55 0.38
N CYS A 4 15.32 -5.97 0.83
CA CYS A 4 14.82 -7.31 0.53
C CYS A 4 13.63 -7.65 1.42
N LYS A 5 12.73 -6.69 1.59
CA LYS A 5 11.54 -6.89 2.42
C LYS A 5 10.28 -6.47 1.68
N MET A 6 9.22 -7.24 1.90
CA MET A 6 7.93 -6.99 1.24
C MET A 6 6.81 -6.69 2.24
N PHE A 7 5.86 -5.87 1.81
CA PHE A 7 4.70 -5.53 2.62
C PHE A 7 3.50 -6.24 2.06
N ILE A 8 2.75 -6.95 2.90
CA ILE A 8 1.59 -7.67 2.42
C ILE A 8 0.32 -7.12 3.07
N GLY A 9 -0.64 -6.73 2.25
CA GLY A 9 -1.90 -6.23 2.77
C GLY A 9 -3.06 -7.00 2.18
N GLY A 10 -4.21 -6.97 2.84
CA GLY A 10 -5.35 -7.69 2.33
C GLY A 10 -5.24 -9.18 2.56
N LEU A 11 -4.60 -9.55 3.67
CA LEU A 11 -4.40 -10.96 4.04
C LEU A 11 -5.71 -11.72 4.19
N ASN A 12 -6.81 -10.99 4.35
CA ASN A 12 -8.12 -11.62 4.56
C ASN A 12 -8.19 -12.20 5.98
N TRP A 13 -7.67 -11.43 6.93
CA TRP A 13 -7.65 -11.78 8.35
C TRP A 13 -7.31 -13.25 8.63
N ASP A 14 -8.06 -14.17 8.04
CA ASP A 14 -7.85 -15.60 8.25
C ASP A 14 -6.44 -16.06 7.87
N THR A 15 -5.83 -15.41 6.88
CA THR A 15 -4.48 -15.79 6.46
C THR A 15 -3.46 -15.54 7.55
N THR A 16 -2.55 -16.49 7.71
CA THR A 16 -1.49 -16.40 8.70
C THR A 16 -0.16 -16.39 8.00
N GLU A 17 0.89 -16.05 8.74
CA GLU A 17 2.22 -16.03 8.17
C GLU A 17 2.57 -17.42 7.68
N ASP A 18 1.96 -18.43 8.30
CA ASP A 18 2.21 -19.81 7.90
C ASP A 18 1.80 -20.02 6.44
N ASN A 19 0.63 -19.47 6.08
CA ASN A 19 0.10 -19.58 4.73
C ASN A 19 0.96 -18.79 3.74
N LEU A 20 1.45 -17.63 4.16
CA LEU A 20 2.26 -16.77 3.30
C LEU A 20 3.51 -17.47 2.78
N ARG A 21 4.21 -18.20 3.65
CA ARG A 21 5.40 -18.91 3.20
C ARG A 21 5.03 -20.02 2.23
N GLU A 22 3.89 -20.67 2.49
CA GLU A 22 3.42 -21.74 1.63
C GLU A 22 3.09 -21.20 0.24
N TYR A 23 2.47 -20.02 0.21
CA TYR A 23 2.10 -19.37 -1.05
C TYR A 23 3.31 -18.77 -1.73
N PHE A 24 3.93 -17.82 -1.03
CA PHE A 24 5.10 -17.13 -1.53
C PHE A 24 6.34 -18.02 -1.55
N GLY A 25 6.29 -19.15 -0.86
CA GLY A 25 7.41 -20.07 -0.85
C GLY A 25 7.86 -20.40 -2.27
N LYS A 26 6.90 -20.33 -3.20
CA LYS A 26 7.18 -20.61 -4.60
C LYS A 26 8.29 -19.68 -5.12
N TYR A 27 8.20 -18.42 -4.74
CA TYR A 27 9.18 -17.41 -5.14
C TYR A 27 10.53 -17.63 -4.48
N GLY A 28 10.49 -18.09 -3.24
CA GLY A 28 11.72 -18.33 -2.52
C GLY A 28 11.52 -18.92 -1.14
N THR A 29 12.62 -19.09 -0.43
CA THR A 29 12.61 -19.64 0.91
C THR A 29 11.87 -18.72 1.89
N VAL A 30 11.92 -17.42 1.62
CA VAL A 30 11.30 -16.43 2.49
C VAL A 30 12.03 -16.43 3.84
N THR A 31 13.07 -15.59 3.92
CA THR A 31 13.90 -15.51 5.12
C THR A 31 13.11 -15.13 6.36
N ASP A 32 12.23 -14.16 6.26
CA ASP A 32 11.45 -13.72 7.42
C ASP A 32 10.00 -13.43 7.09
N LEU A 33 9.12 -13.90 7.95
CA LEU A 33 7.68 -13.69 7.81
C LEU A 33 7.14 -12.89 8.97
N LYS A 34 6.34 -11.87 8.68
CA LYS A 34 5.78 -11.05 9.75
C LYS A 34 4.29 -10.78 9.58
N ILE A 35 3.51 -11.21 10.56
CA ILE A 35 2.08 -10.96 10.57
C ILE A 35 1.68 -10.33 11.90
N MET A 36 0.88 -9.29 11.83
CA MET A 36 0.44 -8.60 13.02
C MET A 36 -0.85 -9.20 13.57
N LYS A 37 -0.94 -9.31 14.88
CA LYS A 37 -2.13 -9.89 15.51
C LYS A 37 -2.60 -9.03 16.68
N ASP A 38 -3.80 -9.32 17.18
CA ASP A 38 -4.38 -8.59 18.30
C ASP A 38 -4.60 -9.52 19.48
N PRO A 39 -3.63 -9.59 20.41
CA PRO A 39 -3.73 -10.47 21.58
C PRO A 39 -5.01 -10.25 22.38
N ALA A 40 -5.59 -9.06 22.26
CA ALA A 40 -6.82 -8.74 22.97
C ALA A 40 -8.03 -9.41 22.32
N THR A 41 -8.57 -8.77 21.29
CA THR A 41 -9.74 -9.30 20.59
C THR A 41 -9.36 -10.53 19.74
N GLY A 42 -8.09 -10.62 19.38
CA GLY A 42 -7.65 -11.75 18.57
C GLY A 42 -7.69 -11.46 17.07
N ARG A 43 -7.99 -10.22 16.72
CA ARG A 43 -8.06 -9.83 15.31
C ARG A 43 -6.67 -9.54 14.74
N SER A 44 -6.52 -9.70 13.44
CA SER A 44 -5.24 -9.45 12.79
C SER A 44 -5.28 -8.15 12.00
N ARG A 45 -4.14 -7.46 11.95
CA ARG A 45 -4.05 -6.20 11.23
C ARG A 45 -4.53 -6.37 9.79
N GLY A 46 -4.33 -7.56 9.25
CA GLY A 46 -4.74 -7.84 7.88
C GLY A 46 -3.60 -7.71 6.90
N PHE A 47 -2.44 -7.31 7.41
CA PHE A 47 -1.25 -7.16 6.59
C PHE A 47 -0.03 -7.68 7.33
N GLY A 48 0.98 -8.06 6.56
CA GLY A 48 2.19 -8.58 7.14
C GLY A 48 3.40 -8.23 6.31
N PHE A 49 4.59 -8.46 6.86
CA PHE A 49 5.81 -8.17 6.12
C PHE A 49 6.47 -9.47 5.68
N LEU A 50 6.73 -9.59 4.38
CA LEU A 50 7.33 -10.78 3.82
C LEU A 50 8.77 -10.51 3.40
N SER A 51 9.71 -11.35 3.84
CA SER A 51 11.12 -11.16 3.48
C SER A 51 11.66 -12.38 2.73
N PHE A 52 12.52 -12.12 1.74
CA PHE A 52 13.14 -13.20 0.95
C PHE A 52 14.65 -13.19 1.08
N GLU A 53 15.23 -14.38 1.16
CA GLU A 53 16.69 -14.51 1.25
C GLU A 53 17.34 -13.98 -0.03
N LYS A 54 16.66 -14.20 -1.15
CA LYS A 54 17.16 -13.76 -2.46
C LYS A 54 16.33 -12.57 -2.98
N PRO A 55 16.96 -11.40 -3.16
CA PRO A 55 16.27 -10.20 -3.64
C PRO A 55 15.56 -10.41 -4.98
N SER A 56 16.06 -11.35 -5.79
CA SER A 56 15.46 -11.61 -7.10
C SER A 56 14.01 -12.07 -6.96
N SER A 57 13.72 -12.79 -5.89
CA SER A 57 12.37 -13.29 -5.64
C SER A 57 11.38 -12.12 -5.55
N VAL A 58 11.84 -11.02 -4.97
CA VAL A 58 10.99 -9.84 -4.81
C VAL A 58 10.48 -9.34 -6.16
N ASP A 59 11.32 -9.46 -7.19
CA ASP A 59 10.95 -9.02 -8.53
C ASP A 59 9.70 -9.76 -9.02
N GLU A 60 9.68 -11.07 -8.79
CA GLU A 60 8.54 -11.90 -9.18
C GLU A 60 7.32 -11.59 -8.33
N VAL A 61 7.56 -11.24 -7.07
CA VAL A 61 6.48 -10.95 -6.15
C VAL A 61 5.60 -9.81 -6.67
N VAL A 62 6.22 -8.78 -7.23
CA VAL A 62 5.44 -7.66 -7.74
C VAL A 62 4.79 -7.98 -9.09
N LYS A 63 5.43 -8.84 -9.87
CA LYS A 63 4.91 -9.22 -11.19
C LYS A 63 3.54 -9.87 -11.11
N THR A 64 3.32 -10.70 -10.09
CA THR A 64 2.05 -11.40 -9.92
C THR A 64 1.08 -10.61 -9.05
N GLN A 65 -0.21 -10.74 -9.35
CA GLN A 65 -1.25 -10.03 -8.59
C GLN A 65 -1.36 -10.57 -7.15
N HIS A 66 -1.28 -11.88 -7.01
CA HIS A 66 -1.33 -12.55 -5.70
C HIS A 66 -2.73 -12.60 -5.10
N ILE A 67 -3.42 -13.72 -5.31
CA ILE A 67 -4.73 -13.91 -4.71
C ILE A 67 -4.63 -15.03 -3.69
N LEU A 68 -4.86 -14.71 -2.42
CA LEU A 68 -4.74 -15.71 -1.37
C LEU A 68 -6.04 -15.82 -0.56
N ASP A 69 -6.56 -17.02 -0.46
CA ASP A 69 -7.79 -17.29 0.29
C ASP A 69 -8.96 -16.41 -0.16
N GLY A 70 -9.11 -16.24 -1.47
CA GLY A 70 -10.22 -15.45 -2.00
C GLY A 70 -9.90 -13.98 -2.19
N LYS A 71 -9.02 -13.43 -1.35
CA LYS A 71 -8.66 -12.02 -1.46
C LYS A 71 -7.31 -11.82 -2.11
N VAL A 72 -7.11 -10.63 -2.69
CA VAL A 72 -5.84 -10.30 -3.30
C VAL A 72 -5.08 -9.38 -2.36
N ILE A 73 -3.87 -9.78 -2.01
CA ILE A 73 -3.07 -9.02 -1.07
C ILE A 73 -2.27 -7.89 -1.72
N ASP A 74 -1.95 -8.06 -2.98
CA ASP A 74 -1.19 -7.05 -3.71
C ASP A 74 0.09 -6.69 -2.95
N PRO A 75 1.03 -7.63 -2.92
CA PRO A 75 2.33 -7.47 -2.26
C PRO A 75 3.13 -6.29 -2.81
N LYS A 76 3.73 -5.50 -1.93
CA LYS A 76 4.53 -4.35 -2.33
C LYS A 76 5.80 -4.26 -1.49
N ARG A 77 6.87 -3.72 -2.06
CA ARG A 77 8.14 -3.62 -1.34
C ARG A 77 7.93 -3.02 0.05
N ALA A 78 8.74 -3.45 1.01
CA ALA A 78 8.63 -2.99 2.39
C ALA A 78 9.62 -1.87 2.71
N ILE A 79 9.18 -0.95 3.56
CA ILE A 79 10.00 0.18 3.98
C ILE A 79 10.37 0.04 5.46
N PRO A 80 11.67 0.10 5.81
CA PRO A 80 12.09 -0.02 7.20
C PRO A 80 11.36 1.01 8.06
N ARG A 81 11.19 0.70 9.34
CA ARG A 81 10.47 1.58 10.26
C ARG A 81 11.01 3.01 10.23
N ASP A 82 12.32 3.17 10.11
CA ASP A 82 12.92 4.50 10.12
C ASP A 82 12.36 5.39 8.99
N GLU A 83 12.22 4.83 7.79
CA GLU A 83 11.69 5.61 6.66
C GLU A 83 10.23 5.96 6.87
N GLN A 84 9.47 5.04 7.45
CA GLN A 84 8.04 5.27 7.69
C GLN A 84 7.84 6.49 8.58
N ASP A 85 8.71 6.63 9.57
CA ASP A 85 8.64 7.75 10.50
C ASP A 85 8.80 9.09 9.79
N LYS A 86 9.65 9.12 8.76
CA LYS A 86 9.91 10.34 8.01
C LYS A 86 8.94 10.53 6.84
N THR A 87 7.96 9.63 6.70
CA THR A 87 7.00 9.72 5.61
C THR A 87 5.57 9.84 6.11
N GLY A 88 4.69 10.31 5.23
CA GLY A 88 3.28 10.46 5.56
C GLY A 88 2.38 10.05 4.42
N LYS A 89 1.09 9.90 4.68
CA LYS A 89 0.15 9.48 3.65
C LYS A 89 -1.13 10.31 3.71
N ILE A 90 -1.65 10.74 2.55
CA ILE A 90 -2.86 11.56 2.54
C ILE A 90 -3.99 10.90 1.74
N PHE A 91 -5.21 11.32 2.05
CA PHE A 91 -6.41 10.81 1.38
C PHE A 91 -6.82 11.71 0.23
N VAL A 92 -7.06 11.10 -0.92
CA VAL A 92 -7.45 11.84 -2.10
C VAL A 92 -8.76 11.32 -2.68
N GLY A 93 -9.67 12.24 -2.99
CA GLY A 93 -10.95 11.87 -3.56
C GLY A 93 -11.14 12.50 -4.92
N GLY A 94 -12.13 12.05 -5.68
CA GLY A 94 -12.35 12.59 -7.00
C GLY A 94 -11.67 11.77 -8.07
N ILE A 95 -11.24 10.58 -7.71
CA ILE A 95 -10.56 9.69 -8.65
C ILE A 95 -11.45 8.51 -9.02
N GLY A 96 -11.59 8.25 -10.31
CA GLY A 96 -12.41 7.16 -10.76
C GLY A 96 -12.17 6.79 -12.22
N PRO A 97 -13.18 6.90 -13.08
CA PRO A 97 -13.04 6.57 -14.50
C PRO A 97 -11.96 7.39 -15.20
N ASP A 98 -11.27 6.75 -16.14
CA ASP A 98 -10.22 7.40 -16.93
C ASP A 98 -9.11 8.01 -16.07
N VAL A 99 -8.63 7.26 -15.08
CA VAL A 99 -7.54 7.75 -14.23
C VAL A 99 -6.31 6.87 -14.35
N ARG A 100 -6.50 5.55 -14.18
CA ARG A 100 -5.38 4.62 -14.24
C ARG A 100 -4.40 4.92 -13.12
N PRO A 101 -3.98 3.90 -12.34
CA PRO A 101 -3.05 4.11 -11.23
C PRO A 101 -1.78 4.82 -11.67
N LYS A 102 -1.40 4.65 -12.93
CA LYS A 102 -0.20 5.28 -13.46
C LYS A 102 -0.32 6.81 -13.36
N GLU A 103 -1.48 7.34 -13.74
CA GLU A 103 -1.70 8.79 -13.70
C GLU A 103 -1.72 9.30 -12.27
N PHE A 104 -2.33 8.52 -11.38
CA PHE A 104 -2.42 8.89 -9.98
C PHE A 104 -1.05 8.98 -9.32
N GLU A 105 -0.22 7.95 -9.54
CA GLU A 105 1.12 7.92 -8.96
C GLU A 105 1.98 9.04 -9.52
N GLU A 106 1.91 9.28 -10.82
CA GLU A 106 2.69 10.33 -11.45
C GLU A 106 2.07 11.70 -11.18
N PHE A 107 0.75 11.71 -10.99
CA PHE A 107 0.03 12.95 -10.71
C PHE A 107 0.53 13.61 -9.43
N PHE A 108 0.47 12.84 -8.36
CA PHE A 108 0.91 13.31 -7.04
C PHE A 108 2.43 13.49 -6.97
N SER A 109 3.14 12.81 -7.86
CA SER A 109 4.60 12.89 -7.91
C SER A 109 5.08 14.31 -8.09
N GLN A 110 4.31 15.13 -8.79
CA GLN A 110 4.70 16.51 -9.05
C GLN A 110 5.02 17.26 -7.76
N TRP A 111 4.30 16.98 -6.67
CA TRP A 111 4.58 17.65 -5.40
C TRP A 111 5.02 16.66 -4.32
N GLY A 112 5.86 15.71 -4.70
CA GLY A 112 6.36 14.74 -3.74
C GLY A 112 6.89 13.48 -4.40
N THR A 113 7.90 12.88 -3.77
CA THR A 113 8.50 11.66 -4.29
C THR A 113 7.48 10.53 -4.38
N ILE A 114 6.56 10.48 -3.43
CA ILE A 114 5.53 9.45 -3.39
C ILE A 114 6.12 8.09 -3.08
N ILE A 115 6.43 7.82 -1.82
CA ILE A 115 6.99 6.54 -1.43
C ILE A 115 6.09 5.37 -1.81
N ASP A 116 4.79 5.50 -1.53
CA ASP A 116 3.83 4.44 -1.83
C ASP A 116 2.42 4.98 -2.10
N ALA A 117 2.12 5.29 -3.35
CA ALA A 117 0.79 5.77 -3.71
C ALA A 117 0.00 4.69 -4.42
N GLN A 118 -1.26 4.49 -4.02
CA GLN A 118 -2.10 3.48 -4.65
C GLN A 118 -3.56 3.92 -4.69
N LEU A 119 -4.27 3.42 -5.71
CA LEU A 119 -5.68 3.71 -5.89
C LEU A 119 -6.53 3.12 -4.76
N MET A 120 -6.15 1.94 -4.29
CA MET A 120 -6.88 1.22 -3.24
C MET A 120 -8.02 0.42 -3.86
N LEU A 121 -7.94 -0.90 -3.79
CA LEU A 121 -8.97 -1.75 -4.36
C LEU A 121 -9.57 -2.68 -3.31
N ASP A 122 -10.89 -2.84 -3.35
CA ASP A 122 -11.59 -3.71 -2.41
C ASP A 122 -12.50 -4.68 -3.16
N LYS A 123 -12.03 -5.91 -3.32
CA LYS A 123 -12.79 -6.95 -4.02
C LYS A 123 -13.02 -6.57 -5.48
N ASP A 124 -12.03 -5.92 -6.08
CA ASP A 124 -12.11 -5.51 -7.49
C ASP A 124 -13.40 -4.75 -7.79
N THR A 125 -13.77 -3.82 -6.90
CA THR A 125 -14.98 -3.02 -7.07
C THR A 125 -15.29 -2.23 -5.79
N GLY A 126 -14.27 -1.59 -5.25
CA GLY A 126 -14.45 -0.81 -4.04
C GLY A 126 -13.71 0.51 -4.06
N GLN A 127 -12.63 0.56 -3.31
CA GLN A 127 -11.78 1.74 -3.20
C GLN A 127 -11.28 2.18 -4.56
N SER A 128 -11.16 1.24 -5.50
CA SER A 128 -10.66 1.53 -6.83
C SER A 128 -11.45 2.68 -7.46
N ARG A 129 -12.68 2.88 -7.00
CA ARG A 129 -13.52 3.94 -7.53
C ARG A 129 -13.88 4.92 -6.42
N GLY A 130 -13.83 6.22 -6.73
CA GLY A 130 -14.17 7.23 -5.75
C GLY A 130 -12.98 7.98 -5.17
N PHE A 131 -12.04 7.26 -4.57
CA PHE A 131 -10.88 7.92 -3.95
C PHE A 131 -9.58 7.14 -4.17
N GLY A 132 -8.47 7.81 -3.89
CA GLY A 132 -7.15 7.20 -4.00
C GLY A 132 -6.28 7.53 -2.81
N PHE A 133 -5.30 6.66 -2.52
CA PHE A 133 -4.39 6.87 -1.40
C PHE A 133 -2.98 7.21 -1.86
N VAL A 134 -2.41 8.27 -1.32
CA VAL A 134 -1.05 8.70 -1.67
C VAL A 134 -0.15 8.80 -0.45
N THR A 135 1.06 8.26 -0.57
CA THR A 135 2.04 8.32 0.50
C THR A 135 3.23 9.16 0.04
N TYR A 136 3.71 10.05 0.90
CA TYR A 136 4.83 10.91 0.55
C TYR A 136 6.06 10.68 1.40
N ASP A 137 7.21 10.72 0.75
CA ASP A 137 8.49 10.56 1.41
C ASP A 137 8.67 11.61 2.49
N SER A 138 8.18 12.82 2.20
CA SER A 138 8.31 13.92 3.16
C SER A 138 6.96 14.52 3.51
N ALA A 139 6.83 14.92 4.78
CA ALA A 139 5.62 15.54 5.27
C ALA A 139 5.38 16.89 4.60
N ASP A 140 6.48 17.55 4.23
CA ASP A 140 6.41 18.86 3.58
C ASP A 140 5.56 18.79 2.32
N ALA A 141 5.67 17.67 1.59
CA ALA A 141 4.91 17.49 0.36
C ALA A 141 3.41 17.52 0.67
N VAL A 142 3.04 16.96 1.80
CA VAL A 142 1.63 16.94 2.21
C VAL A 142 1.11 18.36 2.38
N ASP A 143 1.92 19.21 3.00
CA ASP A 143 1.56 20.60 3.22
C ASP A 143 1.33 21.33 1.91
N ARG A 144 2.15 21.02 0.90
CA ARG A 144 2.05 21.69 -0.39
C ARG A 144 0.68 21.51 -1.02
N VAL A 145 0.17 20.29 -0.96
CA VAL A 145 -1.13 19.99 -1.54
C VAL A 145 -2.26 20.59 -0.71
N CYS A 146 -2.04 20.66 0.61
CA CYS A 146 -3.03 21.20 1.52
C CYS A 146 -3.39 22.63 1.15
N GLN A 147 -2.37 23.46 0.87
CA GLN A 147 -2.61 24.84 0.48
C GLN A 147 -3.44 24.89 -0.80
N ASN A 148 -3.10 24.01 -1.73
CA ASN A 148 -3.78 23.91 -3.01
C ASN A 148 -5.25 23.53 -2.82
N LYS A 149 -5.51 22.73 -1.79
CA LYS A 149 -6.87 22.26 -1.50
C LYS A 149 -7.30 21.31 -2.61
N PHE A 150 -7.61 21.86 -3.77
CA PHE A 150 -8.02 21.05 -4.92
C PHE A 150 -6.97 21.13 -6.01
N ILE A 151 -6.74 20.01 -6.66
CA ILE A 151 -5.80 19.96 -7.77
C ILE A 151 -6.54 19.59 -9.04
N ASP A 152 -6.22 20.28 -10.12
CA ASP A 152 -6.88 20.01 -11.39
C ASP A 152 -6.35 18.72 -11.99
N PHE A 153 -6.85 17.60 -11.50
CA PHE A 153 -6.42 16.31 -12.02
C PHE A 153 -7.20 15.96 -13.28
N LYS A 154 -8.15 15.03 -13.19
CA LYS A 154 -8.97 14.66 -14.34
C LYS A 154 -9.74 15.87 -14.84
N ASP A 155 -10.16 16.71 -13.88
CA ASP A 155 -10.92 17.95 -14.15
C ASP A 155 -12.05 18.13 -13.13
N ARG A 156 -12.17 17.19 -12.18
CA ARG A 156 -13.22 17.25 -11.16
C ARG A 156 -12.71 17.83 -9.85
N LYS A 157 -11.45 18.28 -9.83
CA LYS A 157 -10.88 18.85 -8.61
C LYS A 157 -10.77 17.80 -7.51
N ILE A 158 -10.12 16.68 -7.81
CA ILE A 158 -9.98 15.61 -6.83
C ILE A 158 -9.45 16.17 -5.50
N GLU A 159 -10.37 16.38 -4.56
CA GLU A 159 -10.04 16.92 -3.25
C GLU A 159 -9.06 16.02 -2.50
N ILE A 160 -8.09 16.64 -1.83
CA ILE A 160 -7.11 15.89 -1.07
C ILE A 160 -7.13 16.30 0.41
N LYS A 161 -7.24 15.31 1.28
CA LYS A 161 -7.27 15.54 2.72
C LYS A 161 -6.33 14.56 3.42
N ARG A 162 -5.65 15.04 4.47
CA ARG A 162 -4.73 14.18 5.21
C ARG A 162 -5.39 12.87 5.61
N ALA A 163 -4.61 11.80 5.64
CA ALA A 163 -5.15 10.48 5.98
C ALA A 163 -5.86 10.50 7.33
N GLU A 164 -6.94 9.73 7.42
CA GLU A 164 -7.72 9.67 8.65
C GLU A 164 -7.38 8.43 9.47
N PRO A 165 -6.98 8.62 10.74
CA PRO A 165 -6.63 7.51 11.63
C PRO A 165 -7.76 6.49 11.75
N ARG A 166 -8.98 6.92 11.44
CA ARG A 166 -10.15 6.06 11.51
C ARG A 166 -10.63 5.84 12.95
N HIS A 167 -9.94 6.45 13.91
CA HIS A 167 -10.33 6.31 15.31
C HIS A 167 -11.47 7.26 15.66
N LYS A 1 23.67 -9.71 3.08
CA LYS A 1 23.85 -8.34 3.64
C LYS A 1 22.66 -7.43 3.34
N GLU A 2 21.65 -7.98 2.66
CA GLU A 2 20.46 -7.21 2.31
C GLU A 2 19.26 -7.66 3.14
N SER A 3 18.36 -6.72 3.42
CA SER A 3 17.17 -7.01 4.21
C SER A 3 16.28 -8.03 3.50
N CYS A 4 16.33 -8.04 2.17
CA CYS A 4 15.52 -8.94 1.35
C CYS A 4 14.15 -9.22 1.98
N LYS A 5 13.59 -8.20 2.62
CA LYS A 5 12.29 -8.32 3.26
C LYS A 5 11.19 -7.80 2.34
N MET A 6 10.07 -8.53 2.28
CA MET A 6 8.96 -8.15 1.42
C MET A 6 7.72 -7.76 2.21
N PHE A 7 6.97 -6.80 1.69
CA PHE A 7 5.73 -6.34 2.33
C PHE A 7 4.53 -6.93 1.59
N ILE A 8 3.59 -7.49 2.35
CA ILE A 8 2.41 -8.08 1.75
C ILE A 8 1.16 -7.33 2.21
N GLY A 9 0.29 -6.99 1.27
CA GLY A 9 -0.93 -6.28 1.62
C GLY A 9 -2.17 -7.01 1.16
N GLY A 10 -3.29 -6.73 1.81
CA GLY A 10 -4.53 -7.38 1.44
C GLY A 10 -4.60 -8.81 1.92
N LEU A 11 -4.03 -9.07 3.10
CA LEU A 11 -4.03 -10.41 3.68
C LEU A 11 -5.22 -10.60 4.61
N ASN A 12 -5.81 -11.78 4.58
CA ASN A 12 -6.95 -12.09 5.44
C ASN A 12 -6.54 -11.93 6.91
N TRP A 13 -7.39 -11.28 7.70
CA TRP A 13 -7.08 -11.05 9.10
C TRP A 13 -6.76 -12.38 9.80
N ASP A 14 -7.40 -13.46 9.37
CA ASP A 14 -7.17 -14.77 9.94
C ASP A 14 -6.10 -15.55 9.15
N THR A 15 -5.43 -14.86 8.23
CA THR A 15 -4.40 -15.50 7.41
C THR A 15 -3.30 -16.15 8.24
N THR A 16 -2.88 -15.48 9.31
CA THR A 16 -1.79 -15.98 10.14
C THR A 16 -0.55 -16.25 9.28
N GLU A 17 0.60 -16.36 9.90
CA GLU A 17 1.84 -16.59 9.17
C GLU A 17 1.79 -17.94 8.45
N ASP A 18 1.04 -18.89 8.99
CA ASP A 18 0.95 -20.22 8.40
C ASP A 18 0.53 -20.18 6.93
N ASN A 19 -0.46 -19.36 6.61
CA ASN A 19 -0.94 -19.25 5.23
C ASN A 19 0.10 -18.62 4.30
N LEU A 20 0.85 -17.63 4.82
CA LEU A 20 1.85 -16.95 4.01
C LEU A 20 2.88 -17.91 3.42
N ARG A 21 3.43 -18.80 4.24
CA ARG A 21 4.41 -19.76 3.73
C ARG A 21 3.74 -20.75 2.80
N GLU A 22 2.46 -21.03 3.05
CA GLU A 22 1.72 -21.97 2.22
C GLU A 22 1.75 -21.55 0.76
N TYR A 23 1.63 -20.23 0.53
CA TYR A 23 1.66 -19.70 -0.83
C TYR A 23 3.07 -19.22 -1.17
N PHE A 24 3.56 -18.28 -0.38
CA PHE A 24 4.89 -17.72 -0.59
C PHE A 24 5.99 -18.77 -0.50
N GLY A 25 5.79 -19.78 0.34
CA GLY A 25 6.77 -20.83 0.50
C GLY A 25 7.23 -21.38 -0.84
N LYS A 26 6.36 -21.27 -1.84
CA LYS A 26 6.66 -21.76 -3.18
C LYS A 26 7.95 -21.14 -3.73
N TYR A 27 8.13 -19.85 -3.49
CA TYR A 27 9.31 -19.14 -3.98
C TYR A 27 10.58 -19.54 -3.24
N GLY A 28 10.45 -19.82 -1.95
CA GLY A 28 11.62 -20.20 -1.19
C GLY A 28 11.32 -20.62 0.24
N THR A 29 12.39 -20.92 0.96
CA THR A 29 12.32 -21.34 2.35
C THR A 29 11.74 -20.25 3.24
N VAL A 30 12.04 -19.00 2.91
CA VAL A 30 11.59 -17.87 3.71
C VAL A 30 12.29 -17.92 5.07
N THR A 31 13.24 -17.01 5.26
CA THR A 31 14.02 -16.96 6.50
C THR A 31 13.16 -16.63 7.70
N ASP A 32 12.19 -15.74 7.51
CA ASP A 32 11.32 -15.34 8.61
C ASP A 32 9.94 -14.87 8.14
N LEU A 33 8.95 -15.07 9.00
CA LEU A 33 7.58 -14.67 8.72
C LEU A 33 7.11 -13.64 9.75
N LYS A 34 6.49 -12.55 9.28
CA LYS A 34 6.00 -11.53 10.21
C LYS A 34 4.57 -11.10 9.90
N ILE A 35 3.69 -11.31 10.86
CA ILE A 35 2.30 -10.90 10.74
C ILE A 35 1.89 -10.09 11.96
N MET A 36 1.15 -9.01 11.72
CA MET A 36 0.70 -8.15 12.80
C MET A 36 -0.72 -8.51 13.23
N LYS A 37 -0.89 -8.73 14.52
CA LYS A 37 -2.19 -9.09 15.07
C LYS A 37 -2.52 -8.23 16.29
N ASP A 38 -3.81 -8.08 16.58
CA ASP A 38 -4.26 -7.29 17.72
C ASP A 38 -5.07 -8.17 18.68
N PRO A 39 -4.39 -8.95 19.53
CA PRO A 39 -5.06 -9.84 20.49
C PRO A 39 -6.05 -9.09 21.39
N ALA A 40 -5.82 -7.79 21.56
CA ALA A 40 -6.71 -6.98 22.40
C ALA A 40 -8.06 -6.77 21.74
N THR A 41 -8.07 -5.98 20.67
CA THR A 41 -9.29 -5.70 19.94
C THR A 41 -9.72 -6.91 19.11
N GLY A 42 -8.76 -7.81 18.86
CA GLY A 42 -9.06 -8.99 18.08
C GLY A 42 -8.98 -8.74 16.58
N ARG A 43 -8.28 -7.67 16.20
CA ARG A 43 -8.13 -7.33 14.78
C ARG A 43 -6.67 -7.42 14.36
N SER A 44 -6.44 -7.71 13.08
CA SER A 44 -5.08 -7.82 12.58
C SER A 44 -4.79 -6.76 11.52
N ARG A 45 -3.53 -6.38 11.37
CA ARG A 45 -3.15 -5.38 10.38
C ARG A 45 -3.65 -5.77 9.00
N GLY A 46 -3.66 -7.06 8.72
CA GLY A 46 -4.11 -7.53 7.42
C GLY A 46 -2.97 -7.64 6.43
N PHE A 47 -1.75 -7.41 6.90
CA PHE A 47 -0.56 -7.48 6.08
C PHE A 47 0.58 -8.13 6.84
N GLY A 48 1.55 -8.65 6.10
CA GLY A 48 2.68 -9.30 6.73
C GLY A 48 3.97 -9.04 6.00
N PHE A 49 5.09 -9.28 6.68
CA PHE A 49 6.39 -9.08 6.08
C PHE A 49 7.06 -10.42 5.83
N LEU A 50 7.55 -10.60 4.61
CA LEU A 50 8.21 -11.84 4.22
C LEU A 50 9.71 -11.68 4.16
N SER A 51 10.43 -12.70 4.61
CA SER A 51 11.88 -12.69 4.55
C SER A 51 12.36 -13.97 3.88
N PHE A 52 13.22 -13.84 2.87
CA PHE A 52 13.74 -15.00 2.16
C PHE A 52 15.25 -15.10 2.23
N GLU A 53 15.74 -16.34 2.35
CA GLU A 53 17.17 -16.58 2.40
C GLU A 53 17.84 -16.11 1.11
N LYS A 54 17.12 -16.25 0.01
CA LYS A 54 17.60 -15.84 -1.30
C LYS A 54 16.82 -14.63 -1.81
N PRO A 55 17.49 -13.47 -1.99
CA PRO A 55 16.84 -12.24 -2.45
C PRO A 55 16.10 -12.42 -3.77
N SER A 56 16.59 -13.32 -4.62
CA SER A 56 15.97 -13.57 -5.91
C SER A 56 14.53 -14.04 -5.74
N SER A 57 14.28 -14.81 -4.69
CA SER A 57 12.93 -15.30 -4.43
C SER A 57 11.96 -14.12 -4.31
N VAL A 58 12.47 -13.02 -3.76
CA VAL A 58 11.67 -11.82 -3.58
C VAL A 58 11.23 -11.23 -4.91
N ASP A 59 12.11 -11.27 -5.92
CA ASP A 59 11.78 -10.69 -7.22
C ASP A 59 10.56 -11.39 -7.83
N GLU A 60 10.47 -12.70 -7.66
CA GLU A 60 9.33 -13.47 -8.15
C GLU A 60 8.10 -13.17 -7.32
N VAL A 61 8.31 -12.96 -6.03
CA VAL A 61 7.23 -12.69 -5.09
C VAL A 61 6.48 -11.42 -5.47
N VAL A 62 7.17 -10.41 -5.98
CA VAL A 62 6.51 -9.15 -6.34
C VAL A 62 5.95 -9.16 -7.77
N LYS A 63 6.81 -9.45 -8.74
CA LYS A 63 6.41 -9.44 -10.16
C LYS A 63 5.29 -10.41 -10.49
N THR A 64 5.30 -11.58 -9.86
CA THR A 64 4.32 -12.61 -10.14
C THR A 64 2.87 -12.17 -9.92
N GLN A 65 2.59 -11.37 -8.89
CA GLN A 65 1.22 -10.95 -8.62
C GLN A 65 0.42 -12.19 -8.25
N HIS A 66 0.02 -12.30 -6.99
CA HIS A 66 -0.67 -13.50 -6.51
C HIS A 66 -1.85 -13.20 -5.59
N ILE A 67 -2.56 -14.27 -5.24
CA ILE A 67 -3.69 -14.19 -4.32
C ILE A 67 -3.36 -14.99 -3.06
N LEU A 68 -3.36 -14.32 -1.91
CA LEU A 68 -3.02 -15.00 -0.66
C LEU A 68 -4.11 -16.00 -0.24
N ASP A 69 -5.37 -15.58 -0.35
CA ASP A 69 -6.49 -16.45 0.02
C ASP A 69 -7.83 -15.79 -0.25
N GLY A 70 -8.17 -15.63 -1.54
CA GLY A 70 -9.44 -15.02 -1.89
C GLY A 70 -9.35 -13.54 -2.16
N LYS A 71 -8.19 -12.94 -1.87
CA LYS A 71 -7.99 -11.52 -2.11
C LYS A 71 -6.80 -11.25 -2.99
N VAL A 72 -6.77 -10.10 -3.65
CA VAL A 72 -5.67 -9.75 -4.52
C VAL A 72 -4.63 -8.95 -3.77
N ILE A 73 -3.39 -9.42 -3.84
CA ILE A 73 -2.29 -8.77 -3.17
C ILE A 73 -1.15 -8.48 -4.13
N ASP A 74 -0.34 -7.49 -3.80
CA ASP A 74 0.80 -7.13 -4.63
C ASP A 74 2.05 -6.99 -3.79
N PRO A 75 2.69 -8.13 -3.49
CA PRO A 75 3.92 -8.15 -2.67
C PRO A 75 4.93 -7.11 -3.17
N LYS A 76 5.39 -6.27 -2.25
CA LYS A 76 6.35 -5.21 -2.58
C LYS A 76 7.51 -5.20 -1.59
N ARG A 77 8.71 -4.88 -2.06
CA ARG A 77 9.88 -4.88 -1.19
C ARG A 77 9.63 -4.07 0.08
N ALA A 78 10.18 -4.55 1.18
CA ALA A 78 10.03 -3.93 2.49
C ALA A 78 10.73 -2.57 2.59
N ILE A 79 10.17 -1.69 3.41
CA ILE A 79 10.73 -0.37 3.65
C ILE A 79 11.14 -0.22 5.12
N PRO A 80 12.28 0.42 5.40
CA PRO A 80 12.73 0.63 6.77
C PRO A 80 11.66 1.32 7.61
N ARG A 81 11.49 0.89 8.86
CA ARG A 81 10.48 1.47 9.74
C ARG A 81 10.68 2.97 9.88
N ASP A 82 11.94 3.39 10.01
CA ASP A 82 12.26 4.81 10.15
C ASP A 82 11.78 5.62 8.95
N GLU A 83 11.92 5.04 7.76
CA GLU A 83 11.50 5.73 6.54
C GLU A 83 9.99 5.95 6.56
N GLN A 84 9.26 5.02 7.16
CA GLN A 84 7.81 5.13 7.23
C GLN A 84 7.42 6.42 7.93
N ASP A 85 8.17 6.78 8.96
CA ASP A 85 7.93 8.01 9.70
C ASP A 85 8.06 9.21 8.78
N LYS A 86 9.08 9.19 7.93
CA LYS A 86 9.34 10.26 6.98
C LYS A 86 8.20 10.39 5.97
N THR A 87 7.62 9.26 5.60
CA THR A 87 6.54 9.25 4.62
C THR A 87 5.19 9.54 5.26
N GLY A 88 4.23 9.92 4.42
CA GLY A 88 2.89 10.22 4.90
C GLY A 88 1.83 9.73 3.93
N LYS A 89 0.57 9.76 4.34
CA LYS A 89 -0.52 9.32 3.48
C LYS A 89 -1.68 10.31 3.53
N ILE A 90 -2.18 10.73 2.37
CA ILE A 90 -3.31 11.66 2.33
C ILE A 90 -4.45 11.08 1.53
N PHE A 91 -5.66 11.55 1.83
CA PHE A 91 -6.86 11.09 1.15
C PHE A 91 -7.25 12.06 0.04
N VAL A 92 -7.55 11.50 -1.13
CA VAL A 92 -7.91 12.32 -2.27
C VAL A 92 -9.29 11.97 -2.80
N GLY A 93 -10.04 13.01 -3.17
CA GLY A 93 -11.37 12.81 -3.71
C GLY A 93 -11.55 13.55 -5.01
N GLY A 94 -12.66 13.32 -5.69
CA GLY A 94 -12.90 13.99 -6.96
C GLY A 94 -12.20 13.28 -8.10
N ILE A 95 -12.18 11.96 -8.03
CA ILE A 95 -11.54 11.15 -9.05
C ILE A 95 -12.57 10.36 -9.84
N GLY A 96 -12.47 10.40 -11.17
CA GLY A 96 -13.42 9.68 -12.02
C GLY A 96 -12.88 9.39 -13.41
N PRO A 97 -13.53 9.90 -14.47
CA PRO A 97 -13.10 9.64 -15.85
C PRO A 97 -11.67 10.11 -16.14
N ASP A 98 -10.95 9.30 -16.91
CA ASP A 98 -9.57 9.62 -17.30
C ASP A 98 -8.67 9.90 -16.10
N VAL A 99 -8.77 9.08 -15.06
CA VAL A 99 -7.95 9.26 -13.87
C VAL A 99 -7.10 8.03 -13.57
N ARG A 100 -6.76 7.27 -14.61
CA ARG A 100 -5.94 6.06 -14.43
C ARG A 100 -4.85 6.33 -13.39
N PRO A 101 -4.34 5.29 -12.72
CA PRO A 101 -3.31 5.45 -11.70
C PRO A 101 -2.14 6.29 -12.18
N LYS A 102 -1.88 6.25 -13.49
CA LYS A 102 -0.80 7.04 -14.06
C LYS A 102 -1.04 8.54 -13.85
N GLU A 103 -2.26 8.99 -14.12
CA GLU A 103 -2.61 10.40 -13.96
C GLU A 103 -2.62 10.79 -12.49
N PHE A 104 -3.18 9.92 -11.66
CA PHE A 104 -3.26 10.15 -10.24
C PHE A 104 -1.88 10.17 -9.60
N GLU A 105 -1.06 9.19 -9.93
CA GLU A 105 0.30 9.10 -9.39
C GLU A 105 1.15 10.27 -9.85
N GLU A 106 1.03 10.65 -11.12
CA GLU A 106 1.80 11.76 -11.67
C GLU A 106 1.26 13.10 -11.20
N PHE A 107 -0.06 13.17 -10.99
CA PHE A 107 -0.68 14.42 -10.54
C PHE A 107 -0.12 14.90 -9.20
N PHE A 108 -0.19 14.03 -8.21
CA PHE A 108 0.27 14.34 -6.86
C PHE A 108 1.79 14.53 -6.77
N SER A 109 2.53 13.84 -7.61
CA SER A 109 3.98 13.94 -7.60
C SER A 109 4.45 15.39 -7.77
N GLN A 110 3.62 16.19 -8.43
CA GLN A 110 3.95 17.60 -8.68
C GLN A 110 4.35 18.34 -7.40
N TRP A 111 3.69 18.06 -6.27
CA TRP A 111 4.04 18.74 -5.02
C TRP A 111 4.71 17.82 -4.02
N GLY A 112 5.68 17.07 -4.51
CA GLY A 112 6.41 16.15 -3.68
C GLY A 112 6.55 14.80 -4.33
N THR A 113 7.64 14.11 -4.04
CA THR A 113 7.85 12.80 -4.63
C THR A 113 6.85 11.83 -4.03
N ILE A 114 6.18 11.06 -4.88
CA ILE A 114 5.21 10.10 -4.41
C ILE A 114 5.82 8.73 -4.24
N ILE A 115 5.49 8.09 -3.13
CA ILE A 115 6.00 6.75 -2.87
C ILE A 115 5.04 5.67 -3.37
N ASP A 116 3.94 5.47 -2.65
CA ASP A 116 2.95 4.46 -3.04
C ASP A 116 1.83 5.04 -3.91
N ALA A 117 0.92 5.78 -3.27
CA ALA A 117 -0.22 6.39 -3.97
C ALA A 117 -0.86 5.46 -4.98
N GLN A 118 -2.06 4.97 -4.67
CA GLN A 118 -2.77 4.08 -5.58
C GLN A 118 -4.27 4.37 -5.61
N LEU A 119 -4.90 3.97 -6.71
CA LEU A 119 -6.34 4.18 -6.89
C LEU A 119 -7.15 3.45 -5.82
N MET A 120 -6.68 2.25 -5.44
CA MET A 120 -7.35 1.41 -4.45
C MET A 120 -8.42 0.54 -5.08
N LEU A 121 -8.35 -0.75 -4.83
CA LEU A 121 -9.32 -1.70 -5.36
C LEU A 121 -9.86 -2.57 -4.23
N ASP A 122 -11.17 -2.55 -4.01
CA ASP A 122 -11.77 -3.37 -2.96
C ASP A 122 -11.52 -4.85 -3.23
N LYS A 123 -11.66 -5.21 -4.50
CA LYS A 123 -11.44 -6.58 -4.96
C LYS A 123 -11.32 -6.58 -6.49
N ASP A 124 -10.34 -5.83 -6.99
CA ASP A 124 -10.14 -5.70 -8.43
C ASP A 124 -11.39 -5.16 -9.12
N THR A 125 -11.98 -4.13 -8.51
CA THR A 125 -13.19 -3.52 -9.07
C THR A 125 -13.65 -2.34 -8.22
N GLY A 126 -13.46 -2.45 -6.92
CA GLY A 126 -13.87 -1.39 -6.04
C GLY A 126 -12.85 -0.27 -5.95
N GLN A 127 -13.18 0.75 -5.18
CA GLN A 127 -12.30 1.90 -4.96
C GLN A 127 -11.64 2.38 -6.26
N SER A 128 -12.22 2.04 -7.40
CA SER A 128 -11.67 2.43 -8.69
C SER A 128 -12.02 3.86 -9.05
N ARG A 129 -13.18 4.33 -8.61
CA ARG A 129 -13.62 5.68 -8.93
C ARG A 129 -14.16 6.42 -7.71
N GLY A 130 -14.08 7.74 -7.78
CA GLY A 130 -14.59 8.59 -6.72
C GLY A 130 -13.52 9.17 -5.82
N PHE A 131 -12.51 8.40 -5.46
CA PHE A 131 -11.45 8.90 -4.58
C PHE A 131 -10.11 8.25 -4.89
N GLY A 132 -9.04 8.85 -4.35
CA GLY A 132 -7.71 8.30 -4.56
C GLY A 132 -6.85 8.36 -3.29
N PHE A 133 -5.89 7.44 -3.19
CA PHE A 133 -4.97 7.38 -2.06
C PHE A 133 -3.57 7.81 -2.48
N VAL A 134 -2.97 8.76 -1.77
CA VAL A 134 -1.63 9.23 -2.12
C VAL A 134 -0.66 9.14 -0.93
N THR A 135 0.53 8.64 -1.21
CA THR A 135 1.58 8.53 -0.20
C THR A 135 2.79 9.34 -0.64
N TYR A 136 3.38 10.08 0.29
CA TYR A 136 4.54 10.90 -0.02
C TYR A 136 5.78 10.46 0.74
N ASP A 137 6.90 10.46 0.03
CA ASP A 137 8.16 10.08 0.62
C ASP A 137 8.46 10.98 1.81
N SER A 138 8.07 12.25 1.68
CA SER A 138 8.29 13.22 2.75
C SER A 138 6.97 13.85 3.19
N ALA A 139 6.89 14.13 4.48
CA ALA A 139 5.70 14.74 5.08
C ALA A 139 5.48 16.15 4.55
N ASP A 140 6.57 16.82 4.16
CA ASP A 140 6.49 18.19 3.66
C ASP A 140 5.53 18.30 2.48
N ALA A 141 5.52 17.29 1.61
CA ALA A 141 4.64 17.29 0.46
C ALA A 141 3.18 17.30 0.89
N VAL A 142 2.88 16.58 1.96
CA VAL A 142 1.52 16.50 2.48
C VAL A 142 1.03 17.87 2.94
N ASP A 143 1.88 18.60 3.64
CA ASP A 143 1.54 19.92 4.15
C ASP A 143 1.21 20.90 3.02
N ARG A 144 1.95 20.83 1.93
CA ARG A 144 1.74 21.75 0.81
C ARG A 144 0.33 21.64 0.25
N VAL A 145 -0.15 20.42 0.10
CA VAL A 145 -1.49 20.20 -0.43
C VAL A 145 -2.56 20.62 0.56
N CYS A 146 -2.27 20.45 1.85
CA CYS A 146 -3.22 20.81 2.89
C CYS A 146 -3.64 22.26 2.80
N GLN A 147 -2.66 23.15 2.62
CA GLN A 147 -2.96 24.57 2.51
C GLN A 147 -3.85 24.83 1.29
N ASN A 148 -3.53 24.16 0.19
CA ASN A 148 -4.29 24.29 -1.05
C ASN A 148 -5.72 23.80 -0.88
N LYS A 149 -5.90 22.76 -0.07
CA LYS A 149 -7.22 22.18 0.16
C LYS A 149 -7.70 21.51 -1.13
N PHE A 150 -7.97 22.31 -2.14
CA PHE A 150 -8.43 21.82 -3.42
C PHE A 150 -7.43 22.10 -4.54
N ILE A 151 -7.16 21.08 -5.34
CA ILE A 151 -6.25 21.21 -6.45
C ILE A 151 -6.96 20.85 -7.75
N ASP A 152 -6.70 21.59 -8.80
CA ASP A 152 -7.33 21.34 -10.08
C ASP A 152 -6.69 20.15 -10.78
N PHE A 153 -7.44 19.05 -10.86
CA PHE A 153 -6.93 17.84 -11.51
C PHE A 153 -7.66 17.59 -12.82
N LYS A 154 -8.86 17.04 -12.72
CA LYS A 154 -9.69 16.76 -13.88
C LYS A 154 -10.70 17.88 -14.06
N ASP A 155 -11.74 17.61 -14.84
CA ASP A 155 -12.80 18.58 -15.08
C ASP A 155 -13.34 19.13 -13.76
N ARG A 156 -13.28 18.30 -12.71
CA ARG A 156 -13.77 18.69 -11.40
C ARG A 156 -12.62 18.88 -10.41
N LYS A 157 -12.84 19.74 -9.42
CA LYS A 157 -11.82 20.03 -8.42
C LYS A 157 -11.72 18.87 -7.44
N ILE A 158 -10.50 18.52 -7.04
CA ILE A 158 -10.32 17.41 -6.11
C ILE A 158 -9.99 17.89 -4.72
N GLU A 159 -10.62 17.28 -3.72
CA GLU A 159 -10.40 17.65 -2.32
C GLU A 159 -9.46 16.63 -1.68
N ILE A 160 -8.44 17.12 -1.00
CA ILE A 160 -7.48 16.25 -0.37
C ILE A 160 -7.45 16.47 1.15
N LYS A 161 -7.60 15.38 1.89
CA LYS A 161 -7.59 15.43 3.35
C LYS A 161 -6.66 14.37 3.92
N ARG A 162 -5.99 14.69 5.03
CA ARG A 162 -5.06 13.76 5.65
C ARG A 162 -5.69 12.38 5.82
N ALA A 163 -4.86 11.34 5.69
CA ALA A 163 -5.34 9.96 5.81
C ALA A 163 -5.96 9.70 7.18
N GLU A 164 -6.96 8.82 7.20
CA GLU A 164 -7.65 8.47 8.43
C GLU A 164 -7.42 7.00 8.80
N PRO A 165 -7.48 6.68 10.10
CA PRO A 165 -7.27 5.30 10.57
C PRO A 165 -8.28 4.33 9.97
N ARG A 166 -9.46 4.85 9.59
CA ARG A 166 -10.53 4.05 9.00
C ARG A 166 -10.59 2.64 9.61
N HIS A 167 -10.66 2.58 10.93
CA HIS A 167 -10.72 1.30 11.64
C HIS A 167 -9.47 0.48 11.38
N LYS A 1 17.76 -11.08 8.38
CA LYS A 1 17.12 -10.11 9.30
C LYS A 1 16.97 -8.74 8.63
N GLU A 2 15.74 -8.27 8.53
CA GLU A 2 15.46 -6.97 7.92
C GLU A 2 15.98 -6.92 6.48
N SER A 3 16.17 -8.09 5.88
CA SER A 3 16.67 -8.17 4.52
C SER A 3 15.67 -8.88 3.61
N CYS A 4 15.61 -8.48 2.35
CA CYS A 4 14.69 -9.07 1.38
C CYS A 4 13.27 -9.17 1.96
N LYS A 5 12.97 -8.30 2.92
CA LYS A 5 11.65 -8.29 3.54
C LYS A 5 10.69 -7.37 2.79
N MET A 6 9.46 -7.82 2.59
CA MET A 6 8.47 -7.02 1.89
C MET A 6 7.20 -6.84 2.72
N PHE A 7 6.39 -5.88 2.32
CA PHE A 7 5.14 -5.57 3.02
C PHE A 7 3.97 -6.23 2.30
N ILE A 8 3.14 -6.93 3.05
CA ILE A 8 1.98 -7.60 2.48
C ILE A 8 0.69 -7.08 3.09
N GLY A 9 -0.24 -6.67 2.25
CA GLY A 9 -1.51 -6.17 2.74
C GLY A 9 -2.67 -6.87 2.10
N GLY A 10 -3.85 -6.71 2.67
CA GLY A 10 -5.02 -7.36 2.12
C GLY A 10 -5.07 -8.84 2.47
N LEU A 11 -4.60 -9.15 3.67
CA LEU A 11 -4.55 -10.53 4.16
C LEU A 11 -5.93 -11.19 4.23
N ASN A 12 -6.99 -10.37 4.31
CA ASN A 12 -8.35 -10.90 4.42
C ASN A 12 -8.59 -11.41 5.83
N TRP A 13 -8.07 -10.65 6.80
CA TRP A 13 -8.21 -10.96 8.22
C TRP A 13 -8.23 -12.47 8.49
N ASP A 14 -7.46 -13.22 7.70
CA ASP A 14 -7.42 -14.67 7.86
C ASP A 14 -6.10 -15.27 7.36
N THR A 15 -5.12 -14.43 7.03
CA THR A 15 -3.84 -14.94 6.56
C THR A 15 -3.00 -15.40 7.74
N THR A 16 -2.37 -16.54 7.56
CA THR A 16 -1.52 -17.11 8.58
C THR A 16 -0.10 -17.17 8.06
N GLU A 17 0.88 -16.97 8.93
CA GLU A 17 2.27 -16.99 8.49
C GLU A 17 2.57 -18.31 7.78
N ASP A 18 1.97 -19.39 8.28
CA ASP A 18 2.16 -20.70 7.66
C ASP A 18 1.58 -20.74 6.26
N ASN A 19 0.34 -20.28 6.11
CA ASN A 19 -0.31 -20.24 4.81
C ASN A 19 0.39 -19.24 3.89
N LEU A 20 0.75 -18.11 4.49
CA LEU A 20 1.42 -17.05 3.81
C LEU A 20 2.81 -17.49 3.35
N ARG A 21 3.52 -18.23 4.19
CA ARG A 21 4.84 -18.72 3.82
C ARG A 21 4.71 -19.79 2.74
N GLU A 22 3.70 -20.65 2.88
CA GLU A 22 3.46 -21.71 1.91
C GLU A 22 3.07 -21.13 0.55
N TYR A 23 2.28 -20.05 0.56
CA TYR A 23 1.88 -19.41 -0.68
C TYR A 23 3.10 -18.89 -1.44
N PHE A 24 3.88 -18.10 -0.73
CA PHE A 24 5.10 -17.52 -1.31
C PHE A 24 6.21 -18.55 -1.45
N GLY A 25 6.15 -19.63 -0.67
CA GLY A 25 7.17 -20.67 -0.77
C GLY A 25 7.33 -21.13 -2.22
N LYS A 26 6.24 -20.98 -2.97
CA LYS A 26 6.18 -21.33 -4.38
C LYS A 26 7.29 -20.64 -5.17
N TYR A 27 7.52 -19.37 -4.84
CA TYR A 27 8.53 -18.56 -5.51
C TYR A 27 9.93 -19.02 -5.18
N GLY A 28 10.11 -19.52 -3.97
CA GLY A 28 11.42 -19.98 -3.55
C GLY A 28 11.45 -20.40 -2.10
N THR A 29 12.36 -19.82 -1.36
CA THR A 29 12.51 -20.12 0.06
C THR A 29 12.23 -18.87 0.88
N VAL A 30 11.61 -19.04 2.03
CA VAL A 30 11.29 -17.90 2.88
C VAL A 30 12.15 -17.93 4.13
N THR A 31 12.69 -16.77 4.50
CA THR A 31 13.55 -16.67 5.67
C THR A 31 12.78 -16.21 6.91
N ASP A 32 11.98 -15.16 6.75
CA ASP A 32 11.21 -14.65 7.89
C ASP A 32 9.77 -14.30 7.52
N LEU A 33 8.85 -14.78 8.35
CA LEU A 33 7.43 -14.52 8.14
C LEU A 33 6.86 -13.70 9.29
N LYS A 34 6.16 -12.61 8.97
CA LYS A 34 5.58 -11.79 10.01
C LYS A 34 4.15 -11.36 9.69
N ILE A 35 3.22 -11.81 10.51
CA ILE A 35 1.82 -11.42 10.40
C ILE A 35 1.33 -10.89 11.72
N MET A 36 0.76 -9.70 11.68
CA MET A 36 0.24 -9.07 12.87
C MET A 36 -1.19 -9.55 13.08
N LYS A 37 -1.43 -10.28 14.16
CA LYS A 37 -2.76 -10.80 14.42
C LYS A 37 -3.32 -10.24 15.73
N ASP A 38 -4.65 -10.19 15.82
CA ASP A 38 -5.32 -9.70 17.02
C ASP A 38 -6.32 -10.74 17.54
N PRO A 39 -5.81 -11.81 18.16
CA PRO A 39 -6.66 -12.89 18.69
C PRO A 39 -7.68 -12.40 19.71
N ALA A 40 -7.34 -11.31 20.42
CA ALA A 40 -8.24 -10.76 21.41
C ALA A 40 -9.49 -10.18 20.77
N THR A 41 -9.30 -9.23 19.87
CA THR A 41 -10.40 -8.61 19.16
C THR A 41 -10.94 -9.55 18.09
N GLY A 42 -10.12 -10.53 17.73
CA GLY A 42 -10.52 -11.48 16.70
C GLY A 42 -10.19 -10.97 15.30
N ARG A 43 -9.40 -9.91 15.25
CA ARG A 43 -9.00 -9.31 13.98
C ARG A 43 -7.49 -9.27 13.81
N SER A 44 -7.05 -8.80 12.66
CA SER A 44 -5.62 -8.72 12.37
C SER A 44 -5.29 -7.40 11.65
N ARG A 45 -4.03 -7.01 11.68
CA ARG A 45 -3.61 -5.78 11.01
C ARG A 45 -4.02 -5.82 9.54
N GLY A 46 -4.02 -7.03 8.98
CA GLY A 46 -4.39 -7.20 7.58
C GLY A 46 -3.19 -7.16 6.66
N PHE A 47 -2.00 -7.12 7.26
CA PHE A 47 -0.75 -7.09 6.51
C PHE A 47 0.34 -7.84 7.24
N GLY A 48 1.31 -8.33 6.48
CA GLY A 48 2.41 -9.06 7.05
C GLY A 48 3.71 -8.77 6.35
N PHE A 49 4.82 -9.02 7.02
CA PHE A 49 6.13 -8.79 6.43
C PHE A 49 6.77 -10.11 6.07
N LEU A 50 7.13 -10.27 4.80
CA LEU A 50 7.73 -11.52 4.34
C LEU A 50 9.17 -11.30 3.88
N SER A 51 10.08 -12.15 4.35
CA SER A 51 11.49 -12.05 3.97
C SER A 51 11.94 -13.27 3.19
N PHE A 52 12.68 -13.06 2.12
CA PHE A 52 13.18 -14.16 1.29
C PHE A 52 14.69 -14.30 1.38
N GLU A 53 15.15 -15.54 1.52
CA GLU A 53 16.57 -15.82 1.57
C GLU A 53 17.22 -15.42 0.26
N LYS A 54 16.48 -15.60 -0.84
CA LYS A 54 16.96 -15.24 -2.16
C LYS A 54 16.21 -14.02 -2.70
N PRO A 55 16.90 -12.89 -2.90
CA PRO A 55 16.28 -11.67 -3.41
C PRO A 55 15.56 -11.86 -4.74
N SER A 56 15.96 -12.89 -5.49
CA SER A 56 15.35 -13.18 -6.78
C SER A 56 13.84 -13.38 -6.64
N SER A 57 13.44 -14.04 -5.56
CA SER A 57 12.02 -14.30 -5.32
C SER A 57 11.26 -12.99 -5.21
N VAL A 58 11.89 -11.98 -4.63
CA VAL A 58 11.26 -10.68 -4.48
C VAL A 58 10.90 -10.08 -5.83
N ASP A 59 11.81 -10.19 -6.80
CA ASP A 59 11.56 -9.67 -8.13
C ASP A 59 10.33 -10.31 -8.75
N GLU A 60 10.19 -11.61 -8.56
CA GLU A 60 9.05 -12.35 -9.08
C GLU A 60 7.79 -12.14 -8.23
N VAL A 61 7.98 -12.06 -6.91
CA VAL A 61 6.86 -11.85 -6.01
C VAL A 61 6.19 -10.51 -6.28
N VAL A 62 6.99 -9.47 -6.41
CA VAL A 62 6.45 -8.15 -6.68
C VAL A 62 5.69 -8.08 -8.01
N LYS A 63 6.19 -8.80 -9.01
CA LYS A 63 5.57 -8.82 -10.33
C LYS A 63 4.12 -9.32 -10.30
N THR A 64 3.86 -10.33 -9.47
CA THR A 64 2.51 -10.90 -9.37
C THR A 64 1.65 -10.16 -8.35
N GLN A 65 0.37 -10.02 -8.67
CA GLN A 65 -0.57 -9.35 -7.78
C GLN A 65 -0.79 -10.13 -6.49
N HIS A 66 -0.88 -11.46 -6.62
CA HIS A 66 -1.07 -12.35 -5.47
C HIS A 66 -2.48 -12.30 -4.92
N ILE A 67 -3.25 -13.35 -5.17
CA ILE A 67 -4.59 -13.43 -4.63
C ILE A 67 -4.61 -14.58 -3.62
N LEU A 68 -4.68 -14.23 -2.34
CA LEU A 68 -4.68 -15.23 -1.28
C LEU A 68 -6.01 -15.18 -0.50
N ASP A 69 -6.67 -16.32 -0.40
CA ASP A 69 -7.94 -16.42 0.30
C ASP A 69 -9.00 -15.45 -0.25
N GLY A 70 -9.05 -15.31 -1.57
CA GLY A 70 -10.05 -14.44 -2.19
C GLY A 70 -9.73 -12.96 -2.12
N LYS A 71 -8.54 -12.60 -1.67
CA LYS A 71 -8.14 -11.19 -1.57
C LYS A 71 -6.82 -10.92 -2.28
N VAL A 72 -6.64 -9.68 -2.72
CA VAL A 72 -5.42 -9.29 -3.41
C VAL A 72 -4.47 -8.56 -2.46
N ILE A 73 -3.20 -8.89 -2.54
CA ILE A 73 -2.18 -8.28 -1.69
C ILE A 73 -1.08 -7.65 -2.52
N ASP A 74 -0.30 -6.76 -1.91
CA ASP A 74 0.78 -6.08 -2.63
C ASP A 74 2.12 -6.26 -1.92
N PRO A 75 2.75 -7.42 -2.12
CA PRO A 75 4.05 -7.75 -1.53
C PRO A 75 5.16 -6.81 -2.02
N LYS A 76 5.17 -5.59 -1.49
CA LYS A 76 6.17 -4.60 -1.88
C LYS A 76 7.36 -4.59 -0.91
N ARG A 77 8.49 -4.07 -1.33
CA ARG A 77 9.67 -4.03 -0.49
C ARG A 77 9.41 -3.27 0.81
N ALA A 78 9.90 -3.83 1.91
CA ALA A 78 9.72 -3.24 3.25
C ALA A 78 10.40 -1.88 3.34
N ILE A 79 9.80 -0.97 4.10
CA ILE A 79 10.35 0.37 4.29
C ILE A 79 10.87 0.55 5.72
N PRO A 80 12.17 0.85 5.89
CA PRO A 80 12.75 1.06 7.22
C PRO A 80 11.99 2.12 8.00
N ARG A 81 11.93 1.97 9.32
CA ARG A 81 11.22 2.93 10.16
C ARG A 81 11.71 4.35 9.96
N ASP A 82 13.01 4.52 9.76
CA ASP A 82 13.56 5.84 9.56
C ASP A 82 12.87 6.52 8.36
N GLU A 83 12.70 5.75 7.29
CA GLU A 83 12.04 6.26 6.10
C GLU A 83 10.54 6.44 6.33
N GLN A 84 9.93 5.48 7.05
CA GLN A 84 8.50 5.53 7.35
C GLN A 84 8.14 6.77 8.16
N ASP A 85 9.03 7.16 9.05
CA ASP A 85 8.81 8.33 9.90
C ASP A 85 8.63 9.61 9.08
N LYS A 86 9.38 9.72 7.99
CA LYS A 86 9.34 10.91 7.14
C LYS A 86 8.23 10.83 6.08
N THR A 87 7.49 9.73 6.05
CA THR A 87 6.42 9.58 5.06
C THR A 87 5.11 10.15 5.57
N GLY A 88 4.19 10.39 4.63
CA GLY A 88 2.90 10.94 4.98
C GLY A 88 1.86 10.64 3.91
N LYS A 89 1.15 9.52 4.07
CA LYS A 89 0.14 9.12 3.09
C LYS A 89 -1.15 9.90 3.31
N ILE A 90 -1.71 10.43 2.23
CA ILE A 90 -2.93 11.23 2.31
C ILE A 90 -4.09 10.60 1.55
N PHE A 91 -5.28 11.07 1.88
CA PHE A 91 -6.51 10.60 1.26
C PHE A 91 -7.04 11.59 0.23
N VAL A 92 -7.42 11.07 -0.93
CA VAL A 92 -7.98 11.89 -2.00
C VAL A 92 -9.30 11.28 -2.45
N GLY A 93 -10.32 12.12 -2.63
CA GLY A 93 -11.62 11.61 -3.04
C GLY A 93 -12.15 12.26 -4.31
N GLY A 94 -11.30 12.99 -5.01
CA GLY A 94 -11.72 13.64 -6.23
C GLY A 94 -11.35 12.86 -7.47
N ILE A 95 -11.00 11.59 -7.30
CA ILE A 95 -10.61 10.76 -8.44
C ILE A 95 -11.51 9.53 -8.61
N GLY A 96 -11.56 9.04 -9.84
CA GLY A 96 -12.35 7.87 -10.17
C GLY A 96 -11.60 6.95 -11.11
N PRO A 97 -12.16 5.79 -11.47
CA PRO A 97 -11.48 4.85 -12.38
C PRO A 97 -11.06 5.53 -13.68
N ASP A 98 -11.79 6.58 -14.05
CA ASP A 98 -11.49 7.33 -15.27
C ASP A 98 -10.08 7.92 -15.25
N VAL A 99 -9.63 8.32 -14.06
CA VAL A 99 -8.31 8.91 -13.90
C VAL A 99 -7.18 7.92 -14.20
N ARG A 100 -7.44 6.64 -13.99
CA ARG A 100 -6.43 5.62 -14.22
C ARG A 100 -5.34 5.74 -13.15
N PRO A 101 -5.01 4.65 -12.46
CA PRO A 101 -4.00 4.67 -11.39
C PRO A 101 -2.66 5.21 -11.87
N LYS A 102 -2.31 4.97 -13.12
CA LYS A 102 -1.04 5.45 -13.67
C LYS A 102 -0.95 6.98 -13.59
N GLU A 103 -2.01 7.66 -14.04
CA GLU A 103 -2.07 9.11 -14.03
C GLU A 103 -2.08 9.64 -12.60
N PHE A 104 -2.77 8.91 -11.73
CA PHE A 104 -2.88 9.29 -10.33
C PHE A 104 -1.51 9.38 -9.65
N GLU A 105 -0.66 8.38 -9.90
CA GLU A 105 0.67 8.36 -9.32
C GLU A 105 1.53 9.50 -9.85
N GLU A 106 1.42 9.78 -11.15
CA GLU A 106 2.18 10.86 -11.76
C GLU A 106 1.57 12.21 -11.41
N PHE A 107 0.25 12.22 -11.23
CA PHE A 107 -0.46 13.45 -10.88
C PHE A 107 -0.02 14.00 -9.53
N PHE A 108 -0.13 13.17 -8.49
CA PHE A 108 0.24 13.57 -7.15
C PHE A 108 1.75 13.82 -7.03
N SER A 109 2.52 13.18 -7.91
CA SER A 109 3.98 13.31 -7.88
C SER A 109 4.41 14.76 -8.06
N GLN A 110 3.56 15.55 -8.71
CA GLN A 110 3.88 16.94 -8.96
C GLN A 110 4.23 17.68 -7.67
N TRP A 111 3.57 17.33 -6.56
CA TRP A 111 3.86 17.98 -5.28
C TRP A 111 4.45 17.00 -4.28
N GLY A 112 5.25 16.07 -4.78
CA GLY A 112 5.89 15.10 -3.92
C GLY A 112 6.45 13.91 -4.68
N THR A 113 7.53 13.35 -4.16
CA THR A 113 8.17 12.19 -4.79
C THR A 113 7.20 11.01 -4.88
N ILE A 114 6.35 10.88 -3.86
CA ILE A 114 5.39 9.79 -3.80
C ILE A 114 6.08 8.44 -3.70
N ILE A 115 6.34 7.97 -2.48
CA ILE A 115 6.98 6.67 -2.34
C ILE A 115 6.16 5.59 -3.05
N ASP A 116 4.84 5.66 -2.89
CA ASP A 116 3.96 4.69 -3.54
C ASP A 116 2.49 5.12 -3.46
N ALA A 117 1.96 5.68 -4.55
CA ALA A 117 0.57 6.09 -4.60
C ALA A 117 -0.27 5.04 -5.31
N GLN A 118 -1.45 4.72 -4.77
CA GLN A 118 -2.28 3.71 -5.39
C GLN A 118 -3.77 4.03 -5.33
N LEU A 119 -4.49 3.45 -6.28
CA LEU A 119 -5.94 3.60 -6.39
C LEU A 119 -6.65 2.97 -5.20
N MET A 120 -6.10 1.84 -4.72
CA MET A 120 -6.64 1.07 -3.58
C MET A 120 -7.32 -0.22 -4.02
N LEU A 121 -8.55 -0.12 -4.51
CA LEU A 121 -9.29 -1.30 -4.94
C LEU A 121 -9.45 -2.30 -3.79
N ASP A 122 -10.20 -1.92 -2.76
CA ASP A 122 -10.41 -2.82 -1.63
C ASP A 122 -11.05 -4.11 -2.12
N LYS A 123 -11.99 -3.97 -3.03
CA LYS A 123 -12.66 -5.10 -3.65
C LYS A 123 -12.90 -4.79 -5.13
N ASP A 124 -12.26 -5.55 -6.00
CA ASP A 124 -12.40 -5.34 -7.44
C ASP A 124 -11.93 -3.94 -7.83
N THR A 125 -12.62 -2.91 -7.36
CA THR A 125 -12.27 -1.52 -7.67
C THR A 125 -13.34 -0.53 -7.21
N GLY A 126 -14.22 -0.97 -6.30
CA GLY A 126 -15.26 -0.09 -5.81
C GLY A 126 -14.72 1.17 -5.18
N GLN A 127 -13.61 1.05 -4.46
CA GLN A 127 -12.98 2.19 -3.80
C GLN A 127 -12.55 3.23 -4.84
N SER A 128 -12.10 2.73 -5.98
CA SER A 128 -11.66 3.58 -7.09
C SER A 128 -12.79 4.48 -7.59
N ARG A 129 -14.02 4.06 -7.35
CA ARG A 129 -15.20 4.78 -7.80
C ARG A 129 -15.14 6.27 -7.48
N GLY A 130 -14.53 6.65 -6.37
CA GLY A 130 -14.50 8.06 -6.02
C GLY A 130 -13.23 8.55 -5.34
N PHE A 131 -12.42 7.66 -4.77
CA PHE A 131 -11.21 8.13 -4.09
C PHE A 131 -9.98 7.29 -4.39
N GLY A 132 -8.82 7.85 -4.05
CA GLY A 132 -7.55 7.16 -4.23
C GLY A 132 -6.61 7.42 -3.08
N PHE A 133 -5.56 6.61 -2.96
CA PHE A 133 -4.58 6.75 -1.88
C PHE A 133 -3.19 7.10 -2.40
N VAL A 134 -2.58 8.13 -1.82
CA VAL A 134 -1.22 8.52 -2.20
C VAL A 134 -0.30 8.60 -0.99
N THR A 135 0.91 8.06 -1.15
CA THR A 135 1.89 8.08 -0.08
C THR A 135 3.07 8.95 -0.50
N TYR A 136 3.54 9.80 0.41
CA TYR A 136 4.65 10.69 0.11
C TYR A 136 5.89 10.41 0.93
N ASP A 137 7.04 10.42 0.25
CA ASP A 137 8.30 10.19 0.89
C ASP A 137 8.56 11.22 1.98
N SER A 138 8.09 12.44 1.75
CA SER A 138 8.28 13.51 2.72
C SER A 138 6.95 14.07 3.23
N ALA A 139 6.93 14.41 4.51
CA ALA A 139 5.75 14.97 5.14
C ALA A 139 5.42 16.35 4.59
N ASP A 140 6.46 17.07 4.19
CA ASP A 140 6.29 18.42 3.64
C ASP A 140 5.43 18.40 2.37
N ALA A 141 5.54 17.33 1.59
CA ALA A 141 4.76 17.22 0.37
C ALA A 141 3.26 17.19 0.68
N VAL A 142 2.90 16.53 1.77
CA VAL A 142 1.51 16.45 2.19
C VAL A 142 0.95 17.84 2.47
N ASP A 143 1.74 18.66 3.14
CA ASP A 143 1.35 20.02 3.48
C ASP A 143 1.02 20.84 2.24
N ARG A 144 1.79 20.62 1.17
CA ARG A 144 1.59 21.37 -0.07
C ARG A 144 0.19 21.20 -0.61
N VAL A 145 -0.29 19.96 -0.60
CA VAL A 145 -1.62 19.66 -1.10
C VAL A 145 -2.71 20.22 -0.19
N CYS A 146 -2.43 20.22 1.11
CA CYS A 146 -3.40 20.73 2.08
C CYS A 146 -3.74 22.18 1.81
N GLN A 147 -2.74 23.01 1.59
CA GLN A 147 -2.98 24.43 1.31
C GLN A 147 -3.76 24.59 0.02
N ASN A 148 -3.42 23.76 -0.96
CA ASN A 148 -4.07 23.78 -2.26
C ASN A 148 -5.56 23.44 -2.16
N LYS A 149 -5.89 22.56 -1.23
CA LYS A 149 -7.28 22.13 -1.04
C LYS A 149 -7.74 21.36 -2.27
N PHE A 150 -7.99 22.10 -3.35
CA PHE A 150 -8.43 21.50 -4.61
C PHE A 150 -7.34 21.56 -5.65
N ILE A 151 -7.12 20.46 -6.35
CA ILE A 151 -6.10 20.41 -7.39
C ILE A 151 -6.76 20.14 -8.74
N ASP A 152 -6.29 20.86 -9.75
CA ASP A 152 -6.84 20.69 -11.09
C ASP A 152 -6.32 19.41 -11.70
N PHE A 153 -7.00 18.30 -11.45
CA PHE A 153 -6.58 17.02 -12.00
C PHE A 153 -7.35 16.69 -13.26
N LYS A 154 -8.62 16.36 -13.07
CA LYS A 154 -9.51 16.05 -14.18
C LYS A 154 -10.31 17.28 -14.56
N ASP A 155 -11.38 17.08 -15.32
CA ASP A 155 -12.23 18.20 -15.73
C ASP A 155 -12.80 18.92 -14.52
N ARG A 156 -12.84 18.23 -13.37
CA ARG A 156 -13.35 18.81 -12.13
C ARG A 156 -12.28 18.80 -11.04
N LYS A 157 -12.43 19.68 -10.06
CA LYS A 157 -11.47 19.77 -8.97
C LYS A 157 -11.58 18.56 -8.05
N ILE A 158 -10.49 18.23 -7.37
CA ILE A 158 -10.48 17.11 -6.44
C ILE A 158 -10.19 17.61 -5.03
N GLU A 159 -10.74 16.93 -4.03
CA GLU A 159 -10.50 17.32 -2.66
C GLU A 159 -9.56 16.32 -2.00
N ILE A 160 -8.52 16.83 -1.35
CA ILE A 160 -7.54 15.98 -0.70
C ILE A 160 -7.44 16.25 0.79
N LYS A 161 -7.52 15.17 1.58
CA LYS A 161 -7.42 15.26 3.03
C LYS A 161 -6.39 14.28 3.56
N ARG A 162 -5.80 14.60 4.71
CA ARG A 162 -4.80 13.73 5.31
C ARG A 162 -5.41 12.38 5.69
N ALA A 163 -4.61 11.32 5.55
CA ALA A 163 -5.08 9.98 5.87
C ALA A 163 -5.50 9.88 7.32
N GLU A 164 -6.54 9.08 7.60
CA GLU A 164 -7.03 8.93 8.96
C GLU A 164 -7.02 7.47 9.39
N PRO A 165 -7.04 7.22 10.72
CA PRO A 165 -7.03 5.87 11.27
C PRO A 165 -8.22 5.02 10.80
N ARG A 166 -9.30 5.70 10.38
CA ARG A 166 -10.50 5.02 9.91
C ARG A 166 -10.84 3.80 10.77
N HIS A 167 -11.76 4.00 11.71
CA HIS A 167 -12.18 2.92 12.61
C HIS A 167 -12.72 1.73 11.80
N LYS A 1 19.15 -3.74 4.06
CA LYS A 1 18.57 -5.02 4.56
C LYS A 1 17.09 -4.85 4.91
N GLU A 2 16.75 -3.72 5.51
CA GLU A 2 15.38 -3.45 5.89
C GLU A 2 14.47 -3.40 4.67
N SER A 3 15.03 -2.95 3.54
CA SER A 3 14.28 -2.86 2.29
C SER A 3 13.70 -4.21 1.90
N CYS A 4 14.43 -5.28 2.22
CA CYS A 4 13.99 -6.63 1.88
C CYS A 4 12.61 -6.91 2.48
N LYS A 5 12.34 -6.32 3.64
CA LYS A 5 11.04 -6.51 4.31
C LYS A 5 9.93 -5.91 3.46
N MET A 6 8.81 -6.63 3.39
CA MET A 6 7.67 -6.19 2.60
C MET A 6 6.38 -6.16 3.42
N PHE A 7 5.43 -5.37 2.94
CA PHE A 7 4.13 -5.25 3.58
C PHE A 7 3.10 -6.04 2.79
N ILE A 8 2.34 -6.88 3.47
CA ILE A 8 1.34 -7.70 2.80
C ILE A 8 -0.06 -7.30 3.24
N GLY A 9 -0.94 -7.06 2.27
CA GLY A 9 -2.30 -6.68 2.60
C GLY A 9 -3.31 -7.54 1.87
N GLY A 10 -4.54 -7.53 2.34
CA GLY A 10 -5.57 -8.32 1.71
C GLY A 10 -5.48 -9.80 2.04
N LEU A 11 -5.13 -10.10 3.29
CA LEU A 11 -4.99 -11.48 3.75
C LEU A 11 -6.29 -12.28 3.62
N ASN A 12 -7.43 -11.59 3.62
CA ASN A 12 -8.73 -12.26 3.52
C ASN A 12 -9.06 -12.96 4.83
N TRP A 13 -8.74 -12.29 5.94
CA TRP A 13 -8.99 -12.80 7.29
C TRP A 13 -8.95 -14.32 7.36
N ASP A 14 -8.03 -14.93 6.63
CA ASP A 14 -7.91 -16.38 6.61
C ASP A 14 -6.51 -16.81 6.20
N THR A 15 -5.51 -15.98 6.48
CA THR A 15 -4.13 -16.28 6.15
C THR A 15 -3.25 -16.28 7.38
N THR A 16 -2.31 -17.22 7.43
CA THR A 16 -1.39 -17.31 8.56
C THR A 16 0.03 -17.09 8.08
N GLU A 17 0.93 -16.80 9.00
CA GLU A 17 2.32 -16.59 8.64
C GLU A 17 2.83 -17.83 7.94
N ASP A 18 2.31 -18.99 8.34
CA ASP A 18 2.72 -20.25 7.73
C ASP A 18 2.31 -20.31 6.27
N ASN A 19 1.10 -19.82 5.98
CA ASN A 19 0.58 -19.82 4.61
C ASN A 19 1.40 -18.95 3.66
N LEU A 20 1.86 -17.79 4.14
CA LEU A 20 2.64 -16.89 3.30
C LEU A 20 3.93 -17.52 2.81
N ARG A 21 4.62 -18.28 3.67
CA ARG A 21 5.86 -18.91 3.27
C ARG A 21 5.63 -19.88 2.12
N GLU A 22 4.50 -20.59 2.15
CA GLU A 22 4.17 -21.52 1.10
C GLU A 22 3.98 -20.79 -0.22
N TYR A 23 3.39 -19.60 -0.14
CA TYR A 23 3.15 -18.77 -1.32
C TYR A 23 4.41 -18.04 -1.75
N PHE A 24 4.87 -17.15 -0.89
CA PHE A 24 6.06 -16.36 -1.15
C PHE A 24 7.34 -17.20 -1.17
N GLY A 25 7.28 -18.37 -0.54
CA GLY A 25 8.44 -19.24 -0.52
C GLY A 25 9.01 -19.45 -1.91
N LYS A 26 8.14 -19.38 -2.90
CA LYS A 26 8.55 -19.54 -4.29
C LYS A 26 9.60 -18.49 -4.67
N TYR A 27 9.38 -17.26 -4.20
CA TYR A 27 10.28 -16.15 -4.45
C TYR A 27 11.59 -16.29 -3.69
N GLY A 28 11.50 -16.87 -2.51
CA GLY A 28 12.70 -17.05 -1.70
C GLY A 28 12.45 -17.89 -0.46
N THR A 29 13.45 -17.97 0.40
CA THR A 29 13.35 -18.74 1.62
C THR A 29 12.45 -18.04 2.63
N VAL A 30 12.12 -16.78 2.35
CA VAL A 30 11.30 -16.00 3.26
C VAL A 30 11.93 -16.06 4.65
N THR A 31 12.86 -15.14 4.88
CA THR A 31 13.61 -15.11 6.12
C THR A 31 12.69 -15.01 7.34
N ASP A 32 11.67 -14.15 7.25
CA ASP A 32 10.74 -14.00 8.35
C ASP A 32 9.34 -13.62 7.88
N LEU A 33 8.34 -14.20 8.54
CA LEU A 33 6.95 -13.92 8.22
C LEU A 33 6.27 -13.25 9.41
N LYS A 34 5.51 -12.19 9.16
CA LYS A 34 4.83 -11.49 10.25
C LYS A 34 3.37 -11.24 9.96
N ILE A 35 2.51 -11.72 10.84
CA ILE A 35 1.08 -11.48 10.75
C ILE A 35 0.58 -10.86 12.03
N MET A 36 -0.13 -9.76 11.90
CA MET A 36 -0.66 -9.08 13.05
C MET A 36 -2.15 -9.34 13.18
N LYS A 37 -2.62 -9.50 14.41
CA LYS A 37 -4.03 -9.80 14.64
C LYS A 37 -4.62 -8.89 15.72
N ASP A 38 -5.92 -9.05 15.95
CA ASP A 38 -6.63 -8.24 16.94
C ASP A 38 -7.22 -9.12 18.04
N PRO A 39 -6.42 -9.50 19.04
CA PRO A 39 -6.88 -10.35 20.14
C PRO A 39 -8.09 -9.76 20.84
N ALA A 40 -8.22 -8.44 20.79
CA ALA A 40 -9.35 -7.75 21.42
C ALA A 40 -10.64 -7.96 20.62
N THR A 41 -10.68 -7.38 19.43
CA THR A 41 -11.84 -7.50 18.56
C THR A 41 -11.97 -8.92 18.02
N GLY A 42 -10.84 -9.63 18.00
CA GLY A 42 -10.83 -11.00 17.51
C GLY A 42 -10.71 -11.08 16.00
N ARG A 43 -10.19 -10.03 15.38
CA ARG A 43 -10.03 -10.01 13.92
C ARG A 43 -8.60 -9.70 13.51
N SER A 44 -8.09 -10.43 12.52
CA SER A 44 -6.74 -10.22 12.05
C SER A 44 -6.59 -8.83 11.43
N ARG A 45 -5.38 -8.28 11.48
CA ARG A 45 -5.12 -6.96 10.92
C ARG A 45 -5.45 -6.94 9.43
N GLY A 46 -5.27 -8.08 8.78
CA GLY A 46 -5.53 -8.18 7.35
C GLY A 46 -4.28 -7.96 6.53
N PHE A 47 -3.17 -7.73 7.23
CA PHE A 47 -1.89 -7.50 6.59
C PHE A 47 -0.77 -8.11 7.41
N GLY A 48 0.37 -8.34 6.75
CA GLY A 48 1.51 -8.90 7.42
C GLY A 48 2.81 -8.40 6.83
N PHE A 49 3.92 -8.67 7.49
CA PHE A 49 5.23 -8.24 6.99
C PHE A 49 6.03 -9.44 6.51
N LEU A 50 6.55 -9.33 5.28
CA LEU A 50 7.31 -10.41 4.67
C LEU A 50 8.80 -10.06 4.58
N SER A 51 9.67 -10.98 4.99
CA SER A 51 11.11 -10.75 4.92
C SER A 51 11.80 -11.82 4.07
N PHE A 52 12.66 -11.38 3.14
CA PHE A 52 13.41 -12.30 2.29
C PHE A 52 14.91 -12.14 2.50
N GLU A 53 15.63 -13.25 2.57
CA GLU A 53 17.07 -13.21 2.75
C GLU A 53 17.73 -12.52 1.57
N LYS A 54 17.16 -12.72 0.38
CA LYS A 54 17.67 -12.11 -0.84
C LYS A 54 16.72 -11.02 -1.34
N PRO A 55 17.20 -9.76 -1.44
CA PRO A 55 16.37 -8.64 -1.89
C PRO A 55 15.80 -8.86 -3.29
N SER A 56 16.48 -9.66 -4.09
CA SER A 56 16.04 -9.95 -5.46
C SER A 56 14.64 -10.54 -5.49
N SER A 57 14.33 -11.38 -4.49
CA SER A 57 13.02 -12.01 -4.42
C SER A 57 11.92 -10.96 -4.36
N VAL A 58 12.23 -9.84 -3.71
CA VAL A 58 11.27 -8.74 -3.58
C VAL A 58 10.86 -8.19 -4.94
N ASP A 59 11.82 -8.09 -5.85
CA ASP A 59 11.54 -7.57 -7.19
C ASP A 59 10.43 -8.36 -7.87
N GLU A 60 10.48 -9.68 -7.73
CA GLU A 60 9.45 -10.55 -8.31
C GLU A 60 8.10 -10.37 -7.65
N VAL A 61 8.12 -10.07 -6.36
CA VAL A 61 6.89 -9.90 -5.62
C VAL A 61 6.02 -8.79 -6.19
N VAL A 62 6.62 -7.67 -6.56
CA VAL A 62 5.85 -6.56 -7.11
C VAL A 62 5.36 -6.85 -8.54
N LYS A 63 6.15 -7.60 -9.30
CA LYS A 63 5.78 -7.94 -10.67
C LYS A 63 4.47 -8.72 -10.75
N THR A 64 4.23 -9.56 -9.75
CA THR A 64 3.01 -10.37 -9.71
C THR A 64 1.95 -9.75 -8.81
N GLN A 65 0.70 -9.79 -9.26
CA GLN A 65 -0.42 -9.26 -8.51
C GLN A 65 -0.65 -10.04 -7.22
N HIS A 66 -0.54 -11.36 -7.32
CA HIS A 66 -0.70 -12.26 -6.18
C HIS A 66 -2.13 -12.60 -5.83
N ILE A 67 -2.48 -13.87 -5.99
CA ILE A 67 -3.79 -14.36 -5.60
C ILE A 67 -3.61 -15.39 -4.49
N LEU A 68 -3.99 -15.05 -3.27
CA LEU A 68 -3.83 -15.96 -2.15
C LEU A 68 -5.17 -16.25 -1.46
N ASP A 69 -5.43 -17.53 -1.24
CA ASP A 69 -6.65 -17.99 -0.58
C ASP A 69 -7.91 -17.42 -1.23
N GLY A 70 -7.88 -17.23 -2.55
CA GLY A 70 -9.05 -16.73 -3.26
C GLY A 70 -9.23 -15.23 -3.22
N LYS A 71 -8.26 -14.51 -2.67
CA LYS A 71 -8.37 -13.06 -2.61
C LYS A 71 -7.07 -12.38 -3.06
N VAL A 72 -7.21 -11.40 -3.94
CA VAL A 72 -6.07 -10.67 -4.47
C VAL A 72 -5.40 -9.82 -3.39
N ILE A 73 -4.07 -9.86 -3.36
CA ILE A 73 -3.30 -9.10 -2.40
C ILE A 73 -2.32 -8.18 -3.12
N ASP A 74 -1.88 -7.13 -2.45
CA ASP A 74 -0.95 -6.18 -3.07
C ASP A 74 0.28 -5.95 -2.20
N PRO A 75 1.24 -6.87 -2.26
CA PRO A 75 2.49 -6.78 -1.50
C PRO A 75 3.28 -5.52 -1.86
N LYS A 76 3.83 -4.84 -0.85
CA LYS A 76 4.59 -3.62 -1.07
C LYS A 76 5.83 -3.59 -0.18
N ARG A 77 6.87 -2.87 -0.59
CA ARG A 77 8.08 -2.79 0.21
C ARG A 77 7.79 -2.26 1.62
N ALA A 78 8.40 -2.90 2.61
CA ALA A 78 8.23 -2.52 4.01
C ALA A 78 8.93 -1.21 4.33
N ILE A 79 8.34 -0.43 5.24
CA ILE A 79 8.92 0.84 5.65
C ILE A 79 8.88 0.99 7.17
N PRO A 80 10.05 0.90 7.85
CA PRO A 80 10.11 1.03 9.31
C PRO A 80 9.29 2.22 9.78
N ARG A 81 8.84 2.18 11.02
CA ARG A 81 8.00 3.25 11.56
C ARG A 81 8.62 4.62 11.36
N ASP A 82 9.92 4.75 11.56
CA ASP A 82 10.59 6.03 11.37
C ASP A 82 10.51 6.49 9.92
N GLU A 83 10.66 5.55 8.99
CA GLU A 83 10.58 5.88 7.56
C GLU A 83 9.15 6.22 7.17
N GLN A 84 8.17 5.56 7.77
CA GLN A 84 6.77 5.82 7.46
C GLN A 84 6.45 7.27 7.73
N ASP A 85 6.99 7.80 8.82
CA ASP A 85 6.77 9.18 9.19
C ASP A 85 7.33 10.11 8.12
N LYS A 86 8.53 9.77 7.64
CA LYS A 86 9.18 10.56 6.60
C LYS A 86 8.39 10.54 5.30
N THR A 87 7.84 9.37 4.96
CA THR A 87 7.09 9.21 3.73
C THR A 87 5.77 10.00 3.76
N GLY A 88 5.13 10.01 4.92
CA GLY A 88 3.87 10.72 5.05
C GLY A 88 2.80 10.16 4.14
N LYS A 89 1.57 10.11 4.62
CA LYS A 89 0.46 9.59 3.83
C LYS A 89 -0.72 10.55 3.87
N ILE A 90 -1.28 10.88 2.71
CA ILE A 90 -2.42 11.79 2.67
C ILE A 90 -3.63 11.10 2.04
N PHE A 91 -4.80 11.58 2.41
CA PHE A 91 -6.05 11.02 1.91
C PHE A 91 -6.64 11.87 0.80
N VAL A 92 -7.03 11.23 -0.28
CA VAL A 92 -7.64 11.92 -1.41
C VAL A 92 -9.03 11.38 -1.67
N GLY A 93 -10.01 12.29 -1.75
CA GLY A 93 -11.39 11.86 -1.97
C GLY A 93 -12.00 12.46 -3.22
N GLY A 94 -11.30 13.39 -3.85
CA GLY A 94 -11.82 14.03 -5.05
C GLY A 94 -11.62 13.19 -6.29
N ILE A 95 -11.20 11.94 -6.13
CA ILE A 95 -10.98 11.07 -7.27
C ILE A 95 -12.00 9.93 -7.29
N GLY A 96 -12.58 9.69 -8.47
CA GLY A 96 -13.56 8.61 -8.59
C GLY A 96 -14.47 8.76 -9.79
N PRO A 97 -15.07 9.96 -9.99
CA PRO A 97 -15.99 10.19 -11.12
C PRO A 97 -15.37 9.89 -12.47
N ASP A 98 -14.07 10.14 -12.58
CA ASP A 98 -13.34 9.87 -13.81
C ASP A 98 -11.84 9.84 -13.54
N VAL A 99 -11.42 8.87 -12.75
CA VAL A 99 -10.02 8.72 -12.40
C VAL A 99 -9.54 7.29 -12.58
N ARG A 100 -8.24 7.13 -12.77
CA ARG A 100 -7.64 5.83 -12.93
C ARG A 100 -6.39 5.73 -12.07
N PRO A 101 -5.98 4.50 -11.70
CA PRO A 101 -4.79 4.32 -10.87
C PRO A 101 -3.56 4.96 -11.48
N LYS A 102 -3.43 4.83 -12.80
CA LYS A 102 -2.30 5.41 -13.51
C LYS A 102 -2.31 6.94 -13.40
N GLU A 103 -3.48 7.54 -13.56
CA GLU A 103 -3.61 8.99 -13.47
C GLU A 103 -3.35 9.49 -12.06
N PHE A 104 -3.87 8.75 -11.09
CA PHE A 104 -3.72 9.11 -9.68
C PHE A 104 -2.26 9.03 -9.23
N GLU A 105 -1.59 7.92 -9.57
CA GLU A 105 -0.20 7.75 -9.18
C GLU A 105 0.68 8.79 -9.85
N GLU A 106 0.43 9.06 -11.14
CA GLU A 106 1.21 10.04 -11.88
C GLU A 106 0.79 11.46 -11.52
N PHE A 107 -0.48 11.62 -11.16
CA PHE A 107 -1.02 12.92 -10.79
C PHE A 107 -0.32 13.50 -9.56
N PHE A 108 -0.49 12.84 -8.44
CA PHE A 108 0.10 13.26 -7.17
C PHE A 108 1.64 13.26 -7.23
N SER A 109 2.19 12.41 -8.08
CA SER A 109 3.64 12.30 -8.24
C SER A 109 4.29 13.63 -8.60
N GLN A 110 3.54 14.49 -9.27
CA GLN A 110 4.05 15.79 -9.72
C GLN A 110 4.68 16.60 -8.58
N TRP A 111 4.14 16.52 -7.35
CA TRP A 111 4.69 17.29 -6.24
C TRP A 111 5.25 16.37 -5.13
N GLY A 112 6.15 15.47 -5.51
CA GLY A 112 6.74 14.57 -4.52
C GLY A 112 7.21 13.25 -5.10
N THR A 113 6.80 12.95 -6.33
CA THR A 113 7.18 11.71 -7.01
C THR A 113 6.57 10.47 -6.34
N ILE A 114 5.83 10.66 -5.24
CA ILE A 114 5.17 9.58 -4.51
C ILE A 114 5.96 8.27 -4.53
N ILE A 115 6.43 7.81 -3.38
CA ILE A 115 7.12 6.53 -3.34
C ILE A 115 6.19 5.41 -3.80
N ASP A 116 4.92 5.46 -3.36
CA ASP A 116 3.94 4.45 -3.75
C ASP A 116 2.51 4.88 -3.41
N ALA A 117 1.80 5.42 -4.40
CA ALA A 117 0.42 5.85 -4.21
C ALA A 117 -0.53 4.85 -4.86
N GLN A 118 -1.68 4.61 -4.22
CA GLN A 118 -2.65 3.68 -4.78
C GLN A 118 -4.08 4.16 -4.61
N LEU A 119 -4.92 3.76 -5.55
CA LEU A 119 -6.35 4.12 -5.55
C LEU A 119 -7.09 3.49 -4.36
N MET A 120 -6.71 2.26 -4.03
CA MET A 120 -7.32 1.50 -2.93
C MET A 120 -8.50 0.66 -3.42
N LEU A 121 -8.34 -0.65 -3.42
CA LEU A 121 -9.42 -1.56 -3.84
C LEU A 121 -9.83 -2.47 -2.70
N ASP A 122 -11.12 -2.47 -2.35
CA ASP A 122 -11.61 -3.35 -1.30
C ASP A 122 -11.42 -4.78 -1.72
N LYS A 123 -11.65 -5.01 -3.00
CA LYS A 123 -11.50 -6.32 -3.63
C LYS A 123 -11.38 -6.11 -5.13
N ASP A 124 -12.42 -6.46 -5.88
CA ASP A 124 -12.42 -6.25 -7.32
C ASP A 124 -12.30 -4.76 -7.64
N THR A 125 -12.96 -3.94 -6.81
CA THR A 125 -12.95 -2.49 -6.98
C THR A 125 -13.93 -1.82 -6.03
N GLY A 126 -13.63 -1.86 -4.73
CA GLY A 126 -14.51 -1.27 -3.74
C GLY A 126 -14.14 0.16 -3.39
N GLN A 127 -13.07 0.31 -2.61
CA GLN A 127 -12.59 1.62 -2.21
C GLN A 127 -12.27 2.47 -3.43
N SER A 128 -11.87 1.79 -4.50
CA SER A 128 -11.52 2.46 -5.75
C SER A 128 -12.72 3.16 -6.36
N ARG A 129 -12.45 4.07 -7.30
CA ARG A 129 -13.49 4.83 -7.98
C ARG A 129 -14.15 5.83 -7.02
N GLY A 130 -13.62 5.95 -5.82
CA GLY A 130 -14.17 6.88 -4.85
C GLY A 130 -13.12 7.75 -4.21
N PHE A 131 -12.04 7.13 -3.75
CA PHE A 131 -10.95 7.87 -3.10
C PHE A 131 -9.60 7.20 -3.36
N GLY A 132 -8.51 7.91 -3.05
CA GLY A 132 -7.19 7.34 -3.26
C GLY A 132 -6.24 7.61 -2.10
N PHE A 133 -5.22 6.76 -1.99
CA PHE A 133 -4.20 6.88 -0.94
C PHE A 133 -2.86 7.32 -1.55
N VAL A 134 -2.24 8.35 -0.97
CA VAL A 134 -0.96 8.84 -1.49
C VAL A 134 0.14 8.92 -0.43
N THR A 135 1.33 8.42 -0.80
CA THR A 135 2.50 8.48 0.07
C THR A 135 3.62 9.21 -0.67
N TYR A 136 4.36 10.06 0.03
CA TYR A 136 5.43 10.81 -0.61
C TYR A 136 6.80 10.50 -0.06
N ASP A 137 7.78 10.43 -0.97
CA ASP A 137 9.15 10.17 -0.58
C ASP A 137 9.61 11.22 0.43
N SER A 138 9.10 12.45 0.26
CA SER A 138 9.45 13.53 1.16
C SER A 138 8.21 14.08 1.84
N ALA A 139 8.37 14.45 3.11
CA ALA A 139 7.27 15.00 3.89
C ALA A 139 6.83 16.36 3.34
N ASP A 140 7.80 17.09 2.79
CA ASP A 140 7.52 18.40 2.22
C ASP A 140 6.44 18.35 1.16
N ALA A 141 6.42 17.27 0.38
CA ALA A 141 5.43 17.11 -0.68
C ALA A 141 4.01 17.12 -0.12
N VAL A 142 3.83 16.52 1.06
CA VAL A 142 2.51 16.48 1.68
C VAL A 142 2.02 17.90 1.96
N ASP A 143 2.91 18.72 2.51
CA ASP A 143 2.59 20.10 2.83
C ASP A 143 2.22 20.92 1.60
N ARG A 144 2.91 20.67 0.49
CA ARG A 144 2.67 21.42 -0.74
C ARG A 144 1.22 21.32 -1.21
N VAL A 145 0.66 20.12 -1.16
CA VAL A 145 -0.71 19.92 -1.59
C VAL A 145 -1.70 20.51 -0.56
N CYS A 146 -1.31 20.45 0.71
CA CYS A 146 -2.16 20.96 1.78
C CYS A 146 -2.48 22.44 1.55
N GLN A 147 -1.48 23.22 1.18
CA GLN A 147 -1.69 24.64 0.92
C GLN A 147 -2.69 24.80 -0.22
N ASN A 148 -2.55 23.94 -1.22
CA ASN A 148 -3.43 23.96 -2.38
C ASN A 148 -4.89 23.71 -1.97
N LYS A 149 -5.08 22.92 -0.93
CA LYS A 149 -6.42 22.55 -0.46
C LYS A 149 -7.04 21.63 -1.49
N PHE A 150 -7.32 22.19 -2.66
CA PHE A 150 -7.89 21.42 -3.76
C PHE A 150 -6.90 21.40 -4.91
N ILE A 151 -6.94 20.32 -5.67
CA ILE A 151 -6.06 20.20 -6.82
C ILE A 151 -6.88 20.11 -8.09
N ASP A 152 -6.42 20.77 -9.14
CA ASP A 152 -7.12 20.77 -10.43
C ASP A 152 -6.83 19.49 -11.21
N PHE A 153 -6.80 18.36 -10.49
CA PHE A 153 -6.51 17.07 -11.11
C PHE A 153 -7.35 16.84 -12.36
N LYS A 154 -8.65 16.67 -12.17
CA LYS A 154 -9.56 16.43 -13.27
C LYS A 154 -10.39 17.67 -13.59
N ASP A 155 -9.90 18.82 -13.12
CA ASP A 155 -10.60 20.09 -13.32
C ASP A 155 -11.88 20.14 -12.50
N ARG A 156 -12.05 19.16 -11.61
CA ARG A 156 -13.22 19.10 -10.74
C ARG A 156 -12.85 19.39 -9.29
N LYS A 157 -11.56 19.68 -9.05
CA LYS A 157 -11.09 19.99 -7.70
C LYS A 157 -11.26 18.81 -6.77
N ILE A 158 -10.16 18.34 -6.20
CA ILE A 158 -10.19 17.24 -5.26
C ILE A 158 -9.73 17.72 -3.89
N GLU A 159 -10.28 17.15 -2.83
CA GLU A 159 -9.88 17.56 -1.48
C GLU A 159 -8.96 16.52 -0.87
N ILE A 160 -7.86 16.98 -0.30
CA ILE A 160 -6.89 16.08 0.29
C ILE A 160 -6.68 16.37 1.77
N LYS A 161 -6.81 15.33 2.59
CA LYS A 161 -6.63 15.47 4.04
C LYS A 161 -5.61 14.47 4.55
N ARG A 162 -4.88 14.84 5.60
CA ARG A 162 -3.87 13.95 6.18
C ARG A 162 -4.51 12.61 6.56
N ALA A 163 -3.75 11.54 6.47
CA ALA A 163 -4.27 10.21 6.79
C ALA A 163 -4.88 10.17 8.19
N GLU A 164 -5.99 9.46 8.31
CA GLU A 164 -6.69 9.33 9.59
C GLU A 164 -6.70 7.88 10.04
N PRO A 165 -5.98 7.53 11.12
CA PRO A 165 -5.94 6.16 11.62
C PRO A 165 -7.33 5.57 11.80
N ARG A 166 -7.72 4.73 10.85
CA ARG A 166 -9.04 4.09 10.89
C ARG A 166 -9.23 3.30 12.17
N HIS A 167 -8.16 2.65 12.61
CA HIS A 167 -8.21 1.84 13.83
C HIS A 167 -6.81 1.51 14.33
N LYS A 1 17.29 -7.32 9.80
CA LYS A 1 18.70 -7.23 9.33
C LYS A 1 18.83 -7.64 7.87
N GLU A 2 17.78 -8.24 7.31
CA GLU A 2 17.79 -8.67 5.92
C GLU A 2 17.04 -7.67 5.05
N SER A 3 17.59 -7.40 3.86
CA SER A 3 16.99 -6.44 2.93
C SER A 3 15.85 -7.08 2.11
N CYS A 4 15.62 -8.36 2.34
CA CYS A 4 14.58 -9.10 1.62
C CYS A 4 13.20 -8.94 2.28
N LYS A 5 13.08 -7.99 3.20
CA LYS A 5 11.81 -7.77 3.90
C LYS A 5 10.72 -7.35 2.92
N MET A 6 9.55 -7.95 3.03
CA MET A 6 8.42 -7.66 2.15
C MET A 6 7.18 -7.22 2.92
N PHE A 7 6.39 -6.34 2.32
CA PHE A 7 5.15 -5.88 2.92
C PHE A 7 3.98 -6.46 2.14
N ILE A 8 3.07 -7.14 2.82
CA ILE A 8 1.93 -7.74 2.13
C ILE A 8 0.62 -7.22 2.70
N GLY A 9 -0.27 -6.77 1.81
CA GLY A 9 -1.54 -6.26 2.26
C GLY A 9 -2.69 -6.97 1.58
N GLY A 10 -3.85 -6.94 2.24
CA GLY A 10 -5.00 -7.60 1.68
C GLY A 10 -4.91 -9.11 1.78
N LEU A 11 -4.28 -9.57 2.86
CA LEU A 11 -4.07 -11.00 3.10
C LEU A 11 -5.38 -11.77 3.16
N ASN A 12 -6.44 -11.12 3.66
CA ASN A 12 -7.78 -11.72 3.81
C ASN A 12 -8.12 -11.94 5.28
N TRP A 13 -7.61 -11.04 6.13
CA TRP A 13 -7.87 -11.07 7.57
C TRP A 13 -7.58 -12.43 8.23
N ASP A 14 -8.09 -13.51 7.67
CA ASP A 14 -7.89 -14.84 8.24
C ASP A 14 -6.54 -15.45 7.86
N THR A 15 -5.66 -14.66 7.24
CA THR A 15 -4.34 -15.16 6.87
C THR A 15 -3.51 -15.41 8.11
N THR A 16 -2.81 -16.52 8.11
CA THR A 16 -1.97 -16.92 9.22
C THR A 16 -0.52 -16.85 8.80
N GLU A 17 0.37 -16.53 9.74
CA GLU A 17 1.79 -16.43 9.41
C GLU A 17 2.24 -17.72 8.75
N ASP A 18 1.71 -18.84 9.24
CA ASP A 18 2.04 -20.14 8.69
C ASP A 18 1.59 -20.25 7.23
N ASN A 19 0.40 -19.71 6.95
CA ASN A 19 -0.16 -19.75 5.60
C ASN A 19 0.72 -19.03 4.58
N LEU A 20 1.33 -17.92 5.00
CA LEU A 20 2.17 -17.14 4.09
C LEU A 20 3.28 -17.99 3.46
N ARG A 21 4.00 -18.75 4.28
CA ARG A 21 5.06 -19.59 3.75
C ARG A 21 4.47 -20.71 2.90
N GLU A 22 3.27 -21.16 3.27
CA GLU A 22 2.61 -22.22 2.53
C GLU A 22 2.42 -21.84 1.07
N TYR A 23 2.08 -20.57 0.83
CA TYR A 23 1.88 -20.06 -0.52
C TYR A 23 3.17 -19.44 -1.04
N PHE A 24 3.69 -18.48 -0.30
CA PHE A 24 4.93 -17.81 -0.67
C PHE A 24 6.10 -18.78 -0.75
N GLY A 25 6.04 -19.84 0.04
CA GLY A 25 7.10 -20.82 0.03
C GLY A 25 7.43 -21.31 -1.37
N LYS A 26 6.44 -21.19 -2.27
CA LYS A 26 6.60 -21.62 -3.65
C LYS A 26 7.83 -20.98 -4.31
N TYR A 27 8.04 -19.71 -4.01
CA TYR A 27 9.18 -18.96 -4.55
C TYR A 27 10.49 -19.45 -3.95
N GLY A 28 10.42 -19.90 -2.71
CA GLY A 28 11.61 -20.39 -2.03
C GLY A 28 11.38 -20.56 -0.55
N THR A 29 12.33 -20.08 0.25
CA THR A 29 12.21 -20.17 1.69
C THR A 29 12.19 -18.77 2.30
N VAL A 30 11.30 -18.57 3.27
CA VAL A 30 11.18 -17.28 3.92
C VAL A 30 12.01 -17.24 5.20
N THR A 31 12.86 -16.23 5.33
CA THR A 31 13.71 -16.09 6.50
C THR A 31 12.89 -15.72 7.74
N ASP A 32 11.86 -14.90 7.54
CA ASP A 32 11.01 -14.48 8.65
C ASP A 32 9.57 -14.23 8.24
N LEU A 33 8.66 -14.55 9.17
CA LEU A 33 7.23 -14.37 8.96
C LEU A 33 6.69 -13.35 9.96
N LYS A 34 5.97 -12.32 9.50
CA LYS A 34 5.46 -11.34 10.43
C LYS A 34 4.02 -10.89 10.14
N ILE A 35 3.13 -11.29 11.05
CA ILE A 35 1.74 -10.86 11.01
C ILE A 35 1.40 -10.24 12.36
N MET A 36 0.94 -9.01 12.33
CA MET A 36 0.64 -8.28 13.55
C MET A 36 -0.44 -8.96 14.39
N LYS A 37 -1.44 -9.55 13.73
CA LYS A 37 -2.53 -10.24 14.43
C LYS A 37 -3.13 -9.40 15.55
N ASP A 38 -4.42 -9.59 15.81
CA ASP A 38 -5.09 -8.84 16.86
C ASP A 38 -5.84 -9.76 17.82
N PRO A 39 -5.11 -10.40 18.76
CA PRO A 39 -5.71 -11.31 19.74
C PRO A 39 -6.79 -10.62 20.56
N ALA A 40 -6.70 -9.29 20.67
CA ALA A 40 -7.67 -8.52 21.44
C ALA A 40 -9.00 -8.41 20.71
N THR A 41 -9.04 -7.62 19.64
CA THR A 41 -10.26 -7.44 18.86
C THR A 41 -10.61 -8.73 18.12
N GLY A 42 -9.60 -9.54 17.85
CA GLY A 42 -9.82 -10.79 17.15
C GLY A 42 -9.69 -10.66 15.63
N ARG A 43 -9.26 -9.50 15.15
CA ARG A 43 -9.10 -9.30 13.71
C ARG A 43 -7.69 -8.85 13.37
N SER A 44 -7.06 -9.58 12.46
CA SER A 44 -5.69 -9.28 12.04
C SER A 44 -5.64 -8.00 11.22
N ARG A 45 -4.45 -7.38 11.19
CA ARG A 45 -4.25 -6.15 10.43
C ARG A 45 -4.64 -6.35 8.98
N GLY A 46 -4.44 -7.56 8.47
CA GLY A 46 -4.76 -7.85 7.08
C GLY A 46 -3.53 -7.76 6.20
N PHE A 47 -2.41 -7.43 6.82
CA PHE A 47 -1.14 -7.30 6.14
C PHE A 47 -0.03 -7.83 7.02
N GLY A 48 1.05 -8.27 6.40
CA GLY A 48 2.15 -8.79 7.16
C GLY A 48 3.46 -8.57 6.45
N PHE A 49 4.56 -8.84 7.13
CA PHE A 49 5.86 -8.67 6.53
C PHE A 49 6.48 -10.03 6.26
N LEU A 50 6.87 -10.23 5.00
CA LEU A 50 7.44 -11.49 4.55
C LEU A 50 8.91 -11.34 4.19
N SER A 51 9.77 -12.22 4.69
CA SER A 51 11.20 -12.14 4.40
C SER A 51 11.70 -13.40 3.70
N PHE A 52 12.59 -13.22 2.72
CA PHE A 52 13.17 -14.35 2.00
C PHE A 52 14.69 -14.37 2.11
N GLU A 53 15.25 -15.56 2.23
CA GLU A 53 16.69 -15.72 2.31
C GLU A 53 17.35 -15.27 1.01
N LYS A 54 16.66 -15.50 -0.11
CA LYS A 54 17.16 -15.11 -1.43
C LYS A 54 16.33 -13.97 -2.01
N PRO A 55 16.94 -12.79 -2.21
CA PRO A 55 16.25 -11.61 -2.76
C PRO A 55 15.60 -11.90 -4.12
N SER A 56 16.13 -12.86 -4.85
CA SER A 56 15.58 -13.20 -6.17
C SER A 56 14.12 -13.59 -6.04
N SER A 57 13.78 -14.29 -4.96
CA SER A 57 12.41 -14.71 -4.71
C SER A 57 11.49 -13.49 -4.61
N VAL A 58 12.03 -12.41 -4.06
CA VAL A 58 11.29 -11.18 -3.89
C VAL A 58 10.82 -10.62 -5.24
N ASP A 59 11.69 -10.69 -6.24
CA ASP A 59 11.33 -10.19 -7.56
C ASP A 59 10.08 -10.88 -8.09
N GLU A 60 10.04 -12.20 -7.93
CA GLU A 60 8.90 -12.99 -8.35
C GLU A 60 7.68 -12.72 -7.47
N VAL A 61 7.94 -12.46 -6.20
CA VAL A 61 6.89 -12.21 -5.22
C VAL A 61 6.03 -11.00 -5.62
N VAL A 62 6.65 -9.95 -6.12
CA VAL A 62 5.90 -8.75 -6.49
C VAL A 62 5.39 -8.77 -7.93
N LYS A 63 6.20 -9.28 -8.85
CA LYS A 63 5.83 -9.33 -10.27
C LYS A 63 4.56 -10.14 -10.51
N THR A 64 4.37 -11.19 -9.74
CA THR A 64 3.21 -12.07 -9.90
C THR A 64 2.07 -11.67 -8.98
N GLN A 65 0.84 -11.86 -9.46
CA GLN A 65 -0.35 -11.55 -8.67
C GLN A 65 -0.59 -12.69 -7.70
N HIS A 66 -1.01 -12.36 -6.47
CA HIS A 66 -1.18 -13.39 -5.46
C HIS A 66 -2.55 -13.42 -4.81
N ILE A 67 -3.05 -14.64 -4.60
CA ILE A 67 -4.31 -14.84 -3.92
C ILE A 67 -4.11 -15.80 -2.75
N LEU A 68 -4.31 -15.31 -1.52
CA LEU A 68 -4.12 -16.17 -0.34
C LEU A 68 -5.36 -17.02 -0.07
N ASP A 69 -6.52 -16.36 -0.03
CA ASP A 69 -7.78 -17.05 0.23
C ASP A 69 -8.91 -16.45 -0.60
N GLY A 70 -8.61 -16.18 -1.86
CA GLY A 70 -9.60 -15.61 -2.75
C GLY A 70 -9.50 -14.10 -2.87
N LYS A 71 -8.54 -13.52 -2.15
CA LYS A 71 -8.33 -12.07 -2.17
C LYS A 71 -7.17 -11.74 -3.10
N VAL A 72 -7.00 -10.45 -3.38
CA VAL A 72 -5.91 -10.01 -4.24
C VAL A 72 -4.98 -9.09 -3.47
N ILE A 73 -3.68 -9.33 -3.59
CA ILE A 73 -2.68 -8.54 -2.90
C ILE A 73 -1.59 -8.06 -3.85
N ASP A 74 -0.87 -7.03 -3.42
CA ASP A 74 0.22 -6.47 -4.20
C ASP A 74 1.47 -6.37 -3.36
N PRO A 75 2.20 -7.48 -3.21
CA PRO A 75 3.42 -7.54 -2.39
C PRO A 75 4.45 -6.50 -2.81
N LYS A 76 4.96 -5.76 -1.83
CA LYS A 76 5.97 -4.73 -2.08
C LYS A 76 7.10 -4.85 -1.07
N ARG A 77 8.29 -4.38 -1.45
CA ARG A 77 9.45 -4.44 -0.56
C ARG A 77 9.22 -3.60 0.69
N ALA A 78 9.57 -4.16 1.85
CA ALA A 78 9.40 -3.47 3.13
C ALA A 78 10.29 -2.22 3.19
N ILE A 79 9.79 -1.19 3.86
CA ILE A 79 10.53 0.05 4.01
C ILE A 79 10.99 0.23 5.46
N PRO A 80 12.28 0.54 5.69
CA PRO A 80 12.79 0.74 7.04
C PRO A 80 11.96 1.77 7.80
N ARG A 81 11.69 1.50 9.06
CA ARG A 81 10.87 2.40 9.88
C ARG A 81 11.43 3.82 9.91
N ASP A 82 12.75 3.95 10.02
CA ASP A 82 13.35 5.28 10.07
C ASP A 82 13.03 6.05 8.80
N GLU A 83 13.17 5.41 7.65
CA GLU A 83 12.85 6.03 6.38
C GLU A 83 11.35 6.17 6.24
N GLN A 84 10.64 5.17 6.73
CA GLN A 84 9.18 5.13 6.69
C GLN A 84 8.58 6.33 7.42
N ASP A 85 9.18 6.69 8.54
CA ASP A 85 8.72 7.83 9.33
C ASP A 85 8.75 9.12 8.51
N LYS A 86 9.80 9.26 7.71
CA LYS A 86 9.96 10.45 6.87
C LYS A 86 8.80 10.61 5.89
N THR A 87 8.28 9.48 5.40
CA THR A 87 7.19 9.51 4.44
C THR A 87 5.83 9.62 5.14
N GLY A 88 4.82 10.01 4.37
CA GLY A 88 3.48 10.15 4.91
C GLY A 88 2.41 9.98 3.84
N LYS A 89 1.57 8.97 4.02
CA LYS A 89 0.49 8.70 3.07
C LYS A 89 -0.77 9.48 3.41
N ILE A 90 -1.38 10.07 2.40
CA ILE A 90 -2.60 10.87 2.61
C ILE A 90 -3.79 10.30 1.85
N PHE A 91 -4.97 10.75 2.23
CA PHE A 91 -6.21 10.33 1.60
C PHE A 91 -6.70 11.38 0.60
N VAL A 92 -7.15 10.93 -0.55
CA VAL A 92 -7.64 11.82 -1.59
C VAL A 92 -9.01 11.39 -2.11
N GLY A 93 -9.82 12.38 -2.45
CA GLY A 93 -11.14 12.12 -2.99
C GLY A 93 -11.37 12.96 -4.24
N GLY A 94 -12.39 12.62 -5.00
CA GLY A 94 -12.68 13.38 -6.21
C GLY A 94 -12.11 12.73 -7.45
N ILE A 95 -11.40 11.62 -7.30
CA ILE A 95 -10.82 10.94 -8.44
C ILE A 95 -11.39 9.54 -8.59
N GLY A 96 -11.68 9.16 -9.83
CA GLY A 96 -12.22 7.85 -10.10
C GLY A 96 -12.35 7.57 -11.59
N PRO A 97 -13.51 7.92 -12.19
CA PRO A 97 -13.75 7.69 -13.61
C PRO A 97 -12.75 8.42 -14.51
N ASP A 98 -12.21 7.69 -15.48
CA ASP A 98 -11.27 8.23 -16.45
C ASP A 98 -10.11 8.98 -15.80
N VAL A 99 -9.59 8.45 -14.69
CA VAL A 99 -8.45 9.09 -14.02
C VAL A 99 -7.17 8.31 -14.26
N ARG A 100 -7.28 6.98 -14.32
CA ARG A 100 -6.12 6.13 -14.53
C ARG A 100 -5.07 6.39 -13.45
N PRO A 101 -4.52 5.32 -12.84
CA PRO A 101 -3.52 5.47 -11.79
C PRO A 101 -2.33 6.32 -12.23
N LYS A 102 -2.02 6.29 -13.52
CA LYS A 102 -0.91 7.07 -14.05
C LYS A 102 -1.12 8.57 -13.83
N GLU A 103 -2.34 9.05 -14.11
CA GLU A 103 -2.64 10.46 -13.93
C GLU A 103 -2.60 10.84 -12.46
N PHE A 104 -3.12 9.94 -11.63
CA PHE A 104 -3.17 10.15 -10.19
C PHE A 104 -1.78 10.28 -9.57
N GLU A 105 -0.86 9.38 -9.97
CA GLU A 105 0.49 9.43 -9.43
C GLU A 105 1.25 10.65 -9.93
N GLU A 106 1.07 10.98 -11.21
CA GLU A 106 1.72 12.14 -11.79
C GLU A 106 1.03 13.42 -11.31
N PHE A 107 -0.26 13.29 -11.04
CA PHE A 107 -1.07 14.41 -10.58
C PHE A 107 -0.57 14.98 -9.25
N PHE A 108 -0.50 14.11 -8.25
CA PHE A 108 -0.03 14.49 -6.92
C PHE A 108 1.44 14.90 -6.95
N SER A 109 2.17 14.41 -7.95
CA SER A 109 3.59 14.70 -8.09
C SER A 109 3.87 16.19 -8.06
N GLN A 110 2.92 16.99 -8.55
CA GLN A 110 3.08 18.43 -8.58
C GLN A 110 3.47 18.97 -7.20
N TRP A 111 2.92 18.36 -6.14
CA TRP A 111 3.25 18.81 -4.79
C TRP A 111 3.91 17.71 -3.97
N GLY A 112 4.90 17.05 -4.58
CA GLY A 112 5.63 15.99 -3.89
C GLY A 112 6.27 14.99 -4.83
N THR A 113 7.35 14.37 -4.39
CA THR A 113 8.06 13.39 -5.20
C THR A 113 7.24 12.11 -5.34
N ILE A 114 6.37 11.88 -4.37
CA ILE A 114 5.51 10.70 -4.37
C ILE A 114 6.30 9.41 -4.49
N ILE A 115 6.60 8.74 -3.37
CA ILE A 115 7.31 7.48 -3.46
C ILE A 115 6.50 6.50 -4.30
N ASP A 116 5.18 6.51 -4.08
CA ASP A 116 4.26 5.66 -4.82
C ASP A 116 2.81 6.08 -4.55
N ALA A 117 1.92 5.74 -5.47
CA ALA A 117 0.50 6.08 -5.32
C ALA A 117 -0.37 5.12 -6.11
N GLN A 118 -1.55 4.81 -5.59
CA GLN A 118 -2.46 3.91 -6.29
C GLN A 118 -3.91 4.30 -6.07
N LEU A 119 -4.75 3.98 -7.06
CA LEU A 119 -6.17 4.28 -6.98
C LEU A 119 -6.84 3.45 -5.89
N MET A 120 -6.43 2.18 -5.79
CA MET A 120 -6.98 1.23 -4.81
C MET A 120 -8.03 0.35 -5.48
N LEU A 121 -8.20 -0.87 -4.98
CA LEU A 121 -9.17 -1.79 -5.56
C LEU A 121 -9.52 -2.92 -4.59
N ASP A 122 -10.47 -2.67 -3.69
CA ASP A 122 -10.88 -3.69 -2.73
C ASP A 122 -11.95 -4.59 -3.33
N LYS A 123 -11.58 -5.85 -3.58
CA LYS A 123 -12.51 -6.82 -4.15
C LYS A 123 -13.08 -6.31 -5.47
N ASP A 124 -12.30 -5.52 -6.19
CA ASP A 124 -12.74 -4.97 -7.47
C ASP A 124 -14.10 -4.30 -7.34
N THR A 125 -14.30 -3.52 -6.28
CA THR A 125 -15.57 -2.84 -6.08
C THR A 125 -15.46 -1.75 -5.02
N GLY A 126 -14.73 -2.03 -3.93
CA GLY A 126 -14.58 -1.05 -2.86
C GLY A 126 -14.05 0.27 -3.36
N GLN A 127 -13.13 0.21 -4.33
CA GLN A 127 -12.54 1.41 -4.91
C GLN A 127 -13.02 1.62 -6.33
N SER A 128 -13.42 2.86 -6.61
CA SER A 128 -13.90 3.27 -7.93
C SER A 128 -14.95 4.37 -7.79
N ARG A 129 -15.51 4.50 -6.58
CA ARG A 129 -16.52 5.51 -6.30
C ARG A 129 -16.01 6.90 -6.63
N GLY A 130 -14.73 7.16 -6.35
CA GLY A 130 -14.16 8.46 -6.62
C GLY A 130 -13.14 8.93 -5.61
N PHE A 131 -12.25 8.05 -5.17
CA PHE A 131 -11.20 8.43 -4.22
C PHE A 131 -9.88 7.77 -4.58
N GLY A 132 -8.79 8.22 -3.95
CA GLY A 132 -7.49 7.63 -4.24
C GLY A 132 -6.55 7.62 -3.04
N PHE A 133 -5.43 6.91 -3.19
CA PHE A 133 -4.42 6.81 -2.13
C PHE A 133 -3.06 7.29 -2.64
N VAL A 134 -2.46 8.27 -1.95
CA VAL A 134 -1.13 8.76 -2.34
C VAL A 134 -0.15 8.76 -1.18
N THR A 135 1.08 8.34 -1.46
CA THR A 135 2.13 8.32 -0.47
C THR A 135 3.23 9.28 -0.88
N TYR A 136 3.75 10.06 0.07
CA TYR A 136 4.81 11.02 -0.23
C TYR A 136 6.13 10.69 0.45
N ASP A 137 7.19 10.80 -0.34
CA ASP A 137 8.53 10.55 0.16
C ASP A 137 8.87 11.47 1.32
N SER A 138 8.36 12.70 1.25
CA SER A 138 8.63 13.69 2.29
C SER A 138 7.35 14.14 2.97
N ALA A 139 7.41 14.28 4.29
CA ALA A 139 6.27 14.72 5.08
C ALA A 139 5.86 16.14 4.70
N ASP A 140 6.84 16.94 4.31
CA ASP A 140 6.58 18.33 3.93
C ASP A 140 5.56 18.41 2.80
N ALA A 141 5.61 17.44 1.88
CA ALA A 141 4.71 17.42 0.75
C ALA A 141 3.25 17.37 1.19
N VAL A 142 2.97 16.64 2.26
CA VAL A 142 1.59 16.55 2.75
C VAL A 142 1.05 17.93 3.10
N ASP A 143 1.91 18.77 3.67
CA ASP A 143 1.53 20.12 4.05
C ASP A 143 1.15 20.94 2.82
N ARG A 144 1.87 20.72 1.72
CA ARG A 144 1.63 21.46 0.48
C ARG A 144 0.19 21.29 -0.01
N VAL A 145 -0.32 20.08 0.07
CA VAL A 145 -1.67 19.81 -0.38
C VAL A 145 -2.70 20.56 0.46
N CYS A 146 -2.41 20.73 1.75
CA CYS A 146 -3.33 21.48 2.61
C CYS A 146 -3.51 22.86 2.00
N GLN A 147 -2.41 23.41 1.50
CA GLN A 147 -2.41 24.69 0.85
C GLN A 147 -3.28 24.66 -0.40
N ASN A 148 -3.27 23.50 -1.07
CA ASN A 148 -4.04 23.29 -2.29
C ASN A 148 -5.33 22.51 -2.01
N LYS A 149 -6.01 22.85 -0.91
CA LYS A 149 -7.25 22.15 -0.50
C LYS A 149 -7.81 21.36 -1.67
N PHE A 150 -8.21 22.07 -2.72
CA PHE A 150 -8.71 21.41 -3.91
C PHE A 150 -7.72 21.59 -5.04
N ILE A 151 -7.57 20.56 -5.84
CA ILE A 151 -6.65 20.63 -6.97
C ILE A 151 -7.43 20.48 -8.26
N ASP A 152 -7.19 21.37 -9.21
CA ASP A 152 -7.85 21.27 -10.50
C ASP A 152 -7.22 20.11 -11.24
N PHE A 153 -7.52 18.90 -10.77
CA PHE A 153 -6.95 17.70 -11.34
C PHE A 153 -7.35 17.50 -12.82
N LYS A 154 -8.26 16.56 -13.06
CA LYS A 154 -8.72 16.26 -14.41
C LYS A 154 -9.39 17.48 -15.05
N ASP A 155 -10.13 18.21 -14.23
CA ASP A 155 -10.85 19.40 -14.69
C ASP A 155 -11.70 19.98 -13.55
N ARG A 156 -12.07 19.14 -12.60
CA ARG A 156 -12.88 19.55 -11.46
C ARG A 156 -12.05 19.49 -10.18
N LYS A 157 -12.49 20.22 -9.17
CA LYS A 157 -11.78 20.27 -7.90
C LYS A 157 -11.95 18.97 -7.11
N ILE A 158 -10.86 18.56 -6.48
CA ILE A 158 -10.85 17.36 -5.66
C ILE A 158 -10.50 17.71 -4.22
N GLU A 159 -10.96 16.92 -3.27
CA GLU A 159 -10.66 17.20 -1.88
C GLU A 159 -9.65 16.19 -1.33
N ILE A 160 -8.62 16.69 -0.67
CA ILE A 160 -7.59 15.84 -0.12
C ILE A 160 -7.49 16.01 1.40
N LYS A 161 -7.50 14.89 2.11
CA LYS A 161 -7.42 14.88 3.55
C LYS A 161 -6.39 13.85 4.03
N ARG A 162 -5.68 14.17 5.11
CA ARG A 162 -4.67 13.26 5.63
C ARG A 162 -5.28 11.89 5.91
N ALA A 163 -4.50 10.84 5.70
CA ALA A 163 -4.97 9.48 5.89
C ALA A 163 -5.46 9.28 7.33
N GLU A 164 -6.55 8.55 7.47
CA GLU A 164 -7.13 8.27 8.79
C GLU A 164 -6.50 7.03 9.40
N PRO A 165 -6.29 7.03 10.73
CA PRO A 165 -5.71 5.89 11.43
C PRO A 165 -6.55 4.63 11.24
N ARG A 166 -7.81 4.82 10.87
CA ARG A 166 -8.75 3.72 10.65
C ARG A 166 -8.61 2.65 11.73
N HIS A 167 -9.42 2.76 12.78
CA HIS A 167 -9.40 1.81 13.87
C HIS A 167 -10.77 1.16 14.07
N LYS A 1 23.40 -2.15 3.54
CA LYS A 1 22.17 -2.74 4.15
C LYS A 1 21.32 -3.43 3.10
N GLU A 2 21.35 -4.76 3.10
CA GLU A 2 20.57 -5.55 2.15
C GLU A 2 19.08 -5.28 2.33
N SER A 3 18.68 -5.05 3.58
CA SER A 3 17.29 -4.77 3.93
C SER A 3 16.29 -5.42 2.97
N CYS A 4 15.81 -6.61 3.34
CA CYS A 4 14.84 -7.33 2.53
C CYS A 4 13.60 -7.66 3.36
N LYS A 5 12.62 -6.77 3.31
CA LYS A 5 11.37 -6.95 4.04
C LYS A 5 10.19 -6.63 3.12
N MET A 6 9.10 -7.37 3.26
CA MET A 6 7.93 -7.16 2.42
C MET A 6 6.67 -6.88 3.22
N PHE A 7 5.80 -6.05 2.64
CA PHE A 7 4.52 -5.70 3.27
C PHE A 7 3.40 -6.38 2.48
N ILE A 8 2.56 -7.13 3.17
CA ILE A 8 1.46 -7.81 2.52
C ILE A 8 0.14 -7.32 3.08
N GLY A 9 -0.78 -6.94 2.21
CA GLY A 9 -2.08 -6.48 2.66
C GLY A 9 -3.21 -7.22 1.99
N GLY A 10 -4.40 -7.13 2.59
CA GLY A 10 -5.55 -7.80 2.01
C GLY A 10 -5.54 -9.30 2.29
N LEU A 11 -5.06 -9.68 3.47
CA LEU A 11 -5.00 -11.08 3.88
C LEU A 11 -6.37 -11.76 3.87
N ASN A 12 -7.43 -10.98 4.03
CA ASN A 12 -8.79 -11.53 4.07
C ASN A 12 -9.02 -12.26 5.40
N TRP A 13 -8.59 -11.62 6.49
CA TRP A 13 -8.74 -12.14 7.84
C TRP A 13 -8.71 -13.66 7.90
N ASP A 14 -7.85 -14.27 7.09
CA ASP A 14 -7.75 -15.73 7.06
C ASP A 14 -6.42 -16.17 6.47
N THR A 15 -5.32 -15.55 6.91
CA THR A 15 -4.00 -15.90 6.42
C THR A 15 -3.08 -16.27 7.57
N THR A 16 -2.27 -17.30 7.36
CA THR A 16 -1.32 -17.74 8.35
C THR A 16 0.08 -17.63 7.80
N GLU A 17 1.06 -17.60 8.69
CA GLU A 17 2.43 -17.53 8.25
C GLU A 17 2.77 -18.76 7.43
N ASP A 18 2.10 -19.88 7.76
CA ASP A 18 2.34 -21.12 7.04
C ASP A 18 2.00 -20.98 5.57
N ASN A 19 0.87 -20.32 5.29
CA ASN A 19 0.43 -20.10 3.92
C ASN A 19 1.36 -19.19 3.14
N LEU A 20 1.88 -18.16 3.82
CA LEU A 20 2.78 -17.20 3.18
C LEU A 20 4.06 -17.84 2.66
N ARG A 21 4.67 -18.73 3.44
CA ARG A 21 5.89 -19.37 2.98
C ARG A 21 5.59 -20.24 1.76
N GLU A 22 4.44 -20.92 1.80
CA GLU A 22 4.03 -21.76 0.68
C GLU A 22 3.65 -20.91 -0.52
N TYR A 23 2.87 -19.86 -0.26
CA TYR A 23 2.42 -18.94 -1.30
C TYR A 23 3.59 -18.22 -1.94
N PHE A 24 4.49 -17.75 -1.09
CA PHE A 24 5.66 -17.01 -1.52
C PHE A 24 6.91 -17.89 -1.61
N GLY A 25 6.75 -19.18 -1.33
CA GLY A 25 7.87 -20.11 -1.42
C GLY A 25 8.49 -20.14 -2.80
N LYS A 26 7.68 -19.86 -3.80
CA LYS A 26 8.12 -19.85 -5.19
C LYS A 26 9.30 -18.91 -5.38
N TYR A 27 9.15 -17.77 -4.74
CA TYR A 27 10.12 -16.68 -4.81
C TYR A 27 11.41 -16.99 -4.06
N GLY A 28 11.28 -17.71 -2.95
CA GLY A 28 12.47 -18.05 -2.18
C GLY A 28 12.17 -18.81 -0.91
N THR A 29 13.21 -19.03 -0.14
CA THR A 29 13.11 -19.75 1.14
C THR A 29 12.25 -19.00 2.12
N VAL A 30 12.22 -17.67 1.99
CA VAL A 30 11.48 -16.83 2.90
C VAL A 30 12.13 -16.97 4.27
N THR A 31 13.14 -16.13 4.50
CA THR A 31 13.92 -16.16 5.72
C THR A 31 13.05 -16.05 6.96
N ASP A 32 12.11 -15.11 6.95
CA ASP A 32 11.22 -14.92 8.08
C ASP A 32 9.79 -14.64 7.64
N LEU A 33 8.85 -15.01 8.51
CA LEU A 33 7.44 -14.81 8.24
C LEU A 33 6.79 -14.03 9.38
N LYS A 34 6.06 -12.95 9.07
CA LYS A 34 5.40 -12.17 10.10
C LYS A 34 3.96 -11.87 9.78
N ILE A 35 3.08 -12.35 10.65
CA ILE A 35 1.65 -12.11 10.54
C ILE A 35 1.11 -11.58 11.86
N MET A 36 0.35 -10.52 11.79
CA MET A 36 -0.23 -9.93 12.99
C MET A 36 -1.57 -10.59 13.27
N LYS A 37 -1.74 -11.09 14.49
CA LYS A 37 -2.97 -11.75 14.87
C LYS A 37 -3.49 -11.26 16.21
N ASP A 38 -4.77 -11.53 16.47
CA ASP A 38 -5.40 -11.13 17.73
C ASP A 38 -6.02 -12.35 18.42
N PRO A 39 -5.22 -13.11 19.19
CA PRO A 39 -5.71 -14.30 19.89
C PRO A 39 -6.92 -14.00 20.76
N ALA A 40 -7.04 -12.75 21.20
CA ALA A 40 -8.16 -12.34 22.04
C ALA A 40 -9.46 -12.21 21.23
N THR A 41 -9.52 -11.18 20.40
CA THR A 41 -10.69 -10.94 19.57
C THR A 41 -10.78 -11.98 18.44
N GLY A 42 -9.66 -12.59 18.12
CA GLY A 42 -9.64 -13.58 17.05
C GLY A 42 -9.58 -12.95 15.67
N ARG A 43 -9.02 -11.74 15.60
CA ARG A 43 -8.91 -11.02 14.33
C ARG A 43 -7.47 -10.72 13.96
N SER A 44 -7.21 -10.65 12.66
CA SER A 44 -5.87 -10.37 12.15
C SER A 44 -5.80 -8.97 11.56
N ARG A 45 -4.63 -8.34 11.64
CA ARG A 45 -4.44 -6.99 11.11
C ARG A 45 -4.86 -6.93 9.65
N GLY A 46 -4.71 -8.05 8.95
CA GLY A 46 -5.06 -8.11 7.55
C GLY A 46 -3.86 -7.93 6.65
N PHE A 47 -2.69 -7.80 7.27
CA PHE A 47 -1.44 -7.64 6.54
C PHE A 47 -0.31 -8.38 7.25
N GLY A 48 0.71 -8.75 6.47
CA GLY A 48 1.84 -9.46 7.02
C GLY A 48 3.13 -9.02 6.39
N PHE A 49 4.25 -9.32 7.05
CA PHE A 49 5.55 -8.94 6.50
C PHE A 49 6.35 -10.17 6.09
N LEU A 50 6.88 -10.14 4.87
CA LEU A 50 7.66 -11.27 4.35
C LEU A 50 9.14 -10.93 4.25
N SER A 51 9.98 -11.91 4.57
CA SER A 51 11.42 -11.71 4.48
C SER A 51 12.06 -12.83 3.65
N PHE A 52 12.90 -12.44 2.69
CA PHE A 52 13.57 -13.41 1.83
C PHE A 52 15.09 -13.34 1.98
N GLU A 53 15.74 -14.49 1.97
CA GLU A 53 17.18 -14.55 2.08
C GLU A 53 17.83 -13.82 0.91
N LYS A 54 17.18 -13.91 -0.25
CA LYS A 54 17.66 -13.25 -1.46
C LYS A 54 16.72 -12.11 -1.87
N PRO A 55 17.19 -10.85 -1.81
CA PRO A 55 16.38 -9.68 -2.16
C PRO A 55 15.79 -9.77 -3.57
N SER A 56 16.46 -10.50 -4.46
CA SER A 56 16.00 -10.65 -5.83
C SER A 56 14.60 -11.26 -5.87
N SER A 57 14.33 -12.18 -4.96
CA SER A 57 13.02 -12.84 -4.89
C SER A 57 11.92 -11.81 -4.69
N VAL A 58 12.24 -10.77 -3.93
CA VAL A 58 11.28 -9.71 -3.65
C VAL A 58 10.82 -9.00 -4.92
N ASP A 59 11.73 -8.80 -5.86
CA ASP A 59 11.40 -8.13 -7.10
C ASP A 59 10.21 -8.79 -7.81
N GLU A 60 10.21 -10.12 -7.83
CA GLU A 60 9.12 -10.86 -8.45
C GLU A 60 7.83 -10.76 -7.65
N VAL A 61 7.97 -10.70 -6.33
CA VAL A 61 6.80 -10.63 -5.47
C VAL A 61 5.96 -9.40 -5.76
N VAL A 62 6.62 -8.27 -5.91
CA VAL A 62 5.92 -7.02 -6.16
C VAL A 62 5.44 -6.90 -7.61
N LYS A 63 6.35 -7.10 -8.56
CA LYS A 63 6.04 -6.99 -9.98
C LYS A 63 4.97 -7.97 -10.44
N THR A 64 5.04 -9.20 -9.93
CA THR A 64 4.09 -10.24 -10.32
C THR A 64 2.64 -9.88 -10.02
N GLN A 65 2.40 -9.22 -8.89
CA GLN A 65 1.02 -8.89 -8.50
C GLN A 65 0.23 -10.17 -8.35
N HIS A 66 -0.14 -10.48 -7.12
CA HIS A 66 -0.84 -11.73 -6.85
C HIS A 66 -1.97 -11.58 -5.84
N ILE A 67 -2.79 -12.62 -5.77
CA ILE A 67 -3.92 -12.67 -4.85
C ILE A 67 -3.75 -13.83 -3.87
N LEU A 68 -3.82 -13.55 -2.56
CA LEU A 68 -3.66 -14.60 -1.55
C LEU A 68 -4.90 -14.73 -0.68
N ASP A 69 -5.35 -15.97 -0.50
CA ASP A 69 -6.51 -16.30 0.32
C ASP A 69 -7.82 -15.71 -0.23
N GLY A 70 -7.90 -15.53 -1.54
CA GLY A 70 -9.12 -15.04 -2.15
C GLY A 70 -9.17 -13.53 -2.36
N LYS A 71 -8.27 -12.78 -1.73
CA LYS A 71 -8.27 -11.33 -1.89
C LYS A 71 -7.02 -10.83 -2.61
N VAL A 72 -7.22 -9.89 -3.53
CA VAL A 72 -6.11 -9.33 -4.28
C VAL A 72 -5.18 -8.58 -3.35
N ILE A 73 -3.89 -8.91 -3.44
CA ILE A 73 -2.89 -8.26 -2.60
C ILE A 73 -1.79 -7.65 -3.45
N ASP A 74 -1.13 -6.64 -2.91
CA ASP A 74 -0.05 -5.97 -3.62
C ASP A 74 1.19 -5.88 -2.74
N PRO A 75 1.90 -7.00 -2.60
CA PRO A 75 3.12 -7.10 -1.80
C PRO A 75 4.13 -6.01 -2.19
N LYS A 76 4.62 -5.27 -1.19
CA LYS A 76 5.57 -4.19 -1.42
C LYS A 76 6.66 -4.17 -0.34
N ARG A 77 7.87 -3.75 -0.71
CA ARG A 77 8.98 -3.70 0.25
C ARG A 77 8.55 -3.00 1.55
N ALA A 78 8.99 -3.56 2.67
CA ALA A 78 8.69 -3.00 3.99
C ALA A 78 9.55 -1.77 4.27
N ILE A 79 8.99 -0.81 4.99
CA ILE A 79 9.70 0.41 5.33
C ILE A 79 9.96 0.47 6.84
N PRO A 80 11.21 0.72 7.25
CA PRO A 80 11.55 0.82 8.67
C PRO A 80 10.64 1.79 9.39
N ARG A 81 10.37 1.54 10.67
CA ARG A 81 9.48 2.41 11.43
C ARG A 81 9.95 3.86 11.36
N ASP A 82 11.26 4.06 11.43
CA ASP A 82 11.83 5.40 11.34
C ASP A 82 11.58 6.00 9.97
N GLU A 83 11.71 5.17 8.94
CA GLU A 83 11.50 5.60 7.57
C GLU A 83 10.05 6.00 7.31
N GLN A 84 9.12 5.29 7.94
CA GLN A 84 7.71 5.60 7.78
C GLN A 84 7.40 7.02 8.25
N ASP A 85 8.06 7.42 9.32
CA ASP A 85 7.89 8.75 9.88
C ASP A 85 8.24 9.83 8.85
N LYS A 86 9.29 9.58 8.08
CA LYS A 86 9.75 10.52 7.07
C LYS A 86 8.67 10.81 6.04
N THR A 87 7.88 9.80 5.71
CA THR A 87 6.83 9.94 4.72
C THR A 87 5.53 10.44 5.35
N GLY A 88 4.64 10.96 4.50
CA GLY A 88 3.36 11.45 4.97
C GLY A 88 2.24 11.15 3.99
N LYS A 89 1.31 10.30 4.40
CA LYS A 89 0.19 9.91 3.55
C LYS A 89 -0.96 10.91 3.63
N ILE A 90 -1.58 11.19 2.49
CA ILE A 90 -2.69 12.13 2.44
C ILE A 90 -3.95 11.44 1.97
N PHE A 91 -5.08 12.06 2.24
CA PHE A 91 -6.36 11.54 1.80
C PHE A 91 -6.78 12.29 0.56
N VAL A 92 -7.20 11.57 -0.47
CA VAL A 92 -7.59 12.21 -1.72
C VAL A 92 -8.97 11.76 -2.20
N GLY A 93 -9.69 12.68 -2.82
CA GLY A 93 -11.03 12.38 -3.32
C GLY A 93 -11.17 12.72 -4.79
N GLY A 94 -12.22 12.23 -5.42
CA GLY A 94 -12.43 12.50 -6.83
C GLY A 94 -11.56 11.62 -7.70
N ILE A 95 -11.27 10.41 -7.22
CA ILE A 95 -10.43 9.48 -7.95
C ILE A 95 -10.95 9.22 -9.36
N GLY A 96 -12.25 8.96 -9.48
CA GLY A 96 -12.83 8.69 -10.79
C GLY A 96 -12.62 7.25 -11.22
N PRO A 97 -13.69 6.52 -11.58
CA PRO A 97 -13.59 5.10 -12.00
C PRO A 97 -12.63 4.88 -13.16
N ASP A 98 -12.49 5.89 -14.03
CA ASP A 98 -11.60 5.79 -15.18
C ASP A 98 -10.20 6.31 -14.86
N VAL A 99 -9.95 6.55 -13.57
CA VAL A 99 -8.67 7.08 -13.11
C VAL A 99 -7.48 6.21 -13.52
N ARG A 100 -7.63 4.90 -13.46
CA ARG A 100 -6.52 4.01 -13.77
C ARG A 100 -5.41 4.27 -12.75
N PRO A 101 -5.06 3.27 -11.92
CA PRO A 101 -4.04 3.43 -10.89
C PRO A 101 -2.75 4.03 -11.44
N LYS A 102 -2.46 3.75 -12.70
CA LYS A 102 -1.25 4.28 -13.32
C LYS A 102 -1.25 5.81 -13.32
N GLU A 103 -2.39 6.41 -13.63
CA GLU A 103 -2.51 7.86 -13.65
C GLU A 103 -2.39 8.47 -12.27
N PHE A 104 -3.00 7.79 -11.29
CA PHE A 104 -2.99 8.25 -9.91
C PHE A 104 -1.56 8.31 -9.34
N GLU A 105 -0.80 7.25 -9.55
CA GLU A 105 0.57 7.20 -9.04
C GLU A 105 1.45 8.24 -9.72
N GLU A 106 1.31 8.38 -11.03
CA GLU A 106 2.10 9.36 -11.79
C GLU A 106 1.57 10.78 -11.61
N PHE A 107 0.27 10.91 -11.42
CA PHE A 107 -0.35 12.22 -11.25
C PHE A 107 0.20 12.95 -10.03
N PHE A 108 0.08 12.31 -8.88
CA PHE A 108 0.56 12.85 -7.63
C PHE A 108 2.08 12.98 -7.61
N SER A 109 2.74 12.16 -8.42
CA SER A 109 4.21 12.16 -8.50
C SER A 109 4.75 13.54 -8.83
N GLN A 110 3.98 14.31 -9.59
CA GLN A 110 4.40 15.65 -10.00
C GLN A 110 4.81 16.52 -8.80
N TRP A 111 4.12 16.37 -7.66
CA TRP A 111 4.47 17.16 -6.47
C TRP A 111 4.93 16.26 -5.33
N GLY A 112 5.74 15.27 -5.65
CA GLY A 112 6.26 14.37 -4.64
C GLY A 112 6.69 13.02 -5.21
N THR A 113 7.70 12.43 -4.58
CA THR A 113 8.23 11.13 -5.01
C THR A 113 7.16 10.05 -4.96
N ILE A 114 6.30 10.13 -3.95
CA ILE A 114 5.24 9.14 -3.75
C ILE A 114 5.81 7.79 -3.33
N ILE A 115 6.18 7.65 -2.06
CA ILE A 115 6.72 6.40 -1.58
C ILE A 115 5.73 5.26 -1.74
N ASP A 116 4.45 5.51 -1.47
CA ASP A 116 3.44 4.47 -1.58
C ASP A 116 2.04 5.01 -1.84
N ALA A 117 1.71 5.23 -3.12
CA ALA A 117 0.38 5.71 -3.48
C ALA A 117 -0.45 4.55 -4.00
N GLN A 118 -1.67 4.41 -3.48
CA GLN A 118 -2.52 3.30 -3.93
C GLN A 118 -3.99 3.69 -4.02
N LEU A 119 -4.70 3.00 -4.90
CA LEU A 119 -6.11 3.23 -5.11
C LEU A 119 -6.92 2.77 -3.89
N MET A 120 -6.40 1.73 -3.20
CA MET A 120 -7.04 1.15 -2.01
C MET A 120 -7.96 -0.03 -2.33
N LEU A 121 -9.21 0.25 -2.66
CA LEU A 121 -10.19 -0.79 -2.96
C LEU A 121 -10.41 -1.71 -1.77
N ASP A 122 -11.65 -2.17 -1.63
CA ASP A 122 -12.03 -3.07 -0.56
C ASP A 122 -12.38 -4.44 -1.14
N LYS A 123 -13.50 -5.03 -0.74
CA LYS A 123 -13.90 -6.32 -1.27
C LYS A 123 -13.98 -6.26 -2.80
N ASP A 124 -14.34 -5.09 -3.31
CA ASP A 124 -14.44 -4.90 -4.76
C ASP A 124 -14.14 -3.46 -5.17
N THR A 125 -15.16 -2.70 -5.58
CA THR A 125 -14.98 -1.32 -6.01
C THR A 125 -15.52 -0.31 -5.02
N GLY A 126 -15.71 -0.71 -3.76
CA GLY A 126 -16.23 0.23 -2.78
C GLY A 126 -15.43 1.52 -2.74
N GLN A 127 -14.11 1.40 -2.86
CA GLN A 127 -13.22 2.54 -2.88
C GLN A 127 -13.46 3.43 -4.10
N SER A 128 -13.84 2.79 -5.21
CA SER A 128 -14.08 3.50 -6.46
C SER A 128 -15.13 4.60 -6.31
N ARG A 129 -15.82 4.63 -5.16
CA ARG A 129 -16.84 5.62 -4.91
C ARG A 129 -16.31 7.04 -5.20
N GLY A 130 -15.04 7.29 -4.88
CA GLY A 130 -14.48 8.60 -5.16
C GLY A 130 -13.36 9.05 -4.23
N PHE A 131 -12.61 8.12 -3.64
CA PHE A 131 -11.51 8.52 -2.77
C PHE A 131 -10.28 7.65 -2.99
N GLY A 132 -9.11 8.18 -2.64
CA GLY A 132 -7.88 7.42 -2.80
C GLY A 132 -6.84 7.76 -1.75
N PHE A 133 -5.81 6.93 -1.64
CA PHE A 133 -4.73 7.13 -0.68
C PHE A 133 -3.40 7.44 -1.36
N VAL A 134 -2.74 8.50 -0.92
CA VAL A 134 -1.44 8.87 -1.46
C VAL A 134 -0.40 9.00 -0.36
N THR A 135 0.77 8.41 -0.57
CA THR A 135 1.85 8.49 0.39
C THR A 135 3.02 9.27 -0.21
N TYR A 136 3.60 10.18 0.57
CA TYR A 136 4.71 11.00 0.07
C TYR A 136 5.99 10.83 0.87
N ASP A 137 7.10 10.78 0.16
CA ASP A 137 8.42 10.65 0.76
C ASP A 137 8.68 11.80 1.72
N SER A 138 8.22 13.00 1.34
CA SER A 138 8.43 14.17 2.18
C SER A 138 7.11 14.84 2.55
N ALA A 139 7.10 15.43 3.73
CA ALA A 139 5.92 16.12 4.24
C ALA A 139 5.62 17.38 3.43
N ASP A 140 6.67 17.99 2.89
CA ASP A 140 6.52 19.22 2.11
C ASP A 140 5.53 19.02 0.96
N ALA A 141 5.61 17.87 0.31
CA ALA A 141 4.71 17.56 -0.80
C ALA A 141 3.27 17.47 -0.31
N VAL A 142 3.09 16.90 0.89
CA VAL A 142 1.77 16.77 1.47
C VAL A 142 1.17 18.14 1.70
N ASP A 143 1.95 19.02 2.32
CA ASP A 143 1.53 20.39 2.56
C ASP A 143 1.38 21.13 1.24
N ARG A 144 2.27 20.80 0.31
CA ARG A 144 2.30 21.44 -0.99
C ARG A 144 0.96 21.32 -1.71
N VAL A 145 0.39 20.13 -1.70
CA VAL A 145 -0.88 19.91 -2.36
C VAL A 145 -2.03 20.58 -1.60
N CYS A 146 -1.91 20.58 -0.27
CA CYS A 146 -2.94 21.18 0.58
C CYS A 146 -3.11 22.66 0.26
N GLN A 147 -1.99 23.33 0.02
CA GLN A 147 -2.02 24.75 -0.32
C GLN A 147 -2.87 24.97 -1.57
N ASN A 148 -2.81 23.98 -2.47
CA ASN A 148 -3.56 24.03 -3.71
C ASN A 148 -5.00 23.54 -3.53
N LYS A 149 -5.38 23.25 -2.28
CA LYS A 149 -6.74 22.76 -1.97
C LYS A 149 -7.16 21.70 -2.98
N PHE A 150 -7.66 22.13 -4.14
CA PHE A 150 -8.08 21.20 -5.17
C PHE A 150 -7.07 21.18 -6.30
N ILE A 151 -6.75 19.99 -6.76
CA ILE A 151 -5.82 19.82 -7.85
C ILE A 151 -6.53 19.23 -9.05
N ASP A 152 -6.27 19.79 -10.21
CA ASP A 152 -6.91 19.32 -11.43
C ASP A 152 -6.37 17.95 -11.78
N PHE A 153 -7.29 17.03 -12.05
CA PHE A 153 -6.90 15.67 -12.40
C PHE A 153 -7.95 15.07 -13.32
N LYS A 154 -9.10 14.75 -12.73
CA LYS A 154 -10.21 14.19 -13.47
C LYS A 154 -11.12 15.32 -13.94
N ASP A 155 -12.22 14.97 -14.57
CA ASP A 155 -13.18 15.96 -15.05
C ASP A 155 -13.52 16.95 -13.94
N ARG A 156 -13.49 16.46 -12.69
CA ARG A 156 -13.80 17.28 -11.53
C ARG A 156 -12.59 17.41 -10.61
N LYS A 157 -12.53 18.51 -9.87
CA LYS A 157 -11.42 18.75 -8.95
C LYS A 157 -11.38 17.69 -7.86
N ILE A 158 -10.17 17.40 -7.40
CA ILE A 158 -10.00 16.42 -6.34
C ILE A 158 -9.63 17.13 -5.05
N GLU A 159 -10.20 16.71 -3.93
CA GLU A 159 -9.91 17.34 -2.66
C GLU A 159 -8.98 16.45 -1.85
N ILE A 160 -7.95 17.05 -1.29
CA ILE A 160 -6.98 16.31 -0.52
C ILE A 160 -6.91 16.82 0.92
N LYS A 161 -7.03 15.88 1.85
CA LYS A 161 -6.99 16.18 3.27
C LYS A 161 -6.02 15.23 3.97
N ARG A 162 -5.33 15.72 5.01
CA ARG A 162 -4.38 14.89 5.73
C ARG A 162 -5.02 13.56 6.11
N ALA A 163 -4.22 12.49 6.10
CA ALA A 163 -4.72 11.16 6.42
C ALA A 163 -5.36 11.12 7.80
N GLU A 164 -6.44 10.36 7.91
CA GLU A 164 -7.16 10.21 9.17
C GLU A 164 -7.32 8.74 9.52
N PRO A 165 -6.28 8.13 10.11
CA PRO A 165 -6.32 6.71 10.50
C PRO A 165 -7.58 6.37 11.29
N ARG A 166 -8.11 5.18 11.06
CA ARG A 166 -9.32 4.74 11.76
C ARG A 166 -9.11 4.79 13.27
N HIS A 167 -7.91 4.49 13.71
CA HIS A 167 -7.58 4.49 15.12
C HIS A 167 -6.21 5.12 15.36
N LYS A 1 24.83 -9.84 -0.14
CA LYS A 1 23.76 -8.92 0.34
C LYS A 1 22.85 -9.62 1.35
N GLU A 2 22.93 -9.19 2.60
CA GLU A 2 22.12 -9.76 3.67
C GLU A 2 21.07 -8.76 4.15
N SER A 3 19.98 -9.29 4.70
CA SER A 3 18.88 -8.48 5.24
C SER A 3 17.83 -8.20 4.16
N CYS A 4 16.81 -9.04 4.10
CA CYS A 4 15.74 -8.88 3.14
C CYS A 4 14.39 -9.09 3.82
N LYS A 5 13.65 -8.01 3.98
CA LYS A 5 12.35 -8.03 4.62
C LYS A 5 11.25 -7.60 3.64
N MET A 6 10.14 -8.33 3.63
CA MET A 6 9.02 -8.03 2.74
C MET A 6 7.75 -7.69 3.50
N PHE A 7 6.97 -6.76 2.92
CA PHE A 7 5.70 -6.35 3.50
C PHE A 7 4.56 -6.85 2.64
N ILE A 8 3.57 -7.48 3.25
CA ILE A 8 2.43 -8.01 2.51
C ILE A 8 1.15 -7.31 2.93
N GLY A 9 0.40 -6.79 1.98
CA GLY A 9 -0.84 -6.11 2.31
C GLY A 9 -2.00 -6.62 1.50
N GLY A 10 -3.21 -6.35 1.97
CA GLY A 10 -4.39 -6.79 1.26
C GLY A 10 -4.65 -8.27 1.47
N LEU A 11 -4.22 -8.79 2.61
CA LEU A 11 -4.40 -10.20 2.93
C LEU A 11 -5.76 -10.44 3.58
N ASN A 12 -6.40 -11.55 3.20
CA ASN A 12 -7.68 -11.90 3.79
C ASN A 12 -7.48 -12.17 5.28
N TRP A 13 -8.36 -11.64 6.12
CA TRP A 13 -8.21 -11.84 7.55
C TRP A 13 -8.09 -13.33 7.85
N ASP A 14 -7.25 -13.65 8.84
CA ASP A 14 -6.97 -15.03 9.21
C ASP A 14 -6.07 -15.69 8.16
N THR A 15 -5.15 -14.88 7.63
CA THR A 15 -4.20 -15.35 6.62
C THR A 15 -3.35 -16.48 7.15
N THR A 16 -3.03 -16.43 8.45
CA THR A 16 -2.19 -17.44 9.06
C THR A 16 -0.83 -17.47 8.37
N GLU A 17 0.23 -17.38 9.16
CA GLU A 17 1.58 -17.38 8.62
C GLU A 17 1.83 -18.65 7.83
N ASP A 18 1.20 -19.73 8.25
CA ASP A 18 1.37 -21.01 7.57
C ASP A 18 1.04 -20.89 6.08
N ASN A 19 -0.03 -20.15 5.78
CA ASN A 19 -0.45 -19.94 4.40
C ASN A 19 0.58 -19.15 3.58
N LEU A 20 1.22 -18.17 4.20
CA LEU A 20 2.21 -17.34 3.51
C LEU A 20 3.39 -18.13 2.97
N ARG A 21 3.96 -19.04 3.76
CA ARG A 21 5.08 -19.83 3.28
C ARG A 21 4.63 -20.78 2.18
N GLU A 22 3.41 -21.28 2.29
CA GLU A 22 2.87 -22.18 1.29
C GLU A 22 2.77 -21.46 -0.05
N TYR A 23 2.38 -20.18 0.01
CA TYR A 23 2.26 -19.35 -1.18
C TYR A 23 3.61 -18.83 -1.62
N PHE A 24 4.22 -18.05 -0.73
CA PHE A 24 5.53 -17.46 -0.99
C PHE A 24 6.64 -18.49 -1.10
N GLY A 25 6.46 -19.65 -0.47
CA GLY A 25 7.47 -20.69 -0.56
C GLY A 25 7.83 -20.96 -2.01
N LYS A 26 6.88 -20.67 -2.89
CA LYS A 26 7.02 -20.85 -4.33
C LYS A 26 8.27 -20.11 -4.84
N TYR A 27 8.42 -18.88 -4.39
CA TYR A 27 9.55 -18.04 -4.77
C TYR A 27 10.85 -18.53 -4.16
N GLY A 28 10.76 -19.05 -2.95
CA GLY A 28 11.93 -19.54 -2.26
C GLY A 28 11.65 -19.88 -0.83
N THR A 29 12.70 -20.14 -0.07
CA THR A 29 12.56 -20.48 1.34
C THR A 29 12.47 -19.21 2.16
N VAL A 30 11.58 -19.20 3.14
CA VAL A 30 11.41 -18.03 3.99
C VAL A 30 12.09 -18.25 5.33
N THR A 31 13.00 -17.33 5.69
CA THR A 31 13.73 -17.45 6.95
C THR A 31 12.81 -17.21 8.14
N ASP A 32 11.93 -16.24 8.01
CA ASP A 32 10.99 -15.91 9.06
C ASP A 32 9.70 -15.36 8.50
N LEU A 33 8.67 -15.39 9.32
CA LEU A 33 7.35 -14.93 8.90
C LEU A 33 6.66 -14.11 9.97
N LYS A 34 5.92 -13.09 9.55
CA LYS A 34 5.20 -12.26 10.50
C LYS A 34 3.81 -11.87 10.01
N ILE A 35 2.81 -12.24 10.80
CA ILE A 35 1.43 -11.88 10.51
C ILE A 35 0.82 -11.17 11.69
N MET A 36 0.20 -10.03 11.44
CA MET A 36 -0.43 -9.27 12.50
C MET A 36 -1.83 -9.82 12.71
N LYS A 37 -2.05 -10.50 13.82
CA LYS A 37 -3.33 -11.11 14.11
C LYS A 37 -3.93 -10.59 15.42
N ASP A 38 -5.25 -10.52 15.47
CA ASP A 38 -5.95 -10.04 16.67
C ASP A 38 -6.95 -11.08 17.17
N PRO A 39 -6.46 -12.13 17.85
CA PRO A 39 -7.31 -13.20 18.38
C PRO A 39 -8.40 -12.67 19.31
N ALA A 40 -8.17 -11.51 19.89
CA ALA A 40 -9.13 -10.91 20.82
C ALA A 40 -10.39 -10.45 20.09
N THR A 41 -10.28 -9.33 19.37
CA THR A 41 -11.41 -8.78 18.63
C THR A 41 -11.77 -9.67 17.45
N GLY A 42 -10.78 -10.42 16.95
CA GLY A 42 -11.00 -11.29 15.81
C GLY A 42 -10.64 -10.63 14.50
N ARG A 43 -10.23 -9.37 14.56
CA ARG A 43 -9.85 -8.61 13.37
C ARG A 43 -8.49 -7.97 13.61
N SER A 44 -7.61 -8.03 12.61
CA SER A 44 -6.28 -7.46 12.77
C SER A 44 -5.85 -6.64 11.55
N ARG A 45 -4.57 -6.31 11.51
CA ARG A 45 -3.99 -5.52 10.45
C ARG A 45 -4.29 -6.09 9.06
N GLY A 46 -4.27 -7.41 8.93
CA GLY A 46 -4.55 -8.03 7.64
C GLY A 46 -3.35 -8.03 6.72
N PHE A 47 -2.16 -7.84 7.28
CA PHE A 47 -0.93 -7.85 6.51
C PHE A 47 0.17 -8.57 7.26
N GLY A 48 1.20 -9.01 6.54
CA GLY A 48 2.29 -9.72 7.16
C GLY A 48 3.63 -9.38 6.56
N PHE A 49 4.70 -9.65 7.32
CA PHE A 49 6.04 -9.39 6.86
C PHE A 49 6.76 -10.70 6.55
N LEU A 50 7.35 -10.80 5.36
CA LEU A 50 8.04 -12.02 4.96
C LEU A 50 9.55 -11.83 4.93
N SER A 51 10.28 -12.87 5.34
CA SER A 51 11.74 -12.82 5.34
C SER A 51 12.30 -14.00 4.55
N PHE A 52 13.19 -13.72 3.60
CA PHE A 52 13.79 -14.78 2.79
C PHE A 52 15.30 -14.87 2.99
N GLU A 53 15.80 -16.10 3.06
CA GLU A 53 17.23 -16.33 3.23
C GLU A 53 17.98 -15.78 2.02
N LYS A 54 17.33 -15.89 0.85
CA LYS A 54 17.91 -15.40 -0.40
C LYS A 54 17.17 -14.16 -0.87
N PRO A 55 17.87 -13.01 -0.96
CA PRO A 55 17.27 -11.75 -1.40
C PRO A 55 16.61 -11.84 -2.77
N SER A 56 17.00 -12.82 -3.57
CA SER A 56 16.44 -12.98 -4.90
C SER A 56 14.92 -13.14 -4.86
N SER A 57 14.42 -13.86 -3.87
CA SER A 57 12.98 -14.05 -3.72
C SER A 57 12.27 -12.72 -3.53
N VAL A 58 12.91 -11.82 -2.79
CA VAL A 58 12.34 -10.51 -2.52
C VAL A 58 12.13 -9.72 -3.82
N ASP A 59 13.12 -9.76 -4.70
CA ASP A 59 13.02 -9.04 -5.97
C ASP A 59 11.85 -9.56 -6.80
N GLU A 60 11.69 -10.88 -6.81
CA GLU A 60 10.61 -11.52 -7.57
C GLU A 60 9.25 -11.39 -6.88
N VAL A 61 9.23 -11.32 -5.55
CA VAL A 61 7.98 -11.21 -4.83
C VAL A 61 7.24 -9.94 -5.21
N VAL A 62 7.98 -8.84 -5.29
CA VAL A 62 7.38 -7.56 -5.63
C VAL A 62 6.95 -7.46 -7.10
N LYS A 63 7.83 -7.90 -8.00
CA LYS A 63 7.57 -7.83 -9.44
C LYS A 63 6.34 -8.62 -9.85
N THR A 64 6.14 -9.78 -9.23
CA THR A 64 5.02 -10.64 -9.57
C THR A 64 3.73 -10.21 -8.88
N GLN A 65 2.61 -10.38 -9.59
CA GLN A 65 1.29 -10.06 -9.04
C GLN A 65 0.85 -11.21 -8.15
N HIS A 66 0.25 -10.89 -7.01
CA HIS A 66 -0.13 -11.95 -6.07
C HIS A 66 -1.61 -11.98 -5.73
N ILE A 67 -2.19 -13.18 -5.80
CA ILE A 67 -3.57 -13.39 -5.41
C ILE A 67 -3.60 -14.46 -4.31
N LEU A 68 -3.93 -14.07 -3.09
CA LEU A 68 -3.96 -15.03 -1.99
C LEU A 68 -5.34 -15.06 -1.33
N ASP A 69 -5.90 -16.26 -1.23
CA ASP A 69 -7.22 -16.45 -0.61
C ASP A 69 -8.30 -15.58 -1.27
N GLY A 70 -8.27 -15.50 -2.60
CA GLY A 70 -9.27 -14.74 -3.32
C GLY A 70 -9.08 -13.23 -3.20
N LYS A 71 -7.91 -12.80 -2.74
CA LYS A 71 -7.63 -11.38 -2.59
C LYS A 71 -6.34 -10.98 -3.31
N VAL A 72 -6.28 -9.72 -3.72
CA VAL A 72 -5.11 -9.21 -4.41
C VAL A 72 -4.21 -8.44 -3.45
N ILE A 73 -2.92 -8.76 -3.47
CA ILE A 73 -1.97 -8.10 -2.59
C ILE A 73 -0.79 -7.53 -3.38
N ASP A 74 -0.12 -6.55 -2.79
CA ASP A 74 1.03 -5.92 -3.43
C ASP A 74 2.24 -5.94 -2.51
N PRO A 75 2.94 -7.08 -2.46
CA PRO A 75 4.14 -7.25 -1.63
C PRO A 75 5.22 -6.21 -1.95
N LYS A 76 5.69 -5.52 -0.92
CA LYS A 76 6.73 -4.51 -1.09
C LYS A 76 7.85 -4.69 -0.06
N ARG A 77 9.04 -4.19 -0.37
CA ARG A 77 10.17 -4.30 0.54
C ARG A 77 9.88 -3.59 1.86
N ALA A 78 10.25 -4.24 2.96
CA ALA A 78 10.03 -3.68 4.30
C ALA A 78 10.83 -2.39 4.49
N ILE A 79 10.25 -1.45 5.22
CA ILE A 79 10.91 -0.17 5.50
C ILE A 79 11.04 0.05 7.00
N PRO A 80 12.21 0.53 7.48
CA PRO A 80 12.41 0.81 8.90
C PRO A 80 11.37 1.78 9.41
N ARG A 81 10.94 1.60 10.66
CA ARG A 81 9.92 2.47 11.24
C ARG A 81 10.33 3.93 11.14
N ASP A 82 11.61 4.22 11.40
CA ASP A 82 12.11 5.58 11.33
C ASP A 82 11.97 6.16 9.92
N GLU A 83 12.28 5.35 8.91
CA GLU A 83 12.16 5.80 7.53
C GLU A 83 10.72 6.08 7.16
N GLN A 84 9.80 5.28 7.70
CA GLN A 84 8.39 5.45 7.43
C GLN A 84 7.92 6.83 7.88
N ASP A 85 8.48 7.30 9.00
CA ASP A 85 8.15 8.60 9.54
C ASP A 85 8.48 9.71 8.54
N LYS A 86 9.59 9.54 7.83
CA LYS A 86 10.02 10.53 6.84
C LYS A 86 8.96 10.73 5.76
N THR A 87 8.30 9.64 5.38
CA THR A 87 7.27 9.70 4.34
C THR A 87 5.92 10.09 4.95
N GLY A 88 5.00 10.53 4.09
CA GLY A 88 3.68 10.92 4.54
C GLY A 88 2.60 10.39 3.63
N LYS A 89 1.36 10.35 4.13
CA LYS A 89 0.25 9.85 3.33
C LYS A 89 -0.99 10.71 3.53
N ILE A 90 -1.64 11.09 2.42
CA ILE A 90 -2.83 11.93 2.48
C ILE A 90 -4.04 11.27 1.85
N PHE A 91 -5.20 11.81 2.19
CA PHE A 91 -6.48 11.32 1.66
C PHE A 91 -7.02 12.27 0.59
N VAL A 92 -7.55 11.70 -0.49
CA VAL A 92 -8.08 12.50 -1.60
C VAL A 92 -9.46 12.04 -2.04
N GLY A 93 -10.27 12.99 -2.49
CA GLY A 93 -11.61 12.68 -2.98
C GLY A 93 -11.82 13.23 -4.38
N GLY A 94 -12.87 12.77 -5.05
CA GLY A 94 -13.13 13.23 -6.41
C GLY A 94 -12.37 12.44 -7.46
N ILE A 95 -11.83 11.30 -7.05
CA ILE A 95 -11.06 10.45 -7.96
C ILE A 95 -11.84 10.10 -9.23
N GLY A 96 -13.10 9.70 -9.08
CA GLY A 96 -13.90 9.33 -10.25
C GLY A 96 -13.27 8.18 -11.03
N PRO A 97 -14.04 7.12 -11.36
CA PRO A 97 -13.51 5.97 -12.09
C PRO A 97 -12.84 6.35 -13.41
N ASP A 98 -13.27 7.45 -14.00
CA ASP A 98 -12.71 7.93 -15.26
C ASP A 98 -11.21 8.19 -15.15
N VAL A 99 -10.79 8.64 -13.97
CA VAL A 99 -9.38 8.96 -13.71
C VAL A 99 -8.40 7.86 -14.10
N ARG A 100 -8.75 6.61 -13.86
CA ARG A 100 -7.82 5.52 -14.14
C ARG A 100 -6.68 5.65 -13.13
N PRO A 101 -6.35 4.60 -12.38
CA PRO A 101 -5.30 4.66 -11.36
C PRO A 101 -4.00 5.24 -11.90
N LYS A 102 -3.76 5.10 -13.19
CA LYS A 102 -2.54 5.61 -13.81
C LYS A 102 -2.42 7.14 -13.70
N GLU A 103 -3.53 7.85 -13.98
CA GLU A 103 -3.54 9.31 -13.92
C GLU A 103 -3.35 9.82 -12.50
N PHE A 104 -3.97 9.13 -11.55
CA PHE A 104 -3.90 9.52 -10.15
C PHE A 104 -2.47 9.52 -9.62
N GLU A 105 -1.71 8.46 -9.93
CA GLU A 105 -0.33 8.36 -9.45
C GLU A 105 0.54 9.47 -10.02
N GLU A 106 0.38 9.75 -11.31
CA GLU A 106 1.17 10.80 -11.95
C GLU A 106 0.59 12.18 -11.63
N PHE A 107 -0.71 12.22 -11.37
CA PHE A 107 -1.39 13.48 -11.04
C PHE A 107 -0.80 14.12 -9.79
N PHE A 108 -0.83 13.40 -8.68
CA PHE A 108 -0.31 13.90 -7.42
C PHE A 108 1.21 14.14 -7.51
N SER A 109 1.85 13.46 -8.44
CA SER A 109 3.29 13.57 -8.63
C SER A 109 3.72 15.02 -8.84
N GLN A 110 2.85 15.82 -9.43
CA GLN A 110 3.16 17.22 -9.70
C GLN A 110 3.66 17.93 -8.44
N TRP A 111 3.12 17.57 -7.27
CA TRP A 111 3.55 18.20 -6.03
C TRP A 111 4.19 17.17 -5.09
N GLY A 112 5.01 16.29 -5.66
CA GLY A 112 5.70 15.28 -4.88
C GLY A 112 6.17 14.10 -5.71
N THR A 113 7.18 13.40 -5.21
CA THR A 113 7.72 12.23 -5.90
C THR A 113 6.76 11.04 -5.80
N ILE A 114 5.93 11.05 -4.76
CA ILE A 114 4.97 9.97 -4.52
C ILE A 114 5.66 8.61 -4.41
N ILE A 115 5.41 7.93 -3.30
CA ILE A 115 5.98 6.62 -3.07
C ILE A 115 5.02 5.52 -3.54
N ASP A 116 3.96 5.28 -2.77
CA ASP A 116 2.98 4.26 -3.10
C ASP A 116 1.82 4.83 -3.92
N ALA A 117 0.96 5.60 -3.27
CA ALA A 117 -0.20 6.21 -3.91
C ALA A 117 -0.97 5.22 -4.78
N GLN A 118 -2.09 4.73 -4.25
CA GLN A 118 -2.92 3.79 -4.99
C GLN A 118 -4.40 4.05 -4.72
N LEU A 119 -5.23 3.58 -5.64
CA LEU A 119 -6.67 3.74 -5.51
C LEU A 119 -7.25 3.00 -4.30
N MET A 120 -6.65 1.86 -3.96
CA MET A 120 -7.10 1.05 -2.82
C MET A 120 -8.47 0.45 -3.10
N LEU A 121 -8.52 -0.53 -3.99
CA LEU A 121 -9.79 -1.14 -4.33
C LEU A 121 -10.22 -2.11 -3.23
N ASP A 122 -11.44 -1.94 -2.72
CA ASP A 122 -11.95 -2.83 -1.68
C ASP A 122 -11.94 -4.26 -2.23
N LYS A 123 -12.29 -4.35 -3.50
CA LYS A 123 -12.31 -5.60 -4.22
C LYS A 123 -12.20 -5.29 -5.72
N ASP A 124 -13.31 -5.30 -6.44
CA ASP A 124 -13.28 -4.98 -7.86
C ASP A 124 -12.84 -3.53 -8.07
N THR A 125 -13.30 -2.64 -7.19
CA THR A 125 -12.95 -1.21 -7.26
C THR A 125 -13.79 -0.40 -6.27
N GLY A 126 -13.83 -0.83 -5.02
CA GLY A 126 -14.62 -0.12 -4.01
C GLY A 126 -14.23 1.34 -3.88
N GLN A 127 -12.93 1.62 -3.98
CA GLN A 127 -12.42 2.98 -3.88
C GLN A 127 -12.96 3.87 -4.98
N SER A 128 -13.25 3.25 -6.12
CA SER A 128 -13.74 3.97 -7.30
C SER A 128 -14.98 4.79 -6.96
N ARG A 129 -15.60 4.52 -5.81
CA ARG A 129 -16.79 5.25 -5.39
C ARG A 129 -16.55 6.76 -5.48
N GLY A 130 -15.33 7.21 -5.15
CA GLY A 130 -15.04 8.63 -5.23
C GLY A 130 -13.89 9.11 -4.36
N PHE A 131 -12.95 8.24 -4.00
CA PHE A 131 -11.81 8.67 -3.19
C PHE A 131 -10.51 8.04 -3.68
N GLY A 132 -9.39 8.62 -3.26
CA GLY A 132 -8.09 8.08 -3.64
C GLY A 132 -7.07 8.16 -2.52
N PHE A 133 -6.02 7.36 -2.61
CA PHE A 133 -4.97 7.34 -1.60
C PHE A 133 -3.60 7.64 -2.20
N VAL A 134 -2.93 8.66 -1.67
CA VAL A 134 -1.59 9.01 -2.16
C VAL A 134 -0.58 9.06 -1.02
N THR A 135 0.59 8.49 -1.27
CA THR A 135 1.65 8.48 -0.29
C THR A 135 2.84 9.27 -0.84
N TYR A 136 3.44 10.11 0.00
CA TYR A 136 4.57 10.92 -0.43
C TYR A 136 5.85 10.53 0.28
N ASP A 137 6.93 10.47 -0.49
CA ASP A 137 8.23 10.13 0.05
C ASP A 137 8.60 11.12 1.15
N SER A 138 8.20 12.38 0.95
CA SER A 138 8.48 13.42 1.92
C SER A 138 7.20 14.08 2.43
N ALA A 139 7.22 14.45 3.69
CA ALA A 139 6.08 15.10 4.33
C ALA A 139 5.81 16.48 3.72
N ASP A 140 6.85 17.12 3.23
CA ASP A 140 6.74 18.45 2.63
C ASP A 140 5.69 18.48 1.52
N ALA A 141 5.59 17.40 0.76
CA ALA A 141 4.63 17.33 -0.34
C ALA A 141 3.19 17.53 0.14
N VAL A 142 2.86 16.96 1.29
CA VAL A 142 1.51 17.09 1.84
C VAL A 142 1.16 18.56 2.08
N ASP A 143 2.14 19.32 2.53
CA ASP A 143 1.94 20.74 2.82
C ASP A 143 1.54 21.52 1.57
N ARG A 144 2.16 21.18 0.44
CA ARG A 144 1.88 21.87 -0.82
C ARG A 144 0.43 21.74 -1.23
N VAL A 145 -0.10 20.52 -1.12
CA VAL A 145 -1.48 20.27 -1.50
C VAL A 145 -2.47 20.94 -0.54
N CYS A 146 -2.08 21.02 0.73
CA CYS A 146 -2.94 21.63 1.74
C CYS A 146 -3.27 23.07 1.38
N GLN A 147 -2.26 23.83 0.95
CA GLN A 147 -2.49 25.21 0.56
C GLN A 147 -3.44 25.28 -0.62
N ASN A 148 -3.26 24.34 -1.55
CA ASN A 148 -4.10 24.24 -2.73
C ASN A 148 -5.55 23.96 -2.36
N LYS A 149 -5.73 23.20 -1.28
CA LYS A 149 -7.06 22.81 -0.83
C LYS A 149 -7.64 21.85 -1.85
N PHE A 150 -7.94 22.38 -3.03
CA PHE A 150 -8.46 21.57 -4.12
C PHE A 150 -7.46 21.59 -5.27
N ILE A 151 -7.44 20.53 -6.05
CA ILE A 151 -6.53 20.44 -7.18
C ILE A 151 -7.32 20.36 -8.50
N ASP A 152 -6.88 21.12 -9.49
CA ASP A 152 -7.54 21.09 -10.80
C ASP A 152 -7.09 19.87 -11.58
N PHE A 153 -7.44 18.71 -11.06
CA PHE A 153 -7.05 17.43 -11.66
C PHE A 153 -7.66 17.18 -13.05
N LYS A 154 -8.97 17.08 -13.09
CA LYS A 154 -9.72 16.83 -14.34
C LYS A 154 -10.42 18.09 -14.80
N ASP A 155 -9.74 19.22 -14.65
CA ASP A 155 -10.34 20.52 -14.97
C ASP A 155 -11.55 20.69 -14.06
N ARG A 156 -11.40 20.16 -12.86
CA ARG A 156 -12.39 20.22 -11.81
C ARG A 156 -11.64 20.18 -10.49
N LYS A 157 -12.30 20.54 -9.40
CA LYS A 157 -11.62 20.55 -8.11
C LYS A 157 -11.88 19.28 -7.31
N ILE A 158 -10.79 18.77 -6.71
CA ILE A 158 -10.85 17.61 -5.85
C ILE A 158 -10.42 18.02 -4.46
N GLU A 159 -10.92 17.36 -3.43
CA GLU A 159 -10.54 17.74 -2.07
C GLU A 159 -9.57 16.71 -1.48
N ILE A 160 -8.51 17.21 -0.87
CA ILE A 160 -7.51 16.36 -0.26
C ILE A 160 -7.33 16.68 1.23
N LYS A 161 -7.40 15.64 2.06
CA LYS A 161 -7.26 15.81 3.49
C LYS A 161 -6.31 14.75 4.06
N ARG A 162 -5.47 15.15 5.03
CA ARG A 162 -4.53 14.22 5.63
C ARG A 162 -5.27 12.98 6.14
N ALA A 163 -4.58 11.84 6.16
CA ALA A 163 -5.18 10.58 6.61
C ALA A 163 -5.88 10.76 7.96
N GLU A 164 -7.01 10.09 8.12
CA GLU A 164 -7.79 10.17 9.34
C GLU A 164 -7.48 9.03 10.30
N PRO A 165 -7.59 9.27 11.62
CA PRO A 165 -7.34 8.26 12.65
C PRO A 165 -8.25 7.05 12.51
N ARG A 166 -9.35 7.21 11.78
CA ARG A 166 -10.33 6.13 11.58
C ARG A 166 -11.08 5.82 12.87
N HIS A 167 -10.35 5.42 13.90
CA HIS A 167 -10.95 5.09 15.19
C HIS A 167 -10.31 5.90 16.30
N LYS A 1 18.28 -10.40 8.75
CA LYS A 1 16.82 -10.31 8.99
C LYS A 1 16.25 -9.01 8.43
N GLU A 2 16.65 -7.89 9.03
CA GLU A 2 16.18 -6.59 8.58
C GLU A 2 16.60 -6.31 7.14
N SER A 3 17.74 -6.85 6.74
CA SER A 3 18.25 -6.65 5.40
C SER A 3 17.28 -7.18 4.35
N CYS A 4 16.46 -8.15 4.73
CA CYS A 4 15.49 -8.74 3.80
C CYS A 4 14.12 -8.87 4.46
N LYS A 5 13.25 -7.88 4.23
CA LYS A 5 11.90 -7.89 4.78
C LYS A 5 10.88 -7.41 3.75
N MET A 6 9.75 -8.09 3.69
CA MET A 6 8.68 -7.77 2.76
C MET A 6 7.43 -7.29 3.49
N PHE A 7 6.68 -6.38 2.86
CA PHE A 7 5.44 -5.88 3.45
C PHE A 7 4.25 -6.52 2.76
N ILE A 8 3.35 -7.10 3.53
CA ILE A 8 2.18 -7.76 2.95
C ILE A 8 0.89 -7.07 3.39
N GLY A 9 0.05 -6.76 2.42
CA GLY A 9 -1.22 -6.12 2.71
C GLY A 9 -2.35 -6.79 1.95
N GLY A 10 -3.57 -6.54 2.38
CA GLY A 10 -4.71 -7.14 1.70
C GLY A 10 -4.84 -8.62 2.01
N LEU A 11 -4.53 -8.97 3.25
CA LEU A 11 -4.58 -10.37 3.72
C LEU A 11 -5.97 -10.99 3.59
N ASN A 12 -7.01 -10.18 3.63
CA ASN A 12 -8.38 -10.70 3.58
C ASN A 12 -8.68 -11.43 4.88
N TRP A 13 -8.21 -10.84 5.98
CA TRP A 13 -8.41 -11.36 7.33
C TRP A 13 -8.50 -12.89 7.38
N ASP A 14 -7.68 -13.55 6.56
CA ASP A 14 -7.67 -15.02 6.53
C ASP A 14 -6.43 -15.58 5.82
N THR A 15 -5.41 -14.74 5.60
CA THR A 15 -4.19 -15.18 4.94
C THR A 15 -3.49 -16.28 5.72
N THR A 16 -3.50 -16.17 7.06
CA THR A 16 -2.85 -17.15 7.93
C THR A 16 -1.40 -17.39 7.52
N GLU A 17 -0.51 -17.42 8.50
CA GLU A 17 0.91 -17.65 8.24
C GLU A 17 1.13 -19.01 7.60
N ASP A 18 0.32 -19.99 7.95
CA ASP A 18 0.48 -21.32 7.38
C ASP A 18 0.33 -21.28 5.87
N ASN A 19 -0.67 -20.55 5.39
CA ASN A 19 -0.90 -20.42 3.96
C ASN A 19 0.09 -19.43 3.34
N LEU A 20 0.31 -18.33 4.06
CA LEU A 20 1.20 -17.28 3.64
C LEU A 20 2.65 -17.73 3.62
N ARG A 21 3.11 -18.35 4.69
CA ARG A 21 4.46 -18.83 4.76
C ARG A 21 4.71 -19.90 3.70
N GLU A 22 3.77 -20.82 3.57
CA GLU A 22 3.90 -21.88 2.59
C GLU A 22 3.84 -21.31 1.18
N TYR A 23 2.99 -20.31 0.99
CA TYR A 23 2.85 -19.67 -0.32
C TYR A 23 4.17 -19.04 -0.74
N PHE A 24 4.77 -18.29 0.17
CA PHE A 24 6.04 -17.64 -0.12
C PHE A 24 7.22 -18.58 0.07
N GLY A 25 6.97 -19.74 0.70
CA GLY A 25 8.03 -20.71 0.87
C GLY A 25 8.64 -21.05 -0.47
N LYS A 26 7.79 -20.97 -1.50
CA LYS A 26 8.17 -21.22 -2.87
C LYS A 26 9.33 -20.33 -3.29
N TYR A 27 9.22 -19.06 -2.94
CA TYR A 27 10.24 -18.07 -3.26
C TYR A 27 11.50 -18.29 -2.45
N GLY A 28 11.32 -18.76 -1.22
CA GLY A 28 12.46 -19.00 -0.36
C GLY A 28 12.08 -19.68 0.94
N THR A 29 13.09 -19.93 1.77
CA THR A 29 12.90 -20.57 3.06
C THR A 29 12.03 -19.74 3.99
N VAL A 30 12.10 -18.42 3.84
CA VAL A 30 11.35 -17.51 4.71
C VAL A 30 11.88 -17.68 6.15
N THR A 31 12.95 -16.95 6.44
CA THR A 31 13.59 -17.00 7.75
C THR A 31 12.64 -16.64 8.88
N ASP A 32 11.98 -15.50 8.74
CA ASP A 32 11.04 -15.02 9.75
C ASP A 32 9.90 -14.25 9.11
N LEU A 33 8.73 -14.88 9.07
CA LEU A 33 7.56 -14.28 8.49
C LEU A 33 6.67 -13.66 9.58
N LYS A 34 6.03 -12.54 9.25
CA LYS A 34 5.15 -11.82 10.19
C LYS A 34 3.79 -11.57 9.55
N ILE A 35 2.73 -11.94 10.25
CA ILE A 35 1.38 -11.74 9.74
C ILE A 35 0.58 -10.80 10.65
N MET A 36 1.12 -10.49 11.83
CA MET A 36 0.46 -9.62 12.80
C MET A 36 -0.98 -10.07 13.07
N LYS A 37 -1.47 -9.81 14.29
CA LYS A 37 -2.82 -10.21 14.67
C LYS A 37 -3.59 -9.09 15.38
N ASP A 38 -4.91 -9.25 15.45
CA ASP A 38 -5.78 -8.28 16.10
C ASP A 38 -6.62 -8.93 17.20
N PRO A 39 -6.01 -9.23 18.36
CA PRO A 39 -6.70 -9.87 19.49
C PRO A 39 -7.92 -9.08 19.97
N ALA A 40 -7.90 -7.77 19.74
CA ALA A 40 -9.00 -6.92 20.17
C ALA A 40 -10.27 -7.19 19.37
N THR A 41 -10.23 -6.87 18.07
CA THR A 41 -11.37 -7.09 17.21
C THR A 41 -11.56 -8.58 16.92
N GLY A 42 -10.50 -9.35 17.13
CA GLY A 42 -10.56 -10.79 16.89
C GLY A 42 -10.24 -11.14 15.45
N ARG A 43 -9.68 -10.18 14.71
CA ARG A 43 -9.32 -10.39 13.31
C ARG A 43 -7.84 -10.23 13.08
N SER A 44 -7.38 -10.63 11.90
CA SER A 44 -5.97 -10.52 11.56
C SER A 44 -5.59 -9.06 11.37
N ARG A 45 -4.33 -8.74 11.61
CA ARG A 45 -3.83 -7.39 11.46
C ARG A 45 -4.17 -6.84 10.08
N GLY A 46 -4.20 -7.75 9.10
CA GLY A 46 -4.53 -7.35 7.73
C GLY A 46 -3.30 -7.17 6.88
N PHE A 47 -2.14 -7.30 7.50
CA PHE A 47 -0.87 -7.16 6.82
C PHE A 47 0.18 -8.00 7.52
N GLY A 48 1.26 -8.31 6.80
CA GLY A 48 2.32 -9.13 7.37
C GLY A 48 3.66 -8.85 6.72
N PHE A 49 4.73 -9.02 7.48
CA PHE A 49 6.07 -8.80 6.94
C PHE A 49 6.77 -10.13 6.73
N LEU A 50 7.25 -10.37 5.52
CA LEU A 50 7.93 -11.64 5.23
C LEU A 50 9.44 -11.44 5.18
N SER A 51 10.17 -12.39 5.75
CA SER A 51 11.63 -12.32 5.74
C SER A 51 12.21 -13.57 5.10
N PHE A 52 13.17 -13.40 4.19
CA PHE A 52 13.79 -14.53 3.51
C PHE A 52 15.28 -14.61 3.81
N GLU A 53 15.77 -15.83 3.99
CA GLU A 53 17.19 -16.05 4.24
C GLU A 53 18.01 -15.53 3.06
N LYS A 54 17.44 -15.67 1.86
CA LYS A 54 18.08 -15.22 0.63
C LYS A 54 17.32 -14.04 0.03
N PRO A 55 17.95 -12.85 -0.03
CA PRO A 55 17.32 -11.64 -0.57
C PRO A 55 16.80 -11.81 -1.99
N SER A 56 17.34 -12.80 -2.71
CA SER A 56 16.93 -13.06 -4.09
C SER A 56 15.42 -13.31 -4.18
N SER A 57 14.87 -13.97 -3.16
CA SER A 57 13.43 -14.27 -3.13
C SER A 57 12.61 -12.98 -3.21
N VAL A 58 13.10 -11.93 -2.57
CA VAL A 58 12.41 -10.64 -2.56
C VAL A 58 12.28 -10.10 -3.98
N ASP A 59 13.33 -10.21 -4.77
CA ASP A 59 13.32 -9.72 -6.15
C ASP A 59 12.23 -10.40 -6.96
N GLU A 60 12.06 -11.71 -6.75
CA GLU A 60 11.05 -12.48 -7.46
C GLU A 60 9.65 -12.32 -6.84
N VAL A 61 9.61 -12.03 -5.54
CA VAL A 61 8.34 -11.87 -4.84
C VAL A 61 7.52 -10.71 -5.40
N VAL A 62 8.18 -9.58 -5.61
CA VAL A 62 7.51 -8.40 -6.13
C VAL A 62 6.87 -8.62 -7.51
N LYS A 63 7.54 -9.41 -8.34
CA LYS A 63 7.05 -9.67 -9.71
C LYS A 63 5.68 -10.36 -9.74
N THR A 64 5.42 -11.25 -8.77
CA THR A 64 4.16 -11.99 -8.73
C THR A 64 3.03 -11.18 -8.13
N GLN A 65 1.82 -11.35 -8.68
CA GLN A 65 0.63 -10.65 -8.18
C GLN A 65 0.28 -11.10 -6.77
N HIS A 66 0.49 -12.40 -6.52
CA HIS A 66 0.22 -13.00 -5.21
C HIS A 66 -1.26 -13.27 -4.95
N ILE A 67 -1.94 -13.82 -5.94
CA ILE A 67 -3.34 -14.18 -5.77
C ILE A 67 -3.40 -15.44 -4.93
N LEU A 68 -3.32 -15.25 -3.61
CA LEU A 68 -3.29 -16.36 -2.66
C LEU A 68 -4.67 -16.89 -2.32
N ASP A 69 -5.41 -16.15 -1.50
CA ASP A 69 -6.75 -16.56 -1.08
C ASP A 69 -7.83 -15.94 -1.97
N GLY A 70 -7.41 -15.38 -3.10
CA GLY A 70 -8.35 -14.74 -3.99
C GLY A 70 -8.44 -13.25 -3.75
N LYS A 71 -7.56 -12.74 -2.90
CA LYS A 71 -7.56 -11.33 -2.60
C LYS A 71 -6.25 -10.71 -3.05
N VAL A 72 -6.33 -9.54 -3.66
CA VAL A 72 -5.13 -8.87 -4.15
C VAL A 72 -4.26 -8.36 -3.01
N ILE A 73 -2.99 -8.75 -3.04
CA ILE A 73 -2.02 -8.32 -2.04
C ILE A 73 -0.84 -7.67 -2.73
N ASP A 74 -0.09 -6.84 -2.03
CA ASP A 74 1.06 -6.16 -2.64
C ASP A 74 2.33 -6.34 -1.82
N PRO A 75 2.95 -7.52 -1.91
CA PRO A 75 4.20 -7.83 -1.20
C PRO A 75 5.34 -6.94 -1.67
N LYS A 76 5.44 -5.75 -1.07
CA LYS A 76 6.50 -4.81 -1.42
C LYS A 76 7.62 -4.84 -0.40
N ARG A 77 8.81 -4.41 -0.80
CA ARG A 77 9.96 -4.40 0.08
C ARG A 77 9.73 -3.52 1.31
N ALA A 78 10.13 -4.01 2.46
CA ALA A 78 9.98 -3.29 3.73
C ALA A 78 10.72 -1.96 3.70
N ILE A 79 10.16 -0.95 4.36
CA ILE A 79 10.77 0.38 4.40
C ILE A 79 11.33 0.69 5.79
N PRO A 80 12.63 1.03 5.89
CA PRO A 80 13.23 1.35 7.18
C PRO A 80 12.44 2.46 7.87
N ARG A 81 12.34 2.38 9.20
CA ARG A 81 11.58 3.37 9.95
C ARG A 81 12.10 4.79 9.71
N ASP A 82 13.42 4.94 9.63
CA ASP A 82 13.99 6.27 9.39
C ASP A 82 13.56 6.82 8.03
N GLU A 83 13.57 5.96 7.02
CA GLU A 83 13.14 6.35 5.69
C GLU A 83 11.63 6.49 5.66
N GLN A 84 10.97 5.59 6.38
CA GLN A 84 9.52 5.56 6.48
C GLN A 84 8.98 6.86 7.08
N ASP A 85 9.67 7.38 8.09
CA ASP A 85 9.26 8.61 8.75
C ASP A 85 9.20 9.77 7.77
N LYS A 86 10.18 9.83 6.88
CA LYS A 86 10.24 10.89 5.88
C LYS A 86 9.01 10.86 4.97
N THR A 87 8.52 9.67 4.69
CA THR A 87 7.35 9.50 3.82
C THR A 87 6.06 9.70 4.60
N GLY A 88 4.97 9.94 3.87
CA GLY A 88 3.68 10.14 4.48
C GLY A 88 2.54 9.67 3.60
N LYS A 89 1.32 9.68 4.13
CA LYS A 89 0.15 9.25 3.38
C LYS A 89 -1.00 10.23 3.58
N ILE A 90 -1.64 10.66 2.49
CA ILE A 90 -2.75 11.60 2.60
C ILE A 90 -4.01 11.00 1.97
N PHE A 91 -5.15 11.59 2.33
CA PHE A 91 -6.44 11.14 1.83
C PHE A 91 -6.99 12.11 0.77
N VAL A 92 -7.53 11.55 -0.31
CA VAL A 92 -8.08 12.35 -1.40
C VAL A 92 -9.48 11.90 -1.82
N GLY A 93 -10.28 12.86 -2.26
CA GLY A 93 -11.63 12.55 -2.71
C GLY A 93 -11.90 13.15 -4.08
N GLY A 94 -12.97 12.72 -4.73
CA GLY A 94 -13.30 13.24 -6.05
C GLY A 94 -12.56 12.52 -7.15
N ILE A 95 -12.13 11.29 -6.87
CA ILE A 95 -11.40 10.51 -7.86
C ILE A 95 -12.16 10.38 -9.18
N GLY A 96 -13.42 10.00 -9.12
CA GLY A 96 -14.19 9.84 -10.35
C GLY A 96 -13.54 8.82 -11.28
N PRO A 97 -14.29 7.83 -11.79
CA PRO A 97 -13.73 6.80 -12.68
C PRO A 97 -12.99 7.39 -13.88
N ASP A 98 -13.37 8.60 -14.26
CA ASP A 98 -12.75 9.27 -15.40
C ASP A 98 -11.24 9.43 -15.23
N VAL A 99 -10.80 9.68 -14.00
CA VAL A 99 -9.38 9.88 -13.72
C VAL A 99 -8.54 8.62 -13.96
N ARG A 100 -9.10 7.46 -13.64
CA ARG A 100 -8.35 6.22 -13.81
C ARG A 100 -7.11 6.23 -12.91
N PRO A 101 -6.62 5.06 -12.50
CA PRO A 101 -5.46 4.95 -11.61
C PRO A 101 -4.21 5.65 -12.16
N LYS A 102 -4.08 5.68 -13.48
CA LYS A 102 -2.92 6.29 -14.11
C LYS A 102 -2.82 7.80 -13.85
N GLU A 103 -3.91 8.53 -14.07
CA GLU A 103 -3.93 9.98 -13.86
C GLU A 103 -3.74 10.34 -12.39
N PHE A 104 -4.29 9.53 -11.51
CA PHE A 104 -4.19 9.78 -10.08
C PHE A 104 -2.74 9.82 -9.61
N GLU A 105 -1.95 8.85 -10.06
CA GLU A 105 -0.56 8.79 -9.69
C GLU A 105 0.22 9.99 -10.23
N GLU A 106 -0.07 10.38 -11.47
CA GLU A 106 0.61 11.51 -12.09
C GLU A 106 0.11 12.85 -11.53
N PHE A 107 -1.17 12.92 -11.19
CA PHE A 107 -1.76 14.14 -10.65
C PHE A 107 -1.06 14.60 -9.37
N PHE A 108 -1.01 13.73 -8.38
CA PHE A 108 -0.37 14.03 -7.11
C PHE A 108 1.13 14.19 -7.29
N SER A 109 1.67 13.58 -8.33
CA SER A 109 3.11 13.64 -8.61
C SER A 109 3.58 15.08 -8.74
N GLN A 110 2.71 15.96 -9.21
CA GLN A 110 3.07 17.36 -9.40
C GLN A 110 3.62 17.98 -8.10
N TRP A 111 3.08 17.56 -6.95
CA TRP A 111 3.57 18.09 -5.68
C TRP A 111 4.12 16.96 -4.79
N GLY A 112 5.00 16.15 -5.37
CA GLY A 112 5.60 15.06 -4.64
C GLY A 112 5.94 13.87 -5.53
N THR A 113 7.03 13.19 -5.21
CA THR A 113 7.47 12.02 -5.98
C THR A 113 6.43 10.92 -6.00
N ILE A 114 5.75 10.72 -4.87
CA ILE A 114 4.72 9.69 -4.76
C ILE A 114 5.33 8.30 -4.73
N ILE A 115 5.78 7.84 -3.57
CA ILE A 115 6.37 6.51 -3.48
C ILE A 115 5.40 5.42 -3.91
N ASP A 116 4.11 5.57 -3.55
CA ASP A 116 3.11 4.57 -3.91
C ASP A 116 1.85 5.17 -4.51
N ALA A 117 0.92 5.61 -3.67
CA ALA A 117 -0.33 6.19 -4.14
C ALA A 117 -1.13 5.18 -4.95
N GLN A 118 -2.28 4.76 -4.41
CA GLN A 118 -3.11 3.79 -5.11
C GLN A 118 -4.60 4.14 -5.00
N LEU A 119 -5.37 3.66 -5.97
CA LEU A 119 -6.80 3.88 -6.03
C LEU A 119 -7.55 3.23 -4.88
N MET A 120 -7.07 2.07 -4.44
CA MET A 120 -7.70 1.31 -3.34
C MET A 120 -8.96 0.59 -3.78
N LEU A 121 -9.19 0.51 -5.09
CA LEU A 121 -10.38 -0.17 -5.59
C LEU A 121 -10.47 -1.60 -5.09
N ASP A 122 -11.54 -1.90 -4.35
CA ASP A 122 -11.77 -3.22 -3.79
C ASP A 122 -12.54 -4.09 -4.79
N LYS A 123 -11.92 -5.19 -5.20
CA LYS A 123 -12.54 -6.12 -6.13
C LYS A 123 -12.81 -5.45 -7.49
N ASP A 124 -13.83 -4.61 -7.54
CA ASP A 124 -14.18 -3.91 -8.78
C ASP A 124 -14.64 -2.49 -8.52
N THR A 125 -13.73 -1.54 -8.70
CA THR A 125 -14.04 -0.11 -8.52
C THR A 125 -14.85 0.15 -7.25
N GLY A 126 -14.39 -0.38 -6.12
CA GLY A 126 -15.09 -0.16 -4.87
C GLY A 126 -14.71 1.14 -4.21
N GLN A 127 -13.52 1.18 -3.62
CA GLN A 127 -13.00 2.38 -2.97
C GLN A 127 -12.89 3.52 -3.99
N SER A 128 -12.61 3.13 -5.23
CA SER A 128 -12.47 4.09 -6.32
C SER A 128 -13.79 4.81 -6.57
N ARG A 129 -13.74 5.87 -7.37
CA ARG A 129 -14.92 6.67 -7.68
C ARG A 129 -15.22 7.66 -6.56
N GLY A 130 -15.09 7.21 -5.31
CA GLY A 130 -15.35 8.07 -4.19
C GLY A 130 -14.11 8.74 -3.63
N PHE A 131 -13.07 7.95 -3.34
CA PHE A 131 -11.84 8.51 -2.79
C PHE A 131 -10.59 7.79 -3.32
N GLY A 132 -9.44 8.40 -3.06
CA GLY A 132 -8.17 7.81 -3.47
C GLY A 132 -7.12 7.92 -2.38
N PHE A 133 -6.10 7.07 -2.46
CA PHE A 133 -5.02 7.07 -1.48
C PHE A 133 -3.68 7.44 -2.12
N VAL A 134 -2.99 8.43 -1.56
CA VAL A 134 -1.69 8.85 -2.10
C VAL A 134 -0.60 8.79 -1.05
N THR A 135 0.56 8.26 -1.44
CA THR A 135 1.70 8.17 -0.54
C THR A 135 2.84 9.05 -1.06
N TYR A 136 3.47 9.80 -0.18
CA TYR A 136 4.57 10.67 -0.57
C TYR A 136 5.88 10.30 0.09
N ASP A 137 6.96 10.38 -0.68
CA ASP A 137 8.28 10.07 -0.18
C ASP A 137 8.66 11.04 0.93
N SER A 138 8.20 12.28 0.83
CA SER A 138 8.51 13.29 1.83
C SER A 138 7.26 13.87 2.47
N ALA A 139 7.36 14.19 3.75
CA ALA A 139 6.25 14.76 4.51
C ALA A 139 5.93 16.17 4.02
N ASP A 140 6.96 16.89 3.59
CA ASP A 140 6.79 18.26 3.11
C ASP A 140 5.80 18.31 1.94
N ALA A 141 5.84 17.30 1.08
CA ALA A 141 4.96 17.25 -0.07
C ALA A 141 3.49 17.21 0.37
N VAL A 142 3.22 16.50 1.46
CA VAL A 142 1.87 16.41 1.98
C VAL A 142 1.34 17.78 2.40
N ASP A 143 2.20 18.55 3.06
CA ASP A 143 1.83 19.89 3.52
C ASP A 143 1.44 20.82 2.37
N ARG A 144 2.12 20.68 1.23
CA ARG A 144 1.84 21.55 0.09
C ARG A 144 0.40 21.49 -0.35
N VAL A 145 -0.16 20.29 -0.40
CA VAL A 145 -1.54 20.11 -0.82
C VAL A 145 -2.51 20.67 0.21
N CYS A 146 -2.16 20.56 1.49
CA CYS A 146 -3.01 21.05 2.55
C CYS A 146 -3.33 22.53 2.41
N GLN A 147 -2.30 23.33 2.12
CA GLN A 147 -2.49 24.76 1.94
C GLN A 147 -3.41 25.02 0.76
N ASN A 148 -3.22 24.24 -0.29
CA ASN A 148 -4.01 24.35 -1.51
C ASN A 148 -5.49 24.04 -1.25
N LYS A 149 -5.75 23.14 -0.31
CA LYS A 149 -7.11 22.72 0.00
C LYS A 149 -7.65 21.92 -1.19
N PHE A 150 -8.01 22.64 -2.25
CA PHE A 150 -8.53 22.00 -3.45
C PHE A 150 -7.54 22.13 -4.60
N ILE A 151 -7.34 21.03 -5.31
CA ILE A 151 -6.45 21.03 -6.45
C ILE A 151 -7.24 20.67 -7.70
N ASP A 152 -6.98 21.38 -8.78
CA ASP A 152 -7.70 21.13 -10.03
C ASP A 152 -7.13 19.91 -10.73
N PHE A 153 -7.93 18.85 -10.79
CA PHE A 153 -7.49 17.62 -11.43
C PHE A 153 -7.87 17.58 -12.90
N LYS A 154 -9.07 17.07 -13.21
CA LYS A 154 -9.51 16.98 -14.58
C LYS A 154 -10.30 18.22 -14.99
N ASP A 155 -11.54 18.29 -14.50
CA ASP A 155 -12.42 19.42 -14.79
C ASP A 155 -13.07 19.96 -13.52
N ARG A 156 -13.02 19.17 -12.45
CA ARG A 156 -13.61 19.57 -11.17
C ARG A 156 -12.55 19.56 -10.07
N LYS A 157 -12.81 20.32 -9.01
CA LYS A 157 -11.86 20.40 -7.90
C LYS A 157 -11.98 19.18 -6.99
N ILE A 158 -10.83 18.73 -6.47
CA ILE A 158 -10.81 17.58 -5.58
C ILE A 158 -10.34 18.04 -4.20
N GLU A 159 -10.84 17.40 -3.15
CA GLU A 159 -10.45 17.78 -1.80
C GLU A 159 -9.49 16.75 -1.23
N ILE A 160 -8.42 17.24 -0.63
CA ILE A 160 -7.41 16.36 -0.06
C ILE A 160 -7.21 16.64 1.43
N LYS A 161 -7.30 15.59 2.23
CA LYS A 161 -7.14 15.71 3.67
C LYS A 161 -6.07 14.74 4.18
N ARG A 162 -5.46 15.08 5.31
CA ARG A 162 -4.43 14.22 5.89
C ARG A 162 -4.99 12.83 6.17
N ALA A 163 -4.15 11.81 6.02
CA ALA A 163 -4.57 10.43 6.25
C ALA A 163 -5.16 10.25 7.64
N GLU A 164 -6.15 9.38 7.74
CA GLU A 164 -6.81 9.09 9.00
C GLU A 164 -6.77 7.60 9.31
N PRO A 165 -5.67 7.13 9.94
CA PRO A 165 -5.51 5.72 10.27
C PRO A 165 -6.74 5.14 10.98
N ARG A 166 -7.06 3.90 10.65
CA ARG A 166 -8.22 3.24 11.24
C ARG A 166 -8.12 3.19 12.76
N HIS A 167 -6.90 3.03 13.27
CA HIS A 167 -6.67 2.97 14.71
C HIS A 167 -5.61 3.99 15.12
N LYS A 1 22.44 -1.17 6.09
CA LYS A 1 23.26 -1.38 4.86
C LYS A 1 22.47 -2.15 3.80
N GLU A 2 22.22 -3.43 4.08
CA GLU A 2 21.48 -4.28 3.15
C GLU A 2 20.05 -4.50 3.65
N SER A 3 19.09 -4.45 2.72
CA SER A 3 17.69 -4.63 3.07
C SER A 3 17.05 -5.71 2.20
N CYS A 4 16.00 -6.32 2.74
CA CYS A 4 15.27 -7.38 2.02
C CYS A 4 14.05 -7.81 2.82
N LYS A 5 13.13 -6.88 3.04
CA LYS A 5 11.92 -7.16 3.79
C LYS A 5 10.69 -6.67 3.03
N MET A 6 9.62 -7.44 3.08
CA MET A 6 8.39 -7.11 2.36
C MET A 6 7.21 -6.91 3.30
N PHE A 7 6.32 -5.99 2.90
CA PHE A 7 5.10 -5.71 3.66
C PHE A 7 3.93 -6.32 2.89
N ILE A 8 3.12 -7.12 3.56
CA ILE A 8 2.00 -7.74 2.88
C ILE A 8 0.69 -7.24 3.45
N GLY A 9 -0.11 -6.58 2.63
CA GLY A 9 -1.39 -6.07 3.10
C GLY A 9 -2.52 -7.05 2.89
N GLY A 10 -3.72 -6.66 3.31
CA GLY A 10 -4.91 -7.49 3.16
C GLY A 10 -4.63 -8.98 3.09
N LEU A 11 -4.42 -9.60 4.25
CA LEU A 11 -4.15 -11.04 4.32
C LEU A 11 -5.43 -11.86 4.34
N ASN A 12 -6.58 -11.20 4.27
CA ASN A 12 -7.86 -11.90 4.31
C ASN A 12 -7.99 -12.64 5.64
N TRP A 13 -7.58 -11.96 6.71
CA TRP A 13 -7.63 -12.48 8.09
C TRP A 13 -7.40 -13.99 8.18
N ASP A 14 -8.20 -14.78 7.46
CA ASP A 14 -8.08 -16.23 7.48
C ASP A 14 -6.66 -16.69 7.16
N THR A 15 -5.96 -15.97 6.29
CA THR A 15 -4.59 -16.34 5.92
C THR A 15 -3.67 -16.29 7.12
N THR A 16 -2.79 -17.28 7.20
CA THR A 16 -1.82 -17.36 8.29
C THR A 16 -0.42 -17.24 7.71
N GLU A 17 0.55 -17.03 8.57
CA GLU A 17 1.93 -16.93 8.13
C GLU A 17 2.32 -18.22 7.42
N ASP A 18 1.68 -19.32 7.80
CA ASP A 18 1.96 -20.60 7.17
C ASP A 18 1.63 -20.55 5.68
N ASN A 19 0.49 -19.96 5.36
CA ASN A 19 0.05 -19.82 3.98
C ASN A 19 0.97 -18.89 3.18
N LEU A 20 1.44 -17.84 3.84
CA LEU A 20 2.32 -16.86 3.18
C LEU A 20 3.53 -17.50 2.51
N ARG A 21 4.24 -18.36 3.23
CA ARG A 21 5.39 -19.03 2.63
C ARG A 21 4.93 -19.94 1.52
N GLU A 22 3.74 -20.53 1.68
CA GLU A 22 3.19 -21.41 0.68
C GLU A 22 2.99 -20.66 -0.64
N TYR A 23 2.49 -19.43 -0.53
CA TYR A 23 2.25 -18.58 -1.69
C TYR A 23 3.55 -18.01 -2.22
N PHE A 24 4.22 -17.26 -1.35
CA PHE A 24 5.48 -16.61 -1.66
C PHE A 24 6.62 -17.60 -1.84
N GLY A 25 6.46 -18.80 -1.29
CA GLY A 25 7.49 -19.82 -1.43
C GLY A 25 7.88 -20.03 -2.88
N LYS A 26 6.95 -19.71 -3.78
CA LYS A 26 7.17 -19.86 -5.21
C LYS A 26 8.43 -19.09 -5.65
N TYR A 27 8.59 -17.89 -5.09
CA TYR A 27 9.72 -17.03 -5.39
C TYR A 27 11.02 -17.60 -4.81
N GLY A 28 10.90 -18.27 -3.69
CA GLY A 28 12.05 -18.86 -3.04
C GLY A 28 11.73 -19.30 -1.63
N THR A 29 12.60 -18.95 -0.69
CA THR A 29 12.41 -19.29 0.69
C THR A 29 12.33 -18.03 1.54
N VAL A 30 11.42 -18.02 2.50
CA VAL A 30 11.27 -16.85 3.36
C VAL A 30 12.15 -17.01 4.60
N THR A 31 13.10 -16.09 4.75
CA THR A 31 14.02 -16.13 5.88
C THR A 31 13.29 -15.85 7.19
N ASP A 32 12.40 -14.87 7.17
CA ASP A 32 11.66 -14.51 8.37
C ASP A 32 10.36 -13.80 8.04
N LEU A 33 9.27 -14.56 8.04
CA LEU A 33 7.95 -14.00 7.77
C LEU A 33 7.26 -13.65 9.09
N LYS A 34 6.53 -12.54 9.10
CA LYS A 34 5.88 -12.06 10.30
C LYS A 34 4.41 -11.71 10.07
N ILE A 35 3.54 -12.26 10.91
CA ILE A 35 2.12 -11.95 10.86
C ILE A 35 1.67 -11.42 12.22
N MET A 36 0.99 -10.29 12.20
CA MET A 36 0.51 -9.68 13.42
C MET A 36 -0.92 -10.16 13.69
N LYS A 37 -1.19 -10.53 14.94
CA LYS A 37 -2.51 -11.02 15.30
C LYS A 37 -3.06 -10.35 16.56
N ASP A 38 -4.35 -10.57 16.81
CA ASP A 38 -5.03 -10.00 17.98
C ASP A 38 -5.70 -11.10 18.81
N PRO A 39 -4.95 -11.74 19.72
CA PRO A 39 -5.49 -12.80 20.57
C PRO A 39 -6.72 -12.36 21.35
N ALA A 40 -6.84 -11.05 21.57
CA ALA A 40 -7.97 -10.50 22.31
C ALA A 40 -9.25 -10.52 21.47
N THR A 41 -9.29 -9.66 20.46
CA THR A 41 -10.45 -9.59 19.57
C THR A 41 -10.53 -10.81 18.67
N GLY A 42 -9.40 -11.49 18.50
CA GLY A 42 -9.37 -12.67 17.65
C GLY A 42 -9.18 -12.32 16.18
N ARG A 43 -8.68 -11.12 15.92
CA ARG A 43 -8.45 -10.65 14.55
C ARG A 43 -7.00 -10.31 14.28
N SER A 44 -6.65 -10.21 13.01
CA SER A 44 -5.28 -9.90 12.61
C SER A 44 -5.19 -8.52 11.98
N ARG A 45 -4.00 -7.92 12.06
CA ARG A 45 -3.77 -6.59 11.49
C ARG A 45 -4.23 -6.55 10.04
N GLY A 46 -4.17 -7.69 9.37
CA GLY A 46 -4.56 -7.77 7.98
C GLY A 46 -3.36 -7.70 7.06
N PHE A 47 -2.19 -7.53 7.66
CA PHE A 47 -0.95 -7.46 6.93
C PHE A 47 0.15 -8.21 7.66
N GLY A 48 1.18 -8.58 6.92
CA GLY A 48 2.28 -9.29 7.51
C GLY A 48 3.59 -8.86 6.89
N PHE A 49 4.70 -9.15 7.56
CA PHE A 49 6.00 -8.79 7.03
C PHE A 49 6.69 -10.03 6.49
N LEU A 50 7.03 -10.00 5.22
CA LEU A 50 7.66 -11.13 4.56
C LEU A 50 9.13 -10.84 4.23
N SER A 51 10.01 -11.74 4.68
CA SER A 51 11.44 -11.57 4.45
C SER A 51 11.99 -12.73 3.62
N PHE A 52 12.88 -12.44 2.68
CA PHE A 52 13.47 -13.48 1.84
C PHE A 52 14.98 -13.53 2.00
N GLU A 53 15.55 -14.73 1.90
CA GLU A 53 16.98 -14.90 2.00
C GLU A 53 17.71 -14.18 0.86
N LYS A 54 17.09 -14.20 -0.31
CA LYS A 54 17.67 -13.55 -1.49
C LYS A 54 16.87 -12.31 -1.91
N PRO A 55 17.50 -11.14 -1.95
CA PRO A 55 16.83 -9.89 -2.33
C PRO A 55 16.18 -9.96 -3.71
N SER A 56 16.72 -10.82 -4.58
CA SER A 56 16.16 -10.97 -5.92
C SER A 56 14.70 -11.39 -5.86
N SER A 57 14.37 -12.22 -4.88
CA SER A 57 13.00 -12.68 -4.71
C SER A 57 12.06 -11.50 -4.51
N VAL A 58 12.56 -10.47 -3.82
CA VAL A 58 11.78 -9.27 -3.55
C VAL A 58 11.38 -8.59 -4.86
N ASP A 59 12.30 -8.54 -5.82
CA ASP A 59 12.03 -7.91 -7.10
C ASP A 59 10.83 -8.57 -7.78
N GLU A 60 10.81 -9.89 -7.75
CA GLU A 60 9.70 -10.65 -8.34
C GLU A 60 8.42 -10.46 -7.53
N VAL A 61 8.59 -10.34 -6.22
CA VAL A 61 7.45 -10.19 -5.33
C VAL A 61 6.64 -8.93 -5.65
N VAL A 62 7.31 -7.82 -5.91
CA VAL A 62 6.60 -6.58 -6.21
C VAL A 62 6.24 -6.44 -7.69
N LYS A 63 7.09 -6.99 -8.56
CA LYS A 63 6.86 -6.91 -10.00
C LYS A 63 5.53 -7.55 -10.41
N THR A 64 5.17 -8.62 -9.73
CA THR A 64 3.94 -9.36 -10.03
C THR A 64 2.80 -9.00 -9.08
N GLN A 65 1.58 -9.03 -9.60
CA GLN A 65 0.38 -8.75 -8.81
C GLN A 65 0.05 -10.00 -8.00
N HIS A 66 -0.35 -9.82 -6.74
CA HIS A 66 -0.64 -10.97 -5.90
C HIS A 66 -2.05 -11.02 -5.37
N ILE A 67 -2.69 -12.17 -5.56
CA ILE A 67 -4.03 -12.40 -5.04
C ILE A 67 -3.98 -13.62 -4.13
N LEU A 68 -4.25 -13.44 -2.84
CA LEU A 68 -4.22 -14.55 -1.91
C LEU A 68 -5.59 -14.77 -1.28
N ASP A 69 -6.07 -16.01 -1.36
CA ASP A 69 -7.38 -16.38 -0.81
C ASP A 69 -8.49 -15.46 -1.32
N GLY A 70 -8.39 -15.05 -2.58
CA GLY A 70 -9.41 -14.19 -3.16
C GLY A 70 -9.31 -12.73 -2.75
N LYS A 71 -8.19 -12.35 -2.16
CA LYS A 71 -7.98 -10.98 -1.71
C LYS A 71 -6.69 -10.39 -2.28
N VAL A 72 -6.64 -9.06 -2.36
CA VAL A 72 -5.46 -8.39 -2.87
C VAL A 72 -4.62 -7.87 -1.71
N ILE A 73 -3.33 -8.18 -1.74
CA ILE A 73 -2.42 -7.77 -0.68
C ILE A 73 -1.44 -6.69 -1.14
N ASP A 74 -1.09 -6.71 -2.42
CA ASP A 74 -0.16 -5.73 -2.98
C ASP A 74 1.07 -5.60 -2.09
N PRO A 75 1.98 -6.57 -2.18
CA PRO A 75 3.23 -6.59 -1.39
C PRO A 75 4.10 -5.37 -1.68
N LYS A 76 4.64 -4.77 -0.62
CA LYS A 76 5.50 -3.59 -0.76
C LYS A 76 6.71 -3.72 0.17
N ARG A 77 7.87 -3.28 -0.29
CA ARG A 77 9.08 -3.38 0.53
C ARG A 77 8.87 -2.80 1.93
N ALA A 78 9.45 -3.45 2.93
CA ALA A 78 9.34 -3.00 4.32
C ALA A 78 10.10 -1.69 4.54
N ILE A 79 9.53 -0.83 5.38
CA ILE A 79 10.16 0.45 5.69
C ILE A 79 10.47 0.55 7.18
N PRO A 80 11.72 0.89 7.55
CA PRO A 80 12.11 1.03 8.96
C PRO A 80 11.16 1.98 9.69
N ARG A 81 10.97 1.76 10.98
CA ARG A 81 10.06 2.61 11.75
C ARG A 81 10.43 4.08 11.59
N ASP A 82 11.74 4.37 11.61
CA ASP A 82 12.20 5.74 11.44
C ASP A 82 11.82 6.25 10.06
N GLU A 83 11.97 5.38 9.06
CA GLU A 83 11.65 5.75 7.68
C GLU A 83 10.16 6.00 7.49
N GLN A 84 9.33 5.23 8.18
CA GLN A 84 7.89 5.39 8.08
C GLN A 84 7.47 6.80 8.53
N ASP A 85 8.14 7.30 9.56
CA ASP A 85 7.86 8.63 10.08
C ASP A 85 8.08 9.70 9.02
N LYS A 86 9.15 9.52 8.24
CA LYS A 86 9.49 10.46 7.18
C LYS A 86 8.37 10.55 6.14
N THR A 87 7.71 9.42 5.89
CA THR A 87 6.63 9.37 4.91
C THR A 87 5.31 9.85 5.51
N GLY A 88 4.37 10.18 4.63
CA GLY A 88 3.06 10.63 5.08
C GLY A 88 1.99 10.41 4.04
N LYS A 89 1.11 9.44 4.29
CA LYS A 89 0.03 9.12 3.37
C LYS A 89 -1.14 10.09 3.54
N ILE A 90 -1.69 10.56 2.42
CA ILE A 90 -2.81 11.50 2.47
C ILE A 90 -4.05 10.93 1.80
N PHE A 91 -5.17 11.56 2.09
CA PHE A 91 -6.46 11.18 1.53
C PHE A 91 -6.87 12.12 0.41
N VAL A 92 -7.38 11.54 -0.68
CA VAL A 92 -7.80 12.33 -1.83
C VAL A 92 -9.20 11.94 -2.30
N GLY A 93 -9.94 12.93 -2.78
CA GLY A 93 -11.27 12.68 -3.28
C GLY A 93 -11.46 13.32 -4.64
N GLY A 94 -12.51 12.93 -5.36
CA GLY A 94 -12.75 13.49 -6.68
C GLY A 94 -12.24 12.60 -7.80
N ILE A 95 -11.63 11.47 -7.45
CA ILE A 95 -11.13 10.54 -8.47
C ILE A 95 -11.86 9.20 -8.37
N GLY A 96 -12.19 8.61 -9.52
CA GLY A 96 -12.88 7.33 -9.49
C GLY A 96 -13.25 6.78 -10.87
N PRO A 97 -14.54 6.90 -11.27
CA PRO A 97 -15.02 6.37 -12.56
C PRO A 97 -14.21 6.87 -13.75
N ASP A 98 -13.59 8.03 -13.59
CA ASP A 98 -12.77 8.60 -14.67
C ASP A 98 -11.44 9.05 -14.10
N VAL A 99 -10.44 8.19 -14.21
CA VAL A 99 -9.11 8.50 -13.70
C VAL A 99 -8.11 7.39 -13.96
N ARG A 100 -8.50 6.15 -13.68
CA ARG A 100 -7.60 5.02 -13.84
C ARG A 100 -6.50 5.15 -12.79
N PRO A 101 -6.25 4.10 -11.99
CA PRO A 101 -5.26 4.14 -10.93
C PRO A 101 -3.89 4.62 -11.42
N LYS A 102 -3.58 4.37 -12.69
CA LYS A 102 -2.31 4.80 -13.25
C LYS A 102 -2.16 6.32 -13.22
N GLU A 103 -3.23 7.03 -13.58
CA GLU A 103 -3.21 8.50 -13.58
C GLU A 103 -3.11 9.05 -12.16
N PHE A 104 -3.74 8.37 -11.23
CA PHE A 104 -3.73 8.80 -9.84
C PHE A 104 -2.33 8.89 -9.28
N GLU A 105 -1.53 7.84 -9.48
CA GLU A 105 -0.15 7.85 -9.02
C GLU A 105 0.61 8.92 -9.79
N GLU A 106 0.26 9.02 -11.07
CA GLU A 106 0.85 10.00 -11.97
C GLU A 106 0.53 11.43 -11.55
N PHE A 107 -0.69 11.64 -11.10
CA PHE A 107 -1.16 12.95 -10.69
C PHE A 107 -0.44 13.48 -9.45
N PHE A 108 -0.46 12.70 -8.38
CA PHE A 108 0.19 13.10 -7.13
C PHE A 108 1.71 13.21 -7.29
N SER A 109 2.26 12.45 -8.22
CA SER A 109 3.70 12.49 -8.48
C SER A 109 4.10 13.93 -8.76
N GLN A 110 3.13 14.69 -9.27
CA GLN A 110 3.31 16.09 -9.58
C GLN A 110 3.90 16.87 -8.40
N TRP A 111 3.50 16.52 -7.17
CA TRP A 111 4.03 17.18 -6.00
C TRP A 111 4.57 16.17 -4.99
N GLY A 112 5.48 15.32 -5.45
CA GLY A 112 6.07 14.32 -4.59
C GLY A 112 6.49 13.07 -5.35
N THR A 113 7.49 12.37 -4.82
CA THR A 113 7.99 11.16 -5.46
C THR A 113 6.99 10.02 -5.32
N ILE A 114 6.12 10.11 -4.32
CA ILE A 114 5.11 9.09 -4.07
C ILE A 114 5.75 7.71 -3.89
N ILE A 115 5.92 7.26 -2.65
CA ILE A 115 6.49 5.94 -2.44
C ILE A 115 5.62 4.88 -3.11
N ASP A 116 4.30 5.05 -3.01
CA ASP A 116 3.34 4.12 -3.61
C ASP A 116 1.91 4.61 -3.45
N ALA A 117 1.32 5.09 -4.54
CA ALA A 117 -0.07 5.58 -4.51
C ALA A 117 -1.01 4.53 -5.10
N GLN A 118 -2.14 4.30 -4.42
CA GLN A 118 -3.10 3.32 -4.90
C GLN A 118 -4.54 3.72 -4.60
N LEU A 119 -5.47 3.07 -5.32
CA LEU A 119 -6.89 3.33 -5.15
C LEU A 119 -7.50 2.44 -4.07
N MET A 120 -6.66 1.64 -3.39
CA MET A 120 -7.12 0.74 -2.33
C MET A 120 -7.69 -0.57 -2.90
N LEU A 121 -8.59 -0.45 -3.87
CA LEU A 121 -9.21 -1.63 -4.48
C LEU A 121 -9.69 -2.63 -3.44
N ASP A 122 -10.55 -2.17 -2.54
CA ASP A 122 -11.07 -3.06 -1.50
C ASP A 122 -12.16 -3.96 -2.08
N LYS A 123 -11.88 -5.26 -2.12
CA LYS A 123 -12.82 -6.25 -2.63
C LYS A 123 -13.46 -5.79 -3.94
N ASP A 124 -12.77 -4.93 -4.68
CA ASP A 124 -13.28 -4.43 -5.96
C ASP A 124 -14.68 -3.85 -5.81
N THR A 125 -14.89 -3.04 -4.77
CA THR A 125 -16.18 -2.43 -4.53
C THR A 125 -16.12 -1.41 -3.40
N GLY A 126 -15.33 -1.72 -2.38
CA GLY A 126 -15.18 -0.81 -1.24
C GLY A 126 -14.76 0.58 -1.64
N GLN A 127 -14.05 0.69 -2.77
CA GLN A 127 -13.57 1.97 -3.25
C GLN A 127 -13.76 2.11 -4.75
N SER A 128 -13.69 3.36 -5.22
CA SER A 128 -13.84 3.73 -6.65
C SER A 128 -14.99 4.71 -6.83
N ARG A 129 -15.75 4.93 -5.76
CA ARG A 129 -16.88 5.85 -5.81
C ARG A 129 -16.41 7.25 -6.23
N GLY A 130 -15.20 7.61 -5.83
CA GLY A 130 -14.66 8.90 -6.19
C GLY A 130 -13.56 9.38 -5.27
N PHE A 131 -12.71 8.46 -4.79
CA PHE A 131 -11.61 8.84 -3.91
C PHE A 131 -10.38 7.98 -4.18
N GLY A 132 -9.22 8.42 -3.67
CA GLY A 132 -8.00 7.66 -3.86
C GLY A 132 -7.05 7.76 -2.67
N PHE A 133 -6.05 6.88 -2.63
CA PHE A 133 -5.07 6.88 -1.55
C PHE A 133 -3.64 7.09 -2.09
N VAL A 134 -2.97 8.14 -1.62
CA VAL A 134 -1.59 8.40 -2.05
C VAL A 134 -0.64 8.47 -0.87
N THR A 135 0.53 7.86 -1.05
CA THR A 135 1.55 7.87 -0.01
C THR A 135 2.78 8.62 -0.50
N TYR A 136 3.34 9.47 0.35
CA TYR A 136 4.50 10.26 -0.02
C TYR A 136 5.71 9.88 0.81
N ASP A 137 6.85 9.78 0.15
CA ASP A 137 8.10 9.44 0.81
C ASP A 137 8.45 10.51 1.83
N SER A 138 8.10 11.75 1.50
CA SER A 138 8.39 12.88 2.39
C SER A 138 7.14 13.64 2.77
N ALA A 139 7.07 14.04 4.03
CA ALA A 139 5.94 14.80 4.54
C ALA A 139 5.82 16.15 3.85
N ASP A 140 6.96 16.71 3.46
CA ASP A 140 6.99 18.01 2.79
C ASP A 140 6.09 18.02 1.56
N ALA A 141 6.08 16.91 0.83
CA ALA A 141 5.25 16.79 -0.37
C ALA A 141 3.77 16.93 -0.01
N VAL A 142 3.39 16.37 1.14
CA VAL A 142 2.01 16.44 1.60
C VAL A 142 1.57 17.89 1.82
N ASP A 143 2.45 18.68 2.42
CA ASP A 143 2.15 20.08 2.70
C ASP A 143 1.86 20.87 1.43
N ARG A 144 2.56 20.55 0.35
CA ARG A 144 2.37 21.27 -0.91
C ARG A 144 0.93 21.22 -1.39
N VAL A 145 0.34 20.06 -1.31
CA VAL A 145 -1.03 19.87 -1.76
C VAL A 145 -2.02 20.58 -0.84
N CYS A 146 -1.70 20.63 0.45
CA CYS A 146 -2.56 21.27 1.43
C CYS A 146 -2.84 22.73 1.07
N GLN A 147 -1.79 23.46 0.70
CA GLN A 147 -1.96 24.85 0.32
C GLN A 147 -2.87 24.98 -0.89
N ASN A 148 -2.67 24.07 -1.85
CA ASN A 148 -3.45 24.05 -3.08
C ASN A 148 -4.93 23.79 -2.82
N LYS A 149 -5.23 23.01 -1.78
CA LYS A 149 -6.62 22.64 -1.47
C LYS A 149 -7.15 21.73 -2.58
N PHE A 150 -7.47 22.33 -3.72
CA PHE A 150 -7.95 21.56 -4.87
C PHE A 150 -6.91 21.57 -5.97
N ILE A 151 -6.68 20.42 -6.56
CA ILE A 151 -5.74 20.32 -7.64
C ILE A 151 -6.47 19.89 -8.91
N ASP A 152 -6.12 20.52 -10.02
CA ASP A 152 -6.78 20.23 -11.29
C ASP A 152 -6.33 18.87 -11.84
N PHE A 153 -7.14 17.84 -11.60
CA PHE A 153 -6.82 16.51 -12.09
C PHE A 153 -7.67 16.19 -13.32
N LYS A 154 -8.93 15.91 -13.05
CA LYS A 154 -9.88 15.59 -14.11
C LYS A 154 -10.64 16.86 -14.49
N ASP A 155 -11.70 16.70 -15.24
CA ASP A 155 -12.52 17.84 -15.65
C ASP A 155 -12.92 18.68 -14.44
N ARG A 156 -13.02 18.03 -13.28
CA ARG A 156 -13.42 18.71 -12.05
C ARG A 156 -12.30 18.69 -11.01
N LYS A 157 -12.39 19.59 -10.04
CA LYS A 157 -11.39 19.69 -8.97
C LYS A 157 -11.48 18.53 -8.01
N ILE A 158 -10.34 18.14 -7.46
CA ILE A 158 -10.28 17.07 -6.49
C ILE A 158 -9.82 17.64 -5.16
N GLU A 159 -10.35 17.13 -4.06
CA GLU A 159 -9.96 17.63 -2.75
C GLU A 159 -9.02 16.66 -2.07
N ILE A 160 -7.95 17.17 -1.50
CA ILE A 160 -6.98 16.34 -0.81
C ILE A 160 -6.81 16.74 0.64
N LYS A 161 -6.96 15.77 1.53
CA LYS A 161 -6.84 16.01 2.96
C LYS A 161 -5.90 14.98 3.60
N ARG A 162 -5.31 15.34 4.73
CA ARG A 162 -4.40 14.43 5.43
C ARG A 162 -5.09 13.11 5.74
N ALA A 163 -4.32 12.03 5.74
CA ALA A 163 -4.87 10.70 6.01
C ALA A 163 -5.62 10.66 7.34
N GLU A 164 -6.68 9.87 7.38
CA GLU A 164 -7.48 9.72 8.58
C GLU A 164 -7.42 8.30 9.12
N PRO A 165 -6.61 8.06 10.18
CA PRO A 165 -6.47 6.74 10.78
C PRO A 165 -7.81 6.15 11.20
N ARG A 166 -8.81 7.01 11.36
CA ARG A 166 -10.18 6.63 11.77
C ARG A 166 -10.35 6.72 13.28
N HIS A 167 -9.30 7.13 13.98
CA HIS A 167 -9.34 7.26 15.43
C HIS A 167 -9.80 5.96 16.09
N LYS A 1 20.26 -7.43 3.23
CA LYS A 1 19.54 -8.04 4.39
C LYS A 1 18.10 -7.54 4.47
N GLU A 2 17.92 -6.32 4.99
CA GLU A 2 16.60 -5.74 5.12
C GLU A 2 15.89 -5.63 3.78
N SER A 3 16.67 -5.38 2.73
CA SER A 3 16.11 -5.24 1.38
C SER A 3 15.33 -6.49 1.00
N CYS A 4 15.82 -7.64 1.43
CA CYS A 4 15.15 -8.91 1.14
C CYS A 4 13.74 -8.92 1.72
N LYS A 5 13.55 -8.18 2.80
CA LYS A 5 12.25 -8.10 3.47
C LYS A 5 11.18 -7.52 2.56
N MET A 6 9.99 -8.09 2.64
CA MET A 6 8.85 -7.68 1.83
C MET A 6 7.67 -7.25 2.70
N PHE A 7 6.88 -6.32 2.18
CA PHE A 7 5.70 -5.85 2.87
C PHE A 7 4.47 -6.43 2.19
N ILE A 8 3.58 -7.03 2.94
CA ILE A 8 2.40 -7.63 2.35
C ILE A 8 1.13 -6.91 2.81
N GLY A 9 0.30 -6.49 1.85
CA GLY A 9 -0.92 -5.81 2.20
C GLY A 9 -2.10 -6.40 1.47
N GLY A 10 -3.30 -6.12 1.97
CA GLY A 10 -4.48 -6.65 1.34
C GLY A 10 -4.67 -8.12 1.68
N LEU A 11 -4.16 -8.53 2.84
CA LEU A 11 -4.26 -9.91 3.26
C LEU A 11 -5.58 -10.17 3.98
N ASN A 12 -6.17 -11.33 3.71
CA ASN A 12 -7.42 -11.70 4.36
C ASN A 12 -7.17 -11.82 5.86
N TRP A 13 -8.07 -11.30 6.66
CA TRP A 13 -7.90 -11.33 8.10
C TRP A 13 -7.61 -12.75 8.58
N ASP A 14 -8.10 -13.74 7.83
CA ASP A 14 -7.86 -15.14 8.17
C ASP A 14 -6.61 -15.69 7.46
N THR A 15 -5.85 -14.81 6.81
CA THR A 15 -4.64 -15.22 6.09
C THR A 15 -3.66 -15.98 6.97
N THR A 16 -3.53 -15.56 8.23
CA THR A 16 -2.59 -16.20 9.15
C THR A 16 -1.18 -16.23 8.55
N GLU A 17 -0.17 -16.09 9.39
CA GLU A 17 1.21 -16.08 8.94
C GLU A 17 1.57 -17.41 8.28
N ASP A 18 0.97 -18.49 8.77
CA ASP A 18 1.25 -19.82 8.24
C ASP A 18 0.97 -19.90 6.73
N ASN A 19 -0.13 -19.30 6.30
CA ASN A 19 -0.49 -19.31 4.89
C ASN A 19 0.54 -18.57 4.02
N LEU A 20 1.10 -17.49 4.57
CA LEU A 20 2.08 -16.70 3.82
C LEU A 20 3.25 -17.53 3.30
N ARG A 21 3.87 -18.32 4.15
CA ARG A 21 4.99 -19.14 3.70
C ARG A 21 4.50 -20.15 2.68
N GLU A 22 3.29 -20.67 2.89
CA GLU A 22 2.73 -21.63 1.96
C GLU A 22 2.46 -20.97 0.61
N TYR A 23 1.88 -19.77 0.66
CA TYR A 23 1.57 -19.00 -0.55
C TYR A 23 2.84 -18.56 -1.27
N PHE A 24 3.76 -18.02 -0.51
CA PHE A 24 5.02 -17.52 -1.07
C PHE A 24 6.11 -18.58 -1.06
N GLY A 25 5.79 -19.76 -0.54
CA GLY A 25 6.75 -20.85 -0.50
C GLY A 25 7.19 -21.29 -1.89
N LYS A 26 6.30 -21.11 -2.86
CA LYS A 26 6.56 -21.51 -4.25
C LYS A 26 7.81 -20.80 -4.79
N TYR A 27 7.95 -19.56 -4.38
CA TYR A 27 9.03 -18.70 -4.80
C TYR A 27 10.39 -19.18 -4.28
N GLY A 28 10.36 -19.81 -3.11
CA GLY A 28 11.58 -20.32 -2.53
C GLY A 28 11.42 -20.66 -1.06
N THR A 29 12.29 -20.10 -0.25
CA THR A 29 12.24 -20.31 1.18
C THR A 29 12.03 -18.99 1.88
N VAL A 30 11.23 -18.99 2.94
CA VAL A 30 10.96 -17.76 3.68
C VAL A 30 11.70 -17.79 5.01
N THR A 31 12.44 -16.72 5.28
CA THR A 31 13.22 -16.62 6.50
C THR A 31 12.40 -16.11 7.68
N ASP A 32 11.59 -15.08 7.45
CA ASP A 32 10.79 -14.52 8.54
C ASP A 32 9.37 -14.16 8.11
N LEU A 33 8.42 -14.52 8.97
CA LEU A 33 7.01 -14.25 8.73
C LEU A 33 6.47 -13.30 9.79
N LYS A 34 5.82 -12.22 9.38
CA LYS A 34 5.29 -11.29 10.35
C LYS A 34 3.91 -10.73 10.00
N ILE A 35 2.93 -11.09 10.81
CA ILE A 35 1.58 -10.57 10.70
C ILE A 35 1.18 -10.02 12.06
N MET A 36 0.74 -8.76 12.09
CA MET A 36 0.36 -8.15 13.36
C MET A 36 -1.06 -8.56 13.76
N LYS A 37 -1.17 -9.79 14.27
CA LYS A 37 -2.47 -10.32 14.69
C LYS A 37 -2.94 -9.67 15.98
N ASP A 38 -4.25 -9.41 16.06
CA ASP A 38 -4.83 -8.80 17.25
C ASP A 38 -5.32 -9.85 18.23
N PRO A 39 -4.54 -10.13 19.29
CA PRO A 39 -4.90 -11.13 20.31
C PRO A 39 -6.18 -10.77 21.05
N ALA A 40 -6.48 -9.47 21.14
CA ALA A 40 -7.67 -9.02 21.83
C ALA A 40 -8.94 -9.27 21.01
N THR A 41 -9.15 -8.44 19.99
CA THR A 41 -10.32 -8.58 19.13
C THR A 41 -10.23 -9.82 18.26
N GLY A 42 -9.01 -10.30 18.06
CA GLY A 42 -8.82 -11.49 17.23
C GLY A 42 -8.85 -11.17 15.75
N ARG A 43 -8.53 -9.93 15.40
CA ARG A 43 -8.53 -9.49 14.01
C ARG A 43 -7.13 -9.18 13.53
N SER A 44 -6.75 -9.75 12.39
CA SER A 44 -5.43 -9.51 11.82
C SER A 44 -5.26 -8.07 11.38
N ARG A 45 -4.02 -7.59 11.41
CA ARG A 45 -3.70 -6.23 11.01
C ARG A 45 -4.11 -6.02 9.55
N GLY A 46 -4.09 -7.11 8.78
CA GLY A 46 -4.45 -7.05 7.37
C GLY A 46 -3.25 -7.04 6.45
N PHE A 47 -2.08 -6.89 7.04
CA PHE A 47 -0.84 -6.87 6.29
C PHE A 47 0.27 -7.54 7.11
N GLY A 48 1.27 -8.06 6.42
CA GLY A 48 2.35 -8.71 7.10
C GLY A 48 3.67 -8.47 6.40
N PHE A 49 4.77 -8.74 7.10
CA PHE A 49 6.07 -8.55 6.52
C PHE A 49 6.67 -9.91 6.17
N LEU A 50 7.02 -10.07 4.91
CA LEU A 50 7.55 -11.32 4.40
C LEU A 50 9.05 -11.20 4.10
N SER A 51 9.85 -12.09 4.68
CA SER A 51 11.30 -12.06 4.46
C SER A 51 11.78 -13.36 3.81
N PHE A 52 12.62 -13.23 2.79
CA PHE A 52 13.15 -14.40 2.09
C PHE A 52 14.65 -14.53 2.26
N GLU A 53 15.10 -15.78 2.47
CA GLU A 53 16.52 -16.04 2.62
C GLU A 53 17.26 -15.66 1.33
N LYS A 54 16.59 -15.87 0.19
CA LYS A 54 17.16 -15.54 -1.10
C LYS A 54 16.46 -14.33 -1.71
N PRO A 55 17.20 -13.23 -1.94
CA PRO A 55 16.63 -11.99 -2.50
C PRO A 55 15.96 -12.22 -3.86
N SER A 56 16.34 -13.30 -4.55
CA SER A 56 15.78 -13.61 -5.86
C SER A 56 14.26 -13.76 -5.78
N SER A 57 13.78 -14.32 -4.69
CA SER A 57 12.34 -14.51 -4.51
C SER A 57 11.61 -13.18 -4.55
N VAL A 58 12.24 -12.14 -4.03
CA VAL A 58 11.65 -10.82 -4.02
C VAL A 58 11.39 -10.32 -5.44
N ASP A 59 12.35 -10.54 -6.33
CA ASP A 59 12.20 -10.12 -7.72
C ASP A 59 10.98 -10.76 -8.37
N GLU A 60 10.77 -12.05 -8.10
CA GLU A 60 9.63 -12.77 -8.65
C GLU A 60 8.33 -12.40 -7.95
N VAL A 61 8.44 -12.02 -6.67
CA VAL A 61 7.26 -11.64 -5.90
C VAL A 61 6.60 -10.42 -6.52
N VAL A 62 7.41 -9.45 -6.92
CA VAL A 62 6.90 -8.23 -7.51
C VAL A 62 6.16 -8.47 -8.84
N LYS A 63 6.72 -9.37 -9.65
CA LYS A 63 6.12 -9.68 -10.96
C LYS A 63 4.68 -10.19 -10.85
N THR A 64 4.42 -11.00 -9.83
CA THR A 64 3.08 -11.56 -9.63
C THR A 64 2.15 -10.59 -8.91
N GLN A 65 0.90 -10.55 -9.36
CA GLN A 65 -0.11 -9.68 -8.74
C GLN A 65 -0.40 -10.12 -7.31
N HIS A 66 -0.46 -11.45 -7.13
CA HIS A 66 -0.69 -12.06 -5.81
C HIS A 66 -2.15 -12.12 -5.40
N ILE A 67 -2.78 -13.27 -5.61
CA ILE A 67 -4.14 -13.47 -5.17
C ILE A 67 -4.15 -14.56 -4.10
N LEU A 68 -4.42 -14.17 -2.86
CA LEU A 68 -4.41 -15.13 -1.76
C LEU A 68 -5.79 -15.26 -1.12
N ASP A 69 -6.27 -16.50 -0.99
CA ASP A 69 -7.56 -16.79 -0.38
C ASP A 69 -8.68 -15.91 -0.95
N GLY A 70 -8.64 -15.66 -2.26
CA GLY A 70 -9.67 -14.86 -2.89
C GLY A 70 -9.45 -13.37 -2.77
N LYS A 71 -8.30 -12.98 -2.25
CA LYS A 71 -7.96 -11.56 -2.08
C LYS A 71 -6.71 -11.20 -2.85
N VAL A 72 -6.61 -9.94 -3.26
CA VAL A 72 -5.46 -9.46 -4.01
C VAL A 72 -4.56 -8.63 -3.12
N ILE A 73 -3.27 -8.90 -3.16
CA ILE A 73 -2.29 -8.19 -2.37
C ILE A 73 -1.20 -7.57 -3.24
N ASP A 74 -0.51 -6.57 -2.70
CA ASP A 74 0.55 -5.91 -3.44
C ASP A 74 1.85 -5.93 -2.66
N PRO A 75 2.54 -7.08 -2.68
CA PRO A 75 3.82 -7.26 -1.98
C PRO A 75 4.88 -6.28 -2.48
N LYS A 76 5.46 -5.52 -1.56
CA LYS A 76 6.50 -4.54 -1.91
C LYS A 76 7.66 -4.63 -0.94
N ARG A 77 8.85 -4.25 -1.39
CA ARG A 77 10.04 -4.31 -0.55
C ARG A 77 9.85 -3.52 0.74
N ALA A 78 10.31 -4.09 1.85
CA ALA A 78 10.20 -3.46 3.16
C ALA A 78 11.01 -2.16 3.23
N ILE A 79 10.49 -1.19 3.98
CA ILE A 79 11.17 0.10 4.14
C ILE A 79 11.62 0.30 5.59
N PRO A 80 12.85 0.77 5.82
CA PRO A 80 13.35 1.00 7.18
C PRO A 80 12.43 1.93 7.94
N ARG A 81 12.20 1.62 9.22
CA ARG A 81 11.30 2.43 10.05
C ARG A 81 11.73 3.89 10.11
N ASP A 82 13.02 4.15 10.22
CA ASP A 82 13.50 5.53 10.30
C ASP A 82 13.12 6.28 9.04
N GLU A 83 13.36 5.66 7.88
CA GLU A 83 13.01 6.26 6.61
C GLU A 83 11.50 6.30 6.46
N GLN A 84 10.87 5.23 6.93
CA GLN A 84 9.43 5.07 6.87
C GLN A 84 8.72 6.19 7.62
N ASP A 85 9.27 6.57 8.76
CA ASP A 85 8.69 7.63 9.58
C ASP A 85 8.62 8.95 8.80
N LYS A 86 9.68 9.24 8.05
CA LYS A 86 9.73 10.47 7.26
C LYS A 86 8.63 10.52 6.21
N THR A 87 8.30 9.36 5.64
CA THR A 87 7.29 9.27 4.61
C THR A 87 5.88 9.18 5.20
N GLY A 88 4.89 9.46 4.36
CA GLY A 88 3.50 9.41 4.77
C GLY A 88 2.56 9.41 3.58
N LYS A 89 1.27 9.21 3.82
CA LYS A 89 0.30 9.20 2.73
C LYS A 89 -0.95 10.00 3.09
N ILE A 90 -1.61 10.56 2.07
CA ILE A 90 -2.80 11.37 2.29
C ILE A 90 -4.03 10.78 1.60
N PHE A 91 -5.19 11.29 1.98
CA PHE A 91 -6.46 10.85 1.42
C PHE A 91 -6.97 11.83 0.37
N VAL A 92 -7.39 11.27 -0.75
CA VAL A 92 -7.93 12.08 -1.85
C VAL A 92 -9.26 11.52 -2.33
N GLY A 93 -10.16 12.41 -2.71
CA GLY A 93 -11.45 12.00 -3.20
C GLY A 93 -11.75 12.61 -4.54
N GLY A 94 -12.80 12.15 -5.20
CA GLY A 94 -13.14 12.69 -6.50
C GLY A 94 -12.48 11.94 -7.63
N ILE A 95 -11.96 10.74 -7.33
CA ILE A 95 -11.30 9.95 -8.34
C ILE A 95 -12.12 8.70 -8.69
N GLY A 96 -12.31 8.48 -9.98
CA GLY A 96 -13.07 7.33 -10.43
C GLY A 96 -13.04 7.17 -11.94
N PRO A 97 -14.11 7.57 -12.64
CA PRO A 97 -14.17 7.45 -14.11
C PRO A 97 -13.16 8.36 -14.81
N ASP A 98 -12.55 7.81 -15.87
CA ASP A 98 -11.58 8.55 -16.68
C ASP A 98 -10.42 9.13 -15.86
N VAL A 99 -9.85 8.34 -14.96
CA VAL A 99 -8.71 8.80 -14.16
C VAL A 99 -7.52 7.86 -14.29
N ARG A 100 -7.78 6.57 -14.13
CA ARG A 100 -6.72 5.56 -14.22
C ARG A 100 -5.61 5.88 -13.21
N PRO A 101 -5.11 4.86 -12.50
CA PRO A 101 -4.07 5.04 -11.47
C PRO A 101 -2.82 5.75 -11.99
N LYS A 102 -2.55 5.62 -13.29
CA LYS A 102 -1.36 6.27 -13.87
C LYS A 102 -1.39 7.79 -13.68
N GLU A 103 -2.52 8.40 -14.01
CA GLU A 103 -2.66 9.85 -13.85
C GLU A 103 -2.66 10.24 -12.38
N PHE A 104 -3.25 9.40 -11.54
CA PHE A 104 -3.31 9.66 -10.11
C PHE A 104 -1.91 9.77 -9.52
N GLU A 105 -1.04 8.83 -9.90
CA GLU A 105 0.33 8.83 -9.40
C GLU A 105 1.10 10.04 -9.89
N GLU A 106 0.87 10.42 -11.15
CA GLU A 106 1.55 11.59 -11.72
C GLU A 106 0.93 12.88 -11.20
N PHE A 107 -0.37 12.84 -10.89
CA PHE A 107 -1.06 14.00 -10.38
C PHE A 107 -0.43 14.53 -9.09
N PHE A 108 -0.36 13.66 -8.10
CA PHE A 108 0.21 14.01 -6.80
C PHE A 108 1.72 14.24 -6.90
N SER A 109 2.34 13.69 -7.93
CA SER A 109 3.77 13.89 -8.16
C SER A 109 4.06 15.38 -8.19
N GLN A 110 3.02 16.13 -8.57
CA GLN A 110 3.08 17.57 -8.65
C GLN A 110 3.71 18.19 -7.41
N TRP A 111 3.40 17.63 -6.24
CA TRP A 111 3.94 18.15 -4.99
C TRP A 111 4.50 17.02 -4.13
N GLY A 112 5.42 16.26 -4.69
CA GLY A 112 6.03 15.17 -3.95
C GLY A 112 6.49 14.04 -4.85
N THR A 113 7.60 13.41 -4.48
CA THR A 113 8.15 12.30 -5.25
C THR A 113 7.14 11.16 -5.37
N ILE A 114 6.37 10.95 -4.30
CA ILE A 114 5.38 9.89 -4.27
C ILE A 114 6.04 8.51 -4.27
N ILE A 115 6.40 8.00 -3.10
CA ILE A 115 7.03 6.69 -3.04
C ILE A 115 6.14 5.63 -3.71
N ASP A 116 4.85 5.67 -3.41
CA ASP A 116 3.90 4.73 -3.99
C ASP A 116 2.45 5.15 -3.77
N ALA A 117 1.82 5.65 -4.81
CA ALA A 117 0.41 6.08 -4.72
C ALA A 117 -0.52 5.02 -5.29
N GLN A 118 -1.62 4.76 -4.61
CA GLN A 118 -2.58 3.75 -5.07
C GLN A 118 -4.02 4.22 -4.87
N LEU A 119 -4.88 3.82 -5.80
CA LEU A 119 -6.29 4.15 -5.74
C LEU A 119 -6.98 3.46 -4.58
N MET A 120 -6.58 2.20 -4.33
CA MET A 120 -7.13 1.34 -3.28
C MET A 120 -8.11 0.34 -3.89
N LEU A 121 -7.77 -0.94 -3.81
CA LEU A 121 -8.60 -1.99 -4.40
C LEU A 121 -9.03 -3.04 -3.38
N ASP A 122 -10.28 -3.49 -3.51
CA ASP A 122 -10.84 -4.53 -2.66
C ASP A 122 -12.03 -5.18 -3.38
N LYS A 123 -11.77 -6.27 -4.07
CA LYS A 123 -12.82 -6.95 -4.84
C LYS A 123 -13.24 -6.09 -6.04
N ASP A 124 -12.24 -5.61 -6.77
CA ASP A 124 -12.46 -4.77 -7.94
C ASP A 124 -13.05 -3.41 -7.57
N THR A 125 -14.31 -3.41 -7.14
CA THR A 125 -14.99 -2.18 -6.76
C THR A 125 -14.42 -1.61 -5.47
N GLY A 126 -13.65 -2.42 -4.75
CA GLY A 126 -13.07 -1.99 -3.49
C GLY A 126 -12.27 -0.71 -3.60
N GLN A 127 -12.63 0.25 -2.76
CA GLN A 127 -11.96 1.54 -2.68
C GLN A 127 -11.63 2.07 -4.08
N SER A 128 -12.54 1.82 -5.02
CA SER A 128 -12.34 2.25 -6.40
C SER A 128 -13.55 3.05 -6.88
N ARG A 129 -13.33 3.87 -7.91
CA ARG A 129 -14.40 4.70 -8.46
C ARG A 129 -14.96 5.61 -7.38
N GLY A 130 -14.07 6.13 -6.54
CA GLY A 130 -14.50 6.99 -5.45
C GLY A 130 -13.37 7.85 -4.91
N PHE A 131 -12.40 7.22 -4.25
CA PHE A 131 -11.28 7.95 -3.66
C PHE A 131 -9.96 7.23 -3.90
N GLY A 132 -8.86 7.94 -3.65
CA GLY A 132 -7.54 7.35 -3.84
C GLY A 132 -6.60 7.65 -2.68
N PHE A 133 -5.57 6.82 -2.54
CA PHE A 133 -4.58 6.98 -1.48
C PHE A 133 -3.20 7.29 -2.09
N VAL A 134 -2.55 8.36 -1.62
CA VAL A 134 -1.23 8.70 -2.13
C VAL A 134 -0.19 8.74 -1.01
N THR A 135 0.96 8.14 -1.28
CA THR A 135 2.04 8.12 -0.31
C THR A 135 3.20 8.99 -0.82
N TYR A 136 3.76 9.79 0.07
CA TYR A 136 4.86 10.68 -0.30
C TYR A 136 6.15 10.33 0.41
N ASP A 137 7.25 10.39 -0.33
CA ASP A 137 8.56 10.14 0.24
C ASP A 137 8.82 11.09 1.39
N SER A 138 8.30 12.31 1.25
CA SER A 138 8.48 13.32 2.30
C SER A 138 7.14 13.76 2.87
N ALA A 139 7.10 13.90 4.19
CA ALA A 139 5.90 14.32 4.89
C ALA A 139 5.51 15.76 4.51
N ASP A 140 6.52 16.55 4.17
CA ASP A 140 6.30 17.95 3.80
C ASP A 140 5.32 18.06 2.63
N ALA A 141 5.40 17.13 1.70
CA ALA A 141 4.51 17.14 0.54
C ALA A 141 3.06 17.05 0.97
N VAL A 142 2.80 16.29 2.03
CA VAL A 142 1.44 16.13 2.53
C VAL A 142 0.86 17.48 2.96
N ASP A 143 1.68 18.26 3.67
CA ASP A 143 1.27 19.57 4.13
C ASP A 143 0.97 20.53 2.99
N ARG A 144 1.75 20.43 1.91
CA ARG A 144 1.59 21.33 0.77
C ARG A 144 0.20 21.25 0.16
N VAL A 145 -0.33 20.04 0.03
CA VAL A 145 -1.66 19.86 -0.55
C VAL A 145 -2.75 20.39 0.37
N CYS A 146 -2.53 20.28 1.68
CA CYS A 146 -3.51 20.74 2.65
C CYS A 146 -3.87 22.21 2.42
N GLN A 147 -2.86 23.03 2.14
CA GLN A 147 -3.09 24.45 1.90
C GLN A 147 -3.98 24.64 0.67
N ASN A 148 -3.78 23.79 -0.33
CA ASN A 148 -4.55 23.84 -1.56
C ASN A 148 -6.04 23.58 -1.32
N LYS A 149 -6.32 22.69 -0.37
CA LYS A 149 -7.70 22.30 -0.07
C LYS A 149 -8.25 21.47 -1.23
N PHE A 150 -8.51 22.13 -2.34
CA PHE A 150 -9.01 21.46 -3.54
C PHE A 150 -8.07 21.62 -4.73
N ILE A 151 -7.74 20.52 -5.38
CA ILE A 151 -6.88 20.57 -6.56
C ILE A 151 -7.70 20.16 -7.78
N ASP A 152 -7.54 20.89 -8.86
CA ASP A 152 -8.28 20.60 -10.08
C ASP A 152 -7.67 19.42 -10.83
N PHE A 153 -8.20 18.21 -10.59
CA PHE A 153 -7.68 17.03 -11.27
C PHE A 153 -8.37 16.83 -12.62
N LYS A 154 -9.51 16.17 -12.60
CA LYS A 154 -10.27 15.89 -13.81
C LYS A 154 -11.35 16.96 -14.04
N ASP A 155 -11.36 17.98 -13.17
CA ASP A 155 -12.32 19.09 -13.21
C ASP A 155 -13.32 18.98 -12.07
N ARG A 156 -13.63 17.74 -11.68
CA ARG A 156 -14.57 17.49 -10.59
C ARG A 156 -14.12 18.18 -9.30
N LYS A 157 -12.80 18.22 -9.12
CA LYS A 157 -12.16 18.82 -7.93
C LYS A 157 -11.88 17.74 -6.91
N ILE A 158 -10.88 16.89 -7.19
CA ILE A 158 -10.54 15.83 -6.26
C ILE A 158 -10.20 16.42 -4.90
N GLU A 159 -11.18 16.38 -4.00
CA GLU A 159 -11.00 16.93 -2.67
C GLU A 159 -9.89 16.15 -1.97
N ILE A 160 -9.01 16.84 -1.25
CA ILE A 160 -7.92 16.16 -0.57
C ILE A 160 -7.91 16.40 0.93
N LYS A 161 -7.85 15.31 1.68
CA LYS A 161 -7.80 15.35 3.14
C LYS A 161 -6.68 14.45 3.64
N ARG A 162 -6.11 14.79 4.80
CA ARG A 162 -5.02 14.00 5.36
C ARG A 162 -5.48 12.56 5.57
N ALA A 163 -4.57 11.61 5.38
CA ALA A 163 -4.89 10.20 5.54
C ALA A 163 -5.23 9.88 6.99
N GLU A 164 -6.18 8.97 7.17
CA GLU A 164 -6.62 8.57 8.50
C GLU A 164 -7.77 7.57 8.40
N PRO A 165 -7.76 6.50 9.21
CA PRO A 165 -8.83 5.51 9.17
C PRO A 165 -10.19 6.15 9.39
N ARG A 166 -11.12 5.90 8.48
CA ARG A 166 -12.45 6.47 8.58
C ARG A 166 -13.13 6.06 9.88
N HIS A 167 -12.91 4.82 10.30
CA HIS A 167 -13.50 4.31 11.53
C HIS A 167 -12.62 4.63 12.73
N LYS A 1 17.57 -1.71 -2.70
CA LYS A 1 17.28 -3.00 -2.04
C LYS A 1 18.14 -3.19 -0.79
N GLU A 2 18.09 -2.19 0.10
CA GLU A 2 18.86 -2.24 1.33
C GLU A 2 18.43 -3.43 2.20
N SER A 3 17.15 -3.77 2.15
CA SER A 3 16.63 -4.89 2.93
C SER A 3 15.88 -5.87 2.03
N CYS A 4 16.02 -7.16 2.33
CA CYS A 4 15.37 -8.21 1.56
C CYS A 4 13.95 -8.47 2.09
N LYS A 5 13.56 -7.74 3.13
CA LYS A 5 12.23 -7.91 3.73
C LYS A 5 11.14 -7.32 2.85
N MET A 6 10.02 -8.03 2.76
CA MET A 6 8.87 -7.63 1.95
C MET A 6 7.67 -7.27 2.81
N PHE A 7 6.85 -6.36 2.33
CA PHE A 7 5.64 -5.95 3.05
C PHE A 7 4.43 -6.58 2.41
N ILE A 8 3.60 -7.24 3.19
CA ILE A 8 2.41 -7.89 2.65
C ILE A 8 1.14 -7.26 3.20
N GLY A 9 0.25 -6.83 2.31
CA GLY A 9 -1.01 -6.25 2.74
C GLY A 9 -2.19 -7.03 2.19
N GLY A 10 -3.33 -6.94 2.86
CA GLY A 10 -4.49 -7.67 2.40
C GLY A 10 -4.39 -9.15 2.69
N LEU A 11 -3.90 -9.46 3.89
CA LEU A 11 -3.70 -10.84 4.34
C LEU A 11 -4.98 -11.66 4.34
N ASN A 12 -6.13 -11.02 4.52
CA ASN A 12 -7.41 -11.74 4.59
C ASN A 12 -7.49 -12.51 5.91
N TRP A 13 -7.13 -11.81 6.99
CA TRP A 13 -7.14 -12.34 8.37
C TRP A 13 -7.05 -13.87 8.45
N ASP A 14 -8.06 -14.55 7.90
CA ASP A 14 -8.12 -16.02 7.93
C ASP A 14 -6.85 -16.66 7.35
N THR A 15 -6.25 -16.01 6.36
CA THR A 15 -5.05 -16.54 5.71
C THR A 15 -3.94 -16.88 6.69
N THR A 16 -3.76 -16.06 7.72
CA THR A 16 -2.70 -16.28 8.70
C THR A 16 -1.35 -16.36 7.98
N GLU A 17 -0.28 -16.29 8.76
CA GLU A 17 1.07 -16.35 8.19
C GLU A 17 1.37 -17.73 7.62
N ASP A 18 0.66 -18.75 8.10
CA ASP A 18 0.89 -20.12 7.63
C ASP A 18 0.69 -20.23 6.12
N ASN A 19 -0.38 -19.62 5.61
CA ASN A 19 -0.67 -19.65 4.18
C ASN A 19 0.37 -18.85 3.39
N LEU A 20 0.83 -17.74 3.98
CA LEU A 20 1.81 -16.87 3.32
C LEU A 20 3.06 -17.63 2.90
N ARG A 21 3.59 -18.47 3.78
CA ARG A 21 4.78 -19.22 3.44
C ARG A 21 4.47 -20.18 2.29
N GLU A 22 3.28 -20.77 2.32
CA GLU A 22 2.87 -21.69 1.28
C GLU A 22 2.62 -20.96 -0.04
N TYR A 23 1.96 -19.79 0.06
CA TYR A 23 1.68 -18.97 -1.11
C TYR A 23 2.95 -18.45 -1.76
N PHE A 24 3.82 -17.92 -0.93
CA PHE A 24 5.08 -17.35 -1.38
C PHE A 24 6.22 -18.37 -1.35
N GLY A 25 5.92 -19.59 -0.91
CA GLY A 25 6.93 -20.63 -0.87
C GLY A 25 7.53 -20.91 -2.22
N LYS A 26 6.72 -20.73 -3.27
CA LYS A 26 7.16 -20.97 -4.64
C LYS A 26 8.34 -20.08 -4.99
N TYR A 27 8.25 -18.84 -4.55
CA TYR A 27 9.27 -17.83 -4.81
C TYR A 27 10.57 -18.12 -4.09
N GLY A 28 10.47 -18.70 -2.90
CA GLY A 28 11.66 -19.01 -2.14
C GLY A 28 11.36 -19.72 -0.83
N THR A 29 12.40 -19.93 -0.04
CA THR A 29 12.25 -20.58 1.25
C THR A 29 11.39 -19.77 2.19
N VAL A 30 11.39 -18.45 2.00
CA VAL A 30 10.66 -17.56 2.89
C VAL A 30 11.31 -17.65 4.27
N THR A 31 12.40 -16.91 4.41
CA THR A 31 13.20 -16.92 5.61
C THR A 31 12.38 -16.59 6.86
N ASP A 32 11.51 -15.58 6.77
CA ASP A 32 10.73 -15.19 7.93
C ASP A 32 9.34 -14.66 7.56
N LEU A 33 8.37 -14.97 8.41
CA LEU A 33 7.00 -14.51 8.24
C LEU A 33 6.62 -13.58 9.39
N LYS A 34 5.99 -12.45 9.08
CA LYS A 34 5.61 -11.52 10.13
C LYS A 34 4.24 -10.88 9.91
N ILE A 35 3.18 -11.68 9.97
CA ILE A 35 1.82 -11.15 9.83
C ILE A 35 1.48 -10.22 11.00
N MET A 36 2.35 -10.23 12.02
CA MET A 36 2.19 -9.41 13.22
C MET A 36 1.11 -9.97 14.14
N LYS A 37 -0.11 -10.12 13.62
CA LYS A 37 -1.22 -10.66 14.41
C LYS A 37 -1.45 -9.84 15.68
N ASP A 38 -2.69 -9.83 16.16
CA ASP A 38 -3.05 -9.10 17.37
C ASP A 38 -3.72 -9.99 18.40
N PRO A 39 -2.94 -10.79 19.13
CA PRO A 39 -3.49 -11.68 20.16
C PRO A 39 -4.31 -10.91 21.20
N ALA A 40 -3.99 -9.62 21.35
CA ALA A 40 -4.68 -8.77 22.31
C ALA A 40 -6.07 -8.39 21.81
N THR A 41 -6.11 -7.59 20.75
CA THR A 41 -7.37 -7.15 20.16
C THR A 41 -8.11 -8.32 19.55
N GLY A 42 -7.36 -9.33 19.14
CA GLY A 42 -7.95 -10.52 18.55
C GLY A 42 -8.03 -10.45 17.03
N ARG A 43 -7.55 -9.35 16.45
CA ARG A 43 -7.58 -9.21 14.99
C ARG A 43 -6.19 -8.87 14.46
N SER A 44 -5.72 -9.67 13.50
CA SER A 44 -4.40 -9.46 12.92
C SER A 44 -4.28 -8.06 12.31
N ARG A 45 -3.04 -7.59 12.21
CA ARG A 45 -2.76 -6.28 11.64
C ARG A 45 -3.34 -6.17 10.24
N GLY A 46 -3.40 -7.30 9.54
CA GLY A 46 -3.92 -7.31 8.18
C GLY A 46 -2.80 -7.27 7.16
N PHE A 47 -1.57 -7.24 7.66
CA PHE A 47 -0.40 -7.20 6.82
C PHE A 47 0.73 -7.92 7.52
N GLY A 48 1.71 -8.34 6.75
CA GLY A 48 2.83 -9.05 7.34
C GLY A 48 4.11 -8.76 6.59
N PHE A 49 5.23 -9.06 7.21
CA PHE A 49 6.50 -8.85 6.56
C PHE A 49 7.06 -10.18 6.10
N LEU A 50 7.30 -10.26 4.80
CA LEU A 50 7.79 -11.49 4.18
C LEU A 50 9.27 -11.40 3.89
N SER A 51 10.03 -12.38 4.35
CA SER A 51 11.47 -12.38 4.13
C SER A 51 11.91 -13.62 3.35
N PHE A 52 12.85 -13.42 2.42
CA PHE A 52 13.38 -14.52 1.63
C PHE A 52 14.89 -14.62 1.80
N GLU A 53 15.40 -15.84 1.90
CA GLU A 53 16.83 -16.03 2.04
C GLU A 53 17.57 -15.45 0.84
N LYS A 54 16.93 -15.53 -0.33
CA LYS A 54 17.51 -14.99 -1.55
C LYS A 54 16.69 -13.82 -2.09
N PRO A 55 17.32 -12.65 -2.27
CA PRO A 55 16.63 -11.44 -2.76
C PRO A 55 15.96 -11.65 -4.11
N SER A 56 16.40 -12.67 -4.85
CA SER A 56 15.83 -12.97 -6.17
C SER A 56 14.32 -13.17 -6.08
N SER A 57 13.86 -13.79 -5.01
CA SER A 57 12.43 -14.04 -4.81
C SER A 57 11.66 -12.72 -4.79
N VAL A 58 12.27 -11.68 -4.24
CA VAL A 58 11.64 -10.38 -4.16
C VAL A 58 11.34 -9.83 -5.55
N ASP A 59 12.31 -9.98 -6.47
CA ASP A 59 12.14 -9.49 -7.83
C ASP A 59 10.93 -10.13 -8.51
N GLU A 60 10.78 -11.44 -8.30
CA GLU A 60 9.65 -12.18 -8.89
C GLU A 60 8.35 -11.88 -8.16
N VAL A 61 8.45 -11.56 -6.87
CA VAL A 61 7.27 -11.25 -6.06
C VAL A 61 6.52 -10.05 -6.63
N VAL A 62 7.25 -9.02 -7.04
CA VAL A 62 6.62 -7.83 -7.58
C VAL A 62 6.04 -8.07 -8.98
N LYS A 63 6.62 -9.02 -9.71
CA LYS A 63 6.16 -9.33 -11.06
C LYS A 63 4.69 -9.75 -11.07
N THR A 64 4.25 -10.39 -9.99
CA THR A 64 2.88 -10.85 -9.87
C THR A 64 2.08 -10.02 -8.88
N GLN A 65 0.83 -9.74 -9.23
CA GLN A 65 -0.07 -8.96 -8.36
C GLN A 65 -0.36 -9.72 -7.07
N HIS A 66 -0.57 -11.03 -7.21
CA HIS A 66 -0.83 -11.91 -6.08
C HIS A 66 -2.29 -11.96 -5.65
N ILE A 67 -2.93 -13.10 -5.88
CA ILE A 67 -4.30 -13.31 -5.44
C ILE A 67 -4.29 -14.45 -4.42
N LEU A 68 -4.62 -14.15 -3.17
CA LEU A 68 -4.59 -15.18 -2.14
C LEU A 68 -5.96 -15.31 -1.45
N ASP A 69 -6.52 -16.52 -1.50
CA ASP A 69 -7.81 -16.82 -0.87
C ASP A 69 -8.90 -15.83 -1.27
N GLY A 70 -8.96 -15.48 -2.54
CA GLY A 70 -9.99 -14.57 -3.02
C GLY A 70 -9.70 -13.11 -2.72
N LYS A 71 -8.48 -12.84 -2.23
CA LYS A 71 -8.07 -11.47 -1.90
C LYS A 71 -6.83 -11.08 -2.69
N VAL A 72 -6.65 -9.78 -2.88
CA VAL A 72 -5.50 -9.28 -3.62
C VAL A 72 -4.55 -8.56 -2.67
N ILE A 73 -3.26 -8.85 -2.81
CA ILE A 73 -2.23 -8.24 -1.98
C ILE A 73 -1.18 -7.56 -2.83
N ASP A 74 -0.46 -6.62 -2.24
CA ASP A 74 0.57 -5.90 -2.96
C ASP A 74 1.91 -5.96 -2.22
N PRO A 75 2.61 -7.09 -2.35
CA PRO A 75 3.90 -7.29 -1.70
C PRO A 75 4.91 -6.23 -2.17
N LYS A 76 5.43 -5.46 -1.23
CA LYS A 76 6.38 -4.40 -1.55
C LYS A 76 7.58 -4.41 -0.62
N ARG A 77 8.75 -4.03 -1.14
CA ARG A 77 9.97 -4.03 -0.32
C ARG A 77 9.74 -3.31 1.00
N ALA A 78 10.22 -3.90 2.08
CA ALA A 78 10.07 -3.34 3.43
C ALA A 78 10.82 -2.03 3.58
N ILE A 79 10.27 -1.12 4.37
CA ILE A 79 10.88 0.18 4.63
C ILE A 79 11.19 0.32 6.12
N PRO A 80 12.37 0.86 6.47
CA PRO A 80 12.73 1.05 7.89
C PRO A 80 11.66 1.85 8.62
N ARG A 81 11.39 1.47 9.86
CA ARG A 81 10.37 2.15 10.66
C ARG A 81 10.62 3.65 10.76
N ASP A 82 11.88 4.03 10.96
CA ASP A 82 12.23 5.44 11.07
C ASP A 82 11.88 6.19 9.80
N GLU A 83 12.16 5.57 8.65
CA GLU A 83 11.86 6.19 7.37
C GLU A 83 10.36 6.35 7.18
N GLN A 84 9.61 5.37 7.69
CA GLN A 84 8.15 5.40 7.58
C GLN A 84 7.59 6.63 8.28
N ASP A 85 8.17 6.98 9.42
CA ASP A 85 7.74 8.15 10.17
C ASP A 85 7.91 9.41 9.33
N LYS A 86 9.00 9.47 8.59
CA LYS A 86 9.30 10.60 7.72
C LYS A 86 8.22 10.79 6.65
N THR A 87 7.62 9.68 6.24
CA THR A 87 6.60 9.71 5.19
C THR A 87 5.27 10.25 5.72
N GLY A 88 4.42 10.66 4.79
CA GLY A 88 3.11 11.18 5.14
C GLY A 88 2.03 10.71 4.19
N LYS A 89 1.11 9.89 4.70
CA LYS A 89 0.02 9.35 3.90
C LYS A 89 -1.15 10.33 3.88
N ILE A 90 -1.66 10.65 2.70
CA ILE A 90 -2.77 11.59 2.59
C ILE A 90 -3.98 10.96 1.90
N PHE A 91 -5.13 11.58 2.12
CA PHE A 91 -6.39 11.12 1.54
C PHE A 91 -6.81 12.01 0.37
N VAL A 92 -7.28 11.38 -0.69
CA VAL A 92 -7.71 12.10 -1.87
C VAL A 92 -9.11 11.69 -2.32
N GLY A 93 -9.84 12.63 -2.87
CA GLY A 93 -11.18 12.36 -3.35
C GLY A 93 -11.35 12.84 -4.78
N GLY A 94 -12.42 12.42 -5.42
CA GLY A 94 -12.65 12.83 -6.80
C GLY A 94 -11.86 12.01 -7.79
N ILE A 95 -11.82 10.70 -7.58
CA ILE A 95 -11.08 9.81 -8.47
C ILE A 95 -11.56 9.95 -9.92
N GLY A 96 -12.86 10.17 -10.08
CA GLY A 96 -13.43 10.33 -11.40
C GLY A 96 -13.24 9.10 -12.28
N PRO A 97 -13.91 9.05 -13.44
CA PRO A 97 -13.83 7.91 -14.37
C PRO A 97 -12.44 7.74 -14.98
N ASP A 98 -12.07 6.47 -15.19
CA ASP A 98 -10.80 6.11 -15.81
C ASP A 98 -9.60 6.72 -15.09
N VAL A 99 -9.61 6.71 -13.76
CA VAL A 99 -8.47 7.23 -13.01
C VAL A 99 -7.21 6.43 -13.29
N ARG A 100 -7.36 5.11 -13.41
CA ARG A 100 -6.24 4.22 -13.65
C ARG A 100 -5.11 4.49 -12.65
N PRO A 101 -4.63 3.47 -11.93
CA PRO A 101 -3.58 3.63 -10.94
C PRO A 101 -2.34 4.33 -11.50
N LYS A 102 -2.11 4.17 -12.81
CA LYS A 102 -0.94 4.78 -13.44
C LYS A 102 -0.99 6.31 -13.33
N GLU A 103 -2.14 6.91 -13.65
CA GLU A 103 -2.29 8.36 -13.58
C GLU A 103 -2.29 8.87 -12.15
N PHE A 104 -2.94 8.14 -11.25
CA PHE A 104 -3.01 8.56 -9.85
C PHE A 104 -1.63 8.64 -9.21
N GLU A 105 -0.81 7.61 -9.41
CA GLU A 105 0.53 7.59 -8.84
C GLU A 105 1.41 8.68 -9.44
N GLU A 106 1.32 8.84 -10.76
CA GLU A 106 2.10 9.86 -11.46
C GLU A 106 1.49 11.25 -11.25
N PHE A 107 0.18 11.27 -11.05
CA PHE A 107 -0.54 12.52 -10.85
C PHE A 107 -0.06 13.27 -9.60
N PHE A 108 -0.14 12.58 -8.46
CA PHE A 108 0.29 13.17 -7.19
C PHE A 108 1.78 13.41 -7.14
N SER A 109 2.55 12.61 -7.88
CA SER A 109 4.00 12.73 -7.89
C SER A 109 4.43 14.15 -8.26
N GLN A 110 3.58 14.86 -8.98
CA GLN A 110 3.87 16.22 -9.41
C GLN A 110 4.21 17.14 -8.24
N TRP A 111 3.55 16.97 -7.09
CA TRP A 111 3.84 17.83 -5.94
C TRP A 111 4.53 17.09 -4.81
N GLY A 112 5.58 16.35 -5.14
CA GLY A 112 6.34 15.63 -4.15
C GLY A 112 6.61 14.21 -4.56
N THR A 113 7.73 13.65 -4.11
CA THR A 113 8.05 12.28 -4.44
C THR A 113 7.09 11.37 -3.71
N ILE A 114 6.51 10.42 -4.42
CA ILE A 114 5.55 9.52 -3.82
C ILE A 114 6.19 8.16 -3.54
N ILE A 115 6.23 7.77 -2.27
CA ILE A 115 6.81 6.48 -1.92
C ILE A 115 5.94 5.32 -2.39
N ASP A 116 4.61 5.46 -2.28
CA ASP A 116 3.71 4.39 -2.68
C ASP A 116 2.50 4.90 -3.47
N ALA A 117 1.44 5.29 -2.76
CA ALA A 117 0.22 5.77 -3.40
C ALA A 117 -0.45 4.67 -4.20
N GLN A 118 -1.61 4.20 -3.73
CA GLN A 118 -2.33 3.14 -4.41
C GLN A 118 -3.83 3.37 -4.37
N LEU A 119 -4.52 2.72 -5.31
CA LEU A 119 -5.96 2.84 -5.44
C LEU A 119 -6.69 2.22 -4.23
N MET A 120 -6.06 1.23 -3.58
CA MET A 120 -6.65 0.53 -2.41
C MET A 120 -7.61 -0.58 -2.82
N LEU A 121 -8.84 -0.22 -3.15
CA LEU A 121 -9.86 -1.19 -3.53
C LEU A 121 -10.04 -2.24 -2.42
N ASP A 122 -10.66 -1.84 -1.32
CA ASP A 122 -10.89 -2.78 -0.22
C ASP A 122 -12.11 -3.63 -0.55
N LYS A 123 -11.89 -4.92 -0.77
CA LYS A 123 -12.97 -5.85 -1.12
C LYS A 123 -13.46 -5.56 -2.54
N ASP A 124 -13.94 -4.34 -2.77
CA ASP A 124 -14.43 -3.95 -4.09
C ASP A 124 -14.89 -2.49 -4.12
N THR A 125 -15.40 -1.99 -2.99
CA THR A 125 -15.88 -0.61 -2.92
C THR A 125 -14.97 0.27 -2.06
N GLY A 126 -13.80 -0.23 -1.71
CA GLY A 126 -12.88 0.55 -0.89
C GLY A 126 -11.92 1.37 -1.71
N GLN A 127 -12.22 2.65 -1.87
CA GLN A 127 -11.39 3.59 -2.61
C GLN A 127 -11.51 3.38 -4.12
N SER A 128 -12.19 2.33 -4.55
CA SER A 128 -12.35 2.07 -5.98
C SER A 128 -13.02 3.27 -6.63
N ARG A 129 -13.98 3.85 -5.92
CA ARG A 129 -14.69 5.02 -6.40
C ARG A 129 -14.88 6.02 -5.27
N GLY A 130 -14.77 7.30 -5.60
CA GLY A 130 -14.96 8.33 -4.59
C GLY A 130 -13.67 8.87 -3.99
N PHE A 131 -12.75 7.99 -3.60
CA PHE A 131 -11.50 8.46 -3.00
C PHE A 131 -10.28 7.67 -3.45
N GLY A 132 -9.11 8.22 -3.12
CA GLY A 132 -7.84 7.62 -3.45
C GLY A 132 -6.85 7.71 -2.28
N PHE A 133 -5.69 7.09 -2.41
CA PHE A 133 -4.69 7.12 -1.34
C PHE A 133 -3.28 7.35 -1.90
N VAL A 134 -2.61 8.39 -1.44
CA VAL A 134 -1.24 8.69 -1.89
C VAL A 134 -0.28 8.82 -0.73
N THR A 135 0.91 8.23 -0.89
CA THR A 135 1.95 8.30 0.14
C THR A 135 3.11 9.17 -0.35
N TYR A 136 3.61 10.04 0.52
CA TYR A 136 4.71 10.91 0.16
C TYR A 136 5.96 10.67 0.98
N ASP A 137 7.09 10.64 0.30
CA ASP A 137 8.37 10.45 0.95
C ASP A 137 8.62 11.55 1.97
N SER A 138 8.17 12.76 1.65
CA SER A 138 8.34 13.89 2.54
C SER A 138 6.99 14.52 2.92
N ALA A 139 6.90 14.97 4.16
CA ALA A 139 5.69 15.60 4.66
C ALA A 139 5.42 16.93 3.96
N ASP A 140 6.49 17.58 3.51
CA ASP A 140 6.37 18.87 2.84
C ASP A 140 5.43 18.80 1.63
N ALA A 141 5.46 17.68 0.92
CA ALA A 141 4.62 17.51 -0.27
C ALA A 141 3.14 17.63 0.08
N VAL A 142 2.73 17.04 1.20
CA VAL A 142 1.32 17.09 1.60
C VAL A 142 0.85 18.53 1.78
N ASP A 143 1.74 19.37 2.29
CA ASP A 143 1.42 20.78 2.52
C ASP A 143 1.11 21.49 1.20
N ARG A 144 1.85 21.14 0.15
CA ARG A 144 1.66 21.76 -1.15
C ARG A 144 0.27 21.56 -1.68
N VAL A 145 -0.25 20.34 -1.55
CA VAL A 145 -1.57 20.01 -2.03
C VAL A 145 -2.65 20.69 -1.20
N CYS A 146 -2.40 20.84 0.10
CA CYS A 146 -3.35 21.47 0.99
C CYS A 146 -3.66 22.90 0.55
N GLN A 147 -2.61 23.66 0.24
CA GLN A 147 -2.81 25.04 -0.21
C GLN A 147 -3.60 25.06 -1.51
N ASN A 148 -3.29 24.09 -2.37
CA ASN A 148 -3.97 23.96 -3.66
C ASN A 148 -5.47 23.71 -3.47
N LYS A 149 -5.81 23.02 -2.39
CA LYS A 149 -7.20 22.65 -2.11
C LYS A 149 -7.63 21.63 -3.12
N PHE A 150 -7.76 22.07 -4.37
CA PHE A 150 -8.14 21.19 -5.46
C PHE A 150 -6.98 21.07 -6.44
N ILE A 151 -6.80 19.88 -6.98
CA ILE A 151 -5.77 19.65 -7.96
C ILE A 151 -6.43 19.37 -9.29
N ASP A 152 -5.91 19.95 -10.36
CA ASP A 152 -6.51 19.75 -11.66
C ASP A 152 -6.20 18.35 -12.17
N PHE A 153 -7.02 17.40 -11.74
CA PHE A 153 -6.85 16.02 -12.15
C PHE A 153 -7.91 15.62 -13.16
N LYS A 154 -7.52 14.81 -14.13
CA LYS A 154 -8.45 14.36 -15.15
C LYS A 154 -9.29 15.52 -15.71
N ASP A 155 -10.60 15.31 -15.87
CA ASP A 155 -11.46 16.37 -16.42
C ASP A 155 -12.18 17.18 -15.34
N ARG A 156 -11.82 16.99 -14.07
CA ARG A 156 -12.49 17.73 -12.99
C ARG A 156 -11.58 17.97 -11.79
N LYS A 157 -12.01 18.87 -10.90
CA LYS A 157 -11.26 19.19 -9.70
C LYS A 157 -11.47 18.14 -8.63
N ILE A 158 -10.41 17.86 -7.88
CA ILE A 158 -10.47 16.87 -6.81
C ILE A 158 -10.11 17.52 -5.48
N GLU A 159 -10.62 16.97 -4.39
CA GLU A 159 -10.31 17.51 -3.07
C GLU A 159 -9.41 16.54 -2.32
N ILE A 160 -8.37 17.08 -1.69
CA ILE A 160 -7.44 16.23 -0.95
C ILE A 160 -7.34 16.63 0.52
N LYS A 161 -7.50 15.64 1.39
CA LYS A 161 -7.43 15.85 2.83
C LYS A 161 -6.46 14.85 3.45
N ARG A 162 -5.92 15.18 4.61
CA ARG A 162 -4.98 14.28 5.30
C ARG A 162 -5.61 12.91 5.48
N ALA A 163 -4.78 11.87 5.43
CA ALA A 163 -5.26 10.49 5.58
C ALA A 163 -6.06 10.34 6.88
N GLU A 164 -5.42 9.83 7.92
CA GLU A 164 -6.09 9.63 9.21
C GLU A 164 -7.13 8.53 9.13
N PRO A 165 -6.82 7.32 9.65
CA PRO A 165 -7.76 6.20 9.64
C PRO A 165 -9.05 6.53 10.38
N ARG A 166 -10.16 6.02 9.87
CA ARG A 166 -11.47 6.27 10.48
C ARG A 166 -11.49 5.79 11.93
N HIS A 167 -10.79 4.70 12.20
CA HIS A 167 -10.72 4.15 13.54
C HIS A 167 -9.28 4.05 14.03
N LYS A 1 19.17 2.48 -0.16
CA LYS A 1 18.94 1.69 1.08
C LYS A 1 17.65 0.88 0.99
N GLU A 2 17.75 -0.31 0.40
CA GLU A 2 16.60 -1.19 0.26
C GLU A 2 16.67 -2.35 1.24
N SER A 3 15.52 -2.79 1.73
CA SER A 3 15.46 -3.89 2.69
C SER A 3 14.71 -5.09 2.11
N CYS A 4 15.17 -6.28 2.47
CA CYS A 4 14.55 -7.53 2.00
C CYS A 4 13.14 -7.69 2.54
N LYS A 5 12.88 -7.13 3.72
CA LYS A 5 11.57 -7.25 4.35
C LYS A 5 10.46 -6.72 3.46
N MET A 6 9.33 -7.44 3.47
CA MET A 6 8.17 -7.08 2.65
C MET A 6 6.92 -6.86 3.51
N PHE A 7 6.02 -6.00 3.02
CA PHE A 7 4.76 -5.72 3.71
C PHE A 7 3.62 -6.34 2.92
N ILE A 8 2.76 -7.09 3.60
CA ILE A 8 1.65 -7.73 2.93
C ILE A 8 0.31 -7.22 3.46
N GLY A 9 -0.58 -6.85 2.54
CA GLY A 9 -1.89 -6.37 2.93
C GLY A 9 -2.98 -7.07 2.18
N GLY A 10 -4.21 -6.94 2.63
CA GLY A 10 -5.31 -7.58 1.95
C GLY A 10 -5.33 -9.09 2.21
N LEU A 11 -4.88 -9.46 3.40
CA LEU A 11 -4.81 -10.87 3.80
C LEU A 11 -6.18 -11.57 3.78
N ASN A 12 -7.25 -10.80 3.88
CA ASN A 12 -8.60 -11.39 3.92
C ASN A 12 -8.77 -12.10 5.26
N TRP A 13 -8.21 -11.48 6.30
CA TRP A 13 -8.26 -11.97 7.68
C TRP A 13 -8.16 -13.50 7.80
N ASP A 14 -7.69 -14.18 6.76
CA ASP A 14 -7.58 -15.65 6.79
C ASP A 14 -6.27 -16.14 6.14
N THR A 15 -5.36 -15.22 5.83
CA THR A 15 -4.11 -15.59 5.17
C THR A 15 -3.29 -16.61 5.95
N THR A 16 -3.25 -16.50 7.27
CA THR A 16 -2.47 -17.43 8.09
C THR A 16 -1.00 -17.43 7.62
N GLU A 17 -0.08 -17.53 8.57
CA GLU A 17 1.35 -17.52 8.25
C GLU A 17 1.74 -18.69 7.36
N ASP A 18 1.10 -19.83 7.57
CA ASP A 18 1.42 -21.03 6.80
C ASP A 18 1.27 -20.81 5.29
N ASN A 19 0.20 -20.12 4.89
CA ASN A 19 -0.07 -19.87 3.48
C ASN A 19 1.00 -18.99 2.82
N LEU A 20 1.51 -18.00 3.56
CA LEU A 20 2.50 -17.08 3.01
C LEU A 20 3.74 -17.78 2.49
N ARG A 21 4.34 -18.67 3.29
CA ARG A 21 5.52 -19.39 2.84
C ARG A 21 5.16 -20.34 1.71
N GLU A 22 3.97 -20.91 1.78
CA GLU A 22 3.51 -21.86 0.78
C GLU A 22 3.49 -21.21 -0.62
N TYR A 23 3.09 -19.95 -0.68
CA TYR A 23 3.01 -19.23 -1.94
C TYR A 23 4.29 -18.41 -2.17
N PHE A 24 4.61 -17.57 -1.21
CA PHE A 24 5.82 -16.75 -1.30
C PHE A 24 7.07 -17.62 -1.39
N GLY A 25 7.01 -18.80 -0.79
CA GLY A 25 8.14 -19.71 -0.82
C GLY A 25 8.61 -19.99 -2.25
N LYS A 26 7.69 -19.80 -3.20
CA LYS A 26 7.98 -20.03 -4.62
C LYS A 26 9.18 -19.20 -5.08
N TYR A 27 9.26 -17.97 -4.58
CA TYR A 27 10.35 -17.06 -4.93
C TYR A 27 11.68 -17.53 -4.37
N GLY A 28 11.62 -18.21 -3.25
CA GLY A 28 12.82 -18.71 -2.62
C GLY A 28 12.58 -19.18 -1.21
N THR A 29 13.40 -18.70 -0.30
CA THR A 29 13.28 -19.03 1.10
C THR A 29 12.98 -17.78 1.92
N VAL A 30 12.13 -17.90 2.92
CA VAL A 30 11.79 -16.76 3.74
C VAL A 30 12.50 -16.85 5.08
N THR A 31 13.24 -15.81 5.44
CA THR A 31 13.99 -15.80 6.69
C THR A 31 13.06 -15.68 7.90
N ASP A 32 11.98 -14.93 7.74
CA ASP A 32 11.03 -14.75 8.83
C ASP A 32 9.64 -14.43 8.34
N LEU A 33 8.65 -14.86 9.11
CA LEU A 33 7.25 -14.63 8.79
C LEU A 33 6.58 -13.79 9.86
N LYS A 34 5.89 -12.72 9.46
CA LYS A 34 5.20 -11.88 10.43
C LYS A 34 3.75 -11.67 10.06
N ILE A 35 2.86 -12.11 10.94
CA ILE A 35 1.43 -11.94 10.74
C ILE A 35 0.83 -11.22 11.93
N MET A 36 -0.07 -10.29 11.66
CA MET A 36 -0.70 -9.52 12.70
C MET A 36 -1.92 -10.25 13.25
N LYS A 37 -2.04 -10.27 14.57
CA LYS A 37 -3.15 -10.94 15.23
C LYS A 37 -3.67 -10.12 16.39
N ASP A 38 -4.99 -9.99 16.49
CA ASP A 38 -5.61 -9.23 17.56
C ASP A 38 -6.60 -10.10 18.33
N PRO A 39 -6.11 -10.97 19.22
CA PRO A 39 -6.97 -11.87 20.01
C PRO A 39 -8.00 -11.09 20.82
N ALA A 40 -7.67 -9.85 21.18
CA ALA A 40 -8.57 -9.01 21.95
C ALA A 40 -9.75 -8.54 21.10
N THR A 41 -9.44 -7.78 20.06
CA THR A 41 -10.46 -7.26 19.15
C THR A 41 -10.99 -8.39 18.27
N GLY A 42 -10.22 -9.47 18.17
CA GLY A 42 -10.63 -10.60 17.35
C GLY A 42 -10.35 -10.37 15.88
N ARG A 43 -9.33 -9.57 15.58
CA ARG A 43 -8.97 -9.27 14.20
C ARG A 43 -7.52 -9.60 13.90
N SER A 44 -7.26 -10.12 12.70
CA SER A 44 -5.91 -10.48 12.29
C SER A 44 -5.15 -9.28 11.73
N ARG A 45 -5.73 -8.09 11.85
CA ARG A 45 -5.10 -6.86 11.32
C ARG A 45 -5.27 -6.82 9.80
N GLY A 46 -5.06 -7.97 9.15
CA GLY A 46 -5.22 -8.05 7.70
C GLY A 46 -3.93 -7.90 6.93
N PHE A 47 -2.81 -7.82 7.62
CA PHE A 47 -1.51 -7.67 6.96
C PHE A 47 -0.38 -8.30 7.76
N GLY A 48 0.70 -8.61 7.06
CA GLY A 48 1.86 -9.21 7.70
C GLY A 48 3.14 -8.85 6.97
N PHE A 49 4.28 -9.18 7.55
CA PHE A 49 5.56 -8.87 6.94
C PHE A 49 6.33 -10.11 6.55
N LEU A 50 6.89 -10.10 5.35
CA LEU A 50 7.67 -11.23 4.84
C LEU A 50 9.15 -10.86 4.81
N SER A 51 10.01 -11.81 5.19
CA SER A 51 11.45 -11.56 5.17
C SER A 51 12.14 -12.60 4.30
N PHE A 52 12.94 -12.15 3.34
CA PHE A 52 13.64 -13.07 2.46
C PHE A 52 15.15 -13.00 2.63
N GLU A 53 15.78 -14.17 2.69
CA GLU A 53 17.22 -14.25 2.83
C GLU A 53 17.90 -13.65 1.61
N LYS A 54 17.28 -13.84 0.44
CA LYS A 54 17.82 -13.30 -0.81
C LYS A 54 16.98 -12.13 -1.31
N PRO A 55 17.56 -10.93 -1.40
CA PRO A 55 16.85 -9.73 -1.88
C PRO A 55 16.23 -9.91 -3.26
N SER A 56 16.84 -10.76 -4.08
CA SER A 56 16.33 -10.98 -5.43
C SER A 56 14.89 -11.50 -5.39
N SER A 57 14.61 -12.37 -4.43
CA SER A 57 13.27 -12.93 -4.27
C SER A 57 12.28 -11.81 -3.98
N VAL A 58 12.76 -10.82 -3.22
CA VAL A 58 11.95 -9.68 -2.83
C VAL A 58 11.48 -8.88 -4.05
N ASP A 59 12.39 -8.69 -5.01
CA ASP A 59 12.05 -7.93 -6.20
C ASP A 59 10.88 -8.56 -6.95
N GLU A 60 10.90 -9.88 -7.08
CA GLU A 60 9.81 -10.58 -7.75
C GLU A 60 8.53 -10.55 -6.94
N VAL A 61 8.67 -10.60 -5.61
CA VAL A 61 7.53 -10.60 -4.73
C VAL A 61 6.67 -9.35 -4.90
N VAL A 62 7.33 -8.20 -4.99
CA VAL A 62 6.62 -6.94 -5.16
C VAL A 62 6.19 -6.69 -6.61
N LYS A 63 7.10 -6.93 -7.55
CA LYS A 63 6.82 -6.69 -8.96
C LYS A 63 5.64 -7.51 -9.47
N THR A 64 5.48 -8.72 -8.93
CA THR A 64 4.40 -9.59 -9.36
C THR A 64 3.19 -9.49 -8.44
N GLN A 65 2.01 -9.57 -9.03
CA GLN A 65 0.75 -9.51 -8.27
C GLN A 65 0.30 -10.92 -7.91
N HIS A 66 0.08 -11.15 -6.63
CA HIS A 66 -0.35 -12.46 -6.16
C HIS A 66 -1.53 -12.36 -5.22
N ILE A 67 -2.33 -13.40 -5.19
CA ILE A 67 -3.50 -13.45 -4.33
C ILE A 67 -3.43 -14.64 -3.37
N LEU A 68 -3.60 -14.38 -2.08
CA LEU A 68 -3.56 -15.43 -1.07
C LEU A 68 -4.93 -16.09 -0.86
N ASP A 69 -5.83 -15.36 -0.21
CA ASP A 69 -7.17 -15.86 0.09
C ASP A 69 -8.19 -15.47 -0.98
N GLY A 70 -7.70 -15.03 -2.14
CA GLY A 70 -8.59 -14.62 -3.20
C GLY A 70 -8.76 -13.12 -3.26
N LYS A 71 -8.07 -12.43 -2.36
CA LYS A 71 -8.12 -10.98 -2.30
C LYS A 71 -6.77 -10.40 -2.67
N VAL A 72 -6.77 -9.41 -3.55
CA VAL A 72 -5.52 -8.79 -3.98
C VAL A 72 -4.76 -8.23 -2.78
N ILE A 73 -3.55 -8.73 -2.57
CA ILE A 73 -2.73 -8.29 -1.45
C ILE A 73 -1.71 -7.23 -1.87
N ASP A 74 -1.22 -7.34 -3.10
CA ASP A 74 -0.24 -6.39 -3.63
C ASP A 74 0.89 -6.15 -2.61
N PRO A 75 1.79 -7.13 -2.46
CA PRO A 75 2.92 -7.04 -1.53
C PRO A 75 3.85 -5.87 -1.87
N LYS A 76 4.25 -5.10 -0.86
CA LYS A 76 5.15 -3.96 -1.06
C LYS A 76 6.34 -4.05 -0.10
N ARG A 77 7.48 -3.48 -0.51
CA ARG A 77 8.68 -3.53 0.31
C ARG A 77 8.48 -2.88 1.68
N ALA A 78 9.11 -3.46 2.70
CA ALA A 78 9.03 -2.96 4.07
C ALA A 78 9.88 -1.70 4.26
N ILE A 79 9.45 -0.83 5.18
CA ILE A 79 10.18 0.40 5.47
C ILE A 79 10.50 0.48 6.96
N PRO A 80 11.74 0.83 7.33
CA PRO A 80 12.13 0.96 8.73
C PRO A 80 11.19 1.93 9.44
N ARG A 81 10.91 1.70 10.70
CA ARG A 81 10.00 2.57 11.43
C ARG A 81 10.44 4.02 11.38
N ASP A 82 11.75 4.26 11.49
CA ASP A 82 12.27 5.62 11.42
C ASP A 82 12.04 6.24 10.05
N GLU A 83 12.18 5.43 9.00
CA GLU A 83 11.99 5.92 7.64
C GLU A 83 10.52 6.28 7.40
N GLN A 84 9.61 5.50 8.01
CA GLN A 84 8.18 5.77 7.84
C GLN A 84 7.86 7.18 8.31
N ASP A 85 8.50 7.58 9.40
CA ASP A 85 8.31 8.92 9.96
C ASP A 85 8.74 9.96 8.94
N LYS A 86 9.83 9.67 8.23
CA LYS A 86 10.36 10.56 7.21
C LYS A 86 9.35 10.81 6.10
N THR A 87 8.55 9.79 5.79
CA THR A 87 7.56 9.88 4.73
C THR A 87 6.14 10.00 5.29
N GLY A 88 5.21 10.45 4.45
CA GLY A 88 3.84 10.59 4.87
C GLY A 88 2.85 10.18 3.80
N LYS A 89 1.58 10.06 4.19
CA LYS A 89 0.52 9.67 3.26
C LYS A 89 -0.70 10.57 3.41
N ILE A 90 -1.32 10.94 2.29
CA ILE A 90 -2.49 11.82 2.34
C ILE A 90 -3.72 11.14 1.75
N PHE A 91 -4.88 11.63 2.16
CA PHE A 91 -6.15 11.10 1.67
C PHE A 91 -6.75 12.02 0.62
N VAL A 92 -7.11 11.46 -0.53
CA VAL A 92 -7.71 12.26 -1.59
C VAL A 92 -9.06 11.69 -2.03
N GLY A 93 -10.06 12.56 -2.10
CA GLY A 93 -11.39 12.14 -2.52
C GLY A 93 -11.70 12.58 -3.93
N GLY A 94 -12.84 12.14 -4.46
CA GLY A 94 -13.22 12.53 -5.81
C GLY A 94 -12.57 11.67 -6.87
N ILE A 95 -12.04 10.52 -6.47
CA ILE A 95 -11.39 9.64 -7.41
C ILE A 95 -12.12 8.30 -7.54
N GLY A 96 -12.34 7.87 -8.77
CA GLY A 96 -13.03 6.62 -9.01
C GLY A 96 -12.93 6.16 -10.46
N PRO A 97 -14.06 6.07 -11.17
CA PRO A 97 -14.08 5.63 -12.58
C PRO A 97 -13.24 6.52 -13.50
N ASP A 98 -12.61 5.88 -14.47
CA ASP A 98 -11.79 6.58 -15.47
C ASP A 98 -10.69 7.44 -14.84
N VAL A 99 -10.04 6.94 -13.80
CA VAL A 99 -8.95 7.68 -13.17
C VAL A 99 -7.63 6.91 -13.26
N ARG A 100 -7.68 5.71 -13.86
CA ARG A 100 -6.49 4.86 -14.02
C ARG A 100 -5.56 4.95 -12.80
N PRO A 101 -5.44 3.86 -12.03
CA PRO A 101 -4.58 3.86 -10.84
C PRO A 101 -3.19 4.37 -11.17
N LYS A 102 -2.67 3.99 -12.33
CA LYS A 102 -1.36 4.47 -12.75
C LYS A 102 -1.38 5.99 -12.92
N GLU A 103 -2.48 6.49 -13.48
CA GLU A 103 -2.64 7.92 -13.69
C GLU A 103 -2.72 8.66 -12.37
N PHE A 104 -3.37 8.03 -11.39
CA PHE A 104 -3.50 8.63 -10.06
C PHE A 104 -2.13 8.85 -9.43
N GLU A 105 -1.27 7.84 -9.53
CA GLU A 105 0.08 7.92 -8.98
C GLU A 105 0.89 9.01 -9.68
N GLU A 106 0.76 9.08 -11.00
CA GLU A 106 1.49 10.10 -11.76
C GLU A 106 0.84 11.46 -11.59
N PHE A 107 -0.47 11.45 -11.37
CA PHE A 107 -1.20 12.70 -11.17
C PHE A 107 -0.68 13.50 -9.98
N PHE A 108 -0.45 12.81 -8.86
CA PHE A 108 0.05 13.46 -7.65
C PHE A 108 1.58 13.50 -7.63
N SER A 109 2.22 12.82 -8.59
CA SER A 109 3.68 12.78 -8.65
C SER A 109 4.26 14.18 -8.87
N GLN A 110 3.47 15.05 -9.49
CA GLN A 110 3.89 16.41 -9.77
C GLN A 110 4.31 17.16 -8.49
N TRP A 111 3.59 16.92 -7.40
CA TRP A 111 3.90 17.57 -6.12
C TRP A 111 5.31 17.22 -5.67
N GLY A 112 5.70 15.98 -5.90
CA GLY A 112 6.99 15.50 -5.50
C GLY A 112 7.13 14.02 -5.77
N THR A 113 8.07 13.38 -5.09
CA THR A 113 8.26 11.96 -5.28
C THR A 113 7.22 11.20 -4.47
N ILE A 114 6.55 10.25 -5.11
CA ILE A 114 5.54 9.47 -4.43
C ILE A 114 6.07 8.08 -4.17
N ILE A 115 6.17 7.69 -2.91
CA ILE A 115 6.68 6.37 -2.58
C ILE A 115 5.81 5.26 -3.16
N ASP A 116 4.50 5.30 -2.90
CA ASP A 116 3.58 4.28 -3.40
C ASP A 116 2.12 4.73 -3.33
N ALA A 117 1.75 5.70 -4.16
CA ALA A 117 0.38 6.15 -4.19
C ALA A 117 -0.50 5.12 -4.90
N GLN A 118 -1.67 4.84 -4.33
CA GLN A 118 -2.56 3.86 -4.92
C GLN A 118 -4.01 4.29 -4.85
N LEU A 119 -4.77 3.87 -5.85
CA LEU A 119 -6.19 4.18 -5.94
C LEU A 119 -6.98 3.56 -4.79
N MET A 120 -6.60 2.32 -4.41
CA MET A 120 -7.28 1.57 -3.36
C MET A 120 -8.48 0.83 -3.94
N LEU A 121 -8.79 -0.34 -3.37
CA LEU A 121 -9.93 -1.12 -3.83
C LEU A 121 -10.40 -2.09 -2.74
N ASP A 122 -11.71 -2.14 -2.51
CA ASP A 122 -12.26 -3.04 -1.50
C ASP A 122 -12.23 -4.47 -2.05
N LYS A 123 -13.32 -5.23 -1.89
CA LYS A 123 -13.36 -6.58 -2.42
C LYS A 123 -13.11 -6.56 -3.92
N ASP A 124 -13.66 -5.53 -4.57
CA ASP A 124 -13.50 -5.36 -6.01
C ASP A 124 -13.29 -3.89 -6.36
N THR A 125 -14.40 -3.14 -6.50
CA THR A 125 -14.34 -1.73 -6.85
C THR A 125 -14.91 -0.86 -5.73
N GLY A 126 -14.89 -1.37 -4.50
CA GLY A 126 -15.44 -0.60 -3.38
C GLY A 126 -14.86 0.80 -3.30
N GLN A 127 -13.56 0.91 -3.51
CA GLN A 127 -12.88 2.20 -3.48
C GLN A 127 -13.36 3.11 -4.60
N SER A 128 -13.68 2.51 -5.74
CA SER A 128 -14.12 3.26 -6.91
C SER A 128 -15.22 4.26 -6.58
N ARG A 129 -15.85 4.11 -5.41
CA ARG A 129 -16.91 5.03 -5.01
C ARG A 129 -16.47 6.49 -5.15
N GLY A 130 -15.21 6.80 -4.84
CA GLY A 130 -14.77 8.17 -5.01
C GLY A 130 -13.60 8.61 -4.13
N PHE A 131 -12.66 7.73 -3.78
CA PHE A 131 -11.51 8.17 -2.96
C PHE A 131 -10.23 7.44 -3.35
N GLY A 132 -9.09 8.03 -2.98
CA GLY A 132 -7.80 7.42 -3.28
C GLY A 132 -6.74 7.69 -2.21
N PHE A 133 -5.66 6.90 -2.24
CA PHE A 133 -4.57 7.06 -1.28
C PHE A 133 -3.27 7.51 -1.95
N VAL A 134 -2.66 8.58 -1.42
CA VAL A 134 -1.39 9.06 -1.97
C VAL A 134 -0.32 9.07 -0.88
N THR A 135 0.86 8.54 -1.20
CA THR A 135 1.96 8.50 -0.25
C THR A 135 3.17 9.26 -0.79
N TYR A 136 3.80 10.06 0.05
CA TYR A 136 4.96 10.84 -0.36
C TYR A 136 6.22 10.50 0.41
N ASP A 137 7.30 10.35 -0.33
CA ASP A 137 8.59 10.05 0.28
C ASP A 137 8.98 11.19 1.22
N SER A 138 8.60 12.41 0.85
CA SER A 138 8.91 13.58 1.66
C SER A 138 7.63 14.27 2.15
N ALA A 139 7.68 14.73 3.39
CA ALA A 139 6.54 15.39 4.02
C ALA A 139 6.18 16.71 3.35
N ASP A 140 7.17 17.38 2.75
CA ASP A 140 6.92 18.67 2.11
C ASP A 140 5.88 18.58 1.00
N ALA A 141 5.87 17.48 0.26
CA ALA A 141 4.90 17.29 -0.81
C ALA A 141 3.48 17.24 -0.24
N VAL A 142 3.36 16.68 0.95
CA VAL A 142 2.07 16.57 1.61
C VAL A 142 1.47 17.94 1.90
N ASP A 143 2.30 18.87 2.39
CA ASP A 143 1.84 20.21 2.70
C ASP A 143 1.30 20.93 1.47
N ARG A 144 2.00 20.78 0.34
CA ARG A 144 1.56 21.44 -0.90
C ARG A 144 0.24 20.89 -1.40
N VAL A 145 0.09 19.57 -1.32
CA VAL A 145 -1.12 18.91 -1.78
C VAL A 145 -2.32 19.27 -0.91
N CYS A 146 -2.09 19.43 0.39
CA CYS A 146 -3.16 19.76 1.33
C CYS A 146 -3.64 21.20 1.17
N GLN A 147 -2.72 22.14 0.99
CA GLN A 147 -3.06 23.54 0.85
C GLN A 147 -4.01 23.78 -0.32
N ASN A 148 -3.79 23.06 -1.42
CA ASN A 148 -4.62 23.19 -2.60
C ASN A 148 -6.09 22.89 -2.29
N LYS A 149 -6.31 22.00 -1.32
CA LYS A 149 -7.67 21.61 -0.95
C LYS A 149 -8.27 20.77 -2.06
N PHE A 150 -8.60 21.41 -3.18
CA PHE A 150 -9.16 20.69 -4.32
C PHE A 150 -8.18 20.67 -5.47
N ILE A 151 -8.09 19.52 -6.13
CA ILE A 151 -7.21 19.38 -7.28
C ILE A 151 -8.06 19.03 -8.50
N ASP A 152 -7.76 19.66 -9.62
CA ASP A 152 -8.52 19.40 -10.85
C ASP A 152 -8.15 18.06 -11.45
N PHE A 153 -8.80 16.99 -11.00
CA PHE A 153 -8.52 15.65 -11.50
C PHE A 153 -9.69 15.11 -12.33
N LYS A 154 -9.39 14.64 -13.54
CA LYS A 154 -10.42 14.09 -14.42
C LYS A 154 -11.47 15.16 -14.71
N ASP A 155 -11.02 16.39 -14.91
CA ASP A 155 -11.92 17.50 -15.16
C ASP A 155 -12.95 17.56 -14.03
N ARG A 156 -12.48 17.28 -12.82
CA ARG A 156 -13.31 17.29 -11.63
C ARG A 156 -12.48 17.70 -10.42
N LYS A 157 -13.14 18.10 -9.35
CA LYS A 157 -12.43 18.49 -8.13
C LYS A 157 -12.29 17.34 -7.16
N ILE A 158 -11.08 17.18 -6.63
CA ILE A 158 -10.80 16.14 -5.65
C ILE A 158 -10.37 16.80 -4.36
N GLU A 159 -10.74 16.23 -3.22
CA GLU A 159 -10.38 16.83 -1.94
C GLU A 159 -9.21 16.09 -1.31
N ILE A 160 -8.31 16.85 -0.68
CA ILE A 160 -7.15 16.26 -0.06
C ILE A 160 -7.13 16.51 1.45
N LYS A 161 -7.00 15.42 2.21
CA LYS A 161 -6.95 15.50 3.66
C LYS A 161 -5.87 14.57 4.19
N ARG A 162 -5.10 15.02 5.16
CA ARG A 162 -4.03 14.20 5.73
C ARG A 162 -4.56 12.80 6.07
N ALA A 163 -3.71 11.79 5.88
CA ALA A 163 -4.09 10.41 6.15
C ALA A 163 -4.60 10.25 7.58
N GLU A 164 -5.60 9.39 7.75
CA GLU A 164 -6.17 9.13 9.06
C GLU A 164 -6.11 7.65 9.39
N PRO A 165 -5.88 7.29 10.66
CA PRO A 165 -5.80 5.89 11.08
C PRO A 165 -7.07 5.13 10.72
N ARG A 166 -6.91 3.89 10.27
CA ARG A 166 -8.05 3.08 9.89
C ARG A 166 -9.02 2.92 11.05
N HIS A 167 -8.48 2.80 12.26
CA HIS A 167 -9.30 2.65 13.46
C HIS A 167 -8.46 2.85 14.72
N LYS A 1 19.26 -2.60 4.92
CA LYS A 1 18.41 -1.80 5.83
C LYS A 1 16.99 -2.35 5.87
N GLU A 2 16.86 -3.63 6.21
CA GLU A 2 15.55 -4.28 6.28
C GLU A 2 14.85 -4.26 4.92
N SER A 3 15.62 -4.06 3.85
CA SER A 3 15.07 -4.04 2.51
C SER A 3 14.33 -5.34 2.20
N CYS A 4 14.87 -6.44 2.70
CA CYS A 4 14.27 -7.76 2.48
C CYS A 4 12.86 -7.81 3.06
N LYS A 5 12.64 -7.05 4.12
CA LYS A 5 11.33 -7.00 4.78
C LYS A 5 10.32 -6.34 3.86
N MET A 6 9.11 -6.89 3.82
CA MET A 6 8.04 -6.35 2.97
C MET A 6 6.75 -6.14 3.74
N PHE A 7 5.89 -5.29 3.20
CA PHE A 7 4.59 -4.99 3.80
C PHE A 7 3.49 -5.65 2.98
N ILE A 8 2.60 -6.37 3.65
CA ILE A 8 1.51 -7.05 2.96
C ILE A 8 0.16 -6.53 3.45
N GLY A 9 -0.71 -6.18 2.52
CA GLY A 9 -2.03 -5.71 2.89
C GLY A 9 -3.12 -6.45 2.15
N GLY A 10 -4.32 -6.42 2.70
CA GLY A 10 -5.43 -7.11 2.06
C GLY A 10 -5.38 -8.61 2.27
N LEU A 11 -4.95 -9.02 3.47
CA LEU A 11 -4.83 -10.44 3.83
C LEU A 11 -6.18 -11.18 3.75
N ASN A 12 -7.28 -10.45 3.91
CA ASN A 12 -8.62 -11.04 3.90
C ASN A 12 -8.86 -11.80 5.20
N TRP A 13 -8.41 -11.21 6.30
CA TRP A 13 -8.55 -11.77 7.65
C TRP A 13 -8.56 -13.31 7.64
N ASP A 14 -7.88 -13.92 6.69
CA ASP A 14 -7.84 -15.38 6.59
C ASP A 14 -6.41 -15.91 6.45
N THR A 15 -5.42 -15.03 6.53
CA THR A 15 -4.02 -15.45 6.39
C THR A 15 -3.49 -16.00 7.72
N THR A 16 -2.82 -17.14 7.66
CA THR A 16 -2.28 -17.77 8.87
C THR A 16 -0.76 -17.68 8.89
N GLU A 17 -0.20 -16.82 8.05
CA GLU A 17 1.25 -16.66 7.93
C GLU A 17 1.83 -17.80 7.11
N ASP A 18 1.18 -18.98 7.18
CA ASP A 18 1.66 -20.14 6.45
C ASP A 18 1.61 -19.91 4.94
N ASN A 19 0.54 -19.27 4.50
CA ASN A 19 0.35 -19.00 3.07
C ASN A 19 1.45 -18.11 2.50
N LEU A 20 1.90 -17.12 3.27
CA LEU A 20 2.92 -16.19 2.80
C LEU A 20 4.26 -16.86 2.47
N ARG A 21 4.72 -17.78 3.30
CA ARG A 21 5.99 -18.44 3.02
C ARG A 21 5.87 -19.33 1.79
N GLU A 22 4.77 -20.08 1.69
CA GLU A 22 4.54 -20.95 0.54
C GLU A 22 4.20 -20.13 -0.70
N TYR A 23 3.32 -19.15 -0.52
CA TYR A 23 2.90 -18.28 -1.61
C TYR A 23 4.06 -17.50 -2.18
N PHE A 24 4.86 -16.95 -1.29
CA PHE A 24 6.00 -16.14 -1.69
C PHE A 24 7.31 -16.93 -1.70
N GLY A 25 7.22 -18.22 -1.35
CA GLY A 25 8.40 -19.06 -1.35
C GLY A 25 9.03 -19.15 -2.74
N LYS A 26 8.19 -19.02 -3.76
CA LYS A 26 8.63 -19.07 -5.16
C LYS A 26 9.68 -18.01 -5.42
N TYR A 27 9.41 -16.85 -4.86
CA TYR A 27 10.26 -15.67 -5.01
C TYR A 27 11.59 -15.81 -4.30
N GLY A 28 11.57 -16.50 -3.16
CA GLY A 28 12.80 -16.66 -2.41
C GLY A 28 12.67 -17.55 -1.20
N THR A 29 13.76 -17.60 -0.43
CA THR A 29 13.85 -18.40 0.78
C THR A 29 12.83 -17.97 1.83
N VAL A 30 12.42 -16.69 1.78
CA VAL A 30 11.49 -16.15 2.77
C VAL A 30 12.00 -16.45 4.18
N THR A 31 13.06 -15.74 4.54
CA THR A 31 13.72 -15.92 5.84
C THR A 31 12.76 -15.82 7.03
N ASP A 32 11.91 -14.79 7.04
CA ASP A 32 10.98 -14.62 8.16
C ASP A 32 9.57 -14.24 7.72
N LEU A 33 8.61 -14.53 8.60
CA LEU A 33 7.21 -14.23 8.35
C LEU A 33 6.62 -13.42 9.51
N LYS A 34 5.94 -12.33 9.21
CA LYS A 34 5.34 -11.53 10.28
C LYS A 34 3.90 -11.12 9.99
N ILE A 35 3.00 -11.54 10.87
CA ILE A 35 1.60 -11.19 10.78
C ILE A 35 1.13 -10.60 12.10
N MET A 36 0.41 -9.50 12.05
CA MET A 36 -0.07 -8.87 13.28
C MET A 36 -1.46 -9.39 13.63
N LYS A 37 -1.67 -9.70 14.90
CA LYS A 37 -2.95 -10.24 15.36
C LYS A 37 -3.50 -9.44 16.54
N ASP A 38 -4.83 -9.40 16.67
CA ASP A 38 -5.48 -8.67 17.75
C ASP A 38 -6.32 -9.60 18.63
N PRO A 39 -5.68 -10.36 19.52
CA PRO A 39 -6.40 -11.26 20.43
C PRO A 39 -7.42 -10.52 21.28
N ALA A 40 -7.17 -9.24 21.51
CA ALA A 40 -8.07 -8.41 22.30
C ALA A 40 -9.33 -8.05 21.54
N THR A 41 -9.16 -7.26 20.48
CA THR A 41 -10.29 -6.84 19.65
C THR A 41 -10.86 -8.05 18.91
N GLY A 42 -10.00 -9.02 18.66
CA GLY A 42 -10.43 -10.23 17.97
C GLY A 42 -10.28 -10.14 16.47
N ARG A 43 -9.67 -9.06 15.97
CA ARG A 43 -9.49 -8.92 14.53
C ARG A 43 -8.04 -8.59 14.17
N SER A 44 -7.50 -9.36 13.22
CA SER A 44 -6.12 -9.16 12.78
C SER A 44 -5.93 -7.82 12.08
N ARG A 45 -4.69 -7.34 12.10
CA ARG A 45 -4.34 -6.08 11.46
C ARG A 45 -4.76 -6.07 9.99
N GLY A 46 -4.70 -7.23 9.36
CA GLY A 46 -5.06 -7.33 7.96
C GLY A 46 -3.85 -7.19 7.06
N PHE A 47 -2.69 -7.03 7.67
CA PHE A 47 -1.44 -6.89 6.94
C PHE A 47 -0.33 -7.67 7.62
N GLY A 48 0.69 -8.02 6.83
CA GLY A 48 1.81 -8.77 7.37
C GLY A 48 3.11 -8.35 6.72
N PHE A 49 4.23 -8.62 7.38
CA PHE A 49 5.53 -8.26 6.83
C PHE A 49 6.28 -9.51 6.39
N LEU A 50 6.79 -9.50 5.16
CA LEU A 50 7.53 -10.64 4.62
C LEU A 50 9.02 -10.37 4.55
N SER A 51 9.82 -11.35 4.92
CA SER A 51 11.26 -11.22 4.85
C SER A 51 11.83 -12.30 3.95
N PHE A 52 12.76 -11.93 3.08
CA PHE A 52 13.37 -12.89 2.17
C PHE A 52 14.88 -12.91 2.33
N GLU A 53 15.48 -14.08 2.16
CA GLU A 53 16.92 -14.22 2.27
C GLU A 53 17.60 -13.39 1.18
N LYS A 54 16.95 -13.31 0.02
CA LYS A 54 17.46 -12.55 -1.11
C LYS A 54 16.57 -11.33 -1.38
N PRO A 55 17.11 -10.11 -1.20
CA PRO A 55 16.34 -8.88 -1.41
C PRO A 55 15.73 -8.76 -2.80
N SER A 56 16.31 -9.45 -3.78
CA SER A 56 15.80 -9.40 -5.14
C SER A 56 14.36 -9.91 -5.24
N SER A 57 14.02 -10.85 -4.37
CA SER A 57 12.67 -11.40 -4.34
C SER A 57 11.64 -10.31 -4.08
N VAL A 58 12.01 -9.36 -3.24
CA VAL A 58 11.13 -8.26 -2.89
C VAL A 58 10.76 -7.43 -4.12
N ASP A 59 11.76 -7.16 -4.97
CA ASP A 59 11.54 -6.37 -6.17
C ASP A 59 10.49 -7.00 -7.08
N GLU A 60 10.56 -8.32 -7.22
CA GLU A 60 9.62 -9.04 -8.06
C GLU A 60 8.26 -9.21 -7.40
N VAL A 61 8.25 -9.38 -6.09
CA VAL A 61 7.01 -9.59 -5.35
C VAL A 61 6.06 -8.40 -5.47
N VAL A 62 6.58 -7.20 -5.29
CA VAL A 62 5.75 -6.01 -5.35
C VAL A 62 5.22 -5.72 -6.77
N LYS A 63 6.10 -5.81 -7.75
CA LYS A 63 5.74 -5.55 -9.14
C LYS A 63 4.66 -6.50 -9.65
N THR A 64 4.73 -7.74 -9.20
CA THR A 64 3.79 -8.78 -9.63
C THR A 64 2.33 -8.45 -9.32
N GLN A 65 2.05 -7.86 -8.17
CA GLN A 65 0.66 -7.57 -7.79
C GLN A 65 -0.10 -8.89 -7.72
N HIS A 66 -0.41 -9.33 -6.51
CA HIS A 66 -1.06 -10.62 -6.35
C HIS A 66 -2.20 -10.61 -5.34
N ILE A 67 -2.98 -11.69 -5.36
CA ILE A 67 -4.08 -11.92 -4.44
C ILE A 67 -3.88 -13.27 -3.75
N LEU A 68 -3.73 -13.28 -2.43
CA LEU A 68 -3.47 -14.52 -1.70
C LEU A 68 -4.74 -15.24 -1.22
N ASP A 69 -5.59 -14.52 -0.49
CA ASP A 69 -6.83 -15.10 0.04
C ASP A 69 -8.05 -14.71 -0.78
N GLY A 70 -7.83 -14.21 -1.98
CA GLY A 70 -8.93 -13.78 -2.83
C GLY A 70 -9.12 -12.29 -2.77
N LYS A 71 -8.31 -11.62 -1.95
CA LYS A 71 -8.35 -10.18 -1.82
C LYS A 71 -7.09 -9.58 -2.42
N VAL A 72 -7.23 -8.48 -3.13
CA VAL A 72 -6.09 -7.85 -3.75
C VAL A 72 -5.11 -7.36 -2.70
N ILE A 73 -3.87 -7.82 -2.81
CA ILE A 73 -2.82 -7.40 -1.89
C ILE A 73 -1.70 -6.76 -2.68
N ASP A 74 -0.98 -5.83 -2.04
CA ASP A 74 0.10 -5.14 -2.72
C ASP A 74 1.38 -5.19 -1.91
N PRO A 75 2.09 -6.31 -1.99
CA PRO A 75 3.35 -6.50 -1.28
C PRO A 75 4.32 -5.34 -1.59
N LYS A 76 4.82 -4.70 -0.55
CA LYS A 76 5.72 -3.56 -0.71
C LYS A 76 6.94 -3.72 0.18
N ARG A 77 8.08 -3.19 -0.24
CA ARG A 77 9.29 -3.28 0.56
C ARG A 77 9.10 -2.51 1.87
N ALA A 78 9.48 -3.13 2.98
CA ALA A 78 9.34 -2.51 4.29
C ALA A 78 10.08 -1.18 4.34
N ILE A 79 9.52 -0.23 5.08
CA ILE A 79 10.11 1.09 5.21
C ILE A 79 10.70 1.32 6.60
N PRO A 80 12.00 1.69 6.68
CA PRO A 80 12.65 1.94 7.97
C PRO A 80 11.83 2.92 8.80
N ARG A 81 11.93 2.84 10.12
CA ARG A 81 11.15 3.71 10.99
C ARG A 81 11.37 5.19 10.67
N ASP A 82 12.61 5.59 10.40
CA ASP A 82 12.87 6.98 10.07
C ASP A 82 12.17 7.36 8.79
N GLU A 83 12.28 6.50 7.77
CA GLU A 83 11.63 6.74 6.50
C GLU A 83 10.12 6.56 6.65
N GLN A 84 9.74 5.62 7.52
CA GLN A 84 8.35 5.33 7.79
C GLN A 84 7.64 6.57 8.30
N ASP A 85 8.32 7.29 9.18
CA ASP A 85 7.76 8.53 9.72
C ASP A 85 7.57 9.55 8.61
N LYS A 86 8.55 9.60 7.71
CA LYS A 86 8.52 10.51 6.57
C LYS A 86 7.36 10.25 5.63
N THR A 87 6.97 8.98 5.50
CA THR A 87 5.88 8.58 4.59
C THR A 87 4.83 9.69 4.42
N GLY A 88 3.93 9.80 5.38
CA GLY A 88 2.92 10.84 5.32
C GLY A 88 1.81 10.52 4.33
N LYS A 89 1.30 9.29 4.39
CA LYS A 89 0.23 8.87 3.49
C LYS A 89 -0.99 9.75 3.68
N ILE A 90 -1.60 10.16 2.58
CA ILE A 90 -2.77 11.03 2.65
C ILE A 90 -3.99 10.44 1.95
N PHE A 91 -5.14 10.97 2.31
CA PHE A 91 -6.41 10.55 1.74
C PHE A 91 -6.87 11.51 0.65
N VAL A 92 -7.34 10.95 -0.45
CA VAL A 92 -7.80 11.75 -1.58
C VAL A 92 -9.17 11.31 -2.04
N GLY A 93 -9.97 12.30 -2.46
CA GLY A 93 -11.32 12.03 -2.95
C GLY A 93 -11.53 12.62 -4.32
N GLY A 94 -12.65 12.30 -4.95
CA GLY A 94 -12.90 12.84 -6.27
C GLY A 94 -12.32 11.96 -7.36
N ILE A 95 -11.99 10.73 -7.00
CA ILE A 95 -11.41 9.79 -7.95
C ILE A 95 -12.40 8.68 -8.27
N GLY A 96 -12.62 8.43 -9.56
CA GLY A 96 -13.56 7.40 -9.96
C GLY A 96 -13.49 7.09 -11.46
N PRO A 97 -14.42 7.65 -12.26
CA PRO A 97 -14.44 7.41 -13.71
C PRO A 97 -13.17 7.84 -14.43
N ASP A 98 -12.69 6.98 -15.34
CA ASP A 98 -11.49 7.27 -16.12
C ASP A 98 -10.31 7.67 -15.26
N VAL A 99 -10.11 6.97 -14.15
CA VAL A 99 -9.00 7.26 -13.25
C VAL A 99 -8.16 6.02 -12.97
N ARG A 100 -7.83 5.25 -13.99
CA ARG A 100 -7.03 4.05 -13.81
C ARG A 100 -5.91 4.32 -12.81
N PRO A 101 -5.45 3.30 -12.07
CA PRO A 101 -4.41 3.48 -11.06
C PRO A 101 -3.16 4.13 -11.61
N LYS A 102 -2.90 3.92 -12.90
CA LYS A 102 -1.74 4.51 -13.54
C LYS A 102 -1.78 6.04 -13.48
N GLU A 103 -2.94 6.62 -13.78
CA GLU A 103 -3.11 8.07 -13.76
C GLU A 103 -2.99 8.63 -12.35
N PHE A 104 -3.54 7.90 -11.39
CA PHE A 104 -3.52 8.32 -9.99
C PHE A 104 -2.10 8.37 -9.44
N GLU A 105 -1.34 7.29 -9.68
CA GLU A 105 0.04 7.23 -9.22
C GLU A 105 0.89 8.32 -9.88
N GLU A 106 0.67 8.52 -11.17
CA GLU A 106 1.40 9.54 -11.91
C GLU A 106 0.85 10.92 -11.58
N PHE A 107 -0.42 10.98 -11.23
CA PHE A 107 -1.06 12.25 -10.87
C PHE A 107 -0.42 12.88 -9.65
N PHE A 108 -0.41 12.13 -8.55
CA PHE A 108 0.16 12.59 -7.29
C PHE A 108 1.66 12.81 -7.38
N SER A 109 2.31 12.16 -8.35
CA SER A 109 3.75 12.33 -8.53
C SER A 109 4.05 13.81 -8.76
N GLN A 110 3.00 14.53 -9.16
CA GLN A 110 3.06 15.95 -9.41
C GLN A 110 3.74 16.71 -8.28
N TRP A 111 3.49 16.29 -7.04
CA TRP A 111 4.10 16.97 -5.90
C TRP A 111 4.74 15.98 -4.92
N GLY A 112 5.47 15.01 -5.46
CA GLY A 112 6.13 14.04 -4.61
C GLY A 112 6.53 12.78 -5.35
N THR A 113 7.61 12.16 -4.89
CA THR A 113 8.11 10.92 -5.48
C THR A 113 7.07 9.82 -5.42
N ILE A 114 6.29 9.82 -4.34
CA ILE A 114 5.25 8.81 -4.14
C ILE A 114 5.87 7.44 -3.88
N ILE A 115 5.71 6.94 -2.66
CA ILE A 115 6.25 5.64 -2.32
C ILE A 115 5.63 4.55 -3.19
N ASP A 116 4.38 4.79 -3.62
CA ASP A 116 3.68 3.84 -4.47
C ASP A 116 2.30 4.38 -4.89
N ALA A 117 1.53 4.88 -3.91
CA ALA A 117 0.19 5.41 -4.17
C ALA A 117 -0.68 4.43 -4.96
N GLN A 118 -1.82 4.06 -4.38
CA GLN A 118 -2.71 3.12 -5.04
C GLN A 118 -4.18 3.48 -4.86
N LEU A 119 -5.00 3.03 -5.81
CA LEU A 119 -6.44 3.26 -5.77
C LEU A 119 -7.09 2.52 -4.60
N MET A 120 -6.51 1.37 -4.25
CA MET A 120 -7.00 0.50 -3.16
C MET A 120 -7.76 -0.69 -3.74
N LEU A 121 -9.02 -0.47 -4.09
CA LEU A 121 -9.88 -1.51 -4.67
C LEU A 121 -9.64 -2.87 -4.01
N ASP A 122 -9.96 -2.98 -2.73
CA ASP A 122 -9.78 -4.24 -2.01
C ASP A 122 -10.54 -5.37 -2.70
N LYS A 123 -11.74 -5.07 -3.18
CA LYS A 123 -12.56 -6.04 -3.88
C LYS A 123 -12.37 -5.95 -5.39
N ASP A 124 -11.39 -5.17 -5.83
CA ASP A 124 -11.12 -4.99 -7.25
C ASP A 124 -12.34 -4.38 -7.94
N THR A 125 -12.94 -3.40 -7.28
CA THR A 125 -14.12 -2.71 -7.81
C THR A 125 -14.45 -1.50 -6.96
N GLY A 126 -14.87 -1.76 -5.73
CA GLY A 126 -15.21 -0.67 -4.84
C GLY A 126 -13.97 -0.12 -4.15
N GLN A 127 -14.15 0.94 -3.39
CA GLN A 127 -13.04 1.57 -2.67
C GLN A 127 -12.02 2.14 -3.64
N SER A 128 -12.52 2.83 -4.66
CA SER A 128 -11.66 3.44 -5.68
C SER A 128 -12.48 4.40 -6.53
N ARG A 129 -13.69 3.96 -6.87
CA ARG A 129 -14.61 4.77 -7.67
C ARG A 129 -14.83 6.13 -7.05
N GLY A 130 -14.76 6.19 -5.72
CA GLY A 130 -15.00 7.45 -5.03
C GLY A 130 -13.73 8.11 -4.47
N PHE A 131 -12.80 7.32 -3.94
CA PHE A 131 -11.59 7.90 -3.35
C PHE A 131 -10.32 7.14 -3.74
N GLY A 132 -9.18 7.76 -3.46
CA GLY A 132 -7.89 7.15 -3.75
C GLY A 132 -6.93 7.25 -2.56
N PHE A 133 -5.93 6.39 -2.54
CA PHE A 133 -4.94 6.36 -1.45
C PHE A 133 -3.53 6.64 -1.96
N VAL A 134 -2.86 7.65 -1.41
CA VAL A 134 -1.49 7.96 -1.82
C VAL A 134 -0.54 8.07 -0.63
N THR A 135 0.64 7.47 -0.77
CA THR A 135 1.67 7.55 0.26
C THR A 135 2.93 8.14 -0.36
N TYR A 136 3.61 9.00 0.37
CA TYR A 136 4.82 9.64 -0.13
C TYR A 136 6.06 9.21 0.62
N ASP A 137 7.13 8.96 -0.13
CA ASP A 137 8.39 8.56 0.47
C ASP A 137 8.93 9.68 1.35
N SER A 138 8.62 10.93 0.99
CA SER A 138 9.08 12.07 1.76
C SER A 138 7.92 12.83 2.39
N ALA A 139 8.16 13.34 3.59
CA ALA A 139 7.16 14.09 4.35
C ALA A 139 6.85 15.44 3.71
N ASP A 140 7.86 16.05 3.10
CA ASP A 140 7.69 17.36 2.48
C ASP A 140 6.60 17.37 1.42
N ALA A 141 6.47 16.29 0.68
CA ALA A 141 5.46 16.20 -0.37
C ALA A 141 4.04 16.35 0.17
N VAL A 142 3.77 15.76 1.33
CA VAL A 142 2.45 15.84 1.93
C VAL A 142 2.02 17.28 2.19
N ASP A 143 2.97 18.10 2.61
CA ASP A 143 2.71 19.50 2.93
C ASP A 143 2.23 20.30 1.71
N ARG A 144 2.83 20.02 0.55
CA ARG A 144 2.50 20.75 -0.67
C ARG A 144 1.04 20.61 -1.08
N VAL A 145 0.50 19.41 -0.99
CA VAL A 145 -0.87 19.17 -1.38
C VAL A 145 -1.86 19.84 -0.44
N CYS A 146 -1.51 19.92 0.84
CA CYS A 146 -2.38 20.54 1.83
C CYS A 146 -2.71 21.98 1.47
N GLN A 147 -1.70 22.74 1.08
CA GLN A 147 -1.91 24.14 0.70
C GLN A 147 -2.84 24.24 -0.50
N ASN A 148 -2.65 23.32 -1.45
CA ASN A 148 -3.46 23.29 -2.65
C ASN A 148 -4.94 23.07 -2.37
N LYS A 149 -5.22 22.31 -1.30
CA LYS A 149 -6.60 21.98 -0.94
C LYS A 149 -7.18 21.05 -2.00
N PHE A 150 -7.48 21.62 -3.17
CA PHE A 150 -8.01 20.83 -4.28
C PHE A 150 -7.01 20.80 -5.42
N ILE A 151 -6.96 19.67 -6.10
CA ILE A 151 -6.07 19.53 -7.24
C ILE A 151 -6.89 19.24 -8.49
N ASP A 152 -6.60 19.95 -9.56
CA ASP A 152 -7.30 19.72 -10.81
C ASP A 152 -6.76 18.45 -11.44
N PHE A 153 -7.17 17.32 -10.90
CA PHE A 153 -6.72 16.04 -11.41
C PHE A 153 -7.36 15.73 -12.73
N LYS A 154 -8.68 15.82 -12.74
CA LYS A 154 -9.46 15.55 -13.92
C LYS A 154 -10.40 16.71 -14.19
N ASP A 155 -11.54 16.43 -14.81
CA ASP A 155 -12.52 17.46 -15.10
C ASP A 155 -12.99 18.17 -13.82
N ARG A 156 -12.91 17.47 -12.68
CA ARG A 156 -13.37 18.03 -11.42
C ARG A 156 -12.26 18.08 -10.38
N LYS A 157 -12.45 18.93 -9.37
CA LYS A 157 -11.48 19.08 -8.28
C LYS A 157 -11.55 17.91 -7.32
N ILE A 158 -10.41 17.59 -6.72
CA ILE A 158 -10.33 16.52 -5.75
C ILE A 158 -9.89 17.09 -4.41
N GLU A 159 -10.33 16.48 -3.32
CA GLU A 159 -9.95 16.97 -2.01
C GLU A 159 -9.01 15.96 -1.34
N ILE A 160 -7.92 16.45 -0.80
CA ILE A 160 -6.95 15.58 -0.15
C ILE A 160 -6.75 15.96 1.32
N LYS A 161 -6.90 14.97 2.19
CA LYS A 161 -6.73 15.17 3.62
C LYS A 161 -5.72 14.18 4.17
N ARG A 162 -5.01 14.55 5.23
CA ARG A 162 -4.02 13.65 5.82
C ARG A 162 -4.67 12.33 6.21
N ALA A 163 -3.93 11.25 6.05
CA ALA A 163 -4.44 9.92 6.37
C ALA A 163 -4.81 9.80 7.84
N GLU A 164 -5.89 9.10 8.12
CA GLU A 164 -6.36 8.89 9.48
C GLU A 164 -6.13 7.45 9.90
N PRO A 165 -5.64 7.20 11.14
CA PRO A 165 -5.41 5.85 11.62
C PRO A 165 -6.67 5.00 11.55
N ARG A 166 -6.54 3.80 10.98
CA ARG A 166 -7.66 2.89 10.85
C ARG A 166 -8.27 2.57 12.20
N HIS A 167 -7.40 2.43 13.21
CA HIS A 167 -7.84 2.12 14.57
C HIS A 167 -8.35 3.37 15.27
N LYS A 1 17.32 -1.36 1.80
CA LYS A 1 18.43 -1.83 0.91
C LYS A 1 19.24 -2.92 1.59
N GLU A 2 19.81 -2.61 2.75
CA GLU A 2 20.62 -3.56 3.50
C GLU A 2 19.78 -4.77 3.91
N SER A 3 18.49 -4.54 4.15
CA SER A 3 17.59 -5.62 4.54
C SER A 3 16.51 -5.83 3.50
N CYS A 4 16.10 -7.08 3.32
CA CYS A 4 15.06 -7.42 2.36
C CYS A 4 13.79 -7.84 3.09
N LYS A 5 12.93 -6.87 3.34
CA LYS A 5 11.68 -7.10 4.04
C LYS A 5 10.49 -6.57 3.23
N MET A 6 9.41 -7.33 3.22
CA MET A 6 8.21 -6.96 2.46
C MET A 6 7.00 -6.74 3.38
N PHE A 7 6.14 -5.81 2.97
CA PHE A 7 4.92 -5.50 3.69
C PHE A 7 3.73 -6.11 2.96
N ILE A 8 2.88 -6.83 3.68
CA ILE A 8 1.74 -7.47 3.05
C ILE A 8 0.43 -6.92 3.61
N GLY A 9 -0.48 -6.55 2.72
CA GLY A 9 -1.77 -6.04 3.15
C GLY A 9 -2.91 -6.77 2.47
N GLY A 10 -4.11 -6.65 3.02
CA GLY A 10 -5.24 -7.32 2.42
C GLY A 10 -5.26 -8.81 2.74
N LEU A 11 -4.84 -9.13 3.96
CA LEU A 11 -4.76 -10.51 4.44
C LEU A 11 -6.11 -11.24 4.45
N ASN A 12 -7.21 -10.51 4.57
CA ASN A 12 -8.53 -11.14 4.67
C ASN A 12 -8.67 -11.82 6.04
N TRP A 13 -8.16 -11.12 7.06
CA TRP A 13 -8.21 -11.57 8.45
C TRP A 13 -8.13 -13.10 8.59
N ASP A 14 -7.26 -13.72 7.78
CA ASP A 14 -7.10 -15.18 7.84
C ASP A 14 -5.97 -15.68 6.93
N THR A 15 -5.04 -14.80 6.59
CA THR A 15 -3.92 -15.16 5.73
C THR A 15 -3.04 -16.25 6.33
N THR A 16 -2.83 -16.20 7.64
CA THR A 16 -1.97 -17.17 8.30
C THR A 16 -0.57 -17.12 7.67
N GLU A 17 0.46 -17.02 8.50
CA GLU A 17 1.82 -16.92 8.01
C GLU A 17 2.20 -18.14 7.16
N ASP A 18 1.60 -19.29 7.46
CA ASP A 18 1.88 -20.51 6.71
C ASP A 18 1.54 -20.35 5.22
N ASN A 19 0.42 -19.69 4.94
CA ASN A 19 -0.03 -19.48 3.56
C ASN A 19 0.91 -18.61 2.74
N LEU A 20 1.50 -17.58 3.36
CA LEU A 20 2.37 -16.66 2.65
C LEU A 20 3.53 -17.35 1.95
N ARG A 21 4.22 -18.25 2.64
CA ARG A 21 5.33 -18.96 2.01
C ARG A 21 4.81 -19.85 0.89
N GLU A 22 3.61 -20.36 1.08
CA GLU A 22 3.01 -21.25 0.09
C GLU A 22 2.81 -20.53 -1.25
N TYR A 23 2.40 -19.26 -1.20
CA TYR A 23 2.19 -18.50 -2.44
C TYR A 23 3.43 -17.69 -2.79
N PHE A 24 4.01 -17.02 -1.81
CA PHE A 24 5.21 -16.23 -2.02
C PHE A 24 6.45 -17.11 -2.21
N GLY A 25 6.33 -18.39 -1.88
CA GLY A 25 7.45 -19.31 -2.01
C GLY A 25 8.08 -19.31 -3.40
N LYS A 26 7.31 -18.96 -4.41
CA LYS A 26 7.80 -18.92 -5.79
C LYS A 26 9.01 -18.01 -5.91
N TYR A 27 8.91 -16.88 -5.22
CA TYR A 27 9.93 -15.86 -5.24
C TYR A 27 11.20 -16.26 -4.52
N GLY A 28 11.06 -17.03 -3.46
CA GLY A 28 12.23 -17.46 -2.73
C GLY A 28 11.94 -18.24 -1.47
N THR A 29 13.00 -18.54 -0.74
CA THR A 29 12.91 -19.29 0.51
C THR A 29 12.14 -18.51 1.57
N VAL A 30 12.11 -17.18 1.43
CA VAL A 30 11.45 -16.33 2.42
C VAL A 30 11.98 -16.66 3.80
N THR A 31 13.17 -16.11 4.08
CA THR A 31 13.88 -16.35 5.33
C THR A 31 12.98 -16.21 6.55
N ASP A 32 12.25 -15.09 6.63
CA ASP A 32 11.38 -14.86 7.78
C ASP A 32 10.11 -14.10 7.40
N LEU A 33 8.97 -14.68 7.71
CA LEU A 33 7.68 -14.04 7.46
C LEU A 33 7.08 -13.62 8.78
N LYS A 34 6.24 -12.60 8.77
CA LYS A 34 5.66 -12.11 10.00
C LYS A 34 4.18 -11.77 9.89
N ILE A 35 3.38 -12.37 10.76
CA ILE A 35 1.95 -12.07 10.83
C ILE A 35 1.61 -11.61 12.25
N MET A 36 0.97 -10.46 12.34
CA MET A 36 0.58 -9.91 13.63
C MET A 36 -0.87 -10.29 13.95
N LYS A 37 -1.12 -11.60 13.99
CA LYS A 37 -2.44 -12.14 14.26
C LYS A 37 -2.92 -11.78 15.67
N ASP A 38 -4.24 -11.65 15.82
CA ASP A 38 -4.84 -11.29 17.10
C ASP A 38 -5.82 -12.37 17.58
N PRO A 39 -5.30 -13.51 18.08
CA PRO A 39 -6.13 -14.61 18.57
C PRO A 39 -7.05 -14.19 19.73
N ALA A 40 -6.64 -13.14 20.44
CA ALA A 40 -7.41 -12.65 21.59
C ALA A 40 -8.74 -12.05 21.16
N THR A 41 -8.69 -10.86 20.59
CA THR A 41 -9.90 -10.18 20.13
C THR A 41 -10.52 -10.91 18.96
N GLY A 42 -9.70 -11.65 18.23
CA GLY A 42 -10.19 -12.39 17.08
C GLY A 42 -10.05 -11.61 15.79
N ARG A 43 -9.52 -10.40 15.86
CA ARG A 43 -9.33 -9.58 14.67
C ARG A 43 -7.89 -9.10 14.59
N SER A 44 -7.29 -9.25 13.43
CA SER A 44 -5.89 -8.87 13.24
C SER A 44 -5.73 -7.65 12.34
N ARG A 45 -4.60 -6.96 12.54
CA ARG A 45 -4.27 -5.76 11.78
C ARG A 45 -4.53 -5.94 10.28
N GLY A 46 -4.35 -7.16 9.77
CA GLY A 46 -4.61 -7.43 8.37
C GLY A 46 -3.41 -7.24 7.46
N PHE A 47 -2.20 -7.32 8.01
CA PHE A 47 -0.99 -7.18 7.20
C PHE A 47 0.16 -7.96 7.82
N GLY A 48 1.10 -8.40 6.98
CA GLY A 48 2.23 -9.15 7.49
C GLY A 48 3.53 -8.74 6.83
N PHE A 49 4.66 -9.08 7.46
CA PHE A 49 5.96 -8.72 6.92
C PHE A 49 6.69 -9.97 6.42
N LEU A 50 7.13 -9.95 5.17
CA LEU A 50 7.86 -11.09 4.61
C LEU A 50 9.33 -10.76 4.44
N SER A 51 10.19 -11.73 4.69
CA SER A 51 11.63 -11.52 4.54
C SER A 51 12.20 -12.58 3.60
N PHE A 52 12.97 -12.13 2.60
CA PHE A 52 13.58 -13.06 1.65
C PHE A 52 15.10 -13.04 1.76
N GLU A 53 15.70 -14.23 1.75
CA GLU A 53 17.15 -14.34 1.83
C GLU A 53 17.81 -13.64 0.65
N LYS A 54 17.14 -13.68 -0.50
CA LYS A 54 17.65 -13.03 -1.71
C LYS A 54 16.85 -11.78 -2.04
N PRO A 55 17.49 -10.59 -2.03
CA PRO A 55 16.80 -9.32 -2.32
C PRO A 55 16.13 -9.30 -3.69
N SER A 56 16.67 -10.05 -4.65
CA SER A 56 16.09 -10.10 -5.99
C SER A 56 14.65 -10.60 -5.94
N SER A 57 14.38 -11.55 -5.06
CA SER A 57 13.04 -12.10 -4.92
C SER A 57 12.07 -11.00 -4.51
N VAL A 58 12.56 -10.06 -3.72
CA VAL A 58 11.75 -8.95 -3.25
C VAL A 58 11.22 -8.12 -4.41
N ASP A 59 12.06 -7.88 -5.41
CA ASP A 59 11.65 -7.09 -6.57
C ASP A 59 10.44 -7.72 -7.25
N GLU A 60 10.47 -9.05 -7.39
CA GLU A 60 9.37 -9.79 -8.00
C GLU A 60 8.15 -9.81 -7.10
N VAL A 61 8.36 -9.83 -5.79
CA VAL A 61 7.26 -9.89 -4.84
C VAL A 61 6.35 -8.69 -4.98
N VAL A 62 6.92 -7.51 -5.13
CA VAL A 62 6.12 -6.30 -5.24
C VAL A 62 5.62 -6.04 -6.66
N LYS A 63 6.53 -6.10 -7.64
CA LYS A 63 6.19 -5.83 -9.03
C LYS A 63 5.14 -6.80 -9.58
N THR A 64 5.25 -8.07 -9.20
CA THR A 64 4.31 -9.07 -9.69
C THR A 64 2.85 -8.78 -9.35
N GLN A 65 2.60 -8.27 -8.15
CA GLN A 65 1.22 -7.99 -7.73
C GLN A 65 0.45 -9.31 -7.69
N HIS A 66 0.04 -9.73 -6.49
CA HIS A 66 -0.64 -11.01 -6.36
C HIS A 66 -1.90 -10.93 -5.49
N ILE A 67 -2.67 -12.02 -5.52
CA ILE A 67 -3.90 -12.13 -4.75
C ILE A 67 -3.78 -13.29 -3.73
N LEU A 68 -4.06 -13.03 -2.46
CA LEU A 68 -3.97 -14.10 -1.46
C LEU A 68 -5.33 -14.38 -0.81
N ASP A 69 -5.73 -15.65 -0.86
CA ASP A 69 -6.99 -16.11 -0.27
C ASP A 69 -8.22 -15.32 -0.74
N GLY A 70 -8.29 -15.01 -2.03
CA GLY A 70 -9.46 -14.31 -2.56
C GLY A 70 -9.33 -12.80 -2.54
N LYS A 71 -8.50 -12.27 -1.65
CA LYS A 71 -8.31 -10.82 -1.57
C LYS A 71 -7.11 -10.36 -2.37
N VAL A 72 -7.18 -9.13 -2.84
CA VAL A 72 -6.09 -8.58 -3.63
C VAL A 72 -5.12 -7.85 -2.72
N ILE A 73 -3.84 -8.19 -2.86
CA ILE A 73 -2.82 -7.58 -2.04
C ILE A 73 -1.71 -6.98 -2.90
N ASP A 74 -1.02 -5.99 -2.35
CA ASP A 74 0.06 -5.33 -3.05
C ASP A 74 1.30 -5.28 -2.17
N PRO A 75 2.02 -6.39 -2.04
CA PRO A 75 3.23 -6.47 -1.22
C PRO A 75 4.22 -5.35 -1.55
N LYS A 76 4.72 -4.67 -0.52
CA LYS A 76 5.68 -3.59 -0.70
C LYS A 76 6.80 -3.69 0.32
N ARG A 77 8.03 -3.42 -0.10
CA ARG A 77 9.17 -3.50 0.81
C ARG A 77 8.93 -2.72 2.10
N ALA A 78 9.41 -3.28 3.21
CA ALA A 78 9.27 -2.65 4.52
C ALA A 78 10.00 -1.31 4.55
N ILE A 79 9.45 -0.33 5.26
CA ILE A 79 10.08 0.99 5.35
C ILE A 79 10.68 1.20 6.74
N PRO A 80 11.91 1.75 6.82
CA PRO A 80 12.55 2.02 8.11
C PRO A 80 11.66 2.91 8.97
N ARG A 81 11.60 2.62 10.26
CA ARG A 81 10.77 3.40 11.16
C ARG A 81 11.14 4.88 11.17
N ASP A 82 12.43 5.18 11.08
CA ASP A 82 12.87 6.57 11.08
C ASP A 82 12.26 7.33 9.90
N GLU A 83 12.35 6.74 8.72
CA GLU A 83 11.79 7.34 7.52
C GLU A 83 10.26 7.23 7.55
N GLN A 84 9.80 6.07 7.98
CA GLN A 84 8.38 5.76 8.07
C GLN A 84 7.66 6.72 9.01
N ASP A 85 8.34 7.10 10.09
CA ASP A 85 7.76 8.00 11.08
C ASP A 85 7.31 9.31 10.45
N LYS A 86 8.07 9.80 9.48
CA LYS A 86 7.74 11.05 8.81
C LYS A 86 6.71 10.85 7.71
N THR A 87 7.15 10.27 6.59
CA THR A 87 6.29 9.99 5.45
C THR A 87 5.29 11.12 5.20
N GLY A 88 4.30 10.87 4.34
CA GLY A 88 3.30 11.86 4.03
C GLY A 88 2.13 11.28 3.26
N LYS A 89 1.57 10.19 3.77
CA LYS A 89 0.44 9.53 3.11
C LYS A 89 -0.83 10.36 3.29
N ILE A 90 -1.51 10.63 2.19
CA ILE A 90 -2.74 11.42 2.24
C ILE A 90 -3.93 10.73 1.61
N PHE A 91 -5.11 11.23 1.95
CA PHE A 91 -6.36 10.71 1.44
C PHE A 91 -6.90 11.58 0.31
N VAL A 92 -7.34 10.93 -0.76
CA VAL A 92 -7.90 11.64 -1.89
C VAL A 92 -9.27 11.05 -2.24
N GLY A 93 -10.24 11.91 -2.51
CA GLY A 93 -11.58 11.43 -2.83
C GLY A 93 -12.12 11.95 -4.15
N GLY A 94 -11.29 12.68 -4.89
CA GLY A 94 -11.73 13.20 -6.16
C GLY A 94 -11.49 12.25 -7.31
N ILE A 95 -11.10 11.02 -6.99
CA ILE A 95 -10.85 10.02 -8.02
C ILE A 95 -11.75 8.80 -7.86
N GLY A 96 -11.99 8.10 -8.95
CA GLY A 96 -12.84 6.92 -8.94
C GLY A 96 -12.71 6.13 -10.23
N PRO A 97 -13.82 5.54 -10.72
CA PRO A 97 -13.82 4.75 -11.96
C PRO A 97 -13.29 5.55 -13.15
N ASP A 98 -13.32 6.87 -13.03
CA ASP A 98 -12.86 7.75 -14.11
C ASP A 98 -11.34 7.93 -14.09
N VAL A 99 -10.66 7.24 -13.19
CA VAL A 99 -9.21 7.33 -13.09
C VAL A 99 -8.57 5.94 -13.14
N ARG A 100 -7.31 5.89 -13.52
CA ARG A 100 -6.59 4.63 -13.60
C ARG A 100 -5.52 4.59 -12.52
N PRO A 101 -5.11 3.38 -12.09
CA PRO A 101 -4.09 3.25 -11.05
C PRO A 101 -2.78 3.93 -11.46
N LYS A 102 -2.38 3.75 -12.71
CA LYS A 102 -1.16 4.37 -13.21
C LYS A 102 -1.26 5.88 -13.18
N GLU A 103 -2.42 6.41 -13.59
CA GLU A 103 -2.64 7.85 -13.61
C GLU A 103 -2.68 8.44 -12.20
N PHE A 104 -3.25 7.69 -11.27
CA PHE A 104 -3.34 8.14 -9.89
C PHE A 104 -1.96 8.32 -9.27
N GLU A 105 -1.12 7.29 -9.35
CA GLU A 105 0.24 7.41 -8.83
C GLU A 105 0.97 8.45 -9.65
N GLU A 106 0.66 8.45 -10.94
CA GLU A 106 1.20 9.38 -11.91
C GLU A 106 0.83 10.83 -11.58
N PHE A 107 -0.39 11.01 -11.10
CA PHE A 107 -0.89 12.34 -10.76
C PHE A 107 -0.21 12.93 -9.53
N PHE A 108 -0.28 12.21 -8.42
CA PHE A 108 0.31 12.66 -7.17
C PHE A 108 1.84 12.75 -7.26
N SER A 109 2.42 11.99 -8.18
CA SER A 109 3.87 11.98 -8.35
C SER A 109 4.40 13.38 -8.70
N GLN A 110 3.55 14.21 -9.30
CA GLN A 110 3.95 15.55 -9.68
C GLN A 110 4.44 16.36 -8.49
N TRP A 111 3.83 16.18 -7.32
CA TRP A 111 4.26 16.92 -6.13
C TRP A 111 4.83 15.98 -5.05
N GLY A 112 5.59 14.98 -5.49
CA GLY A 112 6.19 14.06 -4.56
C GLY A 112 6.54 12.73 -5.20
N THR A 113 7.62 12.12 -4.73
CA THR A 113 8.07 10.84 -5.24
C THR A 113 7.00 9.77 -5.09
N ILE A 114 6.28 9.82 -3.98
CA ILE A 114 5.22 8.85 -3.68
C ILE A 114 5.81 7.47 -3.40
N ILE A 115 6.12 7.17 -2.14
CA ILE A 115 6.66 5.85 -1.82
C ILE A 115 5.72 4.77 -2.34
N ASP A 116 4.43 4.95 -2.10
CA ASP A 116 3.42 4.00 -2.56
C ASP A 116 2.06 4.68 -2.70
N ALA A 117 1.27 4.24 -3.66
CA ALA A 117 -0.06 4.80 -3.86
C ALA A 117 -0.95 3.78 -4.55
N GLN A 118 -2.21 3.72 -4.14
CA GLN A 118 -3.14 2.79 -4.76
C GLN A 118 -4.56 3.34 -4.82
N LEU A 119 -5.32 2.80 -5.77
CA LEU A 119 -6.70 3.18 -5.97
C LEU A 119 -7.57 2.82 -4.77
N MET A 120 -7.23 1.70 -4.12
CA MET A 120 -8.00 1.22 -2.97
C MET A 120 -9.37 0.72 -3.39
N LEU A 121 -9.41 -0.52 -3.89
CA LEU A 121 -10.67 -1.12 -4.33
C LEU A 121 -10.98 -2.39 -3.54
N ASP A 122 -12.17 -2.44 -2.96
CA ASP A 122 -12.61 -3.62 -2.22
C ASP A 122 -13.24 -4.61 -3.17
N LYS A 123 -12.66 -5.80 -3.27
CA LYS A 123 -13.18 -6.79 -4.20
C LYS A 123 -13.15 -6.24 -5.63
N ASP A 124 -14.07 -6.69 -6.48
CA ASP A 124 -14.10 -6.22 -7.87
C ASP A 124 -14.17 -4.70 -7.93
N THR A 125 -14.94 -4.10 -7.04
CA THR A 125 -15.06 -2.64 -7.00
C THR A 125 -15.76 -2.18 -5.72
N GLY A 126 -15.02 -1.46 -4.88
CA GLY A 126 -15.58 -0.96 -3.64
C GLY A 126 -15.04 0.40 -3.24
N GLN A 127 -13.96 0.38 -2.46
CA GLN A 127 -13.32 1.60 -1.96
C GLN A 127 -12.91 2.52 -3.10
N SER A 128 -12.57 1.95 -4.25
CA SER A 128 -12.15 2.74 -5.41
C SER A 128 -13.30 3.46 -6.06
N ARG A 129 -14.52 3.24 -5.57
CA ARG A 129 -15.71 3.86 -6.13
C ARG A 129 -15.57 5.38 -6.23
N GLY A 130 -14.87 6.01 -5.28
CA GLY A 130 -14.73 7.46 -5.34
C GLY A 130 -13.52 8.02 -4.61
N PHE A 131 -12.59 7.18 -4.16
CA PHE A 131 -11.41 7.72 -3.48
C PHE A 131 -10.15 6.89 -3.76
N GLY A 132 -9.00 7.47 -3.45
CA GLY A 132 -7.72 6.79 -3.65
C GLY A 132 -6.75 7.04 -2.51
N PHE A 133 -5.71 6.22 -2.44
CA PHE A 133 -4.70 6.36 -1.37
C PHE A 133 -3.30 6.64 -1.93
N VAL A 134 -2.66 7.67 -1.42
CA VAL A 134 -1.29 8.00 -1.84
C VAL A 134 -0.34 8.15 -0.66
N THR A 135 0.86 7.61 -0.81
CA THR A 135 1.87 7.71 0.24
C THR A 135 3.07 8.50 -0.28
N TYR A 136 3.59 9.41 0.56
CA TYR A 136 4.73 10.23 0.17
C TYR A 136 5.97 9.95 1.00
N ASP A 137 7.11 9.85 0.32
CA ASP A 137 8.37 9.60 0.99
C ASP A 137 8.77 10.75 1.90
N SER A 138 8.40 11.97 1.53
CA SER A 138 8.77 13.14 2.33
C SER A 138 7.55 13.93 2.77
N ALA A 139 7.63 14.47 3.98
CA ALA A 139 6.56 15.28 4.54
C ALA A 139 6.37 16.57 3.77
N ASP A 140 7.46 17.09 3.22
CA ASP A 140 7.42 18.33 2.45
C ASP A 140 6.42 18.23 1.30
N ALA A 141 6.39 17.06 0.67
CA ALA A 141 5.48 16.83 -0.45
C ALA A 141 4.01 16.91 -0.03
N VAL A 142 3.69 16.35 1.12
CA VAL A 142 2.32 16.37 1.62
C VAL A 142 1.82 17.79 1.81
N ASP A 143 2.71 18.65 2.27
CA ASP A 143 2.37 20.05 2.51
C ASP A 143 1.94 20.76 1.23
N ARG A 144 2.59 20.41 0.11
CA ARG A 144 2.29 21.04 -1.17
C ARG A 144 0.83 20.86 -1.57
N VAL A 145 0.32 19.66 -1.41
CA VAL A 145 -1.06 19.37 -1.77
C VAL A 145 -2.03 19.99 -0.78
N CYS A 146 -1.64 20.00 0.49
CA CYS A 146 -2.48 20.55 1.55
C CYS A 146 -2.80 22.01 1.28
N GLN A 147 -1.79 22.79 0.92
CA GLN A 147 -2.02 24.21 0.62
C GLN A 147 -2.93 24.35 -0.60
N ASN A 148 -2.70 23.49 -1.59
CA ASN A 148 -3.49 23.50 -2.81
C ASN A 148 -4.95 23.14 -2.54
N LYS A 149 -5.17 22.24 -1.59
CA LYS A 149 -6.51 21.77 -1.27
C LYS A 149 -7.08 20.96 -2.44
N PHE A 150 -7.32 21.64 -3.54
CA PHE A 150 -7.83 21.00 -4.75
C PHE A 150 -6.83 21.03 -5.88
N ILE A 151 -6.62 19.88 -6.51
CA ILE A 151 -5.71 19.77 -7.63
C ILE A 151 -6.45 19.24 -8.86
N ASP A 152 -6.16 19.80 -10.01
CA ASP A 152 -6.82 19.36 -11.25
C ASP A 152 -6.27 18.01 -11.68
N PHE A 153 -7.14 17.01 -11.75
CA PHE A 153 -6.72 15.68 -12.19
C PHE A 153 -7.49 15.28 -13.43
N LYS A 154 -8.74 14.90 -13.22
CA LYS A 154 -9.64 14.49 -14.29
C LYS A 154 -10.52 15.67 -14.68
N ASP A 155 -11.60 15.39 -15.40
CA ASP A 155 -12.54 16.43 -15.82
C ASP A 155 -13.00 17.26 -14.62
N ARG A 156 -13.06 16.63 -13.45
CA ARG A 156 -13.50 17.30 -12.23
C ARG A 156 -12.35 17.45 -11.24
N LYS A 157 -12.45 18.47 -10.39
CA LYS A 157 -11.42 18.76 -9.39
C LYS A 157 -11.43 17.71 -8.29
N ILE A 158 -10.26 17.36 -7.77
CA ILE A 158 -10.18 16.37 -6.70
C ILE A 158 -9.76 17.02 -5.39
N GLU A 159 -10.36 16.56 -4.30
CA GLU A 159 -10.04 17.09 -2.99
C GLU A 159 -9.11 16.13 -2.26
N ILE A 160 -8.04 16.65 -1.68
CA ILE A 160 -7.09 15.81 -0.97
C ILE A 160 -6.96 16.24 0.49
N LYS A 161 -7.08 15.25 1.38
CA LYS A 161 -6.99 15.49 2.82
C LYS A 161 -6.04 14.48 3.45
N ARG A 162 -5.25 14.93 4.42
CA ARG A 162 -4.30 14.04 5.09
C ARG A 162 -5.01 12.81 5.63
N ALA A 163 -4.39 11.65 5.46
CA ALA A 163 -4.96 10.39 5.92
C ALA A 163 -5.00 10.32 7.43
N GLU A 164 -6.09 9.77 7.96
CA GLU A 164 -6.24 9.62 9.40
C GLU A 164 -5.37 8.48 9.92
N PRO A 165 -4.94 8.55 11.18
CA PRO A 165 -4.10 7.51 11.78
C PRO A 165 -4.75 6.13 11.68
N ARG A 166 -6.08 6.12 11.54
CA ARG A 166 -6.84 4.87 11.43
C ARG A 166 -6.26 3.77 12.32
N HIS A 167 -5.87 4.15 13.53
CA HIS A 167 -5.29 3.20 14.49
C HIS A 167 -6.06 3.22 15.80
#